data_2K9Q
#
_entry.id   2K9Q
#
_entity_poly.entity_id   1
_entity_poly.type   'polypeptide(L)'
_entity_poly.pdbx_seq_one_letter_code
;MELSNELKVERIRLSLTAKSVAEEMGISRQQLCNIEQSETAPVVVKYIAFLRSKGVDLNALFDRIIVNKLEHHHHHH
;
_entity_poly.pdbx_strand_id   A,B
#
# COMPACT_ATOMS: atom_id res chain seq x y z
N MET A 1 0.12 12.97 -14.24
CA MET A 1 0.62 11.73 -13.58
C MET A 1 -0.32 11.35 -12.43
N GLU A 2 -1.51 10.89 -12.73
CA GLU A 2 -2.44 10.52 -11.65
C GLU A 2 -2.09 9.13 -11.11
N LEU A 3 -2.91 8.59 -10.24
CA LEU A 3 -2.63 7.24 -9.67
C LEU A 3 -2.63 6.18 -10.79
N SER A 4 -3.56 6.25 -11.70
CA SER A 4 -3.60 5.25 -12.79
C SER A 4 -2.51 5.57 -13.83
N ASN A 5 -2.21 6.82 -14.04
CA ASN A 5 -1.18 7.20 -15.05
C ASN A 5 0.18 6.64 -14.63
N GLU A 6 0.55 6.79 -13.39
CA GLU A 6 1.87 6.26 -12.93
C GLU A 6 1.81 4.74 -12.94
N LEU A 7 0.68 4.18 -12.62
CA LEU A 7 0.55 2.70 -12.61
C LEU A 7 0.85 2.17 -14.02
N LYS A 8 0.48 2.94 -15.01
CA LYS A 8 0.75 2.51 -16.42
C LYS A 8 2.25 2.69 -16.71
N VAL A 9 2.86 3.72 -16.19
CA VAL A 9 4.31 3.97 -16.45
C VAL A 9 5.15 2.80 -15.93
N GLU A 10 4.91 2.35 -14.73
CA GLU A 10 5.73 1.22 -14.19
C GLU A 10 5.46 -0.03 -15.03
N ARG A 11 4.22 -0.30 -15.38
CA ARG A 11 3.93 -1.51 -16.20
C ARG A 11 4.63 -1.36 -17.56
N ILE A 12 4.51 -0.22 -18.18
CA ILE A 12 5.16 0.00 -19.51
C ILE A 12 6.68 0.02 -19.34
N ARG A 13 7.16 0.69 -18.33
CA ARG A 13 8.64 0.77 -18.14
C ARG A 13 9.21 -0.64 -17.96
N LEU A 14 8.55 -1.45 -17.19
CA LEU A 14 9.04 -2.86 -16.98
C LEU A 14 8.31 -3.78 -17.97
N SER A 15 7.39 -3.24 -18.72
CA SER A 15 6.64 -4.07 -19.71
C SER A 15 6.22 -5.40 -19.07
N LEU A 16 5.17 -5.39 -18.29
CA LEU A 16 4.68 -6.65 -17.62
C LEU A 16 3.33 -7.04 -18.21
N THR A 17 3.16 -8.29 -18.56
CA THR A 17 1.87 -8.73 -19.14
C THR A 17 0.88 -9.08 -18.04
N ALA A 18 -0.39 -9.08 -18.36
CA ALA A 18 -1.41 -9.42 -17.35
C ALA A 18 -1.33 -10.92 -17.03
N LYS A 19 -1.08 -11.73 -18.02
CA LYS A 19 -0.99 -13.19 -17.78
C LYS A 19 0.22 -13.51 -16.89
N SER A 20 1.36 -12.96 -17.20
CA SER A 20 2.56 -13.24 -16.36
C SER A 20 2.33 -12.69 -14.96
N VAL A 21 1.82 -11.49 -14.86
CA VAL A 21 1.57 -10.89 -13.52
C VAL A 21 0.48 -11.68 -12.79
N ALA A 22 -0.58 -12.03 -13.46
CA ALA A 22 -1.68 -12.77 -12.78
C ALA A 22 -1.17 -14.12 -12.26
N GLU A 23 -0.39 -14.83 -13.03
CA GLU A 23 0.12 -16.15 -12.55
C GLU A 23 1.09 -15.92 -11.39
N GLU A 24 1.97 -14.95 -11.50
CA GLU A 24 2.92 -14.68 -10.38
C GLU A 24 2.16 -14.14 -9.17
N MET A 25 1.24 -13.24 -9.40
CA MET A 25 0.45 -12.67 -8.27
C MET A 25 -0.43 -13.77 -7.66
N GLY A 26 -1.00 -14.62 -8.48
CA GLY A 26 -1.87 -15.71 -7.95
C GLY A 26 -3.33 -15.25 -7.95
N ILE A 27 -3.67 -14.34 -8.83
CA ILE A 27 -5.08 -13.84 -8.91
C ILE A 27 -5.59 -13.99 -10.35
N SER A 28 -6.88 -13.89 -10.54
CA SER A 28 -7.43 -14.03 -11.92
C SER A 28 -7.11 -12.78 -12.74
N ARG A 29 -7.07 -12.92 -14.03
CA ARG A 29 -6.77 -11.75 -14.90
C ARG A 29 -7.90 -10.72 -14.74
N GLN A 30 -9.11 -11.19 -14.56
CA GLN A 30 -10.25 -10.25 -14.38
C GLN A 30 -9.99 -9.36 -13.16
N GLN A 31 -9.47 -9.93 -12.11
CA GLN A 31 -9.18 -9.12 -10.88
C GLN A 31 -8.13 -8.06 -11.23
N LEU A 32 -7.16 -8.42 -12.03
CA LEU A 32 -6.11 -7.44 -12.41
C LEU A 32 -6.76 -6.28 -13.15
N CYS A 33 -7.68 -6.57 -14.03
CA CYS A 33 -8.35 -5.48 -14.79
C CYS A 33 -9.10 -4.58 -13.81
N ASN A 34 -9.62 -5.14 -12.76
CA ASN A 34 -10.36 -4.32 -11.75
C ASN A 34 -9.42 -3.28 -11.15
N ILE A 35 -8.19 -3.65 -10.92
CA ILE A 35 -7.22 -2.67 -10.34
C ILE A 35 -7.03 -1.51 -11.32
N GLU A 36 -6.89 -1.82 -12.59
CA GLU A 36 -6.70 -0.73 -13.59
C GLU A 36 -7.95 0.16 -13.63
N GLN A 37 -9.11 -0.42 -13.45
CA GLN A 37 -10.37 0.39 -13.48
C GLN A 37 -10.68 0.91 -12.07
N SER A 38 -9.79 0.70 -11.14
CA SER A 38 -10.05 1.18 -9.75
C SER A 38 -10.10 2.71 -9.75
N GLU A 39 -10.71 3.29 -8.75
CA GLU A 39 -10.82 4.78 -8.67
C GLU A 39 -9.90 5.30 -7.56
N THR A 40 -8.95 6.11 -7.92
CA THR A 40 -8.02 6.68 -6.91
C THR A 40 -7.52 5.59 -5.97
N ALA A 41 -6.79 5.97 -4.96
CA ALA A 41 -6.26 4.95 -4.01
C ALA A 41 -7.30 4.71 -2.89
N PRO A 42 -7.40 3.51 -2.38
CA PRO A 42 -8.38 3.17 -1.31
C PRO A 42 -7.94 3.73 0.06
N VAL A 43 -8.86 3.87 0.97
CA VAL A 43 -8.51 4.41 2.31
C VAL A 43 -7.54 3.45 3.02
N VAL A 44 -7.59 2.18 2.69
CA VAL A 44 -6.67 1.21 3.35
C VAL A 44 -5.23 1.59 3.04
N VAL A 45 -4.94 1.88 1.80
CA VAL A 45 -3.55 2.27 1.43
C VAL A 45 -3.21 3.61 2.08
N LYS A 46 -4.12 4.54 2.06
CA LYS A 46 -3.84 5.87 2.68
C LYS A 46 -3.56 5.68 4.17
N TYR A 47 -4.32 4.84 4.83
CA TYR A 47 -4.11 4.60 6.28
C TYR A 47 -2.69 4.05 6.49
N ILE A 48 -2.30 3.12 5.66
CA ILE A 48 -0.94 2.53 5.80
C ILE A 48 0.11 3.63 5.56
N ALA A 49 -0.09 4.46 4.58
CA ALA A 49 0.90 5.54 4.33
C ALA A 49 1.04 6.39 5.60
N PHE A 50 -0.02 6.53 6.34
CA PHE A 50 0.05 7.33 7.60
C PHE A 50 1.06 6.67 8.56
N LEU A 51 1.00 5.38 8.70
CA LEU A 51 1.96 4.68 9.63
C LEU A 51 3.39 4.93 9.13
N ARG A 52 3.61 4.90 7.84
CA ARG A 52 4.98 5.15 7.33
C ARG A 52 5.39 6.59 7.70
N SER A 53 4.48 7.52 7.63
CA SER A 53 4.82 8.92 7.98
C SER A 53 5.34 8.96 9.42
N LYS A 54 5.05 7.95 10.19
CA LYS A 54 5.52 7.92 11.61
C LYS A 54 6.87 7.21 11.68
N GLY A 55 7.43 6.86 10.56
CA GLY A 55 8.75 6.17 10.56
C GLY A 55 8.58 4.68 10.86
N VAL A 56 7.39 4.15 10.71
CA VAL A 56 7.19 2.70 10.99
C VAL A 56 7.88 1.86 9.91
N ASP A 57 8.59 0.84 10.30
CA ASP A 57 9.29 -0.01 9.30
C ASP A 57 8.25 -0.84 8.53
N LEU A 58 7.49 -0.20 7.70
CA LEU A 58 6.47 -0.93 6.90
C LEU A 58 7.15 -1.93 5.97
N ASN A 59 8.23 -1.54 5.35
CA ASN A 59 8.93 -2.46 4.42
C ASN A 59 9.39 -3.72 5.16
N ALA A 60 9.90 -3.57 6.34
CA ALA A 60 10.34 -4.76 7.11
C ALA A 60 9.13 -5.64 7.42
N LEU A 61 8.00 -5.03 7.64
CA LEU A 61 6.77 -5.81 7.98
C LEU A 61 6.44 -6.77 6.82
N PHE A 62 6.40 -6.28 5.61
CA PHE A 62 6.08 -7.18 4.46
C PHE A 62 7.23 -8.15 4.23
N ASP A 63 8.45 -7.71 4.43
CA ASP A 63 9.61 -8.61 4.21
C ASP A 63 9.47 -9.83 5.13
N ARG A 64 8.93 -9.61 6.30
CA ARG A 64 8.75 -10.72 7.28
C ARG A 64 7.73 -11.73 6.74
N ILE A 65 6.66 -11.26 6.14
CA ILE A 65 5.61 -12.18 5.63
C ILE A 65 6.17 -13.08 4.53
N ILE A 66 6.90 -12.52 3.61
CA ILE A 66 7.45 -13.35 2.49
C ILE A 66 8.67 -14.16 2.95
N VAL A 67 8.88 -15.31 2.36
CA VAL A 67 10.05 -16.17 2.74
C VAL A 67 10.00 -16.49 4.23
N ASN A 68 10.71 -17.52 4.64
CA ASN A 68 10.73 -17.90 6.07
C ASN A 68 10.95 -16.66 6.94
N LYS A 69 10.64 -16.75 8.20
CA LYS A 69 10.84 -15.57 9.09
C LYS A 69 12.34 -15.27 9.19
N LEU A 70 12.78 -14.25 8.52
CA LEU A 70 14.24 -13.91 8.56
C LEU A 70 14.52 -12.99 9.74
N GLU A 71 15.48 -13.33 10.57
CA GLU A 71 15.80 -12.48 11.74
C GLU A 71 17.28 -12.65 12.10
N HIS A 72 17.69 -13.85 12.45
CA HIS A 72 19.12 -14.12 12.79
C HIS A 72 19.73 -12.92 13.55
N HIS A 73 18.90 -12.17 14.24
CA HIS A 73 19.42 -10.98 14.99
C HIS A 73 19.83 -11.37 16.41
N HIS A 74 21.04 -11.03 16.78
CA HIS A 74 21.54 -11.34 18.16
C HIS A 74 22.48 -10.23 18.59
N HIS A 75 22.64 -9.24 17.75
CA HIS A 75 23.56 -8.11 18.07
C HIS A 75 22.82 -7.07 18.91
N HIS A 76 23.51 -6.06 19.36
CA HIS A 76 22.84 -5.02 20.19
C HIS A 76 21.90 -4.19 19.32
N HIS A 77 20.83 -3.71 19.88
CA HIS A 77 19.86 -2.90 19.10
C HIS A 77 20.61 -1.85 18.27
N MET B 1 1.28 -14.19 11.82
CA MET B 1 1.36 -12.89 12.56
C MET B 1 0.11 -12.07 12.26
N GLU B 2 -0.60 -12.40 11.20
CA GLU B 2 -1.84 -11.65 10.83
C GLU B 2 -1.53 -10.16 10.62
N LEU B 3 -1.80 -9.65 9.46
CA LEU B 3 -1.53 -8.21 9.18
C LEU B 3 -2.37 -7.32 10.11
N SER B 4 -3.61 -7.67 10.32
CA SER B 4 -4.48 -6.84 11.20
C SER B 4 -3.88 -6.76 12.61
N ASN B 5 -3.36 -7.85 13.12
CA ASN B 5 -2.77 -7.83 14.48
C ASN B 5 -1.57 -6.87 14.54
N GLU B 6 -0.76 -6.88 13.52
CA GLU B 6 0.43 -5.97 13.52
C GLU B 6 -0.03 -4.51 13.41
N LEU B 7 -1.08 -4.27 12.68
CA LEU B 7 -1.56 -2.86 12.53
C LEU B 7 -1.94 -2.30 13.90
N LYS B 8 -2.64 -3.06 14.70
CA LYS B 8 -3.03 -2.56 16.05
C LYS B 8 -1.79 -2.37 16.92
N VAL B 9 -0.84 -3.27 16.83
CA VAL B 9 0.38 -3.16 17.67
C VAL B 9 1.10 -1.84 17.36
N GLU B 10 1.26 -1.51 16.11
CA GLU B 10 1.95 -0.24 15.75
C GLU B 10 1.10 0.94 16.26
N ARG B 11 -0.19 0.83 16.14
CA ARG B 11 -1.08 1.93 16.60
C ARG B 11 -0.90 2.12 18.10
N ILE B 12 -0.88 1.04 18.82
CA ILE B 12 -0.70 1.08 20.30
C ILE B 12 0.70 1.60 20.63
N ARG B 13 1.70 1.12 19.94
CA ARG B 13 3.08 1.60 20.21
C ARG B 13 3.17 3.10 19.96
N LEU B 14 2.55 3.56 18.90
CA LEU B 14 2.59 5.02 18.59
C LEU B 14 1.47 5.69 19.36
N SER B 15 0.60 4.92 19.98
CA SER B 15 -0.53 5.51 20.75
C SER B 15 -1.12 6.70 19.99
N LEU B 16 -1.37 6.54 18.72
CA LEU B 16 -1.92 7.67 17.92
C LEU B 16 -3.42 7.82 18.16
N THR B 17 -3.96 8.98 17.87
CA THR B 17 -5.42 9.21 18.08
C THR B 17 -6.15 9.21 16.74
N ALA B 18 -7.26 8.52 16.68
CA ALA B 18 -8.06 8.46 15.42
C ALA B 18 -8.59 9.85 15.10
N LYS B 19 -8.72 10.69 16.10
CA LYS B 19 -9.26 12.04 15.86
C LYS B 19 -8.34 12.79 14.89
N SER B 20 -7.06 12.73 15.11
CA SER B 20 -6.11 13.42 14.20
C SER B 20 -6.03 12.68 12.85
N VAL B 21 -6.00 11.38 12.88
CA VAL B 21 -5.89 10.61 11.61
C VAL B 21 -7.12 10.87 10.72
N ALA B 22 -8.30 10.82 11.26
CA ALA B 22 -9.50 11.04 10.43
C ALA B 22 -9.53 12.48 9.91
N GLU B 23 -9.12 13.43 10.71
CA GLU B 23 -9.11 14.85 10.23
C GLU B 23 -8.09 15.00 9.10
N GLU B 24 -6.93 14.45 9.28
CA GLU B 24 -5.88 14.54 8.21
C GLU B 24 -6.24 13.62 7.03
N MET B 25 -6.73 12.45 7.32
CA MET B 25 -7.11 11.51 6.22
C MET B 25 -8.28 12.09 5.42
N GLY B 26 -9.22 12.70 6.10
CA GLY B 26 -10.39 13.29 5.38
C GLY B 26 -11.51 12.24 5.26
N ILE B 27 -11.59 11.32 6.19
CA ILE B 27 -12.66 10.27 6.14
C ILE B 27 -13.42 10.25 7.47
N SER B 28 -14.54 9.58 7.50
CA SER B 28 -15.32 9.52 8.76
C SER B 28 -14.56 8.66 9.77
N ARG B 29 -14.70 8.95 11.03
CA ARG B 29 -13.99 8.15 12.06
C ARG B 29 -14.52 6.72 12.03
N GLN B 30 -15.78 6.56 11.78
CA GLN B 30 -16.37 5.19 11.72
C GLN B 30 -15.65 4.39 10.63
N GLN B 31 -15.40 4.99 9.50
CA GLN B 31 -14.68 4.27 8.41
C GLN B 31 -13.28 3.91 8.86
N LEU B 32 -12.67 4.75 9.66
CA LEU B 32 -11.29 4.46 10.12
C LEU B 32 -11.30 3.15 10.90
N CYS B 33 -12.28 2.97 11.73
CA CYS B 33 -12.39 1.70 12.50
C CYS B 33 -12.57 0.54 11.52
N ASN B 34 -13.31 0.76 10.47
CA ASN B 34 -13.54 -0.33 9.47
C ASN B 34 -12.24 -0.65 8.72
N ILE B 35 -11.36 0.32 8.56
CA ILE B 35 -10.09 0.03 7.81
C ILE B 35 -9.30 -1.03 8.57
N GLU B 36 -9.19 -0.91 9.86
CA GLU B 36 -8.43 -1.94 10.63
C GLU B 36 -9.21 -3.25 10.63
N GLN B 37 -10.52 -3.18 10.68
CA GLN B 37 -11.34 -4.43 10.65
C GLN B 37 -11.69 -4.79 9.21
N SER B 38 -11.04 -4.17 8.26
CA SER B 38 -11.33 -4.48 6.83
C SER B 38 -10.88 -5.90 6.49
N GLU B 39 -10.98 -6.81 7.43
CA GLU B 39 -10.57 -8.22 7.15
C GLU B 39 -9.14 -8.27 6.62
N THR B 40 -8.97 -8.12 5.33
CA THR B 40 -7.60 -8.17 4.72
C THR B 40 -7.40 -6.98 3.77
N ALA B 41 -6.20 -6.74 3.35
CA ALA B 41 -5.94 -5.60 2.44
C ALA B 41 -6.33 -6.00 1.01
N PRO B 42 -6.64 -5.04 0.16
CA PRO B 42 -7.05 -5.31 -1.25
C PRO B 42 -5.86 -5.77 -2.11
N VAL B 43 -6.13 -6.39 -3.23
CA VAL B 43 -5.03 -6.86 -4.12
C VAL B 43 -4.18 -5.67 -4.54
N VAL B 44 -4.70 -4.48 -4.43
CA VAL B 44 -3.93 -3.28 -4.84
C VAL B 44 -2.63 -3.22 -4.02
N VAL B 45 -2.72 -3.45 -2.73
CA VAL B 45 -1.51 -3.41 -1.88
C VAL B 45 -0.54 -4.50 -2.36
N LYS B 46 -1.04 -5.68 -2.63
CA LYS B 46 -0.15 -6.78 -3.10
C LYS B 46 0.45 -6.38 -4.46
N TYR B 47 -0.34 -5.78 -5.31
CA TYR B 47 0.18 -5.38 -6.65
C TYR B 47 1.36 -4.41 -6.45
N ILE B 48 1.24 -3.51 -5.52
CA ILE B 48 2.36 -2.55 -5.28
C ILE B 48 3.60 -3.33 -4.83
N ALA B 49 3.43 -4.29 -3.97
CA ALA B 49 4.61 -5.08 -3.51
C ALA B 49 5.26 -5.75 -4.72
N PHE B 50 4.48 -6.17 -5.67
CA PHE B 50 5.05 -6.85 -6.87
C PHE B 50 5.99 -5.88 -7.59
N LEU B 51 5.55 -4.68 -7.85
CA LEU B 51 6.42 -3.68 -8.54
C LEU B 51 7.58 -3.31 -7.60
N ARG B 52 7.31 -3.17 -6.33
CA ARG B 52 8.38 -2.80 -5.37
C ARG B 52 9.43 -3.92 -5.34
N SER B 53 8.98 -5.15 -5.36
CA SER B 53 9.93 -6.30 -5.34
C SER B 53 10.91 -6.19 -6.50
N LYS B 54 10.56 -5.44 -7.51
CA LYS B 54 11.47 -5.30 -8.69
C LYS B 54 12.38 -4.09 -8.46
N GLY B 55 12.36 -3.53 -7.28
CA GLY B 55 13.24 -2.36 -6.99
C GLY B 55 12.59 -1.08 -7.52
N VAL B 56 11.31 -1.09 -7.74
CA VAL B 56 10.64 0.14 -8.26
C VAL B 56 10.62 1.22 -7.18
N ASP B 57 10.95 2.42 -7.53
CA ASP B 57 10.98 3.53 -6.52
C ASP B 57 9.59 3.74 -5.93
N LEU B 58 9.11 2.83 -5.14
CA LEU B 58 7.76 2.99 -4.54
C LEU B 58 7.75 4.21 -3.61
N ASN B 59 8.78 4.39 -2.83
CA ASN B 59 8.82 5.55 -1.90
C ASN B 59 8.72 6.86 -2.69
N ALA B 60 9.42 6.94 -3.78
CA ALA B 60 9.36 8.18 -4.59
C ALA B 60 7.95 8.35 -5.16
N LEU B 61 7.33 7.27 -5.52
CA LEU B 61 5.95 7.35 -6.08
C LEU B 61 5.00 7.93 -5.02
N PHE B 62 5.07 7.43 -3.82
CA PHE B 62 4.18 7.96 -2.73
C PHE B 62 4.64 9.37 -2.36
N ASP B 63 5.93 9.63 -2.42
CA ASP B 63 6.42 10.98 -2.05
C ASP B 63 5.79 12.03 -2.98
N ARG B 64 5.68 11.74 -4.24
CA ARG B 64 5.07 12.71 -5.20
C ARG B 64 3.60 12.94 -4.87
N ILE B 65 2.89 11.93 -4.45
CA ILE B 65 1.44 12.13 -4.14
C ILE B 65 1.29 13.12 -2.97
N ILE B 66 2.08 12.99 -1.95
CA ILE B 66 1.96 13.92 -0.80
C ILE B 66 2.57 15.28 -1.16
N VAL B 67 1.94 16.35 -0.72
CA VAL B 67 2.41 17.73 -1.03
C VAL B 67 3.92 17.85 -0.77
N ASN B 68 4.47 19.03 -0.94
CA ASN B 68 5.92 19.23 -0.71
C ASN B 68 6.71 18.31 -1.65
N LYS B 69 6.33 18.24 -2.89
CA LYS B 69 7.05 17.37 -3.86
C LYS B 69 8.53 17.77 -3.92
N LEU B 70 9.38 16.85 -4.30
CA LEU B 70 10.83 17.19 -4.37
C LEU B 70 11.08 18.22 -5.48
N GLU B 71 11.96 19.16 -5.24
CA GLU B 71 12.23 20.21 -6.27
C GLU B 71 13.50 19.84 -7.06
N HIS B 72 14.10 20.78 -7.72
CA HIS B 72 15.33 20.48 -8.52
C HIS B 72 16.55 20.45 -7.60
N HIS B 73 17.24 19.35 -7.54
CA HIS B 73 18.45 19.25 -6.66
C HIS B 73 19.68 19.68 -7.47
N HIS B 74 19.48 20.02 -8.72
CA HIS B 74 20.61 20.45 -9.60
C HIS B 74 21.53 19.25 -9.89
N HIS B 75 21.10 18.05 -9.58
CA HIS B 75 21.95 16.84 -9.84
C HIS B 75 21.27 15.99 -10.92
N HIS B 76 22.03 15.53 -11.89
CA HIS B 76 21.44 14.71 -12.97
C HIS B 76 20.90 13.40 -12.39
N HIS B 77 21.74 12.41 -12.25
CA HIS B 77 21.28 11.10 -11.70
C HIS B 77 22.43 10.09 -11.75
N MET A 1 -6.45 9.31 -17.93
CA MET A 1 -5.04 8.85 -17.75
C MET A 1 -4.49 9.43 -16.46
N GLU A 2 -4.03 8.59 -15.57
CA GLU A 2 -3.49 9.08 -14.27
C GLU A 2 -2.94 7.89 -13.46
N LEU A 3 -3.52 7.61 -12.33
CA LEU A 3 -3.05 6.47 -11.48
C LEU A 3 -2.73 5.27 -12.37
N SER A 4 -3.49 5.06 -13.40
CA SER A 4 -3.22 3.91 -14.30
C SER A 4 -2.08 4.26 -15.27
N ASN A 5 -1.96 5.50 -15.65
CA ASN A 5 -0.88 5.91 -16.59
C ASN A 5 0.49 5.67 -15.95
N GLU A 6 0.66 6.10 -14.73
CA GLU A 6 1.97 5.90 -14.05
C GLU A 6 2.18 4.40 -13.81
N LEU A 7 1.17 3.72 -13.34
CA LEU A 7 1.32 2.25 -13.09
C LEU A 7 1.55 1.51 -14.40
N LYS A 8 0.80 1.82 -15.41
CA LYS A 8 0.96 1.13 -16.72
C LYS A 8 2.32 1.47 -17.33
N VAL A 9 2.77 2.69 -17.14
CA VAL A 9 4.09 3.09 -17.70
C VAL A 9 5.19 2.22 -17.08
N GLU A 10 5.15 1.99 -15.80
CA GLU A 10 6.21 1.16 -15.17
C GLU A 10 6.17 -0.24 -15.77
N ARG A 11 4.99 -0.75 -16.06
CA ARG A 11 4.91 -2.11 -16.66
C ARG A 11 5.63 -2.13 -18.01
N ILE A 12 5.43 -1.12 -18.81
CA ILE A 12 6.08 -1.09 -20.15
C ILE A 12 7.61 -1.09 -19.99
N ARG A 13 8.12 -0.20 -19.20
CA ARG A 13 9.60 -0.15 -18.99
C ARG A 13 10.07 -1.40 -18.26
N LEU A 14 9.31 -1.86 -17.30
CA LEU A 14 9.71 -3.06 -16.54
C LEU A 14 9.33 -4.30 -17.35
N SER A 15 8.70 -4.11 -18.48
CA SER A 15 8.29 -5.25 -19.34
C SER A 15 7.48 -6.25 -18.52
N LEU A 16 6.25 -5.92 -18.20
CA LEU A 16 5.36 -6.85 -17.43
C LEU A 16 4.19 -7.30 -18.29
N THR A 17 3.78 -8.52 -18.13
CA THR A 17 2.64 -9.07 -18.92
C THR A 17 1.52 -9.50 -17.97
N ALA A 18 0.31 -9.48 -18.42
CA ALA A 18 -0.82 -9.88 -17.56
C ALA A 18 -0.67 -11.35 -17.15
N LYS A 19 -0.22 -12.17 -18.06
CA LYS A 19 -0.05 -13.61 -17.74
C LYS A 19 1.06 -13.79 -16.69
N SER A 20 2.18 -13.16 -16.88
CA SER A 20 3.29 -13.30 -15.91
C SER A 20 2.88 -12.78 -14.54
N VAL A 21 2.30 -11.61 -14.50
CA VAL A 21 1.88 -11.04 -13.19
C VAL A 21 0.72 -11.87 -12.62
N ALA A 22 -0.24 -12.20 -13.43
CA ALA A 22 -1.41 -12.99 -12.94
C ALA A 22 -0.95 -14.38 -12.49
N GLU A 23 -0.18 -15.05 -13.31
CA GLU A 23 0.29 -16.41 -12.94
C GLU A 23 1.28 -16.31 -11.78
N GLU A 24 2.07 -15.27 -11.74
CA GLU A 24 3.06 -15.13 -10.64
C GLU A 24 2.32 -14.75 -9.35
N MET A 25 1.51 -13.73 -9.39
CA MET A 25 0.77 -13.30 -8.17
C MET A 25 -0.21 -14.40 -7.76
N GLY A 26 -0.87 -15.01 -8.71
CA GLY A 26 -1.85 -16.09 -8.39
C GLY A 26 -3.28 -15.51 -8.44
N ILE A 27 -3.52 -14.56 -9.33
CA ILE A 27 -4.88 -13.95 -9.45
C ILE A 27 -5.39 -14.05 -10.89
N SER A 28 -6.66 -13.92 -11.09
CA SER A 28 -7.23 -14.01 -12.46
C SER A 28 -6.93 -12.74 -13.25
N ARG A 29 -6.97 -12.81 -14.55
CA ARG A 29 -6.70 -11.62 -15.39
C ARG A 29 -7.78 -10.57 -15.13
N GLN A 30 -8.99 -10.99 -14.92
CA GLN A 30 -10.09 -10.00 -14.66
C GLN A 30 -9.73 -9.16 -13.44
N GLN A 31 -9.18 -9.77 -12.42
CA GLN A 31 -8.79 -9.01 -11.22
C GLN A 31 -7.68 -8.03 -11.57
N LEU A 32 -6.75 -8.44 -12.40
CA LEU A 32 -5.65 -7.54 -12.79
C LEU A 32 -6.20 -6.32 -13.53
N CYS A 33 -7.13 -6.53 -14.41
CA CYS A 33 -7.72 -5.40 -15.17
C CYS A 33 -8.45 -4.46 -14.20
N ASN A 34 -9.09 -4.99 -13.20
CA ASN A 34 -9.80 -4.13 -12.22
C ASN A 34 -8.80 -3.23 -11.51
N ILE A 35 -7.62 -3.72 -11.25
CA ILE A 35 -6.61 -2.89 -10.54
C ILE A 35 -6.29 -1.66 -11.39
N GLU A 36 -6.12 -1.84 -12.67
CA GLU A 36 -5.81 -0.67 -13.53
C GLU A 36 -6.99 0.30 -13.49
N GLN A 37 -8.19 -0.20 -13.40
CA GLN A 37 -9.37 0.70 -13.35
C GLN A 37 -9.81 0.86 -11.89
N SER A 38 -8.87 0.97 -11.00
CA SER A 38 -9.21 1.13 -9.55
C SER A 38 -9.82 2.52 -9.35
N GLU A 39 -9.68 3.38 -10.32
CA GLU A 39 -10.25 4.75 -10.20
C GLU A 39 -9.73 5.44 -8.93
N THR A 40 -10.37 5.21 -7.81
CA THR A 40 -9.93 5.87 -6.54
C THR A 40 -9.04 4.93 -5.76
N ALA A 41 -8.23 5.46 -4.88
CA ALA A 41 -7.32 4.61 -4.06
C ALA A 41 -7.94 4.37 -2.67
N PRO A 42 -8.07 3.12 -2.23
CA PRO A 42 -8.66 2.82 -0.88
C PRO A 42 -8.06 3.68 0.25
N VAL A 43 -8.86 4.02 1.23
CA VAL A 43 -8.37 4.83 2.38
C VAL A 43 -7.35 4.01 3.17
N VAL A 44 -7.50 2.71 3.17
CA VAL A 44 -6.54 1.85 3.93
C VAL A 44 -5.15 1.98 3.32
N VAL A 45 -5.07 2.20 2.03
CA VAL A 45 -3.73 2.34 1.39
C VAL A 45 -3.02 3.57 1.97
N LYS A 46 -3.71 4.67 2.05
CA LYS A 46 -3.09 5.91 2.62
C LYS A 46 -2.76 5.68 4.09
N TYR A 47 -3.60 4.94 4.78
CA TYR A 47 -3.33 4.69 6.22
C TYR A 47 -1.93 4.10 6.35
N ILE A 48 -1.58 3.20 5.47
CA ILE A 48 -0.24 2.59 5.52
C ILE A 48 0.82 3.68 5.27
N ALA A 49 0.58 4.53 4.32
CA ALA A 49 1.57 5.62 4.05
C ALA A 49 1.71 6.52 5.27
N PHE A 50 0.63 6.74 5.98
CA PHE A 50 0.69 7.59 7.19
C PHE A 50 1.66 6.99 8.20
N LEU A 51 1.60 5.70 8.41
CA LEU A 51 2.51 5.05 9.38
C LEU A 51 3.96 5.23 8.93
N ARG A 52 4.20 5.09 7.65
CA ARG A 52 5.58 5.26 7.14
C ARG A 52 6.04 6.69 7.41
N SER A 53 5.14 7.63 7.38
CA SER A 53 5.53 9.04 7.64
C SER A 53 6.20 9.15 9.02
N LYS A 54 5.94 8.21 9.88
CA LYS A 54 6.55 8.23 11.25
C LYS A 54 7.79 7.32 11.24
N GLY A 55 8.12 6.75 10.11
CA GLY A 55 9.31 5.87 10.03
C GLY A 55 8.95 4.44 10.47
N VAL A 56 7.71 4.06 10.38
CA VAL A 56 7.33 2.69 10.80
C VAL A 56 7.94 1.66 9.84
N ASP A 57 8.48 0.59 10.37
CA ASP A 57 9.11 -0.43 9.49
C ASP A 57 8.02 -1.25 8.79
N LEU A 58 7.57 -0.79 7.66
CA LEU A 58 6.51 -1.53 6.92
C LEU A 58 7.13 -2.70 6.14
N ASN A 59 8.37 -2.57 5.78
CA ASN A 59 9.05 -3.65 5.01
C ASN A 59 9.09 -4.94 5.83
N ALA A 60 9.37 -4.85 7.10
CA ALA A 60 9.41 -6.08 7.94
C ALA A 60 8.01 -6.69 7.99
N LEU A 61 7.00 -5.87 8.08
CA LEU A 61 5.61 -6.40 8.14
C LEU A 61 5.26 -7.08 6.81
N PHE A 62 5.57 -6.44 5.72
CA PHE A 62 5.27 -7.02 4.38
C PHE A 62 6.16 -8.24 4.14
N ASP A 63 7.39 -8.18 4.58
CA ASP A 63 8.30 -9.33 4.35
C ASP A 63 7.72 -10.58 5.03
N ARG A 64 7.27 -10.46 6.25
CA ARG A 64 6.68 -11.64 6.94
C ARG A 64 5.37 -12.03 6.25
N ILE A 65 4.55 -11.07 5.92
CA ILE A 65 3.26 -11.39 5.24
C ILE A 65 3.53 -11.98 3.86
N ILE A 66 4.45 -11.43 3.12
CA ILE A 66 4.73 -11.97 1.76
C ILE A 66 5.51 -13.29 1.87
N VAL A 67 4.98 -14.33 1.29
CA VAL A 67 5.67 -15.65 1.34
C VAL A 67 5.18 -16.52 0.17
N ASN A 68 6.05 -16.83 -0.74
CA ASN A 68 5.64 -17.66 -1.92
C ASN A 68 5.37 -19.09 -1.48
N LYS A 69 4.13 -19.51 -1.54
CA LYS A 69 3.79 -20.91 -1.13
C LYS A 69 3.92 -21.86 -2.32
N LEU A 70 4.23 -23.10 -2.05
CA LEU A 70 4.38 -24.09 -3.15
C LEU A 70 3.00 -24.68 -3.49
N GLU A 71 2.00 -24.33 -2.72
CA GLU A 71 0.63 -24.88 -2.98
C GLU A 71 -0.12 -23.96 -3.96
N HIS A 72 -0.51 -24.50 -5.09
CA HIS A 72 -1.25 -23.68 -6.09
C HIS A 72 -2.76 -23.76 -5.78
N HIS A 73 -3.43 -24.71 -6.37
CA HIS A 73 -4.90 -24.87 -6.12
C HIS A 73 -5.60 -23.52 -6.26
N HIS A 74 -6.22 -23.06 -5.19
CA HIS A 74 -6.95 -21.76 -5.24
C HIS A 74 -7.78 -21.70 -6.52
N HIS A 75 -8.53 -22.73 -6.79
CA HIS A 75 -9.35 -22.78 -8.03
C HIS A 75 -10.44 -21.70 -7.95
N HIS A 76 -11.09 -21.57 -6.82
CA HIS A 76 -12.17 -20.54 -6.68
C HIS A 76 -11.83 -19.59 -5.54
N HIS A 77 -11.88 -18.30 -5.79
CA HIS A 77 -11.57 -17.30 -4.73
C HIS A 77 -10.13 -17.49 -4.26
N MET B 1 -7.02 -13.00 15.21
CA MET B 1 -5.62 -12.48 15.24
C MET B 1 -4.99 -12.64 13.87
N GLU B 2 -4.64 -11.56 13.22
CA GLU B 2 -4.02 -11.66 11.87
C GLU B 2 -3.56 -10.27 11.40
N LEU B 3 -3.73 -9.99 10.13
CA LEU B 3 -3.30 -8.66 9.59
C LEU B 3 -3.76 -7.54 10.53
N SER B 4 -4.96 -7.62 11.02
CA SER B 4 -5.45 -6.55 11.94
C SER B 4 -4.61 -6.52 13.21
N ASN B 5 -4.20 -7.67 13.68
CA ASN B 5 -3.39 -7.73 14.93
C ASN B 5 -2.06 -7.00 14.72
N GLU B 6 -1.47 -7.15 13.57
CA GLU B 6 -0.16 -6.49 13.29
C GLU B 6 -0.38 -4.97 13.18
N LEU B 7 -1.41 -4.57 12.49
CA LEU B 7 -1.69 -3.11 12.34
C LEU B 7 -1.96 -2.48 13.71
N LYS B 8 -2.70 -3.17 14.54
CA LYS B 8 -3.03 -2.62 15.88
C LYS B 8 -1.75 -2.41 16.69
N VAL B 9 -0.82 -3.32 16.60
CA VAL B 9 0.43 -3.17 17.37
C VAL B 9 1.15 -1.89 16.91
N GLU B 10 1.21 -1.64 15.63
CA GLU B 10 1.88 -0.42 15.14
C GLU B 10 1.27 0.83 15.79
N ARG B 11 -0.03 0.95 15.74
CA ARG B 11 -0.70 2.14 16.33
C ARG B 11 -0.50 2.16 17.85
N ILE B 12 -0.65 1.03 18.50
CA ILE B 12 -0.48 0.99 19.98
C ILE B 12 0.95 1.37 20.35
N ARG B 13 1.91 0.87 19.63
CA ARG B 13 3.32 1.18 19.94
C ARG B 13 3.52 2.70 19.90
N LEU B 14 3.00 3.35 18.90
CA LEU B 14 3.15 4.82 18.81
C LEU B 14 2.05 5.49 19.64
N SER B 15 1.15 4.69 20.15
CA SER B 15 0.05 5.25 20.99
C SER B 15 -0.59 6.45 20.30
N LEU B 16 -1.31 6.23 19.21
CA LEU B 16 -1.96 7.35 18.48
C LEU B 16 -3.47 7.28 18.65
N THR B 17 -4.10 8.39 18.92
CA THR B 17 -5.58 8.39 19.13
C THR B 17 -6.30 8.29 17.78
N ALA B 18 -7.47 7.70 17.79
CA ALA B 18 -8.24 7.55 16.53
C ALA B 18 -8.69 8.93 16.03
N LYS B 19 -9.10 9.79 16.93
CA LYS B 19 -9.56 11.14 16.52
C LYS B 19 -8.42 11.92 15.90
N SER B 20 -7.25 11.86 16.48
CA SER B 20 -6.10 12.62 15.93
C SER B 20 -5.82 12.15 14.49
N VAL B 21 -5.82 10.87 14.26
CA VAL B 21 -5.56 10.36 12.88
C VAL B 21 -6.73 10.75 11.97
N ALA B 22 -7.93 10.60 12.43
CA ALA B 22 -9.12 10.93 11.59
C ALA B 22 -9.09 12.41 11.19
N GLU B 23 -8.85 13.29 12.13
CA GLU B 23 -8.83 14.73 11.78
C GLU B 23 -7.65 15.02 10.84
N GLU B 24 -6.54 14.37 11.06
CA GLU B 24 -5.36 14.60 10.17
C GLU B 24 -5.63 13.98 8.79
N MET B 25 -6.15 12.79 8.76
CA MET B 25 -6.44 12.12 7.47
C MET B 25 -7.53 12.90 6.72
N GLY B 26 -8.52 13.40 7.44
CA GLY B 26 -9.62 14.15 6.76
C GLY B 26 -10.84 13.24 6.61
N ILE B 27 -10.91 12.18 7.39
CA ILE B 27 -12.08 11.24 7.29
C ILE B 27 -12.77 11.12 8.65
N SER B 28 -13.97 10.61 8.67
CA SER B 28 -14.70 10.47 9.94
C SER B 28 -14.18 9.29 10.75
N ARG B 29 -14.53 9.21 12.00
CA ARG B 29 -14.08 8.09 12.87
C ARG B 29 -14.64 6.77 12.31
N GLN B 30 -15.83 6.80 11.79
CA GLN B 30 -16.44 5.56 11.24
C GLN B 30 -15.52 4.97 10.17
N GLN B 31 -15.02 5.81 9.29
CA GLN B 31 -14.10 5.32 8.23
C GLN B 31 -12.82 4.79 8.86
N LEU B 32 -12.27 5.54 9.78
CA LEU B 32 -11.01 5.10 10.44
C LEU B 32 -11.25 3.81 11.22
N CYS B 33 -12.36 3.72 11.91
CA CYS B 33 -12.66 2.50 12.69
C CYS B 33 -12.82 1.31 11.75
N ASN B 34 -13.37 1.52 10.59
CA ASN B 34 -13.53 0.41 9.63
C ASN B 34 -12.13 -0.11 9.27
N ILE B 35 -11.19 0.78 9.10
CA ILE B 35 -9.80 0.34 8.78
C ILE B 35 -9.25 -0.47 9.96
N GLU B 36 -9.47 0.01 11.16
CA GLU B 36 -8.98 -0.72 12.36
C GLU B 36 -9.78 -2.01 12.52
N GLN B 37 -10.87 -2.13 11.80
CA GLN B 37 -11.71 -3.35 11.87
C GLN B 37 -11.55 -4.15 10.58
N SER B 38 -10.86 -3.59 9.62
CA SER B 38 -10.66 -4.30 8.33
C SER B 38 -9.96 -5.64 8.55
N GLU B 39 -10.31 -6.64 7.78
CA GLU B 39 -9.68 -7.99 7.92
C GLU B 39 -8.97 -8.35 6.61
N THR B 40 -9.59 -8.06 5.49
CA THR B 40 -8.98 -8.39 4.16
C THR B 40 -8.57 -7.10 3.44
N ALA B 41 -7.33 -7.02 3.03
CA ALA B 41 -6.85 -5.80 2.32
C ALA B 41 -6.95 -6.00 0.81
N PRO B 42 -7.13 -4.95 0.05
CA PRO B 42 -7.23 -5.03 -1.44
C PRO B 42 -5.94 -5.52 -2.11
N VAL B 43 -6.05 -6.12 -3.26
CA VAL B 43 -4.84 -6.62 -3.98
C VAL B 43 -3.93 -5.45 -4.36
N VAL B 44 -4.51 -4.31 -4.63
CA VAL B 44 -3.69 -3.11 -5.03
C VAL B 44 -2.42 -3.05 -4.17
N VAL B 45 -2.53 -3.37 -2.90
CA VAL B 45 -1.33 -3.34 -2.02
C VAL B 45 -0.32 -4.38 -2.51
N LYS B 46 -0.78 -5.56 -2.81
CA LYS B 46 0.15 -6.62 -3.31
C LYS B 46 0.76 -6.19 -4.64
N TYR B 47 -0.01 -5.58 -5.49
CA TYR B 47 0.51 -5.13 -6.81
C TYR B 47 1.66 -4.15 -6.59
N ILE B 48 1.51 -3.25 -5.65
CA ILE B 48 2.60 -2.27 -5.38
C ILE B 48 3.84 -3.03 -4.95
N ALA B 49 3.68 -4.02 -4.11
CA ALA B 49 4.86 -4.80 -3.66
C ALA B 49 5.55 -5.42 -4.88
N PHE B 50 4.80 -5.78 -5.89
CA PHE B 50 5.43 -6.38 -7.09
C PHE B 50 6.40 -5.37 -7.71
N LEU B 51 5.94 -4.17 -7.95
CA LEU B 51 6.84 -3.11 -8.51
C LEU B 51 7.90 -2.76 -7.45
N ARG B 52 7.50 -2.71 -6.21
CA ARG B 52 8.45 -2.35 -5.13
C ARG B 52 9.58 -3.37 -5.10
N SER B 53 9.28 -4.61 -5.36
CA SER B 53 10.33 -5.66 -5.35
C SER B 53 11.46 -5.26 -6.31
N LYS B 54 11.14 -4.63 -7.40
CA LYS B 54 12.19 -4.21 -8.36
C LYS B 54 12.77 -2.87 -7.92
N GLY B 55 12.46 -2.44 -6.71
CA GLY B 55 13.01 -1.16 -6.21
C GLY B 55 12.37 0.02 -6.95
N VAL B 56 11.16 -0.12 -7.41
CA VAL B 56 10.52 1.01 -8.15
C VAL B 56 10.23 2.15 -7.17
N ASP B 57 10.58 3.35 -7.54
CA ASP B 57 10.33 4.50 -6.63
C ASP B 57 8.86 4.91 -6.73
N LEU B 58 7.99 4.12 -6.16
CA LEU B 58 6.54 4.43 -6.21
C LEU B 58 6.19 5.33 -5.01
N ASN B 59 7.12 5.49 -4.12
CA ASN B 59 6.87 6.34 -2.92
C ASN B 59 6.66 7.79 -3.36
N ALA B 60 7.47 8.25 -4.28
CA ALA B 60 7.35 9.65 -4.77
C ALA B 60 6.03 9.84 -5.52
N LEU B 61 5.64 8.87 -6.28
CA LEU B 61 4.36 8.99 -7.03
C LEU B 61 3.20 9.12 -6.04
N PHE B 62 3.21 8.32 -5.00
CA PHE B 62 2.12 8.40 -3.99
C PHE B 62 2.18 9.78 -3.30
N ASP B 63 3.34 10.27 -3.02
CA ASP B 63 3.43 11.60 -2.34
C ASP B 63 2.75 12.65 -3.23
N ARG B 64 2.85 12.50 -4.52
CA ARG B 64 2.20 13.47 -5.42
C ARG B 64 0.69 13.42 -5.16
N ILE B 65 0.16 12.24 -5.01
CA ILE B 65 -1.29 12.08 -4.75
C ILE B 65 -1.64 12.69 -3.39
N ILE B 66 -0.84 12.41 -2.38
CA ILE B 66 -1.14 12.96 -1.03
C ILE B 66 -1.03 14.49 -1.04
N VAL B 67 -2.11 15.17 -1.38
CA VAL B 67 -2.06 16.67 -1.43
C VAL B 67 -2.71 17.26 -0.18
N ASN B 68 -2.17 18.35 0.30
CA ASN B 68 -2.71 19.01 1.53
C ASN B 68 -4.25 19.01 1.52
N LYS B 69 -4.85 18.74 2.64
CA LYS B 69 -6.34 18.73 2.72
C LYS B 69 -6.91 20.10 2.38
N LEU B 70 -7.98 20.13 1.63
CA LEU B 70 -8.60 21.42 1.24
C LEU B 70 -9.23 22.11 2.45
N GLU B 71 -9.60 23.36 2.29
CA GLU B 71 -10.21 24.11 3.42
C GLU B 71 -11.50 23.41 3.90
N HIS B 72 -12.49 24.17 4.26
CA HIS B 72 -13.77 23.56 4.73
C HIS B 72 -14.69 23.30 3.54
N HIS B 73 -14.89 22.06 3.22
CA HIS B 73 -15.78 21.71 2.09
C HIS B 73 -15.95 20.19 2.06
N HIS B 74 -16.37 19.61 3.15
CA HIS B 74 -16.55 18.12 3.19
C HIS B 74 -17.89 17.79 3.85
N HIS B 75 -18.90 18.55 3.54
CA HIS B 75 -20.25 18.30 4.14
C HIS B 75 -21.27 18.11 3.01
N HIS B 76 -21.75 16.90 2.83
CA HIS B 76 -22.75 16.64 1.76
C HIS B 76 -23.25 15.20 1.88
N HIS B 77 -22.54 14.26 1.32
CA HIS B 77 -22.96 12.82 1.38
C HIS B 77 -24.47 12.71 1.20
N MET A 1 -1.21 11.17 -13.23
CA MET A 1 -1.76 12.13 -12.24
C MET A 1 -2.23 11.38 -10.99
N GLU A 2 -3.25 10.58 -11.11
CA GLU A 2 -3.75 9.81 -9.94
C GLU A 2 -2.86 8.59 -9.71
N LEU A 3 -2.99 7.96 -8.59
CA LEU A 3 -2.16 6.76 -8.30
C LEU A 3 -2.46 5.67 -9.32
N SER A 4 -3.72 5.44 -9.60
CA SER A 4 -4.08 4.39 -10.59
C SER A 4 -3.50 4.73 -11.96
N ASN A 5 -3.58 5.96 -12.37
CA ASN A 5 -3.03 6.35 -13.71
C ASN A 5 -1.52 6.13 -13.73
N GLU A 6 -0.83 6.62 -12.74
CA GLU A 6 0.65 6.45 -12.72
C GLU A 6 1.02 4.98 -12.46
N LEU A 7 0.28 4.32 -11.61
CA LEU A 7 0.59 2.90 -11.31
C LEU A 7 0.52 2.09 -12.60
N LYS A 8 -0.49 2.34 -13.40
CA LYS A 8 -0.62 1.60 -14.68
C LYS A 8 0.60 1.91 -15.55
N VAL A 9 1.03 3.14 -15.57
CA VAL A 9 2.21 3.51 -16.40
C VAL A 9 3.44 2.73 -15.95
N GLU A 10 3.69 2.66 -14.66
CA GLU A 10 4.90 1.91 -14.19
C GLU A 10 4.87 0.48 -14.71
N ARG A 11 3.73 -0.15 -14.67
CA ARG A 11 3.66 -1.57 -15.17
C ARG A 11 4.09 -1.61 -16.63
N ILE A 12 3.59 -0.72 -17.42
CA ILE A 12 3.97 -0.68 -18.87
C ILE A 12 5.38 -0.09 -19.02
N ARG A 13 5.77 0.74 -18.08
CA ARG A 13 7.12 1.39 -18.14
C ARG A 13 8.20 0.31 -18.07
N LEU A 14 8.02 -0.65 -17.20
CA LEU A 14 9.04 -1.75 -17.08
C LEU A 14 8.72 -2.85 -18.10
N SER A 15 7.66 -2.68 -18.85
CA SER A 15 7.28 -3.71 -19.87
C SER A 15 6.89 -5.02 -19.18
N LEU A 16 5.79 -5.02 -18.48
CA LEU A 16 5.33 -6.26 -17.77
C LEU A 16 3.98 -6.70 -18.35
N THR A 17 3.83 -7.97 -18.63
CA THR A 17 2.56 -8.48 -19.21
C THR A 17 1.54 -8.75 -18.11
N ALA A 18 0.28 -8.73 -18.45
CA ALA A 18 -0.78 -8.99 -17.45
C ALA A 18 -0.82 -10.47 -17.09
N LYS A 19 -0.62 -11.32 -18.05
CA LYS A 19 -0.65 -12.79 -17.79
C LYS A 19 0.50 -13.17 -16.86
N SER A 20 1.68 -12.66 -17.12
CA SER A 20 2.84 -12.99 -16.26
C SER A 20 2.58 -12.53 -14.83
N VAL A 21 2.11 -11.32 -14.67
CA VAL A 21 1.83 -10.80 -13.31
C VAL A 21 0.64 -11.54 -12.69
N ALA A 22 -0.40 -11.73 -13.43
CA ALA A 22 -1.60 -12.43 -12.89
C ALA A 22 -1.26 -13.87 -12.51
N GLU A 23 -0.50 -14.55 -13.33
CA GLU A 23 -0.14 -15.95 -13.01
C GLU A 23 0.79 -16.00 -11.79
N GLU A 24 1.79 -15.18 -11.77
CA GLU A 24 2.74 -15.16 -10.62
C GLU A 24 2.04 -14.63 -9.37
N MET A 25 1.18 -13.67 -9.53
CA MET A 25 0.45 -13.12 -8.35
C MET A 25 -0.42 -14.20 -7.73
N GLY A 26 -0.99 -15.06 -8.54
CA GLY A 26 -1.87 -16.14 -8.00
C GLY A 26 -3.34 -15.73 -8.16
N ILE A 27 -3.62 -14.81 -9.03
CA ILE A 27 -5.02 -14.34 -9.25
C ILE A 27 -5.39 -14.48 -10.73
N SER A 28 -6.66 -14.48 -11.02
CA SER A 28 -7.11 -14.63 -12.43
C SER A 28 -6.76 -13.38 -13.24
N ARG A 29 -6.63 -13.54 -14.52
CA ARG A 29 -6.30 -12.39 -15.40
C ARG A 29 -7.43 -11.36 -15.31
N GLN A 30 -8.65 -11.82 -15.19
CA GLN A 30 -9.80 -10.88 -15.09
C GLN A 30 -9.65 -10.03 -13.82
N GLN A 31 -9.22 -10.64 -12.74
CA GLN A 31 -9.05 -9.88 -11.47
C GLN A 31 -7.97 -8.82 -11.67
N LEU A 32 -6.89 -9.18 -12.33
CA LEU A 32 -5.80 -8.19 -12.58
C LEU A 32 -6.33 -7.05 -13.44
N CYS A 33 -7.13 -7.37 -14.42
CA CYS A 33 -7.68 -6.31 -15.31
C CYS A 33 -8.50 -5.31 -14.47
N ASN A 34 -9.19 -5.79 -13.48
CA ASN A 34 -10.00 -4.88 -12.63
C ASN A 34 -9.08 -3.86 -11.94
N ILE A 35 -7.94 -4.31 -11.49
CA ILE A 35 -6.98 -3.38 -10.83
C ILE A 35 -6.52 -2.33 -11.84
N GLU A 36 -6.23 -2.74 -13.04
CA GLU A 36 -5.78 -1.77 -14.08
C GLU A 36 -6.79 -0.64 -14.17
N GLN A 37 -8.06 -0.96 -14.11
CA GLN A 37 -9.12 0.10 -14.16
C GLN A 37 -9.67 0.35 -12.75
N SER A 38 -8.81 0.32 -11.76
CA SER A 38 -9.27 0.54 -10.36
C SER A 38 -9.85 1.94 -10.20
N GLU A 39 -10.66 2.15 -9.20
CA GLU A 39 -11.28 3.48 -8.96
C GLU A 39 -10.65 4.13 -7.71
N THR A 40 -10.13 5.31 -7.88
CA THR A 40 -9.50 6.04 -6.76
C THR A 40 -8.50 5.14 -6.01
N ALA A 41 -7.81 5.69 -5.05
CA ALA A 41 -6.82 4.89 -4.26
C ALA A 41 -7.44 4.48 -2.91
N PRO A 42 -7.36 3.21 -2.52
CA PRO A 42 -7.93 2.74 -1.23
C PRO A 42 -7.55 3.63 -0.03
N VAL A 43 -8.46 3.79 0.90
CA VAL A 43 -8.16 4.62 2.11
C VAL A 43 -7.10 3.91 2.96
N VAL A 44 -7.06 2.60 2.93
CA VAL A 44 -6.04 1.87 3.73
C VAL A 44 -4.64 2.23 3.23
N VAL A 45 -4.50 2.48 1.96
CA VAL A 45 -3.17 2.85 1.41
C VAL A 45 -2.69 4.16 2.08
N LYS A 46 -3.55 5.13 2.15
CA LYS A 46 -3.18 6.42 2.80
C LYS A 46 -2.82 6.16 4.26
N TYR A 47 -3.53 5.26 4.89
CA TYR A 47 -3.25 4.95 6.32
C TYR A 47 -1.79 4.50 6.45
N ILE A 48 -1.33 3.72 5.51
CA ILE A 48 0.09 3.27 5.58
C ILE A 48 1.01 4.48 5.53
N ALA A 49 0.72 5.41 4.67
CA ALA A 49 1.57 6.63 4.57
C ALA A 49 1.64 7.31 5.94
N PHE A 50 0.55 7.33 6.66
CA PHE A 50 0.56 7.99 8.00
C PHE A 50 1.56 7.28 8.91
N LEU A 51 1.51 5.97 8.95
CA LEU A 51 2.47 5.20 9.80
C LEU A 51 3.89 5.41 9.28
N ARG A 52 4.06 5.41 7.98
CA ARG A 52 5.42 5.61 7.40
C ARG A 52 5.93 6.99 7.81
N SER A 53 5.07 7.98 7.78
CA SER A 53 5.48 9.36 8.15
C SER A 53 6.10 9.37 9.55
N LYS A 54 5.80 8.37 10.34
CA LYS A 54 6.36 8.31 11.73
C LYS A 54 7.63 7.47 11.74
N GLY A 55 8.08 7.05 10.59
CA GLY A 55 9.33 6.23 10.53
C GLY A 55 9.02 4.77 10.86
N VAL A 56 7.80 4.36 10.69
CA VAL A 56 7.42 2.95 10.99
C VAL A 56 8.10 2.02 9.99
N ASP A 57 8.70 0.96 10.47
CA ASP A 57 9.40 0.02 9.56
C ASP A 57 8.40 -0.89 8.87
N LEU A 58 7.70 -0.38 7.89
CA LEU A 58 6.72 -1.20 7.14
C LEU A 58 7.42 -1.87 5.96
N ASN A 59 8.55 -1.33 5.58
CA ASN A 59 9.30 -1.92 4.43
C ASN A 59 9.69 -3.35 4.79
N ALA A 60 10.13 -3.56 6.00
CA ALA A 60 10.51 -4.94 6.42
C ALA A 60 9.24 -5.81 6.50
N LEU A 61 8.14 -5.22 6.90
CA LEU A 61 6.87 -6.01 7.02
C LEU A 61 6.50 -6.58 5.64
N PHE A 62 6.50 -5.76 4.62
CA PHE A 62 6.17 -6.26 3.26
C PHE A 62 7.31 -7.14 2.74
N ASP A 63 8.52 -6.82 3.10
CA ASP A 63 9.68 -7.62 2.61
C ASP A 63 9.55 -9.07 3.08
N ARG A 64 9.01 -9.29 4.24
CA ARG A 64 8.86 -10.69 4.73
C ARG A 64 7.79 -11.41 3.91
N ILE A 65 6.74 -10.72 3.56
CA ILE A 65 5.64 -11.36 2.78
C ILE A 65 6.01 -11.47 1.30
N ILE A 66 5.98 -10.37 0.59
CA ILE A 66 6.31 -10.41 -0.86
C ILE A 66 5.53 -11.54 -1.54
N VAL A 67 6.23 -12.49 -2.13
CA VAL A 67 5.57 -13.64 -2.83
C VAL A 67 5.97 -14.96 -2.15
N ASN A 68 5.01 -15.81 -1.90
CA ASN A 68 5.30 -17.12 -1.26
C ASN A 68 6.01 -16.92 0.09
N LYS A 69 6.12 -17.97 0.85
CA LYS A 69 6.79 -17.89 2.18
C LYS A 69 8.31 -17.96 2.03
N LEU A 70 9.02 -17.45 3.00
CA LEU A 70 10.51 -17.46 2.94
C LEU A 70 11.02 -18.88 2.64
N GLU A 71 12.23 -18.95 2.14
CA GLU A 71 12.83 -20.28 1.77
C GLU A 71 12.75 -21.24 2.96
N HIS A 72 13.39 -22.38 2.84
CA HIS A 72 13.36 -23.39 3.94
C HIS A 72 13.68 -22.68 5.27
N HIS A 73 12.66 -22.28 5.97
CA HIS A 73 12.88 -21.57 7.26
C HIS A 73 13.46 -22.53 8.31
N HIS A 74 14.46 -22.09 9.02
CA HIS A 74 15.09 -22.97 10.05
C HIS A 74 14.22 -23.01 11.31
N HIS A 75 14.26 -24.09 12.05
CA HIS A 75 13.44 -24.19 13.29
C HIS A 75 14.16 -23.49 14.43
N HIS A 76 13.48 -22.61 15.12
CA HIS A 76 14.12 -21.87 16.26
C HIS A 76 13.71 -22.51 17.60
N HIS A 77 14.66 -22.94 18.38
CA HIS A 77 14.32 -23.56 19.70
C HIS A 77 15.61 -23.78 20.50
N MET B 1 1.14 -14.18 11.01
CA MET B 1 0.48 -13.00 11.62
C MET B 1 -0.34 -12.28 10.54
N GLU B 2 -1.56 -11.95 10.84
CA GLU B 2 -2.44 -11.26 9.85
C GLU B 2 -2.00 -9.81 9.67
N LEU B 3 -2.21 -9.27 8.50
CA LEU B 3 -1.80 -7.86 8.24
C LEU B 3 -2.60 -6.93 9.16
N SER B 4 -3.88 -7.18 9.29
CA SER B 4 -4.74 -6.33 10.15
C SER B 4 -4.22 -6.37 11.59
N ASN B 5 -3.70 -7.50 11.99
CA ASN B 5 -3.19 -7.63 13.38
C ASN B 5 -2.07 -6.61 13.61
N GLU B 6 -1.26 -6.36 12.62
CA GLU B 6 -0.16 -5.37 12.80
C GLU B 6 -0.71 -3.94 12.73
N LEU B 7 -1.75 -3.72 11.96
CA LEU B 7 -2.31 -2.34 11.84
C LEU B 7 -2.78 -1.85 13.22
N LYS B 8 -3.48 -2.67 13.96
CA LYS B 8 -3.96 -2.24 15.29
C LYS B 8 -2.78 -2.18 16.26
N VAL B 9 -1.87 -3.12 16.16
CA VAL B 9 -0.70 -3.12 17.09
C VAL B 9 0.10 -1.84 16.92
N GLU B 10 0.47 -1.48 15.72
CA GLU B 10 1.23 -0.21 15.54
C GLU B 10 0.40 0.95 16.05
N ARG B 11 -0.89 0.87 15.91
CA ARG B 11 -1.78 1.96 16.40
C ARG B 11 -1.62 2.10 17.92
N ILE B 12 -1.73 1.00 18.62
CA ILE B 12 -1.59 1.00 20.12
C ILE B 12 -0.14 1.31 20.52
N ARG B 13 0.82 0.69 19.87
CA ARG B 13 2.24 0.94 20.24
C ARG B 13 2.58 2.41 20.05
N LEU B 14 2.11 2.99 19.00
CA LEU B 14 2.41 4.43 18.75
C LEU B 14 1.37 5.27 19.51
N SER B 15 0.40 4.61 20.10
CA SER B 15 -0.67 5.32 20.87
C SER B 15 -1.06 6.62 20.15
N LEU B 16 -1.28 6.55 18.87
CA LEU B 16 -1.65 7.79 18.12
C LEU B 16 -3.16 8.02 18.22
N THR B 17 -3.60 9.22 17.92
CA THR B 17 -5.07 9.52 18.02
C THR B 17 -5.76 9.23 16.69
N ALA B 18 -6.76 8.40 16.72
CA ALA B 18 -7.51 8.07 15.47
C ALA B 18 -8.22 9.32 14.95
N LYS B 19 -8.69 10.15 15.84
CA LYS B 19 -9.41 11.38 15.41
C LYS B 19 -8.49 12.24 14.56
N SER B 20 -7.26 12.40 14.98
CA SER B 20 -6.30 13.22 14.19
C SER B 20 -6.07 12.57 12.82
N VAL B 21 -5.96 11.28 12.79
CA VAL B 21 -5.74 10.58 11.49
C VAL B 21 -6.91 10.86 10.53
N ALA B 22 -8.11 10.69 11.00
CA ALA B 22 -9.29 10.93 10.13
C ALA B 22 -9.36 12.42 9.76
N GLU B 23 -8.91 13.28 10.63
CA GLU B 23 -8.98 14.73 10.34
C GLU B 23 -7.99 15.11 9.22
N GLU B 24 -6.74 14.78 9.39
CA GLU B 24 -5.72 15.14 8.35
C GLU B 24 -5.96 14.31 7.08
N MET B 25 -6.33 13.07 7.22
CA MET B 25 -6.57 12.24 6.01
C MET B 25 -7.74 12.82 5.21
N GLY B 26 -8.76 13.29 5.88
CA GLY B 26 -9.93 13.87 5.16
C GLY B 26 -11.01 12.80 4.98
N ILE B 27 -11.04 11.83 5.86
CA ILE B 27 -12.07 10.74 5.78
C ILE B 27 -12.85 10.67 7.09
N SER B 28 -14.00 10.06 7.06
CA SER B 28 -14.82 9.96 8.30
C SER B 28 -14.24 8.91 9.25
N ARG B 29 -14.60 8.99 10.50
CA ARG B 29 -14.09 8.02 11.50
C ARG B 29 -14.63 6.62 11.15
N GLN B 30 -15.81 6.55 10.63
CA GLN B 30 -16.39 5.21 10.27
C GLN B 30 -15.39 4.46 9.39
N GLN B 31 -14.85 5.11 8.40
CA GLN B 31 -13.87 4.43 7.52
C GLN B 31 -12.57 4.16 8.28
N LEU B 32 -12.13 5.11 9.06
CA LEU B 32 -10.86 4.89 9.83
C LEU B 32 -11.03 3.72 10.78
N CYS B 33 -12.13 3.67 11.48
CA CYS B 33 -12.37 2.54 12.44
C CYS B 33 -12.53 1.24 11.64
N ASN B 34 -13.12 1.32 10.48
CA ASN B 34 -13.33 0.09 9.66
C ASN B 34 -11.95 -0.51 9.33
N ILE B 35 -11.00 0.32 9.03
CA ILE B 35 -9.64 -0.18 8.71
C ILE B 35 -9.05 -0.90 9.93
N GLU B 36 -9.23 -0.34 11.10
CA GLU B 36 -8.67 -0.99 12.32
C GLU B 36 -9.25 -2.39 12.47
N GLN B 37 -10.52 -2.55 12.26
CA GLN B 37 -11.14 -3.91 12.38
C GLN B 37 -11.23 -4.55 11.00
N SER B 38 -10.26 -4.30 10.16
CA SER B 38 -10.29 -4.88 8.79
C SER B 38 -10.04 -6.39 8.86
N GLU B 39 -10.83 -7.16 8.16
CA GLU B 39 -10.65 -8.64 8.16
C GLU B 39 -9.74 -9.05 7.01
N THR B 40 -10.22 -8.95 5.79
CA THR B 40 -9.40 -9.32 4.60
C THR B 40 -8.92 -8.06 3.89
N ALA B 41 -7.65 -7.98 3.58
CA ALA B 41 -7.11 -6.77 2.90
C ALA B 41 -7.25 -6.94 1.37
N PRO B 42 -7.40 -5.84 0.65
CA PRO B 42 -7.54 -5.88 -0.84
C PRO B 42 -6.26 -6.33 -1.55
N VAL B 43 -6.40 -6.85 -2.75
CA VAL B 43 -5.21 -7.32 -3.52
C VAL B 43 -4.30 -6.14 -3.87
N VAL B 44 -4.86 -4.97 -4.03
CA VAL B 44 -4.03 -3.78 -4.38
C VAL B 44 -2.80 -3.73 -3.46
N VAL B 45 -2.96 -4.12 -2.23
CA VAL B 45 -1.81 -4.12 -1.29
C VAL B 45 -0.77 -5.14 -1.77
N LYS B 46 -1.23 -6.32 -2.10
CA LYS B 46 -0.30 -7.38 -2.60
C LYS B 46 0.31 -6.92 -3.93
N TYR B 47 -0.47 -6.25 -4.73
CA TYR B 47 0.04 -5.77 -6.05
C TYR B 47 1.26 -4.88 -5.82
N ILE B 48 1.20 -4.03 -4.82
CA ILE B 48 2.36 -3.15 -4.53
C ILE B 48 3.56 -4.02 -4.16
N ALA B 49 3.34 -5.03 -3.36
CA ALA B 49 4.47 -5.93 -2.97
C ALA B 49 5.08 -6.55 -4.23
N PHE B 50 4.26 -6.90 -5.19
CA PHE B 50 4.80 -7.51 -6.43
C PHE B 50 5.78 -6.51 -7.06
N LEU B 51 5.38 -5.28 -7.19
CA LEU B 51 6.28 -4.24 -7.77
C LEU B 51 7.45 -4.02 -6.81
N ARG B 52 7.19 -4.05 -5.53
CA ARG B 52 8.27 -3.83 -4.53
C ARG B 52 9.40 -4.82 -4.79
N SER B 53 9.06 -6.05 -5.08
CA SER B 53 10.10 -7.07 -5.36
C SER B 53 10.97 -6.62 -6.53
N LYS B 54 10.41 -5.86 -7.44
CA LYS B 54 11.21 -5.39 -8.60
C LYS B 54 11.95 -4.10 -8.22
N GLY B 55 11.72 -3.61 -7.03
CA GLY B 55 12.43 -2.38 -6.58
C GLY B 55 11.82 -1.13 -7.24
N VAL B 56 10.56 -1.15 -7.55
CA VAL B 56 9.94 0.05 -8.20
C VAL B 56 9.99 1.24 -7.21
N ASP B 57 10.26 2.40 -7.72
CA ASP B 57 10.39 3.62 -6.85
C ASP B 57 9.04 4.02 -6.22
N LEU B 58 8.39 3.12 -5.55
CA LEU B 58 7.09 3.47 -4.89
C LEU B 58 7.34 4.49 -3.78
N ASN B 59 8.42 4.34 -3.06
CA ASN B 59 8.71 5.29 -1.95
C ASN B 59 8.68 6.72 -2.50
N ALA B 60 9.28 6.94 -3.63
CA ALA B 60 9.27 8.32 -4.21
C ALA B 60 7.85 8.68 -4.66
N LEU B 61 7.11 7.72 -5.17
CA LEU B 61 5.73 8.01 -5.62
C LEU B 61 4.89 8.52 -4.45
N PHE B 62 4.95 7.85 -3.34
CA PHE B 62 4.19 8.29 -2.15
C PHE B 62 4.75 9.62 -1.63
N ASP B 63 6.05 9.71 -1.52
CA ASP B 63 6.67 10.95 -1.00
C ASP B 63 6.16 12.15 -1.82
N ARG B 64 5.87 11.94 -3.07
CA ARG B 64 5.35 13.06 -3.91
C ARG B 64 3.87 13.28 -3.55
N ILE B 65 3.25 12.28 -2.96
CA ILE B 65 1.81 12.40 -2.57
C ILE B 65 1.72 12.80 -1.09
N ILE B 66 2.71 12.45 -0.31
CA ILE B 66 2.67 12.80 1.14
C ILE B 66 2.67 14.33 1.30
N VAL B 67 3.50 15.01 0.55
CA VAL B 67 3.56 16.49 0.67
C VAL B 67 2.34 17.12 0.01
N ASN B 68 2.54 18.00 -0.94
CA ASN B 68 1.39 18.64 -1.62
C ASN B 68 1.88 19.44 -2.82
N LYS B 69 1.04 20.27 -3.37
CA LYS B 69 1.45 21.09 -4.54
C LYS B 69 2.09 22.40 -4.07
N LEU B 70 2.80 22.34 -2.96
CA LEU B 70 3.47 23.57 -2.43
C LEU B 70 4.99 23.35 -2.40
N GLU B 71 5.70 24.08 -3.22
CA GLU B 71 7.18 23.96 -3.26
C GLU B 71 7.72 25.16 -4.03
N HIS B 72 7.03 26.27 -3.95
CA HIS B 72 7.46 27.50 -4.67
C HIS B 72 7.58 27.20 -6.16
N HIS B 73 6.53 26.70 -6.76
CA HIS B 73 6.58 26.40 -8.21
C HIS B 73 6.75 27.72 -8.95
N HIS B 74 6.08 28.75 -8.50
CA HIS B 74 6.18 30.08 -9.14
C HIS B 74 5.88 29.97 -10.63
N HIS B 75 5.54 28.80 -11.11
CA HIS B 75 5.22 28.60 -12.56
C HIS B 75 6.15 29.48 -13.42
N HIS B 76 7.36 29.06 -13.63
CA HIS B 76 8.30 29.88 -14.46
C HIS B 76 8.16 29.49 -15.94
N HIS B 77 8.29 30.44 -16.83
CA HIS B 77 8.19 30.12 -18.29
C HIS B 77 8.72 31.31 -19.09
N MET A 1 -3.50 13.04 -15.50
CA MET A 1 -2.43 12.16 -14.94
C MET A 1 -2.80 11.77 -13.51
N GLU A 2 -3.92 11.10 -13.36
CA GLU A 2 -4.38 10.68 -12.00
C GLU A 2 -3.38 9.66 -11.42
N LEU A 3 -3.67 9.13 -10.26
CA LEU A 3 -2.75 8.14 -9.63
C LEU A 3 -2.64 6.89 -10.50
N SER A 4 -3.74 6.42 -11.01
CA SER A 4 -3.72 5.19 -11.86
C SER A 4 -2.98 5.46 -13.17
N ASN A 5 -2.98 6.68 -13.63
CA ASN A 5 -2.29 7.00 -14.91
C ASN A 5 -0.80 6.74 -14.78
N GLU A 6 -0.18 7.21 -13.73
CA GLU A 6 1.28 6.98 -13.55
C GLU A 6 1.48 5.49 -13.31
N LEU A 7 0.53 4.85 -12.69
CA LEU A 7 0.65 3.39 -12.43
C LEU A 7 0.73 2.67 -13.78
N LYS A 8 0.01 3.12 -14.76
CA LYS A 8 0.04 2.47 -16.09
C LYS A 8 1.39 2.75 -16.78
N VAL A 9 1.95 3.91 -16.56
CA VAL A 9 3.24 4.27 -17.22
C VAL A 9 4.34 3.30 -16.80
N GLU A 10 4.48 3.06 -15.52
CA GLU A 10 5.54 2.13 -15.05
C GLU A 10 5.21 0.72 -15.50
N ARG A 11 3.96 0.33 -15.47
CA ARG A 11 3.59 -1.03 -15.92
C ARG A 11 4.03 -1.17 -17.38
N ILE A 12 3.71 -0.20 -18.18
CA ILE A 12 4.11 -0.22 -19.61
C ILE A 12 5.64 -0.09 -19.71
N ARG A 13 6.21 0.77 -18.92
CA ARG A 13 7.69 0.98 -18.97
C ARG A 13 8.40 -0.36 -18.83
N LEU A 14 7.98 -1.19 -17.91
CA LEU A 14 8.63 -2.50 -17.75
C LEU A 14 7.97 -3.51 -18.69
N SER A 15 6.96 -3.07 -19.41
CA SER A 15 6.26 -3.98 -20.37
C SER A 15 6.04 -5.34 -19.70
N LEU A 16 5.47 -5.33 -18.53
CA LEU A 16 5.24 -6.62 -17.81
C LEU A 16 3.98 -7.30 -18.34
N THR A 17 3.72 -8.51 -17.88
CA THR A 17 2.51 -9.26 -18.35
C THR A 17 1.48 -9.34 -17.22
N ALA A 18 0.29 -8.86 -17.47
CA ALA A 18 -0.78 -8.90 -16.45
C ALA A 18 -1.16 -10.35 -16.16
N LYS A 19 -1.17 -11.17 -17.17
CA LYS A 19 -1.51 -12.61 -16.99
C LYS A 19 -0.50 -13.27 -16.05
N SER A 20 0.76 -12.98 -16.24
CA SER A 20 1.80 -13.57 -15.38
C SER A 20 1.57 -13.18 -13.92
N VAL A 21 1.26 -11.92 -13.69
CA VAL A 21 1.04 -11.45 -12.30
C VAL A 21 -0.15 -12.23 -11.69
N ALA A 22 -1.19 -12.41 -12.44
CA ALA A 22 -2.37 -13.15 -11.91
C ALA A 22 -1.94 -14.55 -11.49
N GLU A 23 -1.03 -15.16 -12.20
CA GLU A 23 -0.60 -16.53 -11.84
C GLU A 23 0.11 -16.50 -10.47
N GLU A 24 0.96 -15.55 -10.23
CA GLU A 24 1.66 -15.50 -8.91
C GLU A 24 0.68 -15.06 -7.83
N MET A 25 -0.10 -14.06 -8.12
CA MET A 25 -1.10 -13.56 -7.12
C MET A 25 -2.14 -14.64 -6.85
N GLY A 26 -2.55 -15.35 -7.85
CA GLY A 26 -3.57 -16.43 -7.66
C GLY A 26 -4.97 -15.82 -7.82
N ILE A 27 -5.10 -14.79 -8.63
CA ILE A 27 -6.45 -14.15 -8.84
C ILE A 27 -6.78 -14.14 -10.33
N SER A 28 -8.01 -13.88 -10.65
CA SER A 28 -8.44 -13.86 -12.07
C SER A 28 -7.79 -12.69 -12.81
N ARG A 29 -7.57 -12.86 -14.08
CA ARG A 29 -6.96 -11.77 -14.90
C ARG A 29 -7.86 -10.54 -14.86
N GLN A 30 -9.16 -10.74 -14.95
CA GLN A 30 -10.09 -9.58 -14.91
C GLN A 30 -9.90 -8.82 -13.61
N GLN A 31 -9.70 -9.52 -12.52
CA GLN A 31 -9.51 -8.84 -11.22
C GLN A 31 -8.30 -7.91 -11.32
N LEU A 32 -7.22 -8.39 -11.87
CA LEU A 32 -6.01 -7.53 -12.02
C LEU A 32 -6.33 -6.36 -12.93
N CYS A 33 -7.04 -6.63 -14.00
CA CYS A 33 -7.39 -5.54 -14.96
C CYS A 33 -8.25 -4.49 -14.25
N ASN A 34 -9.06 -4.92 -13.32
CA ASN A 34 -9.91 -3.96 -12.58
C ASN A 34 -9.02 -2.96 -11.82
N ILE A 35 -7.93 -3.43 -11.28
CA ILE A 35 -7.02 -2.52 -10.54
C ILE A 35 -6.49 -1.46 -11.49
N GLU A 36 -6.11 -1.84 -12.67
CA GLU A 36 -5.58 -0.85 -13.65
C GLU A 36 -6.70 0.11 -14.05
N GLN A 37 -7.92 -0.35 -14.05
CA GLN A 37 -9.07 0.54 -14.42
C GLN A 37 -9.77 1.00 -13.14
N SER A 38 -9.26 0.61 -12.00
CA SER A 38 -9.90 1.02 -10.70
C SER A 38 -9.74 2.53 -10.49
N GLU A 39 -10.67 3.13 -9.79
CA GLU A 39 -10.61 4.60 -9.55
C GLU A 39 -9.34 4.97 -8.79
N THR A 40 -9.47 5.68 -7.70
CA THR A 40 -8.28 6.10 -6.91
C THR A 40 -7.84 4.99 -5.96
N ALA A 41 -6.69 5.14 -5.37
CA ALA A 41 -6.18 4.09 -4.45
C ALA A 41 -7.03 4.06 -3.17
N PRO A 42 -7.14 2.92 -2.53
CA PRO A 42 -7.93 2.76 -1.26
C PRO A 42 -7.31 3.54 -0.09
N VAL A 43 -8.12 3.87 0.90
CA VAL A 43 -7.61 4.62 2.08
C VAL A 43 -6.60 3.77 2.85
N VAL A 44 -6.78 2.48 2.87
CA VAL A 44 -5.82 1.60 3.61
C VAL A 44 -4.38 1.98 3.23
N VAL A 45 -4.17 2.31 1.98
CA VAL A 45 -2.80 2.70 1.53
C VAL A 45 -2.39 3.98 2.26
N LYS A 46 -3.28 4.94 2.34
CA LYS A 46 -2.95 6.21 3.03
C LYS A 46 -2.67 5.93 4.50
N TYR A 47 -3.40 5.00 5.08
CA TYR A 47 -3.19 4.67 6.52
C TYR A 47 -1.73 4.23 6.71
N ILE A 48 -1.23 3.43 5.80
CA ILE A 48 0.17 2.98 5.90
C ILE A 48 1.10 4.18 5.82
N ALA A 49 0.82 5.09 4.92
CA ALA A 49 1.68 6.30 4.79
C ALA A 49 1.69 7.06 6.12
N PHE A 50 0.59 7.07 6.81
CA PHE A 50 0.52 7.81 8.10
C PHE A 50 1.55 7.21 9.06
N LEU A 51 1.53 5.91 9.23
CA LEU A 51 2.50 5.25 10.14
C LEU A 51 3.92 5.38 9.58
N ARG A 52 4.08 5.22 8.29
CA ARG A 52 5.43 5.31 7.68
C ARG A 52 5.95 6.74 7.82
N SER A 53 5.11 7.71 7.61
CA SER A 53 5.56 9.13 7.72
C SER A 53 6.09 9.39 9.13
N LYS A 54 5.72 8.57 10.07
CA LYS A 54 6.21 8.75 11.46
C LYS A 54 7.53 7.99 11.65
N GLY A 55 8.09 7.51 10.57
CA GLY A 55 9.38 6.76 10.66
C GLY A 55 9.13 5.33 11.11
N VAL A 56 7.92 4.84 10.98
CA VAL A 56 7.64 3.44 11.39
C VAL A 56 8.33 2.47 10.44
N ASP A 57 8.27 2.73 9.16
CA ASP A 57 8.91 1.84 8.14
C ASP A 57 8.30 0.44 8.23
N LEU A 58 7.35 0.16 7.36
CA LEU A 58 6.71 -1.19 7.35
C LEU A 58 7.48 -2.09 6.41
N ASN A 59 8.48 -1.56 5.76
CA ASN A 59 9.27 -2.39 4.81
C ASN A 59 9.77 -3.62 5.58
N ALA A 60 10.17 -3.41 6.80
CA ALA A 60 10.66 -4.54 7.63
C ALA A 60 9.52 -5.56 7.82
N LEU A 61 8.38 -5.11 8.27
CA LEU A 61 7.22 -6.03 8.49
C LEU A 61 6.82 -6.71 7.18
N PHE A 62 6.77 -5.95 6.12
CA PHE A 62 6.38 -6.53 4.80
C PHE A 62 7.43 -7.53 4.36
N ASP A 63 8.67 -7.26 4.65
CA ASP A 63 9.75 -8.20 4.26
C ASP A 63 9.51 -9.54 4.95
N ARG A 64 8.94 -9.54 6.12
CA ARG A 64 8.70 -10.82 6.84
C ARG A 64 7.81 -11.72 5.98
N ILE A 65 6.72 -11.19 5.49
CA ILE A 65 5.81 -12.00 4.63
C ILE A 65 6.51 -12.34 3.31
N ILE A 66 7.16 -11.38 2.73
CA ILE A 66 7.86 -11.61 1.42
C ILE A 66 9.09 -12.50 1.64
N VAL A 67 9.65 -13.00 0.58
CA VAL A 67 10.86 -13.87 0.70
C VAL A 67 12.05 -13.04 1.20
N ASN A 68 11.80 -12.07 2.04
CA ASN A 68 12.89 -11.21 2.59
C ASN A 68 13.50 -10.36 1.49
N LYS A 69 13.87 -10.95 0.38
CA LYS A 69 14.49 -10.18 -0.73
C LYS A 69 15.82 -9.58 -0.26
N LEU A 70 16.07 -9.58 1.03
CA LEU A 70 17.35 -9.02 1.56
C LEU A 70 18.32 -10.15 1.86
N GLU A 71 19.51 -10.06 1.34
CA GLU A 71 20.52 -11.13 1.59
C GLU A 71 21.06 -10.99 3.02
N HIS A 72 20.18 -10.97 3.99
CA HIS A 72 20.62 -10.85 5.42
C HIS A 72 21.56 -9.65 5.60
N HIS A 73 22.84 -9.92 5.73
CA HIS A 73 23.84 -8.85 5.94
C HIS A 73 23.50 -8.06 7.21
N HIS A 74 23.21 -8.76 8.29
CA HIS A 74 22.88 -8.07 9.58
C HIS A 74 23.68 -8.72 10.71
N HIS A 75 24.85 -8.20 10.99
CA HIS A 75 25.68 -8.77 12.08
C HIS A 75 25.03 -8.51 13.43
N HIS A 76 25.32 -7.40 14.04
CA HIS A 76 24.71 -7.07 15.35
C HIS A 76 25.01 -5.60 15.67
N HIS A 77 24.36 -4.70 14.99
CA HIS A 77 24.63 -3.26 15.24
C HIS A 77 23.91 -2.81 16.51
N MET B 1 -6.40 -12.38 13.60
CA MET B 1 -6.08 -10.98 13.20
C MET B 1 -5.03 -11.00 12.09
N GLU B 2 -3.82 -11.32 12.42
CA GLU B 2 -2.74 -11.40 11.39
C GLU B 2 -2.34 -9.97 10.93
N LEU B 3 -2.27 -9.76 9.63
CA LEU B 3 -1.90 -8.42 9.08
C LEU B 3 -2.59 -7.32 9.91
N SER B 4 -3.82 -7.53 10.27
CA SER B 4 -4.54 -6.53 11.09
C SER B 4 -3.82 -6.36 12.44
N ASN B 5 -3.32 -7.43 13.00
CA ASN B 5 -2.62 -7.33 14.30
C ASN B 5 -1.42 -6.40 14.18
N GLU B 6 -0.63 -6.56 13.16
CA GLU B 6 0.56 -5.70 13.01
C GLU B 6 0.14 -4.23 13.07
N LEU B 7 -0.79 -3.84 12.24
CA LEU B 7 -1.26 -2.42 12.25
C LEU B 7 -1.87 -2.08 13.62
N LYS B 8 -2.59 -2.98 14.20
CA LYS B 8 -3.23 -2.70 15.51
C LYS B 8 -2.13 -2.48 16.56
N VAL B 9 -1.07 -3.25 16.51
CA VAL B 9 0.03 -3.09 17.50
C VAL B 9 0.54 -1.65 17.46
N GLU B 10 1.18 -1.27 16.36
CA GLU B 10 1.72 0.12 16.24
C GLU B 10 0.74 1.14 16.83
N ARG B 11 -0.53 1.00 16.54
CA ARG B 11 -1.52 1.96 17.09
C ARG B 11 -1.37 1.99 18.61
N ILE B 12 -1.26 0.85 19.23
CA ILE B 12 -1.11 0.79 20.71
C ILE B 12 0.22 1.42 21.11
N ARG B 13 1.28 1.12 20.39
CA ARG B 13 2.61 1.68 20.75
C ARG B 13 2.58 3.20 20.70
N LEU B 14 2.01 3.78 19.67
CA LEU B 14 1.95 5.26 19.58
C LEU B 14 0.59 5.74 20.10
N SER B 15 -0.25 4.82 20.53
CA SER B 15 -1.59 5.20 21.07
C SER B 15 -2.17 6.36 20.25
N LEU B 16 -2.36 6.16 18.98
CA LEU B 16 -2.91 7.26 18.12
C LEU B 16 -4.43 7.27 18.18
N THR B 17 -5.03 8.39 17.89
CA THR B 17 -6.53 8.48 17.94
C THR B 17 -7.11 8.40 16.53
N ALA B 18 -8.14 7.63 16.36
CA ALA B 18 -8.78 7.48 15.02
C ALA B 18 -9.34 8.83 14.58
N LYS B 19 -9.84 9.60 15.51
CA LYS B 19 -10.40 10.93 15.15
C LYS B 19 -9.32 11.81 14.54
N SER B 20 -8.14 11.81 15.10
CA SER B 20 -7.05 12.66 14.55
C SER B 20 -6.72 12.23 13.12
N VAL B 21 -6.59 10.95 12.88
CA VAL B 21 -6.27 10.48 11.51
C VAL B 21 -7.39 10.89 10.54
N ALA B 22 -8.62 10.67 10.94
CA ALA B 22 -9.76 11.05 10.05
C ALA B 22 -9.74 12.57 9.82
N GLU B 23 -9.24 13.31 10.77
CA GLU B 23 -9.20 14.79 10.61
C GLU B 23 -8.19 15.16 9.52
N GLU B 24 -7.11 14.42 9.42
CA GLU B 24 -6.10 14.73 8.38
C GLU B 24 -6.67 14.44 6.99
N MET B 25 -6.92 13.20 6.68
CA MET B 25 -7.45 12.88 5.33
C MET B 25 -8.86 13.48 5.18
N GLY B 26 -9.65 13.42 6.22
CA GLY B 26 -11.03 13.98 6.13
C GLY B 26 -11.99 12.86 5.70
N ILE B 27 -11.93 11.72 6.34
CA ILE B 27 -12.82 10.57 5.98
C ILE B 27 -13.66 10.18 7.19
N SER B 28 -14.73 9.46 6.96
CA SER B 28 -15.61 9.05 8.07
C SER B 28 -14.89 8.05 8.98
N ARG B 29 -15.23 8.04 10.24
CA ARG B 29 -14.58 7.09 11.19
C ARG B 29 -14.91 5.66 10.76
N GLN B 30 -16.09 5.44 10.24
CA GLN B 30 -16.47 4.07 9.80
C GLN B 30 -15.43 3.55 8.80
N GLN B 31 -15.03 4.38 7.88
CA GLN B 31 -14.02 3.94 6.87
C GLN B 31 -12.70 3.61 7.58
N LEU B 32 -12.24 4.50 8.41
CA LEU B 32 -10.95 4.23 9.14
C LEU B 32 -11.10 3.02 10.05
N CYS B 33 -12.20 2.93 10.75
CA CYS B 33 -12.40 1.78 11.67
C CYS B 33 -12.43 0.48 10.86
N ASN B 34 -12.93 0.53 9.67
CA ASN B 34 -12.98 -0.69 8.83
C ASN B 34 -11.56 -1.21 8.61
N ILE B 35 -10.63 -0.32 8.37
CA ILE B 35 -9.22 -0.74 8.17
C ILE B 35 -8.70 -1.42 9.44
N GLU B 36 -9.01 -0.87 10.57
CA GLU B 36 -8.54 -1.46 11.86
C GLU B 36 -9.09 -2.89 12.00
N GLN B 37 -10.28 -3.14 11.53
CA GLN B 37 -10.89 -4.51 11.64
C GLN B 37 -11.03 -5.10 10.23
N SER B 38 -10.34 -4.56 9.26
CA SER B 38 -10.44 -5.09 7.87
C SER B 38 -9.83 -6.48 7.80
N GLU B 39 -10.36 -7.32 6.95
CA GLU B 39 -9.83 -8.70 6.83
C GLU B 39 -8.70 -8.73 5.78
N THR B 40 -7.49 -8.88 6.23
CA THR B 40 -6.32 -8.93 5.29
C THR B 40 -6.29 -7.69 4.40
N ALA B 41 -5.17 -7.43 3.78
CA ALA B 41 -5.03 -6.24 2.89
C ALA B 41 -5.53 -6.58 1.48
N PRO B 42 -6.00 -5.60 0.73
CA PRO B 42 -6.50 -5.80 -0.66
C PRO B 42 -5.39 -6.15 -1.66
N VAL B 43 -5.75 -6.70 -2.79
CA VAL B 43 -4.74 -7.07 -3.82
C VAL B 43 -3.94 -5.83 -4.23
N VAL B 44 -4.45 -4.66 -3.95
CA VAL B 44 -3.72 -3.41 -4.32
C VAL B 44 -2.37 -3.39 -3.59
N VAL B 45 -2.36 -3.71 -2.32
CA VAL B 45 -1.07 -3.70 -1.58
C VAL B 45 -0.11 -4.72 -2.20
N LYS B 46 -0.58 -5.90 -2.47
CA LYS B 46 0.29 -6.94 -3.08
C LYS B 46 0.73 -6.48 -4.46
N TYR B 47 -0.15 -5.84 -5.19
CA TYR B 47 0.22 -5.36 -6.55
C TYR B 47 1.44 -4.43 -6.43
N ILE B 48 1.46 -3.59 -5.44
CA ILE B 48 2.61 -2.67 -5.26
C ILE B 48 3.89 -3.48 -5.04
N ALA B 49 3.82 -4.49 -4.22
CA ALA B 49 5.03 -5.30 -3.96
C ALA B 49 5.55 -5.87 -5.28
N PHE B 50 4.66 -6.18 -6.18
CA PHE B 50 5.10 -6.74 -7.48
C PHE B 50 5.98 -5.71 -8.20
N LEU B 51 5.52 -4.48 -8.26
CA LEU B 51 6.32 -3.42 -8.93
C LEU B 51 7.64 -3.20 -8.17
N ARG B 52 7.58 -3.19 -6.86
CA ARG B 52 8.81 -2.99 -6.06
C ARG B 52 9.75 -4.17 -6.29
N SER B 53 9.21 -5.35 -6.40
CA SER B 53 10.06 -6.55 -6.62
C SER B 53 10.87 -6.38 -7.91
N LYS B 54 10.46 -5.46 -8.75
CA LYS B 54 11.20 -5.24 -10.03
C LYS B 54 12.14 -4.04 -9.84
N GLY B 55 12.20 -3.49 -8.67
CA GLY B 55 13.12 -2.35 -8.41
C GLY B 55 12.52 -1.05 -8.94
N VAL B 56 11.22 -0.97 -9.08
CA VAL B 56 10.61 0.29 -9.59
C VAL B 56 10.89 1.42 -8.60
N ASP B 57 11.23 1.08 -7.39
CA ASP B 57 11.52 2.11 -6.35
C ASP B 57 10.27 2.97 -6.16
N LEU B 58 9.14 2.36 -5.94
CA LEU B 58 7.88 3.13 -5.76
C LEU B 58 8.02 4.04 -4.53
N ASN B 59 9.13 3.98 -3.86
CA ASN B 59 9.34 4.83 -2.66
C ASN B 59 9.26 6.30 -3.05
N ALA B 60 9.84 6.66 -4.17
CA ALA B 60 9.81 8.08 -4.61
C ALA B 60 8.38 8.50 -4.92
N LEU B 61 7.60 7.63 -5.50
CA LEU B 61 6.20 8.00 -5.87
C LEU B 61 5.42 8.34 -4.59
N PHE B 62 5.53 7.52 -3.58
CA PHE B 62 4.80 7.80 -2.31
C PHE B 62 5.32 9.10 -1.69
N ASP B 63 6.61 9.25 -1.64
CA ASP B 63 7.18 10.49 -1.06
C ASP B 63 6.72 11.68 -1.89
N ARG B 64 6.55 11.49 -3.18
CA ARG B 64 6.11 12.62 -4.03
C ARG B 64 4.72 13.07 -3.55
N ILE B 65 3.80 12.15 -3.41
CA ILE B 65 2.44 12.52 -2.93
C ILE B 65 2.50 12.97 -1.47
N ILE B 66 3.22 12.25 -0.66
CA ILE B 66 3.34 12.61 0.77
C ILE B 66 4.26 13.83 0.93
N VAL B 67 5.04 14.13 -0.08
CA VAL B 67 5.98 15.30 0.00
C VAL B 67 7.00 15.04 1.10
N ASN B 68 6.57 15.05 2.33
CA ASN B 68 7.51 14.80 3.47
C ASN B 68 8.55 15.91 3.53
N LYS B 69 8.84 16.40 4.72
CA LYS B 69 9.85 17.48 4.84
C LYS B 69 11.21 16.96 4.37
N LEU B 70 11.40 16.91 3.08
CA LEU B 70 12.68 16.41 2.52
C LEU B 70 13.69 17.57 2.43
N GLU B 71 13.24 18.76 2.73
CA GLU B 71 14.17 19.94 2.66
C GLU B 71 14.83 19.96 1.28
N HIS B 72 16.11 19.70 1.21
CA HIS B 72 16.81 19.70 -0.10
C HIS B 72 18.23 19.16 0.08
N HIS B 73 18.36 18.10 0.83
CA HIS B 73 19.70 17.52 1.06
C HIS B 73 20.26 16.99 -0.26
N HIS B 74 19.40 16.50 -1.12
CA HIS B 74 19.90 15.95 -2.41
C HIS B 74 20.06 17.08 -3.43
N HIS B 75 21.25 17.59 -3.56
CA HIS B 75 21.51 18.68 -4.54
C HIS B 75 21.87 18.05 -5.89
N HIS B 76 22.78 17.12 -5.88
CA HIS B 76 23.17 16.45 -7.16
C HIS B 76 23.95 15.18 -6.85
N HIS B 77 23.60 14.09 -7.50
CA HIS B 77 24.33 12.81 -7.25
C HIS B 77 24.34 11.98 -8.55
N MET A 1 -2.65 13.46 -14.77
CA MET A 1 -1.73 12.37 -14.33
C MET A 1 -2.37 11.62 -13.16
N GLU A 2 -3.30 10.74 -13.44
CA GLU A 2 -3.98 9.99 -12.36
C GLU A 2 -3.07 8.87 -11.85
N LEU A 3 -3.45 8.21 -10.80
CA LEU A 3 -2.62 7.10 -10.24
C LEU A 3 -2.48 5.99 -11.27
N SER A 4 -3.57 5.61 -11.90
CA SER A 4 -3.51 4.54 -12.91
C SER A 4 -2.67 4.99 -14.10
N ASN A 5 -2.71 6.25 -14.43
CA ASN A 5 -1.92 6.74 -15.60
C ASN A 5 -0.44 6.45 -15.37
N GLU A 6 0.07 6.76 -14.22
CA GLU A 6 1.50 6.48 -13.95
C GLU A 6 1.71 4.97 -13.82
N LEU A 7 0.71 4.27 -13.34
CA LEU A 7 0.82 2.80 -13.20
C LEU A 7 1.05 2.18 -14.59
N LYS A 8 0.31 2.64 -15.57
CA LYS A 8 0.47 2.09 -16.95
C LYS A 8 1.88 2.41 -17.43
N VAL A 9 2.37 3.58 -17.11
CA VAL A 9 3.74 3.95 -17.55
C VAL A 9 4.75 2.95 -16.94
N GLU A 10 4.58 2.61 -15.69
CA GLU A 10 5.53 1.65 -15.06
C GLU A 10 5.58 0.36 -15.90
N ARG A 11 4.44 -0.20 -16.22
CA ARG A 11 4.43 -1.44 -17.03
C ARG A 11 5.07 -1.15 -18.39
N ILE A 12 4.76 -0.04 -18.98
CA ILE A 12 5.37 0.31 -20.30
C ILE A 12 6.89 0.44 -20.14
N ARG A 13 7.34 1.11 -19.12
CA ARG A 13 8.80 1.28 -18.91
C ARG A 13 9.46 -0.09 -18.72
N LEU A 14 8.86 -0.94 -17.94
CA LEU A 14 9.44 -2.29 -17.72
C LEU A 14 8.84 -3.27 -18.73
N SER A 15 7.96 -2.80 -19.57
CA SER A 15 7.31 -3.69 -20.59
C SER A 15 7.00 -5.05 -19.95
N LEU A 16 6.41 -5.02 -18.78
CA LEU A 16 6.09 -6.30 -18.08
C LEU A 16 4.81 -6.91 -18.65
N THR A 17 4.64 -8.20 -18.50
CA THR A 17 3.43 -8.89 -19.05
C THR A 17 2.42 -9.15 -17.93
N ALA A 18 1.17 -8.92 -18.20
CA ALA A 18 0.12 -9.16 -17.17
C ALA A 18 0.04 -10.64 -16.84
N LYS A 19 0.20 -11.49 -17.82
CA LYS A 19 0.14 -12.95 -17.56
C LYS A 19 1.24 -13.36 -16.59
N SER A 20 2.42 -12.86 -16.77
CA SER A 20 3.54 -13.22 -15.85
C SER A 20 3.19 -12.81 -14.42
N VAL A 21 2.70 -11.61 -14.25
CA VAL A 21 2.34 -11.14 -12.88
C VAL A 21 1.18 -11.96 -12.32
N ALA A 22 0.18 -12.20 -13.12
CA ALA A 22 -1.00 -12.98 -12.64
C ALA A 22 -0.56 -14.33 -12.08
N GLU A 23 0.24 -15.07 -12.80
CA GLU A 23 0.69 -16.40 -12.31
C GLU A 23 1.65 -16.24 -11.12
N GLU A 24 2.62 -15.37 -11.23
CA GLU A 24 3.59 -15.18 -10.12
C GLU A 24 2.86 -14.74 -8.85
N MET A 25 2.01 -13.77 -8.95
CA MET A 25 1.26 -13.31 -7.75
C MET A 25 0.37 -14.45 -7.22
N GLY A 26 -0.23 -15.22 -8.10
CA GLY A 26 -1.11 -16.33 -7.65
C GLY A 26 -2.57 -15.96 -7.94
N ILE A 27 -2.78 -15.02 -8.83
CA ILE A 27 -4.17 -14.58 -9.19
C ILE A 27 -4.37 -14.73 -10.70
N SER A 28 -5.60 -14.72 -11.13
CA SER A 28 -5.89 -14.87 -12.59
C SER A 28 -5.67 -13.53 -13.31
N ARG A 29 -5.61 -13.58 -14.61
CA ARG A 29 -5.43 -12.33 -15.40
C ARG A 29 -6.65 -11.42 -15.19
N GLN A 30 -7.80 -11.99 -15.06
CA GLN A 30 -9.03 -11.18 -14.84
C GLN A 30 -8.89 -10.36 -13.54
N GLN A 31 -8.38 -10.97 -12.51
CA GLN A 31 -8.21 -10.23 -11.23
C GLN A 31 -7.19 -9.11 -11.41
N LEU A 32 -6.12 -9.38 -12.10
CA LEU A 32 -5.09 -8.33 -12.33
C LEU A 32 -5.70 -7.20 -13.15
N CYS A 33 -6.49 -7.54 -14.14
CA CYS A 33 -7.13 -6.49 -14.98
C CYS A 33 -8.02 -5.60 -14.11
N ASN A 34 -8.62 -6.17 -13.10
CA ASN A 34 -9.50 -5.35 -12.22
C ASN A 34 -8.66 -4.24 -11.57
N ILE A 35 -7.47 -4.55 -11.15
CA ILE A 35 -6.61 -3.51 -10.53
C ILE A 35 -6.27 -2.44 -11.58
N GLU A 36 -5.93 -2.87 -12.77
CA GLU A 36 -5.60 -1.89 -13.84
C GLU A 36 -6.81 -0.99 -14.07
N GLN A 37 -7.97 -1.45 -13.70
CA GLN A 37 -9.21 -0.64 -13.88
C GLN A 37 -9.43 0.18 -12.61
N SER A 38 -8.44 0.29 -11.77
CA SER A 38 -8.59 1.07 -10.51
C SER A 38 -8.94 2.52 -10.83
N GLU A 39 -9.80 3.12 -10.04
CA GLU A 39 -10.20 4.54 -10.29
C GLU A 39 -9.97 5.35 -9.00
N THR A 40 -10.63 4.97 -7.93
CA THR A 40 -10.46 5.68 -6.62
C THR A 40 -9.86 4.69 -5.62
N ALA A 41 -8.78 5.06 -4.97
CA ALA A 41 -8.10 4.11 -4.02
C ALA A 41 -8.67 4.23 -2.60
N PRO A 42 -8.63 3.15 -1.83
CA PRO A 42 -9.12 3.13 -0.41
C PRO A 42 -8.21 3.93 0.55
N VAL A 43 -8.77 4.46 1.60
CA VAL A 43 -7.97 5.24 2.60
C VAL A 43 -6.95 4.31 3.25
N VAL A 44 -7.05 3.03 3.02
CA VAL A 44 -6.09 2.07 3.63
C VAL A 44 -4.68 2.41 3.16
N VAL A 45 -4.51 2.70 1.90
CA VAL A 45 -3.15 3.04 1.38
C VAL A 45 -2.63 4.28 2.11
N LYS A 46 -3.45 5.29 2.25
CA LYS A 46 -2.99 6.52 2.95
C LYS A 46 -2.63 6.20 4.40
N TYR A 47 -3.40 5.37 5.04
CA TYR A 47 -3.10 5.02 6.46
C TYR A 47 -1.71 4.39 6.53
N ILE A 48 -1.36 3.58 5.58
CA ILE A 48 -0.01 2.96 5.58
C ILE A 48 1.03 4.06 5.49
N ALA A 49 0.82 5.03 4.65
CA ALA A 49 1.79 6.15 4.52
C ALA A 49 1.91 6.86 5.86
N PHE A 50 0.83 6.95 6.60
CA PHE A 50 0.89 7.63 7.91
C PHE A 50 1.89 6.89 8.81
N LEU A 51 1.78 5.59 8.90
CA LEU A 51 2.73 4.81 9.74
C LEU A 51 4.10 4.75 9.06
N ARG A 52 4.12 4.61 7.77
CA ARG A 52 5.43 4.54 7.04
C ARG A 52 6.22 5.82 7.28
N SER A 53 5.56 6.94 7.26
CA SER A 53 6.26 8.23 7.49
C SER A 53 6.94 8.21 8.86
N LYS A 54 6.47 7.37 9.75
CA LYS A 54 7.09 7.29 11.10
C LYS A 54 8.19 6.22 11.10
N GLY A 55 8.44 5.63 9.96
CA GLY A 55 9.51 4.60 9.88
C GLY A 55 8.96 3.23 10.31
N VAL A 56 7.67 3.05 10.28
CA VAL A 56 7.10 1.72 10.68
C VAL A 56 7.47 0.68 9.63
N ASP A 57 7.94 -0.46 10.07
CA ASP A 57 8.37 -1.52 9.11
C ASP A 57 7.16 -2.14 8.42
N LEU A 58 6.94 -1.81 7.18
CA LEU A 58 5.79 -2.40 6.43
C LEU A 58 6.28 -3.67 5.73
N ASN A 59 7.57 -3.81 5.61
CA ASN A 59 8.14 -5.02 4.95
C ASN A 59 7.76 -6.26 5.75
N ALA A 60 7.84 -6.17 7.05
CA ALA A 60 7.48 -7.34 7.90
C ALA A 60 6.01 -7.71 7.70
N LEU A 61 5.13 -6.74 7.75
CA LEU A 61 3.68 -7.03 7.57
C LEU A 61 3.44 -7.59 6.15
N PHE A 62 4.10 -7.05 5.17
CA PHE A 62 3.91 -7.54 3.78
C PHE A 62 4.55 -8.93 3.63
N ASP A 63 5.70 -9.12 4.21
CA ASP A 63 6.38 -10.43 4.09
C ASP A 63 5.41 -11.54 4.50
N ARG A 64 4.65 -11.31 5.54
CA ARG A 64 3.68 -12.35 6.01
C ARG A 64 2.57 -12.47 4.95
N ILE A 65 2.17 -11.38 4.36
CA ILE A 65 1.09 -11.42 3.34
C ILE A 65 1.62 -12.00 2.02
N ILE A 66 2.47 -11.26 1.35
CA ILE A 66 3.02 -11.75 0.05
C ILE A 66 4.06 -12.84 0.29
N VAL A 67 4.18 -13.76 -0.65
CA VAL A 67 5.16 -14.88 -0.52
C VAL A 67 4.80 -15.75 0.68
N ASN A 68 4.38 -16.96 0.43
CA ASN A 68 3.99 -17.87 1.54
C ASN A 68 5.24 -18.35 2.28
N LYS A 69 5.14 -18.53 3.57
CA LYS A 69 6.30 -18.98 4.39
C LYS A 69 6.16 -20.49 4.64
N LEU A 70 5.32 -21.14 3.90
CA LEU A 70 5.13 -22.60 4.10
C LEU A 70 6.38 -23.33 3.60
N GLU A 71 7.42 -22.60 3.34
CA GLU A 71 8.70 -23.20 2.86
C GLU A 71 9.01 -24.48 3.63
N HIS A 72 9.53 -25.47 2.97
CA HIS A 72 9.87 -26.75 3.65
C HIS A 72 11.35 -26.74 4.03
N HIS A 73 11.73 -25.84 4.89
CA HIS A 73 13.16 -25.76 5.32
C HIS A 73 13.45 -26.92 6.30
N HIS A 74 12.46 -27.68 6.63
CA HIS A 74 12.67 -28.82 7.58
C HIS A 74 13.48 -28.35 8.80
N HIS A 75 14.77 -28.42 8.72
CA HIS A 75 15.63 -28.00 9.88
C HIS A 75 15.28 -26.56 10.28
N HIS A 76 14.41 -26.40 11.24
CA HIS A 76 14.04 -25.03 11.69
C HIS A 76 13.37 -25.10 13.06
N HIS A 77 13.34 -24.01 13.77
CA HIS A 77 12.70 -23.99 15.13
C HIS A 77 13.69 -24.58 16.16
N MET B 1 -1.36 -14.06 13.95
CA MET B 1 -0.93 -12.64 13.84
C MET B 1 -1.55 -12.03 12.59
N GLU B 2 -2.76 -11.53 12.70
CA GLU B 2 -3.45 -10.93 11.53
C GLU B 2 -2.89 -9.55 11.23
N LEU B 3 -3.22 -9.02 10.07
CA LEU B 3 -2.72 -7.66 9.69
C LEU B 3 -3.26 -6.63 10.67
N SER B 4 -4.52 -6.71 11.00
CA SER B 4 -5.11 -5.72 11.96
C SER B 4 -4.51 -5.92 13.35
N ASN B 5 -4.19 -7.13 13.71
CA ASN B 5 -3.61 -7.38 15.05
C ASN B 5 -2.31 -6.59 15.21
N GLU B 6 -1.45 -6.66 14.23
CA GLU B 6 -0.16 -5.90 14.33
C GLU B 6 -0.43 -4.40 14.12
N LEU B 7 -1.37 -4.07 13.27
CA LEU B 7 -1.66 -2.63 13.02
C LEU B 7 -2.12 -1.97 14.32
N LYS B 8 -3.00 -2.59 15.04
CA LYS B 8 -3.48 -2.00 16.32
C LYS B 8 -2.32 -1.93 17.33
N VAL B 9 -1.53 -2.95 17.41
CA VAL B 9 -0.39 -2.94 18.37
C VAL B 9 0.60 -1.82 17.99
N GLU B 10 0.91 -1.68 16.74
CA GLU B 10 1.86 -0.62 16.33
C GLU B 10 1.28 0.74 16.78
N ARG B 11 -0.02 0.89 16.75
CA ARG B 11 -0.62 2.18 17.21
C ARG B 11 -0.24 2.40 18.67
N ILE B 12 -0.37 1.38 19.47
CA ILE B 12 -0.03 1.51 20.93
C ILE B 12 1.46 1.84 21.08
N ARG B 13 2.30 1.19 20.34
CA ARG B 13 3.76 1.47 20.45
C ARG B 13 4.02 2.94 20.12
N LEU B 14 3.35 3.45 19.11
CA LEU B 14 3.54 4.88 18.74
C LEU B 14 2.53 5.73 19.51
N SER B 15 1.73 5.11 20.33
CA SER B 15 0.72 5.88 21.13
C SER B 15 0.05 6.93 20.24
N LEU B 16 -0.69 6.49 19.24
CA LEU B 16 -1.38 7.44 18.32
C LEU B 16 -2.89 7.32 18.51
N THR B 17 -3.61 8.41 18.34
CA THR B 17 -5.09 8.37 18.52
C THR B 17 -5.77 8.28 17.16
N ALA B 18 -6.82 7.50 17.07
CA ALA B 18 -7.55 7.36 15.79
C ALA B 18 -8.13 8.71 15.36
N LYS B 19 -8.63 9.47 16.30
CA LYS B 19 -9.21 10.80 15.97
C LYS B 19 -8.12 11.70 15.37
N SER B 20 -6.95 11.68 15.94
CA SER B 20 -5.86 12.55 15.42
C SER B 20 -5.55 12.21 13.96
N VAL B 21 -5.46 10.94 13.64
CA VAL B 21 -5.16 10.54 12.24
C VAL B 21 -6.31 10.98 11.33
N ALA B 22 -7.52 10.71 11.73
CA ALA B 22 -8.70 11.09 10.89
C ALA B 22 -8.78 12.62 10.78
N GLU B 23 -8.44 13.31 11.83
CA GLU B 23 -8.50 14.81 11.81
C GLU B 23 -7.52 15.36 10.78
N GLU B 24 -6.27 14.99 10.88
CA GLU B 24 -5.26 15.51 9.92
C GLU B 24 -5.57 14.98 8.51
N MET B 25 -5.96 13.74 8.43
CA MET B 25 -6.29 13.14 7.11
C MET B 25 -7.49 13.87 6.50
N GLY B 26 -8.45 14.25 7.29
CA GLY B 26 -9.64 14.96 6.77
C GLY B 26 -10.73 13.94 6.41
N ILE B 27 -10.81 12.87 7.16
CA ILE B 27 -11.85 11.82 6.90
C ILE B 27 -12.67 11.57 8.17
N SER B 28 -13.81 10.97 8.02
CA SER B 28 -14.69 10.70 9.19
C SER B 28 -14.01 9.71 10.15
N ARG B 29 -14.27 9.85 11.41
CA ARG B 29 -13.68 8.92 12.42
C ARG B 29 -14.15 7.50 12.12
N GLN B 30 -15.39 7.33 11.77
CA GLN B 30 -15.91 5.97 11.46
C GLN B 30 -15.15 5.40 10.25
N GLN B 31 -14.84 6.22 9.29
CA GLN B 31 -14.11 5.72 8.08
C GLN B 31 -12.76 5.16 8.53
N LEU B 32 -12.10 5.84 9.42
CA LEU B 32 -10.78 5.34 9.89
C LEU B 32 -10.98 4.01 10.61
N CYS B 33 -12.03 3.90 11.39
CA CYS B 33 -12.30 2.63 12.13
C CYS B 33 -12.42 1.47 11.13
N ASN B 34 -12.95 1.74 9.96
CA ASN B 34 -13.08 0.65 8.95
C ASN B 34 -11.69 0.14 8.58
N ILE B 35 -10.74 1.02 8.45
CA ILE B 35 -9.36 0.59 8.06
C ILE B 35 -8.77 -0.35 9.12
N GLU B 36 -8.89 -0.02 10.38
CA GLU B 36 -8.31 -0.90 11.44
C GLU B 36 -9.25 -2.07 11.72
N GLN B 37 -10.46 -1.99 11.23
CA GLN B 37 -11.45 -3.11 11.45
C GLN B 37 -11.57 -3.92 10.16
N SER B 38 -10.62 -3.79 9.28
CA SER B 38 -10.68 -4.54 8.00
C SER B 38 -10.57 -6.04 8.26
N GLU B 39 -11.03 -6.84 7.32
CA GLU B 39 -10.97 -8.33 7.48
C GLU B 39 -10.05 -8.93 6.40
N THR B 40 -10.26 -8.57 5.17
CA THR B 40 -9.42 -9.10 4.05
C THR B 40 -8.74 -7.93 3.33
N ALA B 41 -7.44 -8.02 3.12
CA ALA B 41 -6.73 -6.90 2.44
C ALA B 41 -6.93 -7.03 0.91
N PRO B 42 -7.00 -5.92 0.20
CA PRO B 42 -7.17 -5.94 -1.29
C PRO B 42 -5.92 -6.44 -2.03
N VAL B 43 -6.09 -7.00 -3.20
CA VAL B 43 -4.93 -7.52 -3.98
C VAL B 43 -4.03 -6.35 -4.42
N VAL B 44 -4.62 -5.20 -4.64
CA VAL B 44 -3.81 -4.02 -5.08
C VAL B 44 -2.53 -3.92 -4.25
N VAL B 45 -2.60 -4.24 -3.00
CA VAL B 45 -1.39 -4.18 -2.13
C VAL B 45 -0.34 -5.15 -2.64
N LYS B 46 -0.73 -6.34 -2.97
CA LYS B 46 0.24 -7.34 -3.48
C LYS B 46 0.84 -6.83 -4.79
N TYR B 47 0.02 -6.28 -5.65
CA TYR B 47 0.54 -5.75 -6.94
C TYR B 47 1.55 -4.64 -6.67
N ILE B 48 1.23 -3.74 -5.78
CA ILE B 48 2.17 -2.63 -5.46
C ILE B 48 3.47 -3.20 -4.90
N ALA B 49 3.37 -4.17 -4.03
CA ALA B 49 4.60 -4.77 -3.45
C ALA B 49 5.49 -5.29 -4.59
N PHE B 50 4.89 -5.83 -5.62
CA PHE B 50 5.70 -6.34 -6.75
C PHE B 50 6.51 -5.18 -7.33
N LEU B 51 5.87 -4.05 -7.54
CA LEU B 51 6.60 -2.88 -8.10
C LEU B 51 7.70 -2.45 -7.12
N ARG B 52 7.40 -2.46 -5.85
CA ARG B 52 8.42 -2.05 -4.84
C ARG B 52 9.60 -3.02 -4.88
N SER B 53 9.34 -4.28 -5.09
CA SER B 53 10.44 -5.27 -5.15
C SER B 53 11.45 -4.85 -6.21
N LYS B 54 10.99 -4.26 -7.28
CA LYS B 54 11.92 -3.84 -8.36
C LYS B 54 12.43 -2.41 -8.06
N GLY B 55 11.99 -1.84 -6.98
CA GLY B 55 12.46 -0.46 -6.63
C GLY B 55 11.80 0.57 -7.54
N VAL B 56 10.65 0.27 -8.08
CA VAL B 56 9.96 1.24 -8.97
C VAL B 56 9.80 2.59 -8.26
N ASP B 57 9.89 3.67 -8.99
CA ASP B 57 9.74 5.01 -8.35
C ASP B 57 8.30 5.15 -7.84
N LEU B 58 7.97 4.43 -6.80
CA LEU B 58 6.60 4.51 -6.22
C LEU B 58 6.56 5.61 -5.18
N ASN B 59 7.71 6.12 -4.82
CA ASN B 59 7.77 7.18 -3.78
C ASN B 59 7.01 8.41 -4.30
N ALA B 60 7.21 8.74 -5.55
CA ALA B 60 6.54 9.93 -6.15
C ALA B 60 5.03 9.70 -6.23
N LEU B 61 4.61 8.52 -6.59
CA LEU B 61 3.16 8.25 -6.70
C LEU B 61 2.51 8.43 -5.32
N PHE B 62 3.12 7.92 -4.28
CA PHE B 62 2.54 8.07 -2.92
C PHE B 62 2.57 9.54 -2.50
N ASP B 63 3.66 10.22 -2.74
CA ASP B 63 3.75 11.65 -2.34
C ASP B 63 2.48 12.38 -2.77
N ARG B 64 2.02 12.15 -3.97
CA ARG B 64 0.79 12.83 -4.43
C ARG B 64 -0.43 12.25 -3.71
N ILE B 65 -0.50 10.95 -3.55
CA ILE B 65 -1.69 10.35 -2.88
C ILE B 65 -1.76 10.82 -1.42
N ILE B 66 -0.65 10.84 -0.74
CA ILE B 66 -0.65 11.28 0.68
C ILE B 66 -1.17 12.72 0.79
N VAL B 67 -2.47 12.88 0.86
CA VAL B 67 -3.07 14.24 0.99
C VAL B 67 -2.66 15.12 -0.20
N ASN B 68 -3.59 15.90 -0.73
CA ASN B 68 -3.26 16.78 -1.88
C ASN B 68 -2.63 18.08 -1.37
N LYS B 69 -1.54 18.47 -1.97
CA LYS B 69 -0.86 19.73 -1.54
C LYS B 69 -1.65 20.94 -2.03
N LEU B 70 -1.81 21.93 -1.18
CA LEU B 70 -2.57 23.15 -1.58
C LEU B 70 -1.75 24.40 -1.22
N GLU B 71 -1.96 24.94 -0.03
CA GLU B 71 -1.21 26.16 0.43
C GLU B 71 -0.88 27.07 -0.76
N HIS B 72 0.19 27.81 -0.68
CA HIS B 72 0.58 28.73 -1.79
C HIS B 72 1.76 28.10 -2.56
N HIS B 73 2.95 28.25 -2.04
CA HIS B 73 4.15 27.69 -2.73
C HIS B 73 4.11 28.13 -4.20
N HIS B 74 4.26 29.40 -4.45
CA HIS B 74 4.22 29.89 -5.85
C HIS B 74 5.61 29.76 -6.50
N HIS B 75 5.83 30.41 -7.61
CA HIS B 75 7.15 30.31 -8.29
C HIS B 75 7.51 28.84 -8.46
N HIS B 76 6.58 27.96 -8.22
CA HIS B 76 6.85 26.51 -8.35
C HIS B 76 7.18 26.17 -9.81
N HIS B 77 6.58 25.12 -10.32
CA HIS B 77 6.83 24.70 -11.73
C HIS B 77 6.87 25.93 -12.65
N MET A 1 -2.18 12.16 -11.04
CA MET A 1 -2.82 12.19 -12.38
C MET A 1 -3.24 10.77 -12.79
N GLU A 2 -4.41 10.35 -12.38
CA GLU A 2 -4.87 8.97 -12.74
C GLU A 2 -3.85 7.95 -12.24
N LEU A 3 -4.14 7.30 -11.14
CA LEU A 3 -3.19 6.29 -10.60
C LEU A 3 -3.01 5.14 -11.61
N SER A 4 -4.08 4.71 -12.22
CA SER A 4 -3.97 3.59 -13.19
C SER A 4 -3.04 3.97 -14.35
N ASN A 5 -3.14 5.17 -14.84
CA ASN A 5 -2.26 5.58 -15.97
C ASN A 5 -0.79 5.65 -15.51
N GLU A 6 -0.55 6.31 -14.42
CA GLU A 6 0.86 6.41 -13.91
C GLU A 6 1.36 4.98 -13.65
N LEU A 7 0.55 4.19 -13.03
CA LEU A 7 0.95 2.78 -12.76
C LEU A 7 1.15 2.06 -14.10
N LYS A 8 0.26 2.29 -15.03
CA LYS A 8 0.38 1.63 -16.37
C LYS A 8 1.65 2.10 -17.06
N VAL A 9 2.02 3.34 -16.89
CA VAL A 9 3.26 3.85 -17.55
C VAL A 9 4.47 3.06 -17.04
N GLU A 10 4.58 2.85 -15.76
CA GLU A 10 5.73 2.09 -15.22
C GLU A 10 5.62 0.63 -15.70
N ARG A 11 4.42 0.10 -15.76
CA ARG A 11 4.25 -1.30 -16.23
C ARG A 11 4.81 -1.40 -17.65
N ILE A 12 4.50 -0.43 -18.47
CA ILE A 12 5.04 -0.42 -19.86
C ILE A 12 6.55 -0.18 -19.81
N ARG A 13 6.97 0.73 -18.96
CA ARG A 13 8.42 1.05 -18.86
C ARG A 13 9.21 -0.24 -18.61
N LEU A 14 8.75 -1.07 -17.70
CA LEU A 14 9.47 -2.35 -17.43
C LEU A 14 8.81 -3.46 -18.24
N SER A 15 7.76 -3.14 -18.96
CA SER A 15 7.06 -4.16 -19.79
C SER A 15 6.88 -5.44 -18.97
N LEU A 16 5.90 -5.48 -18.10
CA LEU A 16 5.67 -6.70 -17.28
C LEU A 16 4.72 -7.65 -18.01
N THR A 17 4.77 -8.91 -17.67
CA THR A 17 3.87 -9.91 -18.33
C THR A 17 2.65 -10.15 -17.44
N ALA A 18 1.48 -10.05 -17.99
CA ALA A 18 0.25 -10.28 -17.18
C ALA A 18 0.21 -11.75 -16.73
N LYS A 19 0.66 -12.65 -17.56
CA LYS A 19 0.64 -14.08 -17.19
C LYS A 19 1.55 -14.32 -15.97
N SER A 20 2.73 -13.79 -16.00
CA SER A 20 3.67 -13.99 -14.85
C SER A 20 3.09 -13.33 -13.59
N VAL A 21 2.60 -12.14 -13.72
CA VAL A 21 2.03 -11.44 -12.53
C VAL A 21 0.80 -12.20 -12.00
N ALA A 22 -0.08 -12.61 -12.88
CA ALA A 22 -1.30 -13.35 -12.42
C ALA A 22 -0.91 -14.68 -11.80
N GLU A 23 0.07 -15.37 -12.34
CA GLU A 23 0.47 -16.69 -11.78
C GLU A 23 1.04 -16.48 -10.37
N GLU A 24 1.92 -15.54 -10.21
CA GLU A 24 2.53 -15.29 -8.86
C GLU A 24 1.47 -14.70 -7.92
N MET A 25 0.69 -13.76 -8.39
CA MET A 25 -0.36 -13.14 -7.53
C MET A 25 -1.42 -14.19 -7.18
N GLY A 26 -1.76 -15.04 -8.12
CA GLY A 26 -2.80 -16.08 -7.84
C GLY A 26 -4.18 -15.53 -8.18
N ILE A 27 -4.25 -14.65 -9.14
CA ILE A 27 -5.58 -14.06 -9.55
C ILE A 27 -5.79 -14.26 -11.05
N SER A 28 -7.00 -14.09 -11.51
CA SER A 28 -7.29 -14.28 -12.96
C SER A 28 -6.70 -13.13 -13.78
N ARG A 29 -6.38 -13.39 -15.01
CA ARG A 29 -5.81 -12.32 -15.88
C ARG A 29 -6.84 -11.21 -16.06
N GLN A 30 -8.09 -11.55 -16.13
CA GLN A 30 -9.14 -10.50 -16.27
C GLN A 30 -9.10 -9.59 -15.03
N GLN A 31 -8.90 -10.16 -13.88
CA GLN A 31 -8.85 -9.33 -12.64
C GLN A 31 -7.66 -8.37 -12.71
N LEU A 32 -6.51 -8.86 -13.13
CA LEU A 32 -5.31 -7.98 -13.21
C LEU A 32 -5.57 -6.89 -14.25
N CYS A 33 -6.16 -7.24 -15.36
CA CYS A 33 -6.45 -6.23 -16.42
C CYS A 33 -7.43 -5.18 -15.88
N ASN A 34 -8.35 -5.59 -15.04
CA ASN A 34 -9.34 -4.62 -14.50
C ASN A 34 -8.61 -3.54 -13.67
N ILE A 35 -7.63 -3.94 -12.90
CA ILE A 35 -6.89 -2.94 -12.07
C ILE A 35 -6.14 -1.96 -12.98
N GLU A 36 -5.48 -2.46 -13.98
CA GLU A 36 -4.74 -1.56 -14.89
C GLU A 36 -5.71 -0.63 -15.59
N GLN A 37 -6.96 -1.02 -15.68
CA GLN A 37 -7.97 -0.15 -16.33
C GLN A 37 -8.66 0.72 -15.28
N SER A 38 -8.36 0.49 -14.03
CA SER A 38 -8.98 1.31 -12.95
C SER A 38 -8.36 0.93 -11.60
N GLU A 39 -7.75 1.89 -10.93
CA GLU A 39 -7.12 1.62 -9.60
C GLU A 39 -7.89 2.38 -8.53
N THR A 40 -8.34 1.70 -7.52
CA THR A 40 -9.10 2.37 -6.42
C THR A 40 -8.16 2.66 -5.26
N ALA A 41 -8.22 3.85 -4.70
CA ALA A 41 -7.33 4.21 -3.55
C ALA A 41 -8.17 4.39 -2.29
N PRO A 42 -8.37 3.34 -1.52
CA PRO A 42 -9.19 3.42 -0.27
C PRO A 42 -8.44 4.08 0.89
N VAL A 43 -9.16 4.49 1.90
CA VAL A 43 -8.52 5.15 3.07
C VAL A 43 -7.48 4.20 3.68
N VAL A 44 -7.60 2.93 3.41
CA VAL A 44 -6.62 1.95 3.97
C VAL A 44 -5.22 2.29 3.46
N VAL A 45 -5.09 2.56 2.19
CA VAL A 45 -3.75 2.89 1.63
C VAL A 45 -3.21 4.16 2.30
N LYS A 46 -4.03 5.17 2.41
CA LYS A 46 -3.55 6.43 3.06
C LYS A 46 -3.19 6.14 4.52
N TYR A 47 -3.93 5.30 5.17
CA TYR A 47 -3.62 4.97 6.59
C TYR A 47 -2.17 4.49 6.68
N ILE A 48 -1.77 3.65 5.76
CA ILE A 48 -0.39 3.13 5.76
C ILE A 48 0.60 4.28 5.59
N ALA A 49 0.32 5.16 4.67
CA ALA A 49 1.25 6.31 4.46
C ALA A 49 1.32 7.15 5.74
N PHE A 50 0.25 7.18 6.49
CA PHE A 50 0.26 7.97 7.74
C PHE A 50 1.34 7.42 8.67
N LEU A 51 1.41 6.13 8.79
CA LEU A 51 2.45 5.51 9.67
C LEU A 51 3.84 5.86 9.12
N ARG A 52 3.99 5.87 7.82
CA ARG A 52 5.32 6.19 7.23
C ARG A 52 5.76 7.59 7.67
N SER A 53 4.83 8.49 7.86
CA SER A 53 5.22 9.86 8.29
C SER A 53 6.07 9.79 9.55
N LYS A 54 5.75 8.90 10.45
CA LYS A 54 6.53 8.77 11.70
C LYS A 54 7.76 7.88 11.46
N GLY A 55 7.91 7.39 10.26
CA GLY A 55 9.10 6.53 9.95
C GLY A 55 8.83 5.08 10.39
N VAL A 56 7.59 4.66 10.45
CA VAL A 56 7.30 3.25 10.86
C VAL A 56 7.79 2.31 9.75
N ASP A 57 8.49 1.27 10.11
CA ASP A 57 9.03 0.32 9.09
C ASP A 57 7.93 -0.64 8.64
N LEU A 58 7.20 -0.27 7.62
CA LEU A 58 6.13 -1.16 7.11
C LEU A 58 6.72 -2.13 6.08
N ASN A 59 7.82 -1.78 5.49
CA ASN A 59 8.45 -2.65 4.47
C ASN A 59 8.92 -3.95 5.14
N ALA A 60 9.48 -3.84 6.31
CA ALA A 60 9.98 -5.05 7.02
C ALA A 60 8.80 -5.99 7.33
N LEU A 61 7.76 -5.49 7.90
CA LEU A 61 6.60 -6.37 8.23
C LEU A 61 5.99 -6.92 6.94
N PHE A 62 5.83 -6.07 5.95
CA PHE A 62 5.24 -6.53 4.66
C PHE A 62 6.19 -7.51 3.96
N ASP A 63 7.46 -7.19 3.89
CA ASP A 63 8.42 -8.09 3.20
C ASP A 63 8.52 -9.42 3.95
N ARG A 64 8.37 -9.38 5.24
CA ARG A 64 8.43 -10.63 6.04
C ARG A 64 7.25 -11.53 5.67
N ILE A 65 6.08 -10.98 5.58
CA ILE A 65 4.87 -11.80 5.26
C ILE A 65 4.83 -12.18 3.77
N ILE A 66 4.56 -11.25 2.90
CA ILE A 66 4.47 -11.56 1.44
C ILE A 66 3.74 -12.89 1.25
N VAL A 67 2.48 -12.93 1.58
CA VAL A 67 1.69 -14.18 1.43
C VAL A 67 0.73 -14.04 0.24
N ASN A 68 0.76 -14.99 -0.66
CA ASN A 68 -0.12 -14.92 -1.85
C ASN A 68 -1.53 -15.37 -1.48
N LYS A 69 -2.50 -15.02 -2.27
CA LYS A 69 -3.91 -15.43 -1.97
C LYS A 69 -4.00 -16.96 -2.00
N LEU A 70 -3.40 -17.59 -3.00
CA LEU A 70 -3.46 -19.08 -3.11
C LEU A 70 -4.87 -19.59 -2.75
N GLU A 71 -5.84 -19.29 -3.58
CA GLU A 71 -7.25 -19.72 -3.31
C GLU A 71 -7.57 -19.58 -1.82
N HIS A 72 -8.15 -18.48 -1.44
CA HIS A 72 -8.52 -18.26 -0.01
C HIS A 72 -9.91 -18.83 0.25
N HIS A 73 -10.29 -18.97 1.48
CA HIS A 73 -11.64 -19.53 1.81
C HIS A 73 -12.23 -18.76 3.00
N HIS A 74 -13.10 -17.82 2.76
CA HIS A 74 -13.70 -17.05 3.88
C HIS A 74 -14.82 -17.89 4.51
N HIS A 75 -15.38 -18.80 3.73
CA HIS A 75 -16.47 -19.67 4.26
C HIS A 75 -17.42 -18.84 5.14
N HIS A 76 -17.51 -17.56 4.92
CA HIS A 76 -18.40 -16.72 5.77
C HIS A 76 -19.86 -17.03 5.43
N HIS A 77 -20.26 -18.26 5.62
CA HIS A 77 -21.66 -18.66 5.33
C HIS A 77 -22.51 -18.47 6.59
N MET B 1 0.76 -15.02 10.05
CA MET B 1 -0.04 -14.21 11.02
C MET B 1 -0.90 -13.20 10.26
N GLU B 2 -1.98 -12.76 10.84
CA GLU B 2 -2.86 -11.79 10.14
C GLU B 2 -2.14 -10.44 9.99
N LEU B 3 -2.06 -9.93 8.79
CA LEU B 3 -1.39 -8.61 8.55
C LEU B 3 -2.17 -7.50 9.26
N SER B 4 -3.47 -7.54 9.21
CA SER B 4 -4.28 -6.48 9.87
C SER B 4 -3.92 -6.44 11.36
N ASN B 5 -3.72 -7.58 11.96
CA ASN B 5 -3.37 -7.62 13.40
C ASN B 5 -2.04 -6.87 13.62
N GLU B 6 -1.11 -7.03 12.72
CA GLU B 6 0.20 -6.34 12.86
C GLU B 6 -0.03 -4.82 12.93
N LEU B 7 -0.90 -4.31 12.08
CA LEU B 7 -1.17 -2.85 12.09
C LEU B 7 -1.79 -2.45 13.43
N LYS B 8 -2.68 -3.25 13.97
CA LYS B 8 -3.29 -2.89 15.28
C LYS B 8 -2.21 -2.83 16.35
N VAL B 9 -1.25 -3.72 16.27
CA VAL B 9 -0.18 -3.71 17.31
C VAL B 9 0.55 -2.36 17.29
N GLU B 10 0.92 -1.87 16.13
CA GLU B 10 1.62 -0.57 16.07
C GLU B 10 0.70 0.55 16.60
N ARG B 11 -0.57 0.46 16.30
CA ARG B 11 -1.54 1.48 16.78
C ARG B 11 -1.51 1.50 18.31
N ILE B 12 -1.58 0.34 18.90
CA ILE B 12 -1.56 0.23 20.39
C ILE B 12 -0.14 0.51 20.89
N ARG B 13 0.85 0.10 20.14
CA ARG B 13 2.26 0.31 20.57
C ARG B 13 2.52 1.80 20.77
N LEU B 14 2.09 2.61 19.84
CA LEU B 14 2.30 4.08 19.95
C LEU B 14 1.02 4.73 20.50
N SER B 15 0.01 3.93 20.76
CA SER B 15 -1.27 4.48 21.29
C SER B 15 -1.62 5.78 20.56
N LEU B 16 -1.95 5.69 19.30
CA LEU B 16 -2.28 6.93 18.53
C LEU B 16 -3.72 7.36 18.85
N THR B 17 -4.02 8.62 18.67
CA THR B 17 -5.39 9.12 18.98
C THR B 17 -6.22 9.18 17.71
N ALA B 18 -7.48 8.82 17.78
CA ALA B 18 -8.35 8.85 16.58
C ALA B 18 -8.49 10.29 16.09
N LYS B 19 -8.55 11.22 17.00
CA LYS B 19 -8.70 12.65 16.59
C LYS B 19 -7.49 13.07 15.75
N SER B 20 -6.30 12.73 16.16
CA SER B 20 -5.09 13.13 15.38
C SER B 20 -5.12 12.49 13.99
N VAL B 21 -5.32 11.20 13.92
CA VAL B 21 -5.35 10.53 12.58
C VAL B 21 -6.57 10.99 11.80
N ALA B 22 -7.72 11.03 12.42
CA ALA B 22 -8.95 11.47 11.72
C ALA B 22 -8.83 12.93 11.29
N GLU B 23 -8.19 13.75 12.10
CA GLU B 23 -8.06 15.20 11.73
C GLU B 23 -7.29 15.35 10.41
N GLU B 24 -6.12 14.77 10.30
CA GLU B 24 -5.36 14.92 9.03
C GLU B 24 -6.06 14.16 7.90
N MET B 25 -6.58 13.00 8.19
CA MET B 25 -7.27 12.21 7.14
C MET B 25 -8.53 12.95 6.68
N GLY B 26 -9.23 13.58 7.59
CA GLY B 26 -10.46 14.33 7.18
C GLY B 26 -11.66 13.37 7.14
N ILE B 27 -11.64 12.35 7.96
CA ILE B 27 -12.78 11.37 7.98
C ILE B 27 -13.36 11.30 9.40
N SER B 28 -14.54 10.75 9.52
CA SER B 28 -15.18 10.65 10.86
C SER B 28 -14.49 9.57 11.69
N ARG B 29 -14.70 9.60 12.98
CA ARG B 29 -14.06 8.57 13.86
C ARG B 29 -14.60 7.19 13.48
N GLN B 30 -15.85 7.09 13.14
CA GLN B 30 -16.43 5.76 12.76
C GLN B 30 -15.67 5.22 11.55
N GLN B 31 -15.38 6.07 10.59
CA GLN B 31 -14.63 5.59 9.39
C GLN B 31 -13.25 5.13 9.82
N LEU B 32 -12.59 5.89 10.66
CA LEU B 32 -11.24 5.49 11.11
C LEU B 32 -11.33 4.19 11.90
N CYS B 33 -12.31 4.06 12.75
CA CYS B 33 -12.44 2.82 13.56
C CYS B 33 -12.59 1.61 12.62
N ASN B 34 -13.26 1.77 11.51
CA ASN B 34 -13.43 0.63 10.57
C ASN B 34 -12.05 0.20 10.05
N ILE B 35 -11.20 1.14 9.73
CA ILE B 35 -9.85 0.77 9.22
C ILE B 35 -9.08 -0.01 10.29
N GLU B 36 -9.07 0.48 11.49
CA GLU B 36 -8.34 -0.23 12.58
C GLU B 36 -9.07 -1.55 12.90
N GLN B 37 -10.38 -1.57 12.77
CA GLN B 37 -11.13 -2.82 13.09
C GLN B 37 -11.18 -3.72 11.85
N SER B 38 -10.65 -3.28 10.75
CA SER B 38 -10.67 -4.14 9.53
C SER B 38 -9.81 -3.50 8.44
N GLU B 39 -8.63 -4.00 8.25
CA GLU B 39 -7.72 -3.44 7.20
C GLU B 39 -7.95 -4.23 5.90
N THR B 40 -8.71 -3.67 5.01
CA THR B 40 -8.98 -4.38 3.72
C THR B 40 -7.71 -4.46 2.89
N ALA B 41 -7.45 -5.60 2.29
CA ALA B 41 -6.23 -5.77 1.44
C ALA B 41 -6.64 -6.16 0.03
N PRO B 42 -7.00 -5.21 -0.79
CA PRO B 42 -7.42 -5.49 -2.20
C PRO B 42 -6.24 -5.83 -3.12
N VAL B 43 -6.53 -6.50 -4.20
CA VAL B 43 -5.45 -6.89 -5.15
C VAL B 43 -4.57 -5.68 -5.49
N VAL B 44 -5.02 -4.50 -5.20
CA VAL B 44 -4.20 -3.29 -5.51
C VAL B 44 -2.87 -3.38 -4.75
N VAL B 45 -2.93 -3.71 -3.49
CA VAL B 45 -1.68 -3.82 -2.68
C VAL B 45 -0.80 -4.90 -3.30
N LYS B 46 -1.39 -6.01 -3.67
CA LYS B 46 -0.59 -7.12 -4.27
C LYS B 46 0.09 -6.62 -5.55
N TYR B 47 -0.57 -5.79 -6.31
CA TYR B 47 0.03 -5.27 -7.57
C TYR B 47 1.34 -4.53 -7.23
N ILE B 48 1.30 -3.66 -6.26
CA ILE B 48 2.52 -2.91 -5.88
C ILE B 48 3.59 -3.88 -5.41
N ALA B 49 3.22 -4.84 -4.61
CA ALA B 49 4.23 -5.82 -4.11
C ALA B 49 5.01 -6.38 -5.30
N PHE B 50 4.34 -6.75 -6.35
CA PHE B 50 5.05 -7.31 -7.53
C PHE B 50 6.03 -6.25 -8.07
N LEU B 51 5.60 -5.02 -8.16
CA LEU B 51 6.50 -3.95 -8.67
C LEU B 51 7.69 -3.80 -7.72
N ARG B 52 7.46 -3.93 -6.44
CA ARG B 52 8.60 -3.80 -5.47
C ARG B 52 9.65 -4.86 -5.78
N SER B 53 9.25 -5.99 -6.30
CA SER B 53 10.24 -7.05 -6.60
C SER B 53 11.36 -6.46 -7.46
N LYS B 54 11.03 -5.52 -8.32
CA LYS B 54 12.07 -4.89 -9.18
C LYS B 54 12.56 -3.59 -8.52
N GLY B 55 11.99 -3.23 -7.42
CA GLY B 55 12.43 -1.98 -6.71
C GLY B 55 11.88 -0.75 -7.44
N VAL B 56 10.65 -0.78 -7.87
CA VAL B 56 10.08 0.39 -8.59
C VAL B 56 9.97 1.58 -7.62
N ASP B 57 10.38 2.74 -8.06
CA ASP B 57 10.32 3.94 -7.16
C ASP B 57 8.91 4.10 -6.58
N LEU B 58 8.65 3.45 -5.49
CA LEU B 58 7.29 3.58 -4.86
C LEU B 58 7.30 4.73 -3.86
N ASN B 59 8.43 5.03 -3.29
CA ASN B 59 8.50 6.14 -2.29
C ASN B 59 8.15 7.47 -2.96
N ALA B 60 8.70 7.71 -4.12
CA ALA B 60 8.39 8.98 -4.83
C ALA B 60 6.94 8.96 -5.33
N LEU B 61 6.49 7.84 -5.80
CA LEU B 61 5.09 7.75 -6.30
C LEU B 61 4.11 8.06 -5.17
N PHE B 62 4.34 7.50 -4.01
CA PHE B 62 3.43 7.78 -2.86
C PHE B 62 3.58 9.24 -2.40
N ASP B 63 4.77 9.76 -2.40
CA ASP B 63 4.98 11.16 -1.91
C ASP B 63 4.10 12.14 -2.71
N ARG B 64 4.10 12.04 -4.01
CA ARG B 64 3.26 12.96 -4.82
C ARG B 64 1.77 12.72 -4.57
N ILE B 65 1.37 11.48 -4.40
CA ILE B 65 -0.06 11.17 -4.18
C ILE B 65 -0.56 11.79 -2.86
N ILE B 66 0.21 11.68 -1.80
CA ILE B 66 -0.25 12.25 -0.49
C ILE B 66 -0.94 13.60 -0.68
N VAL B 67 -2.24 13.61 -0.66
CA VAL B 67 -3.02 14.87 -0.83
C VAL B 67 -4.33 14.76 -0.03
N ASN B 68 -4.68 13.56 0.36
CA ASN B 68 -5.93 13.33 1.16
C ASN B 68 -7.17 13.42 0.25
N LYS B 69 -8.15 12.60 0.51
CA LYS B 69 -9.40 12.62 -0.31
C LYS B 69 -10.13 13.95 -0.11
N LEU B 70 -10.16 14.43 1.11
CA LEU B 70 -10.85 15.72 1.40
C LEU B 70 -12.32 15.64 0.96
N GLU B 71 -12.94 16.77 0.77
CA GLU B 71 -14.37 16.79 0.34
C GLU B 71 -14.42 16.78 -1.20
N HIS B 72 -15.06 15.78 -1.76
CA HIS B 72 -15.16 15.68 -3.25
C HIS B 72 -16.63 15.55 -3.65
N HIS B 73 -16.90 15.30 -4.90
CA HIS B 73 -18.32 15.16 -5.37
C HIS B 73 -18.39 14.04 -6.41
N HIS B 74 -19.36 13.17 -6.31
CA HIS B 74 -19.47 12.07 -7.31
C HIS B 74 -20.23 12.61 -8.52
N HIS B 75 -19.78 12.31 -9.71
CA HIS B 75 -20.47 12.84 -10.92
C HIS B 75 -21.71 11.98 -11.18
N HIS B 76 -21.94 10.99 -10.37
CA HIS B 76 -23.13 10.11 -10.56
C HIS B 76 -24.39 10.96 -10.76
N HIS B 77 -25.51 10.32 -11.02
CA HIS B 77 -26.79 11.06 -11.23
C HIS B 77 -26.66 12.00 -12.44
N MET A 1 1.23 13.40 -13.04
CA MET A 1 0.71 12.00 -13.21
C MET A 1 0.04 11.55 -11.90
N GLU A 2 -1.09 10.89 -12.01
CA GLU A 2 -1.79 10.42 -10.80
C GLU A 2 -1.16 9.10 -10.32
N LEU A 3 -1.56 8.60 -9.18
CA LEU A 3 -0.98 7.32 -8.67
C LEU A 3 -1.27 6.18 -9.65
N SER A 4 -2.48 6.09 -10.13
CA SER A 4 -2.83 5.02 -11.09
C SER A 4 -2.25 5.36 -12.45
N ASN A 5 -2.17 6.62 -12.77
CA ASN A 5 -1.63 7.04 -14.10
C ASN A 5 -0.16 6.64 -14.19
N GLU A 6 0.61 6.92 -13.17
CA GLU A 6 2.06 6.56 -13.21
C GLU A 6 2.22 5.05 -13.08
N LEU A 7 1.42 4.42 -12.27
CA LEU A 7 1.53 2.95 -12.10
C LEU A 7 1.24 2.28 -13.44
N LYS A 8 0.26 2.77 -14.14
CA LYS A 8 -0.11 2.19 -15.45
C LYS A 8 1.07 2.35 -16.43
N VAL A 9 1.76 3.46 -16.35
CA VAL A 9 2.92 3.68 -17.26
C VAL A 9 3.97 2.60 -16.99
N GLU A 10 4.24 2.31 -15.74
CA GLU A 10 5.25 1.27 -15.41
C GLU A 10 4.85 -0.03 -16.08
N ARG A 11 3.59 -0.35 -16.09
CA ARG A 11 3.15 -1.61 -16.75
C ARG A 11 3.54 -1.56 -18.24
N ILE A 12 3.21 -0.49 -18.89
CA ILE A 12 3.56 -0.37 -20.35
C ILE A 12 5.09 -0.32 -20.50
N ARG A 13 5.75 0.45 -19.66
CA ARG A 13 7.23 0.55 -19.76
C ARG A 13 7.87 -0.80 -19.45
N LEU A 14 7.37 -1.49 -18.47
CA LEU A 14 7.95 -2.81 -18.11
C LEU A 14 7.33 -3.88 -19.03
N SER A 15 6.40 -3.48 -19.86
CA SER A 15 5.76 -4.43 -20.79
C SER A 15 5.41 -5.73 -20.06
N LEU A 16 4.45 -5.68 -19.16
CA LEU A 16 4.05 -6.91 -18.40
C LEU A 16 2.74 -7.44 -18.96
N THR A 17 2.57 -8.74 -18.91
CA THR A 17 1.32 -9.36 -19.44
C THR A 17 0.35 -9.64 -18.29
N ALA A 18 -0.88 -9.24 -18.45
CA ALA A 18 -1.89 -9.48 -17.39
C ALA A 18 -2.07 -10.98 -17.18
N LYS A 19 -1.99 -11.74 -18.23
CA LYS A 19 -2.16 -13.21 -18.12
C LYS A 19 -1.07 -13.81 -17.23
N SER A 20 0.17 -13.43 -17.46
CA SER A 20 1.28 -13.98 -16.64
C SER A 20 1.08 -13.65 -15.17
N VAL A 21 0.72 -12.42 -14.88
CA VAL A 21 0.52 -12.01 -13.46
C VAL A 21 -0.72 -12.73 -12.89
N ALA A 22 -1.77 -12.79 -13.66
CA ALA A 22 -3.03 -13.45 -13.17
C ALA A 22 -2.74 -14.90 -12.77
N GLU A 23 -2.05 -15.63 -13.61
CA GLU A 23 -1.77 -17.06 -13.29
C GLU A 23 -0.93 -17.16 -12.01
N GLU A 24 0.08 -16.34 -11.88
CA GLU A 24 0.95 -16.41 -10.67
C GLU A 24 0.19 -15.89 -9.44
N MET A 25 -0.42 -14.73 -9.55
CA MET A 25 -1.17 -14.17 -8.40
C MET A 25 -2.36 -15.06 -8.07
N GLY A 26 -3.00 -15.59 -9.07
CA GLY A 26 -4.19 -16.47 -8.83
C GLY A 26 -5.46 -15.64 -8.91
N ILE A 27 -5.48 -14.61 -9.73
CA ILE A 27 -6.69 -13.75 -9.87
C ILE A 27 -7.12 -13.68 -11.33
N SER A 28 -8.35 -13.29 -11.57
CA SER A 28 -8.85 -13.20 -12.96
C SER A 28 -8.29 -11.95 -13.65
N ARG A 29 -8.35 -11.92 -14.95
CA ARG A 29 -7.84 -10.76 -15.70
C ARG A 29 -8.66 -9.52 -15.32
N GLN A 30 -9.93 -9.71 -15.05
CA GLN A 30 -10.80 -8.56 -14.67
C GLN A 30 -10.33 -7.98 -13.33
N GLN A 31 -9.97 -8.82 -12.40
CA GLN A 31 -9.50 -8.33 -11.08
C GLN A 31 -8.26 -7.46 -11.29
N LEU A 32 -7.38 -7.90 -12.15
CA LEU A 32 -6.15 -7.11 -12.41
C LEU A 32 -6.53 -5.78 -13.03
N CYS A 33 -7.47 -5.79 -13.95
CA CYS A 33 -7.89 -4.54 -14.62
C CYS A 33 -8.59 -3.62 -13.61
N ASN A 34 -9.28 -4.18 -12.66
CA ASN A 34 -10.00 -3.35 -11.66
C ASN A 34 -8.99 -2.46 -10.90
N ILE A 35 -7.89 -3.01 -10.50
CA ILE A 35 -6.90 -2.20 -9.75
C ILE A 35 -6.37 -1.07 -10.64
N GLU A 36 -6.04 -1.37 -11.86
CA GLU A 36 -5.53 -0.33 -12.79
C GLU A 36 -6.69 0.52 -13.30
N GLN A 37 -7.91 0.14 -12.98
CA GLN A 37 -9.10 0.93 -13.45
C GLN A 37 -9.70 1.66 -12.26
N SER A 38 -9.46 1.19 -11.07
CA SER A 38 -10.03 1.85 -9.86
C SER A 38 -9.13 3.02 -9.44
N GLU A 39 -8.99 3.24 -8.15
CA GLU A 39 -8.14 4.36 -7.66
C GLU A 39 -6.70 3.88 -7.53
N THR A 40 -6.50 2.59 -7.48
CA THR A 40 -5.13 2.03 -7.33
C THR A 40 -4.51 2.52 -6.02
N ALA A 41 -5.18 3.39 -5.31
CA ALA A 41 -4.65 3.91 -4.02
C ALA A 41 -5.73 3.82 -2.94
N PRO A 42 -5.87 2.68 -2.30
CA PRO A 42 -6.90 2.48 -1.24
C PRO A 42 -6.59 3.24 0.06
N VAL A 43 -7.59 3.49 0.87
CA VAL A 43 -7.36 4.21 2.14
C VAL A 43 -6.30 3.47 2.96
N VAL A 44 -6.05 2.24 2.63
CA VAL A 44 -5.03 1.46 3.37
C VAL A 44 -3.67 2.15 3.24
N VAL A 45 -3.36 2.61 2.06
CA VAL A 45 -2.05 3.30 1.84
C VAL A 45 -1.98 4.53 2.73
N LYS A 46 -3.04 5.29 2.80
CA LYS A 46 -3.03 6.51 3.65
C LYS A 46 -2.79 6.11 5.11
N TYR A 47 -3.38 5.03 5.54
CA TYR A 47 -3.16 4.58 6.93
C TYR A 47 -1.65 4.41 7.14
N ILE A 48 -1.01 3.75 6.23
CA ILE A 48 0.46 3.51 6.35
C ILE A 48 1.19 4.86 6.32
N ALA A 49 0.80 5.75 5.45
CA ALA A 49 1.48 7.08 5.36
C ALA A 49 1.29 7.83 6.68
N PHE A 50 0.11 7.75 7.24
CA PHE A 50 -0.17 8.48 8.51
C PHE A 50 0.75 7.94 9.63
N LEU A 51 0.91 6.64 9.69
CA LEU A 51 1.78 6.04 10.75
C LEU A 51 3.22 6.56 10.58
N ARG A 52 3.65 6.70 9.35
CA ARG A 52 5.02 7.20 9.10
C ARG A 52 5.17 8.61 9.67
N SER A 53 4.13 9.40 9.62
CA SER A 53 4.22 10.79 10.16
C SER A 53 4.68 10.75 11.62
N LYS A 54 4.47 9.64 12.29
CA LYS A 54 4.89 9.53 13.71
C LYS A 54 6.28 8.88 13.79
N GLY A 55 6.79 8.46 12.66
CA GLY A 55 8.14 7.81 12.64
C GLY A 55 8.00 6.31 12.87
N VAL A 56 6.88 5.74 12.49
CA VAL A 56 6.68 4.27 12.69
C VAL A 56 7.59 3.48 11.73
N ASP A 57 8.23 2.47 12.23
CA ASP A 57 9.13 1.65 11.38
C ASP A 57 8.31 0.74 10.45
N LEU A 58 8.15 1.15 9.22
CA LEU A 58 7.38 0.34 8.23
C LEU A 58 8.35 -0.59 7.50
N ASN A 59 9.63 -0.33 7.60
CA ASN A 59 10.61 -1.18 6.89
C ASN A 59 10.50 -2.62 7.39
N ALA A 60 10.49 -2.80 8.68
CA ALA A 60 10.41 -4.17 9.25
C ALA A 60 9.06 -4.81 8.88
N LEU A 61 8.01 -4.06 8.97
CA LEU A 61 6.67 -4.63 8.63
C LEU A 61 6.64 -5.01 7.15
N PHE A 62 7.13 -4.14 6.30
CA PHE A 62 7.13 -4.42 4.83
C PHE A 62 8.13 -5.53 4.53
N ASP A 63 9.28 -5.47 5.12
CA ASP A 63 10.29 -6.53 4.85
C ASP A 63 9.73 -7.85 5.39
N ARG A 64 8.97 -7.80 6.44
CA ARG A 64 8.36 -9.05 6.99
C ARG A 64 7.34 -9.57 5.98
N ILE A 65 6.50 -8.70 5.50
CA ILE A 65 5.47 -9.12 4.51
C ILE A 65 6.16 -9.53 3.21
N ILE A 66 7.12 -8.76 2.78
CA ILE A 66 7.83 -9.08 1.50
C ILE A 66 9.15 -9.78 1.81
N VAL A 67 9.30 -10.98 1.33
CA VAL A 67 10.56 -11.76 1.59
C VAL A 67 11.52 -11.58 0.42
N ASN A 68 12.61 -10.88 0.63
CA ASN A 68 13.61 -10.67 -0.45
C ASN A 68 15.01 -10.71 0.13
N LYS A 69 15.93 -9.99 -0.44
CA LYS A 69 17.33 -9.98 0.07
C LYS A 69 17.37 -9.40 1.49
N LEU A 70 18.03 -10.08 2.39
CA LEU A 70 18.12 -9.59 3.79
C LEU A 70 19.37 -8.71 3.95
N GLU A 71 19.20 -7.52 4.47
CA GLU A 71 20.37 -6.61 4.65
C GLU A 71 21.00 -6.84 6.02
N HIS A 72 22.27 -7.15 6.04
CA HIS A 72 22.97 -7.40 7.33
C HIS A 72 23.54 -6.09 7.89
N HIS A 73 24.13 -6.15 9.06
CA HIS A 73 24.72 -4.93 9.70
C HIS A 73 23.61 -4.00 10.16
N HIS A 74 23.14 -4.19 11.37
CA HIS A 74 22.05 -3.33 11.92
C HIS A 74 22.67 -2.14 12.67
N HIS A 75 21.89 -1.11 12.89
CA HIS A 75 22.42 0.08 13.61
C HIS A 75 22.49 -0.21 15.12
N HIS A 76 21.94 0.68 15.92
CA HIS A 76 21.95 0.50 17.40
C HIS A 76 23.32 -0.08 17.83
N HIS A 77 24.38 0.47 17.30
CA HIS A 77 25.75 -0.01 17.64
C HIS A 77 25.78 -1.54 17.67
N MET B 1 1.43 -13.68 15.10
CA MET B 1 1.54 -12.22 14.84
C MET B 1 1.03 -11.93 13.42
N GLU B 2 -0.23 -11.59 13.30
CA GLU B 2 -0.81 -11.32 11.95
C GLU B 2 -0.52 -9.87 11.54
N LEU B 3 -0.57 -9.61 10.26
CA LEU B 3 -0.31 -8.23 9.76
C LEU B 3 -1.15 -7.21 10.53
N SER B 4 -2.44 -7.35 10.49
CA SER B 4 -3.33 -6.38 11.20
C SER B 4 -3.03 -6.42 12.70
N ASN B 5 -2.68 -7.56 13.21
CA ASN B 5 -2.39 -7.66 14.67
C ASN B 5 -1.18 -6.80 15.02
N GLU B 6 -0.13 -6.90 14.24
CA GLU B 6 1.09 -6.10 14.53
C GLU B 6 0.82 -4.62 14.21
N LEU B 7 0.09 -4.36 13.16
CA LEU B 7 -0.18 -2.95 12.78
C LEU B 7 -1.00 -2.28 13.89
N LYS B 8 -1.97 -2.96 14.42
CA LYS B 8 -2.82 -2.37 15.49
C LYS B 8 -1.97 -2.14 16.74
N VAL B 9 -1.06 -3.04 17.02
CA VAL B 9 -0.20 -2.89 18.23
C VAL B 9 0.63 -1.60 18.12
N GLU B 10 1.19 -1.34 16.97
CA GLU B 10 2.02 -0.11 16.82
C GLU B 10 1.13 1.13 16.99
N ARG B 11 -0.09 1.05 16.53
CA ARG B 11 -1.02 2.20 16.67
C ARG B 11 -1.23 2.51 18.16
N ILE B 12 -1.33 1.48 18.96
CA ILE B 12 -1.53 1.66 20.43
C ILE B 12 -0.29 2.31 21.03
N ARG B 13 0.87 1.87 20.64
CA ARG B 13 2.12 2.44 21.21
C ARG B 13 2.11 3.96 21.03
N LEU B 14 1.70 4.43 19.89
CA LEU B 14 1.66 5.91 19.67
C LEU B 14 0.30 6.44 20.16
N SER B 15 -0.57 5.55 20.56
CA SER B 15 -1.91 5.96 21.05
C SER B 15 -2.55 6.98 20.09
N LEU B 16 -3.08 6.50 18.99
CA LEU B 16 -3.75 7.41 18.01
C LEU B 16 -5.26 7.39 18.24
N THR B 17 -5.87 8.55 18.17
CA THR B 17 -7.34 8.64 18.37
C THR B 17 -8.06 8.52 17.03
N ALA B 18 -9.14 7.80 17.00
CA ALA B 18 -9.90 7.62 15.73
C ALA B 18 -10.40 8.98 15.25
N LYS B 19 -10.80 9.83 16.15
CA LYS B 19 -11.31 11.17 15.75
C LYS B 19 -10.19 11.98 15.10
N SER B 20 -9.04 12.02 15.72
CA SER B 20 -7.91 12.80 15.14
C SER B 20 -7.52 12.21 13.78
N VAL B 21 -7.42 10.91 13.70
CA VAL B 21 -7.04 10.26 12.43
C VAL B 21 -8.15 10.43 11.39
N ALA B 22 -9.38 10.26 11.80
CA ALA B 22 -10.51 10.37 10.84
C ALA B 22 -10.53 11.76 10.19
N GLU B 23 -10.48 12.79 10.98
CA GLU B 23 -10.53 14.16 10.40
C GLU B 23 -9.33 14.40 9.50
N GLU B 24 -8.14 14.13 9.98
CA GLU B 24 -6.94 14.38 9.14
C GLU B 24 -6.95 13.46 7.92
N MET B 25 -7.37 12.23 8.08
CA MET B 25 -7.41 11.29 6.93
C MET B 25 -8.45 11.79 5.91
N GLY B 26 -9.52 12.36 6.39
CA GLY B 26 -10.58 12.87 5.47
C GLY B 26 -11.68 11.82 5.32
N ILE B 27 -11.80 10.93 6.28
CA ILE B 27 -12.84 9.86 6.21
C ILE B 27 -13.66 9.83 7.51
N SER B 28 -14.79 9.17 7.48
CA SER B 28 -15.65 9.09 8.69
C SER B 28 -15.12 8.03 9.66
N ARG B 29 -15.60 8.06 10.87
CA ARG B 29 -15.14 7.07 11.89
C ARG B 29 -15.56 5.66 11.45
N GLN B 30 -16.73 5.54 10.87
CA GLN B 30 -17.20 4.21 10.41
C GLN B 30 -16.28 3.68 9.31
N GLN B 31 -15.83 4.53 8.44
CA GLN B 31 -14.93 4.08 7.35
C GLN B 31 -13.66 3.50 7.98
N LEU B 32 -13.11 4.20 8.93
CA LEU B 32 -11.87 3.71 9.60
C LEU B 32 -12.20 2.42 10.34
N CYS B 33 -13.36 2.34 10.94
CA CYS B 33 -13.75 1.13 11.69
C CYS B 33 -13.69 -0.10 10.77
N ASN B 34 -14.12 0.06 9.55
CA ASN B 34 -14.10 -1.10 8.60
C ASN B 34 -12.66 -1.56 8.38
N ILE B 35 -11.76 -0.63 8.21
CA ILE B 35 -10.34 -1.00 7.98
C ILE B 35 -9.80 -1.71 9.22
N GLU B 36 -10.07 -1.17 10.38
CA GLU B 36 -9.56 -1.79 11.63
C GLU B 36 -10.32 -3.08 11.92
N GLN B 37 -11.46 -3.28 11.29
CA GLN B 37 -12.25 -4.52 11.54
C GLN B 37 -11.91 -5.55 10.45
N SER B 38 -11.32 -5.10 9.39
CA SER B 38 -10.94 -6.03 8.30
C SER B 38 -9.77 -5.42 7.52
N GLU B 39 -8.77 -4.96 8.21
CA GLU B 39 -7.61 -4.34 7.52
C GLU B 39 -7.11 -5.32 6.45
N THR B 40 -6.32 -6.28 6.84
CA THR B 40 -5.79 -7.29 5.86
C THR B 40 -5.11 -6.60 4.68
N ALA B 41 -4.25 -7.31 3.99
CA ALA B 41 -3.54 -6.68 2.84
C ALA B 41 -4.35 -6.86 1.54
N PRO B 42 -4.66 -5.80 0.83
CA PRO B 42 -5.43 -5.88 -0.45
C PRO B 42 -4.55 -6.33 -1.63
N VAL B 43 -5.17 -6.78 -2.70
CA VAL B 43 -4.37 -7.24 -3.88
C VAL B 43 -3.50 -6.09 -4.39
N VAL B 44 -3.84 -4.88 -4.03
CA VAL B 44 -3.04 -3.70 -4.49
C VAL B 44 -1.61 -3.83 -3.96
N VAL B 45 -1.46 -4.21 -2.73
CA VAL B 45 -0.08 -4.36 -2.14
C VAL B 45 0.68 -5.44 -2.92
N LYS B 46 0.03 -6.52 -3.25
CA LYS B 46 0.71 -7.61 -3.98
C LYS B 46 1.28 -7.07 -5.31
N TYR B 47 0.53 -6.25 -5.99
CA TYR B 47 1.02 -5.69 -7.27
C TYR B 47 2.29 -4.86 -7.01
N ILE B 48 2.25 -4.03 -6.01
CA ILE B 48 3.43 -3.18 -5.71
C ILE B 48 4.64 -4.06 -5.40
N ALA B 49 4.45 -5.10 -4.64
CA ALA B 49 5.59 -6.00 -4.29
C ALA B 49 6.12 -6.67 -5.57
N PHE B 50 5.24 -7.03 -6.47
CA PHE B 50 5.70 -7.68 -7.73
C PHE B 50 6.58 -6.72 -8.52
N LEU B 51 6.17 -5.50 -8.65
CA LEU B 51 6.95 -4.51 -9.41
C LEU B 51 8.29 -4.28 -8.73
N ARG B 52 8.30 -4.27 -7.43
CA ARG B 52 9.57 -4.04 -6.68
C ARG B 52 10.57 -5.15 -7.00
N SER B 53 10.13 -6.38 -7.00
CA SER B 53 11.06 -7.51 -7.29
C SER B 53 11.56 -7.41 -8.73
N LYS B 54 10.91 -6.63 -9.54
CA LYS B 54 11.35 -6.48 -10.96
C LYS B 54 12.38 -5.35 -11.06
N GLY B 55 12.82 -4.83 -9.95
CA GLY B 55 13.84 -3.74 -9.97
C GLY B 55 13.17 -2.38 -10.18
N VAL B 56 11.87 -2.31 -10.04
CA VAL B 56 11.17 -1.01 -10.22
C VAL B 56 11.41 -0.10 -9.02
N ASP B 57 11.71 1.16 -9.27
CA ASP B 57 11.97 2.11 -8.16
C ASP B 57 10.67 2.66 -7.56
N LEU B 58 10.02 1.90 -6.72
CA LEU B 58 8.77 2.37 -6.07
C LEU B 58 9.11 3.53 -5.12
N ASN B 59 10.18 3.40 -4.39
CA ASN B 59 10.57 4.46 -3.41
C ASN B 59 10.52 5.82 -4.10
N ALA B 60 11.09 5.91 -5.27
CA ALA B 60 11.12 7.21 -6.00
C ALA B 60 9.70 7.62 -6.37
N LEU B 61 8.87 6.68 -6.71
CA LEU B 61 7.48 7.03 -7.09
C LEU B 61 6.78 7.72 -5.92
N PHE B 62 6.96 7.20 -4.75
CA PHE B 62 6.32 7.82 -3.56
C PHE B 62 6.95 9.20 -3.30
N ASP B 63 8.23 9.33 -3.54
CA ASP B 63 8.90 10.64 -3.33
C ASP B 63 8.22 11.71 -4.17
N ARG B 64 7.71 11.36 -5.32
CA ARG B 64 7.04 12.37 -6.19
C ARG B 64 5.88 13.00 -5.41
N ILE B 65 5.24 12.21 -4.59
CA ILE B 65 4.09 12.74 -3.79
C ILE B 65 4.57 13.18 -2.40
N ILE B 66 5.02 12.25 -1.59
CA ILE B 66 5.48 12.60 -0.22
C ILE B 66 6.94 13.09 -0.27
N VAL B 67 7.22 14.15 0.47
CA VAL B 67 8.61 14.70 0.50
C VAL B 67 9.27 14.32 1.84
N ASN B 68 9.90 13.18 1.87
CA ASN B 68 10.59 12.72 3.11
C ASN B 68 12.10 12.88 2.92
N LYS B 69 12.49 13.59 1.89
CA LYS B 69 13.94 13.81 1.61
C LYS B 69 14.71 12.50 1.74
N LEU B 70 14.12 11.42 1.32
CA LEU B 70 14.82 10.10 1.40
C LEU B 70 16.06 10.12 0.49
N GLU B 71 15.93 10.67 -0.68
CA GLU B 71 17.09 10.70 -1.62
C GLU B 71 17.89 12.00 -1.42
N HIS B 72 18.85 11.96 -0.55
CA HIS B 72 19.69 13.19 -0.31
C HIS B 72 20.82 13.24 -1.34
N HIS B 73 21.55 12.15 -1.46
CA HIS B 73 22.69 12.12 -2.43
C HIS B 73 22.19 11.74 -3.82
N HIS B 74 23.09 11.52 -4.73
CA HIS B 74 22.68 11.12 -6.11
C HIS B 74 23.78 10.26 -6.74
N HIS B 75 23.40 9.22 -7.45
CA HIS B 75 24.42 8.33 -8.09
C HIS B 75 24.39 8.50 -9.61
N HIS B 76 25.41 9.07 -10.18
CA HIS B 76 25.46 9.26 -11.66
C HIS B 76 26.91 9.41 -12.09
N HIS B 77 27.38 8.53 -12.94
CA HIS B 77 28.78 8.61 -13.42
C HIS B 77 28.87 9.60 -14.58
N MET A 1 -1.60 13.66 -14.62
CA MET A 1 -0.94 12.40 -14.18
C MET A 1 -1.92 11.60 -13.32
N GLU A 2 -2.73 10.79 -13.93
CA GLU A 2 -3.71 9.98 -13.17
C GLU A 2 -3.01 8.76 -12.56
N LEU A 3 -3.58 8.21 -11.51
CA LEU A 3 -2.95 7.02 -10.87
C LEU A 3 -2.91 5.84 -11.85
N SER A 4 -3.99 5.61 -12.55
CA SER A 4 -4.02 4.47 -13.51
C SER A 4 -2.98 4.69 -14.60
N ASN A 5 -2.77 5.92 -14.99
CA ASN A 5 -1.77 6.21 -16.05
C ASN A 5 -0.36 5.85 -15.55
N GLU A 6 -0.08 6.14 -14.30
CA GLU A 6 1.27 5.84 -13.75
C GLU A 6 1.55 4.33 -13.85
N LEU A 7 0.65 3.53 -13.35
CA LEU A 7 0.86 2.05 -13.40
C LEU A 7 0.95 1.59 -14.86
N LYS A 8 0.14 2.15 -15.71
CA LYS A 8 0.17 1.75 -17.14
C LYS A 8 1.57 2.01 -17.71
N VAL A 9 2.17 3.11 -17.35
CA VAL A 9 3.53 3.41 -17.87
C VAL A 9 4.54 2.36 -17.38
N GLU A 10 4.48 2.01 -16.12
CA GLU A 10 5.43 1.00 -15.58
C GLU A 10 5.25 -0.34 -16.30
N ARG A 11 4.04 -0.73 -16.57
CA ARG A 11 3.83 -2.03 -17.26
C ARG A 11 4.56 -1.98 -18.61
N ILE A 12 4.45 -0.88 -19.30
CA ILE A 12 5.15 -0.74 -20.61
C ILE A 12 6.67 -0.74 -20.36
N ARG A 13 7.11 -0.03 -19.36
CA ARG A 13 8.58 0.03 -19.06
C ARG A 13 9.09 -1.38 -18.76
N LEU A 14 8.37 -2.11 -17.95
CA LEU A 14 8.82 -3.49 -17.60
C LEU A 14 8.18 -4.48 -18.57
N SER A 15 7.36 -3.98 -19.47
CA SER A 15 6.67 -4.85 -20.46
C SER A 15 6.28 -6.19 -19.82
N LEU A 16 5.41 -6.15 -18.85
CA LEU A 16 4.98 -7.41 -18.16
C LEU A 16 3.55 -7.76 -18.58
N THR A 17 3.32 -9.01 -18.88
CA THR A 17 1.96 -9.44 -19.31
C THR A 17 1.06 -9.66 -18.10
N ALA A 18 -0.22 -9.62 -18.30
CA ALA A 18 -1.18 -9.84 -17.19
C ALA A 18 -1.15 -11.32 -16.76
N LYS A 19 -1.03 -12.20 -17.71
CA LYS A 19 -1.01 -13.66 -17.37
C LYS A 19 0.23 -13.97 -16.52
N SER A 20 1.37 -13.49 -16.93
CA SER A 20 2.61 -13.76 -16.15
C SER A 20 2.46 -13.17 -14.74
N VAL A 21 1.98 -11.97 -14.65
CA VAL A 21 1.80 -11.33 -13.31
C VAL A 21 0.71 -12.07 -12.54
N ALA A 22 -0.37 -12.42 -13.20
CA ALA A 22 -1.47 -13.13 -12.51
C ALA A 22 -0.97 -14.47 -11.95
N GLU A 23 -0.14 -15.16 -12.68
CA GLU A 23 0.38 -16.46 -12.19
C GLU A 23 1.19 -16.24 -10.90
N GLU A 24 2.10 -15.31 -10.91
CA GLU A 24 2.92 -15.05 -9.69
C GLU A 24 2.06 -14.40 -8.60
N MET A 25 1.24 -13.46 -8.97
CA MET A 25 0.38 -12.78 -7.98
C MET A 25 -0.64 -13.78 -7.41
N GLY A 26 -1.17 -14.64 -8.23
CA GLY A 26 -2.16 -15.65 -7.74
C GLY A 26 -3.56 -15.03 -7.80
N ILE A 27 -3.80 -14.14 -8.74
CA ILE A 27 -5.15 -13.50 -8.86
C ILE A 27 -5.71 -13.70 -10.27
N SER A 28 -6.97 -13.45 -10.44
CA SER A 28 -7.59 -13.63 -11.78
C SER A 28 -7.14 -12.51 -12.73
N ARG A 29 -7.29 -12.73 -14.01
CA ARG A 29 -6.89 -11.71 -15.01
C ARG A 29 -7.77 -10.46 -14.84
N GLN A 30 -9.03 -10.65 -14.58
CA GLN A 30 -9.96 -9.49 -14.40
C GLN A 30 -9.53 -8.70 -13.17
N GLN A 31 -9.16 -9.38 -12.12
CA GLN A 31 -8.76 -8.66 -10.87
C GLN A 31 -7.55 -7.77 -11.16
N LEU A 32 -6.60 -8.28 -11.89
CA LEU A 32 -5.40 -7.47 -12.22
C LEU A 32 -5.80 -6.27 -13.07
N CYS A 33 -6.71 -6.48 -13.99
CA CYS A 33 -7.13 -5.36 -14.89
C CYS A 33 -7.73 -4.23 -14.05
N ASN A 34 -8.48 -4.57 -13.04
CA ASN A 34 -9.10 -3.52 -12.19
C ASN A 34 -8.02 -2.69 -11.50
N ILE A 35 -6.96 -3.32 -11.09
CA ILE A 35 -5.86 -2.57 -10.40
C ILE A 35 -5.30 -1.51 -11.35
N GLU A 36 -5.09 -1.86 -12.59
CA GLU A 36 -4.52 -0.88 -13.55
C GLU A 36 -5.49 0.29 -13.77
N GLN A 37 -6.77 0.03 -13.81
CA GLN A 37 -7.78 1.12 -14.02
C GLN A 37 -8.55 1.34 -12.70
N SER A 38 -7.99 0.91 -11.60
CA SER A 38 -8.67 1.11 -10.30
C SER A 38 -8.85 2.60 -10.01
N GLU A 39 -7.85 3.38 -10.33
CA GLU A 39 -7.93 4.85 -10.09
C GLU A 39 -8.22 5.11 -8.61
N THR A 40 -9.46 5.15 -8.24
CA THR A 40 -9.82 5.45 -6.83
C THR A 40 -9.14 4.42 -5.92
N ALA A 41 -8.02 4.78 -5.36
CA ALA A 41 -7.30 3.84 -4.47
C ALA A 41 -7.96 3.83 -3.09
N PRO A 42 -7.89 2.72 -2.38
CA PRO A 42 -8.50 2.58 -1.03
C PRO A 42 -7.82 3.49 0.03
N VAL A 43 -8.55 3.87 1.03
CA VAL A 43 -8.00 4.74 2.11
C VAL A 43 -6.88 4.00 2.86
N VAL A 44 -6.92 2.70 2.89
CA VAL A 44 -5.88 1.94 3.64
C VAL A 44 -4.48 2.37 3.16
N VAL A 45 -4.35 2.70 1.90
CA VAL A 45 -3.02 3.13 1.39
C VAL A 45 -2.61 4.43 2.09
N LYS A 46 -3.53 5.34 2.23
CA LYS A 46 -3.21 6.62 2.92
C LYS A 46 -2.84 6.35 4.38
N TYR A 47 -3.55 5.47 5.02
CA TYR A 47 -3.25 5.14 6.44
C TYR A 47 -1.83 4.57 6.54
N ILE A 48 -1.47 3.73 5.62
CA ILE A 48 -0.10 3.14 5.65
C ILE A 48 0.93 4.26 5.52
N ALA A 49 0.69 5.18 4.63
CA ALA A 49 1.65 6.31 4.45
C ALA A 49 1.70 7.12 5.74
N PHE A 50 0.62 7.14 6.47
CA PHE A 50 0.58 7.92 7.74
C PHE A 50 1.63 7.36 8.72
N LEU A 51 1.63 6.07 8.92
CA LEU A 51 2.61 5.46 9.86
C LEU A 51 3.98 5.38 9.19
N ARG A 52 4.00 5.41 7.89
CA ARG A 52 5.30 5.35 7.15
C ARG A 52 6.14 6.56 7.54
N SER A 53 5.52 7.70 7.61
CA SER A 53 6.25 8.94 8.00
C SER A 53 6.87 8.74 9.38
N LYS A 54 6.21 8.01 10.23
CA LYS A 54 6.75 7.80 11.60
C LYS A 54 7.91 6.79 11.52
N GLY A 55 8.22 6.34 10.33
CA GLY A 55 9.34 5.38 10.18
C GLY A 55 9.03 4.07 10.92
N VAL A 56 7.77 3.69 10.98
CA VAL A 56 7.45 2.42 11.69
C VAL A 56 8.13 1.25 10.98
N ASP A 57 8.48 1.45 9.73
CA ASP A 57 9.16 0.38 8.96
C ASP A 57 8.20 -0.80 8.74
N LEU A 58 7.37 -0.70 7.74
CA LEU A 58 6.40 -1.79 7.44
C LEU A 58 7.02 -2.75 6.43
N ASN A 59 7.93 -2.26 5.60
CA ASN A 59 8.57 -3.15 4.58
C ASN A 59 8.92 -4.48 5.25
N ALA A 60 9.42 -4.43 6.46
CA ALA A 60 9.74 -5.67 7.20
C ALA A 60 8.43 -6.39 7.57
N LEU A 61 7.45 -5.64 8.00
CA LEU A 61 6.16 -6.27 8.40
C LEU A 61 5.52 -6.94 7.18
N PHE A 62 5.43 -6.23 6.09
CA PHE A 62 4.83 -6.81 4.87
C PHE A 62 5.67 -7.99 4.38
N ASP A 63 6.97 -7.84 4.38
CA ASP A 63 7.84 -8.95 3.90
C ASP A 63 7.49 -10.24 4.64
N ARG A 64 7.15 -10.17 5.90
CA ARG A 64 6.80 -11.40 6.65
C ARG A 64 5.45 -11.93 6.17
N ILE A 65 4.74 -11.16 5.37
CA ILE A 65 3.41 -11.62 4.86
C ILE A 65 3.57 -12.16 3.45
N ILE A 66 4.42 -11.56 2.67
CA ILE A 66 4.63 -12.04 1.26
C ILE A 66 5.23 -13.45 1.31
N VAL A 67 6.20 -13.66 2.15
CA VAL A 67 6.86 -14.98 2.24
C VAL A 67 5.82 -16.11 2.32
N ASN A 68 6.16 -17.26 1.79
CA ASN A 68 5.20 -18.40 1.83
C ASN A 68 5.12 -18.98 3.24
N LYS A 69 3.95 -18.90 3.84
CA LYS A 69 3.77 -19.43 5.22
C LYS A 69 2.44 -20.20 5.29
N LEU A 70 1.57 -19.95 4.36
CA LEU A 70 0.25 -20.65 4.34
C LEU A 70 -0.46 -20.41 5.68
N GLU A 71 -1.33 -19.42 5.71
CA GLU A 71 -2.08 -19.10 6.97
C GLU A 71 -3.55 -19.48 6.77
N HIS A 72 -4.05 -19.37 5.58
CA HIS A 72 -5.47 -19.74 5.32
C HIS A 72 -5.71 -19.72 3.80
N HIS A 73 -6.95 -19.57 3.38
CA HIS A 73 -7.26 -19.55 1.92
C HIS A 73 -8.27 -18.44 1.62
N HIS A 74 -8.23 -17.88 0.43
CA HIS A 74 -9.18 -16.79 0.07
C HIS A 74 -10.31 -17.35 -0.80
N HIS A 75 -11.53 -17.25 -0.35
CA HIS A 75 -12.69 -17.76 -1.14
C HIS A 75 -13.47 -16.56 -1.71
N HIS A 76 -13.14 -15.37 -1.26
CA HIS A 76 -13.83 -14.13 -1.75
C HIS A 76 -15.32 -14.39 -1.97
N HIS A 77 -16.14 -14.16 -0.97
CA HIS A 77 -17.61 -14.40 -1.11
C HIS A 77 -18.27 -13.14 -1.66
N MET B 1 0.80 -14.56 12.38
CA MET B 1 0.45 -13.19 12.87
C MET B 1 -0.51 -12.54 11.89
N GLU B 2 -1.70 -12.23 12.34
CA GLU B 2 -2.71 -11.60 11.42
C GLU B 2 -2.36 -10.14 11.15
N LEU B 3 -2.75 -9.65 10.00
CA LEU B 3 -2.46 -8.23 9.64
C LEU B 3 -3.18 -7.29 10.61
N SER B 4 -4.41 -7.57 10.92
CA SER B 4 -5.17 -6.69 11.85
C SER B 4 -4.56 -6.74 13.25
N ASN B 5 -4.15 -7.90 13.69
CA ASN B 5 -3.55 -8.01 15.05
C ASN B 5 -2.24 -7.22 15.11
N GLU B 6 -1.40 -7.39 14.12
CA GLU B 6 -0.10 -6.65 14.12
C GLU B 6 -0.36 -5.16 13.91
N LEU B 7 -1.34 -4.83 13.11
CA LEU B 7 -1.64 -3.41 12.85
C LEU B 7 -2.08 -2.74 14.16
N LYS B 8 -2.88 -3.41 14.94
CA LYS B 8 -3.35 -2.83 16.23
C LYS B 8 -2.16 -2.65 17.18
N VAL B 9 -1.24 -3.56 17.17
CA VAL B 9 -0.07 -3.44 18.08
C VAL B 9 0.68 -2.15 17.79
N GLU B 10 0.89 -1.84 16.53
CA GLU B 10 1.62 -0.59 16.20
C GLU B 10 0.81 0.63 16.66
N ARG B 11 -0.47 0.64 16.45
CA ARG B 11 -1.29 1.81 16.88
C ARG B 11 -1.17 1.96 18.40
N ILE B 12 -1.28 0.88 19.12
CA ILE B 12 -1.17 0.94 20.61
C ILE B 12 0.25 1.37 20.96
N ARG B 13 1.22 0.84 20.27
CA ARG B 13 2.63 1.21 20.57
C ARG B 13 2.77 2.72 20.45
N LEU B 14 2.23 3.30 19.42
CA LEU B 14 2.31 4.77 19.24
C LEU B 14 1.08 5.40 19.87
N SER B 15 0.20 4.58 20.39
CA SER B 15 -1.05 5.07 21.05
C SER B 15 -1.59 6.30 20.30
N LEU B 16 -2.15 6.09 19.14
CA LEU B 16 -2.69 7.24 18.33
C LEU B 16 -4.20 7.30 18.48
N THR B 17 -4.72 8.48 18.62
CA THR B 17 -6.20 8.65 18.78
C THR B 17 -6.88 8.62 17.42
N ALA B 18 -7.98 7.92 17.32
CA ALA B 18 -8.71 7.84 16.02
C ALA B 18 -9.25 9.22 15.65
N LYS B 19 -9.66 9.98 16.61
CA LYS B 19 -10.21 11.34 16.32
C LYS B 19 -9.12 12.21 15.70
N SER B 20 -7.96 12.22 16.29
CA SER B 20 -6.85 13.05 15.75
C SER B 20 -6.46 12.58 14.35
N VAL B 21 -6.31 11.30 14.16
CA VAL B 21 -5.94 10.77 12.82
C VAL B 21 -7.09 10.99 11.83
N ALA B 22 -8.29 10.74 12.25
CA ALA B 22 -9.47 10.91 11.35
C ALA B 22 -9.60 12.38 10.95
N GLU B 23 -9.33 13.28 11.84
CA GLU B 23 -9.45 14.72 11.51
C GLU B 23 -8.40 15.11 10.46
N GLU B 24 -7.19 14.67 10.64
CA GLU B 24 -6.11 15.01 9.68
C GLU B 24 -6.29 14.18 8.39
N MET B 25 -6.72 12.96 8.53
CA MET B 25 -6.91 12.09 7.33
C MET B 25 -8.02 12.68 6.46
N GLY B 26 -9.03 13.24 7.07
CA GLY B 26 -10.16 13.84 6.28
C GLY B 26 -11.24 12.78 6.06
N ILE B 27 -11.31 11.79 6.93
CA ILE B 27 -12.34 10.71 6.79
C ILE B 27 -13.16 10.60 8.08
N SER B 28 -14.27 9.91 8.01
CA SER B 28 -15.13 9.77 9.21
C SER B 28 -14.48 8.81 10.22
N ARG B 29 -14.89 8.89 11.46
CA ARG B 29 -14.33 8.00 12.51
C ARG B 29 -14.68 6.54 12.17
N GLN B 30 -15.87 6.31 11.71
CA GLN B 30 -16.29 4.92 11.37
C GLN B 30 -15.39 4.38 10.25
N GLN B 31 -15.07 5.19 9.29
CA GLN B 31 -14.21 4.72 8.17
C GLN B 31 -12.84 4.33 8.73
N LEU B 32 -12.33 5.10 9.66
CA LEU B 32 -11.01 4.78 10.23
C LEU B 32 -11.07 3.43 10.96
N CYS B 33 -12.14 3.19 11.67
CA CYS B 33 -12.28 1.90 12.41
C CYS B 33 -12.29 0.74 11.42
N ASN B 34 -12.87 0.94 10.27
CA ASN B 34 -12.89 -0.14 9.25
C ASN B 34 -11.46 -0.49 8.84
N ILE B 35 -10.63 0.50 8.72
CA ILE B 35 -9.21 0.25 8.32
C ILE B 35 -8.53 -0.58 9.42
N GLU B 36 -8.75 -0.24 10.66
CA GLU B 36 -8.12 -1.00 11.77
C GLU B 36 -8.74 -2.39 11.85
N GLN B 37 -10.00 -2.50 11.55
CA GLN B 37 -10.70 -3.82 11.59
C GLN B 37 -10.63 -4.47 10.21
N SER B 38 -9.79 -3.97 9.36
CA SER B 38 -9.68 -4.54 7.99
C SER B 38 -9.33 -6.03 8.06
N GLU B 39 -9.99 -6.84 7.27
CA GLU B 39 -9.71 -8.30 7.27
C GLU B 39 -8.92 -8.68 6.02
N THR B 40 -9.54 -8.61 4.86
CA THR B 40 -8.81 -8.96 3.60
C THR B 40 -8.27 -7.68 2.95
N ALA B 41 -6.97 -7.57 2.86
CA ALA B 41 -6.37 -6.35 2.27
C ALA B 41 -6.56 -6.37 0.73
N PRO B 42 -6.65 -5.22 0.11
CA PRO B 42 -6.83 -5.12 -1.36
C PRO B 42 -5.62 -5.63 -2.15
N VAL B 43 -5.84 -6.12 -3.35
CA VAL B 43 -4.73 -6.65 -4.18
C VAL B 43 -3.80 -5.51 -4.60
N VAL B 44 -4.27 -4.29 -4.54
CA VAL B 44 -3.42 -3.14 -4.96
C VAL B 44 -2.12 -3.15 -4.16
N VAL B 45 -2.18 -3.46 -2.89
CA VAL B 45 -0.95 -3.48 -2.07
C VAL B 45 -0.02 -4.58 -2.58
N LYS B 46 -0.56 -5.72 -2.88
CA LYS B 46 0.29 -6.84 -3.40
C LYS B 46 0.91 -6.43 -4.74
N TYR B 47 0.13 -5.79 -5.57
CA TYR B 47 0.65 -5.36 -6.90
C TYR B 47 1.79 -4.36 -6.70
N ILE B 48 1.62 -3.43 -5.82
CA ILE B 48 2.68 -2.42 -5.56
C ILE B 48 3.94 -3.12 -5.04
N ALA B 49 3.77 -4.05 -4.14
CA ALA B 49 4.95 -4.76 -3.58
C ALA B 49 5.76 -5.39 -4.71
N PHE B 50 5.10 -5.90 -5.71
CA PHE B 50 5.82 -6.53 -6.85
C PHE B 50 6.69 -5.46 -7.54
N LEU B 51 6.13 -4.33 -7.82
CA LEU B 51 6.89 -3.25 -8.52
C LEU B 51 8.02 -2.75 -7.61
N ARG B 52 7.76 -2.61 -6.34
CA ARG B 52 8.81 -2.12 -5.41
C ARG B 52 9.95 -3.14 -5.35
N SER B 53 9.63 -4.40 -5.39
CA SER B 53 10.69 -5.44 -5.35
C SER B 53 11.61 -5.30 -6.55
N LYS B 54 11.15 -4.61 -7.57
CA LYS B 54 12.00 -4.42 -8.78
C LYS B 54 12.73 -3.08 -8.67
N GLY B 55 12.55 -2.39 -7.58
CA GLY B 55 13.24 -1.09 -7.38
C GLY B 55 12.63 0.01 -8.26
N VAL B 56 11.38 -0.13 -8.63
CA VAL B 56 10.76 0.92 -9.49
C VAL B 56 10.77 2.26 -8.75
N ASP B 57 11.24 2.26 -7.55
CA ASP B 57 11.30 3.51 -6.74
C ASP B 57 9.90 4.11 -6.61
N LEU B 58 9.04 3.48 -5.87
CA LEU B 58 7.66 4.01 -5.70
C LEU B 58 7.69 5.16 -4.70
N ASN B 59 8.85 5.46 -4.17
CA ASN B 59 8.97 6.55 -3.18
C ASN B 59 8.59 7.89 -3.82
N ALA B 60 9.02 8.11 -5.02
CA ALA B 60 8.69 9.39 -5.72
C ALA B 60 7.21 9.45 -6.08
N LEU B 61 6.66 8.34 -6.49
CA LEU B 61 5.21 8.35 -6.89
C LEU B 61 4.35 8.75 -5.70
N PHE B 62 4.53 8.12 -4.58
CA PHE B 62 3.71 8.47 -3.38
C PHE B 62 4.02 9.91 -2.98
N ASP B 63 5.24 10.33 -3.07
CA ASP B 63 5.57 11.71 -2.68
C ASP B 63 4.74 12.68 -3.51
N ARG B 64 4.27 12.25 -4.65
CA ARG B 64 3.44 13.14 -5.51
C ARG B 64 1.97 13.04 -5.09
N ILE B 65 1.55 11.90 -4.60
CA ILE B 65 0.13 11.74 -4.17
C ILE B 65 -0.13 12.52 -2.86
N ILE B 66 0.79 12.42 -1.94
CA ILE B 66 0.61 13.12 -0.63
C ILE B 66 0.38 14.61 -0.88
N VAL B 67 0.45 15.04 -2.11
CA VAL B 67 0.26 16.49 -2.42
C VAL B 67 -0.91 17.07 -1.62
N ASN B 68 -0.66 18.13 -0.91
CA ASN B 68 -1.74 18.77 -0.09
C ASN B 68 -2.45 19.83 -0.93
N LYS B 69 -2.23 19.83 -2.22
CA LYS B 69 -2.89 20.83 -3.10
C LYS B 69 -4.31 20.38 -3.41
N LEU B 70 -5.28 20.92 -2.72
CA LEU B 70 -6.71 20.54 -2.96
C LEU B 70 -6.83 19.03 -3.21
N GLU B 71 -6.93 18.27 -2.15
CA GLU B 71 -7.02 16.78 -2.30
C GLU B 71 -8.50 16.38 -2.39
N HIS B 72 -9.39 17.33 -2.36
CA HIS B 72 -10.84 16.98 -2.45
C HIS B 72 -11.15 16.44 -3.85
N HIS B 73 -10.15 16.12 -4.60
CA HIS B 73 -10.36 15.57 -5.96
C HIS B 73 -10.68 14.08 -5.84
N HIS B 74 -10.50 13.53 -4.68
CA HIS B 74 -10.77 12.08 -4.49
C HIS B 74 -12.17 11.87 -3.93
N HIS B 75 -13.10 11.51 -4.78
CA HIS B 75 -14.49 11.25 -4.30
C HIS B 75 -14.60 9.76 -3.97
N HIS B 76 -14.94 9.42 -2.76
CA HIS B 76 -15.08 7.98 -2.40
C HIS B 76 -15.80 7.86 -1.04
N HIS B 77 -16.61 6.85 -0.89
CA HIS B 77 -17.33 6.66 0.40
C HIS B 77 -16.32 6.43 1.52
N MET A 1 -2.22 13.97 -12.47
CA MET A 1 -3.28 13.37 -13.34
C MET A 1 -3.69 12.01 -12.76
N GLU A 2 -4.23 12.01 -11.56
CA GLU A 2 -4.66 10.75 -10.91
C GLU A 2 -3.48 9.81 -10.72
N LEU A 3 -3.48 9.08 -9.64
CA LEU A 3 -2.37 8.12 -9.33
C LEU A 3 -2.31 7.02 -10.39
N SER A 4 -3.44 6.54 -10.83
CA SER A 4 -3.45 5.45 -11.84
C SER A 4 -2.64 5.86 -13.07
N ASN A 5 -2.72 7.10 -13.48
CA ASN A 5 -1.96 7.54 -14.68
C ASN A 5 -0.47 7.42 -14.40
N GLU A 6 -0.02 7.89 -13.27
CA GLU A 6 1.44 7.79 -12.94
C GLU A 6 1.80 6.32 -12.66
N LEU A 7 0.96 5.62 -11.94
CA LEU A 7 1.24 4.20 -11.62
C LEU A 7 1.27 3.39 -12.94
N LYS A 8 0.35 3.67 -13.83
CA LYS A 8 0.31 2.93 -15.12
C LYS A 8 1.64 3.14 -15.86
N VAL A 9 2.18 4.33 -15.82
CA VAL A 9 3.46 4.59 -16.51
C VAL A 9 4.55 3.67 -15.93
N GLU A 10 4.60 3.55 -14.64
CA GLU A 10 5.63 2.66 -14.02
C GLU A 10 5.49 1.25 -14.59
N ARG A 11 4.29 0.77 -14.75
CA ARG A 11 4.11 -0.59 -15.30
C ARG A 11 4.74 -0.64 -16.69
N ILE A 12 4.50 0.37 -17.48
CA ILE A 12 5.08 0.42 -18.85
C ILE A 12 6.58 0.71 -18.75
N ARG A 13 7.01 1.35 -17.71
CA ARG A 13 8.46 1.66 -17.57
C ARG A 13 9.26 0.35 -17.59
N LEU A 14 8.79 -0.64 -16.88
CA LEU A 14 9.50 -1.96 -16.88
C LEU A 14 8.72 -2.93 -17.81
N SER A 15 7.68 -2.45 -18.43
CA SER A 15 6.89 -3.31 -19.34
C SER A 15 6.57 -4.66 -18.67
N LEU A 16 5.61 -4.68 -17.78
CA LEU A 16 5.23 -5.98 -17.10
C LEU A 16 4.03 -6.60 -17.83
N THR A 17 3.86 -7.89 -17.69
CA THR A 17 2.72 -8.59 -18.35
C THR A 17 1.62 -8.86 -17.32
N ALA A 18 0.40 -8.59 -17.66
CA ALA A 18 -0.72 -8.82 -16.71
C ALA A 18 -0.85 -10.32 -16.42
N LYS A 19 -0.66 -11.14 -17.42
CA LYS A 19 -0.77 -12.61 -17.21
C LYS A 19 0.29 -13.09 -16.22
N SER A 20 1.51 -12.68 -16.40
CA SER A 20 2.59 -13.12 -15.48
C SER A 20 2.30 -12.67 -14.05
N VAL A 21 1.88 -11.44 -13.88
CA VAL A 21 1.59 -10.94 -12.51
C VAL A 21 0.44 -11.74 -11.89
N ALA A 22 -0.61 -11.96 -12.63
CA ALA A 22 -1.76 -12.73 -12.08
C ALA A 22 -1.32 -14.17 -11.74
N GLU A 23 -0.61 -14.79 -12.64
CA GLU A 23 -0.15 -16.19 -12.39
C GLU A 23 0.89 -16.21 -11.26
N GLU A 24 1.82 -15.29 -11.29
CA GLU A 24 2.86 -15.25 -10.22
C GLU A 24 2.23 -14.88 -8.88
N MET A 25 1.39 -13.88 -8.86
CA MET A 25 0.76 -13.47 -7.58
C MET A 25 -0.15 -14.59 -7.07
N GLY A 26 -0.85 -15.26 -7.95
CA GLY A 26 -1.77 -16.36 -7.53
C GLY A 26 -3.21 -15.86 -7.54
N ILE A 27 -3.52 -14.89 -8.38
CA ILE A 27 -4.91 -14.36 -8.45
C ILE A 27 -5.40 -14.43 -9.91
N SER A 28 -6.69 -14.32 -10.10
CA SER A 28 -7.23 -14.39 -11.48
C SER A 28 -6.97 -13.08 -12.22
N ARG A 29 -6.96 -13.12 -13.53
CA ARG A 29 -6.74 -11.88 -14.31
C ARG A 29 -7.90 -10.90 -14.07
N GLN A 30 -9.05 -11.41 -13.73
CA GLN A 30 -10.21 -10.51 -13.48
C GLN A 30 -9.87 -9.59 -12.30
N GLN A 31 -9.32 -10.12 -11.25
CA GLN A 31 -8.96 -9.27 -10.08
C GLN A 31 -7.86 -8.30 -10.49
N LEU A 32 -6.88 -8.78 -11.20
CA LEU A 32 -5.77 -7.88 -11.64
C LEU A 32 -6.34 -6.81 -12.58
N CYS A 33 -7.21 -7.20 -13.46
CA CYS A 33 -7.81 -6.22 -14.42
C CYS A 33 -8.58 -5.15 -13.65
N ASN A 34 -9.20 -5.51 -12.57
CA ASN A 34 -9.97 -4.50 -11.79
C ASN A 34 -9.04 -3.39 -11.30
N ILE A 35 -7.87 -3.74 -10.84
CA ILE A 35 -6.93 -2.69 -10.36
C ILE A 35 -6.54 -1.78 -11.51
N GLU A 36 -6.23 -2.35 -12.65
CA GLU A 36 -5.84 -1.52 -13.83
C GLU A 36 -7.06 -0.76 -14.36
N GLN A 37 -8.22 -1.36 -14.31
CA GLN A 37 -9.44 -0.69 -14.83
C GLN A 37 -10.21 -0.02 -13.68
N SER A 38 -9.51 0.56 -12.74
CA SER A 38 -10.20 1.23 -11.61
C SER A 38 -9.25 2.25 -10.96
N GLU A 39 -9.68 3.49 -10.86
CA GLU A 39 -8.80 4.53 -10.26
C GLU A 39 -9.04 4.61 -8.74
N THR A 40 -10.20 5.09 -8.35
CA THR A 40 -10.52 5.23 -6.89
C THR A 40 -9.95 4.05 -6.11
N ALA A 41 -8.86 4.27 -5.43
CA ALA A 41 -8.21 3.19 -4.64
C ALA A 41 -8.72 3.26 -3.18
N PRO A 42 -8.71 2.14 -2.48
CA PRO A 42 -9.18 2.09 -1.06
C PRO A 42 -8.31 2.93 -0.12
N VAL A 43 -8.89 3.41 0.95
CA VAL A 43 -8.13 4.24 1.93
C VAL A 43 -7.06 3.40 2.62
N VAL A 44 -7.18 2.11 2.58
CA VAL A 44 -6.18 1.23 3.26
C VAL A 44 -4.78 1.57 2.72
N VAL A 45 -4.66 1.80 1.44
CA VAL A 45 -3.32 2.12 0.87
C VAL A 45 -2.82 3.43 1.48
N LYS A 46 -3.66 4.42 1.56
CA LYS A 46 -3.24 5.71 2.16
C LYS A 46 -2.90 5.50 3.63
N TYR A 47 -3.66 4.66 4.30
CA TYR A 47 -3.38 4.41 5.74
C TYR A 47 -1.97 3.86 5.90
N ILE A 48 -1.56 2.98 5.02
CA ILE A 48 -0.19 2.41 5.12
C ILE A 48 0.83 3.55 4.95
N ALA A 49 0.61 4.42 4.00
CA ALA A 49 1.56 5.55 3.80
C ALA A 49 1.62 6.40 5.05
N PHE A 50 0.50 6.58 5.72
CA PHE A 50 0.48 7.42 6.94
C PHE A 50 1.44 6.80 7.98
N LEU A 51 1.36 5.52 8.20
CA LEU A 51 2.26 4.88 9.19
C LEU A 51 3.72 5.06 8.74
N ARG A 52 3.99 4.89 7.47
CA ARG A 52 5.37 5.05 6.97
C ARG A 52 5.84 6.49 7.23
N SER A 53 4.99 7.45 7.00
CA SER A 53 5.38 8.87 7.24
C SER A 53 5.78 9.05 8.71
N LYS A 54 5.40 8.13 9.56
CA LYS A 54 5.76 8.24 11.00
C LYS A 54 7.05 7.46 11.25
N GLY A 55 7.62 6.91 10.20
CA GLY A 55 8.89 6.13 10.36
C GLY A 55 8.60 4.65 10.60
N VAL A 56 7.37 4.23 10.43
CA VAL A 56 7.05 2.78 10.66
C VAL A 56 7.63 1.95 9.50
N ASP A 57 8.28 0.87 9.81
CA ASP A 57 8.89 0.02 8.74
C ASP A 57 7.87 -0.99 8.21
N LEU A 58 7.44 -0.81 6.98
CA LEU A 58 6.47 -1.77 6.38
C LEU A 58 7.22 -2.89 5.66
N ASN A 59 8.51 -2.74 5.51
CA ASN A 59 9.31 -3.80 4.83
C ASN A 59 9.26 -5.08 5.66
N ALA A 60 9.31 -4.96 6.95
CA ALA A 60 9.26 -6.18 7.81
C ALA A 60 7.92 -6.90 7.62
N LEU A 61 6.84 -6.16 7.66
CA LEU A 61 5.50 -6.79 7.47
C LEU A 61 5.40 -7.40 6.06
N PHE A 62 5.83 -6.68 5.08
CA PHE A 62 5.75 -7.18 3.68
C PHE A 62 6.74 -8.34 3.49
N ASP A 63 7.92 -8.20 4.00
CA ASP A 63 8.94 -9.28 3.87
C ASP A 63 8.45 -10.52 4.61
N ARG A 64 7.79 -10.33 5.72
CA ARG A 64 7.27 -11.49 6.51
C ARG A 64 6.28 -12.28 5.65
N ILE A 65 5.40 -11.60 4.96
CA ILE A 65 4.41 -12.32 4.11
C ILE A 65 5.10 -12.90 2.88
N ILE A 66 5.50 -12.06 1.96
CA ILE A 66 6.18 -12.57 0.72
C ILE A 66 7.66 -12.85 1.02
N VAL A 67 8.14 -14.00 0.61
CA VAL A 67 9.58 -14.36 0.86
C VAL A 67 10.29 -14.59 -0.48
N ASN A 68 11.45 -14.02 -0.65
CA ASN A 68 12.19 -14.17 -1.93
C ASN A 68 12.71 -15.61 -2.06
N LYS A 69 13.45 -15.87 -3.12
CA LYS A 69 14.01 -17.24 -3.35
C LYS A 69 12.88 -18.27 -3.46
N LEU A 70 12.22 -18.32 -4.59
CA LEU A 70 11.10 -19.30 -4.79
C LEU A 70 11.66 -20.61 -5.34
N GLU A 71 12.05 -20.60 -6.59
CA GLU A 71 12.60 -21.83 -7.24
C GLU A 71 11.59 -22.97 -7.13
N HIS A 72 11.81 -24.02 -7.87
CA HIS A 72 10.87 -25.19 -7.85
C HIS A 72 11.59 -26.45 -7.36
N HIS A 73 11.09 -27.06 -6.33
CA HIS A 73 11.74 -28.31 -5.81
C HIS A 73 10.67 -29.15 -5.10
N HIS A 74 10.49 -28.95 -3.82
CA HIS A 74 9.47 -29.73 -3.06
C HIS A 74 8.15 -28.94 -3.06
N HIS A 75 7.06 -29.59 -3.38
CA HIS A 75 5.74 -28.88 -3.38
C HIS A 75 4.72 -29.69 -2.58
N HIS A 76 4.12 -29.07 -1.61
CA HIS A 76 3.11 -29.77 -0.78
C HIS A 76 1.88 -30.08 -1.63
N HIS A 77 1.49 -29.16 -2.48
CA HIS A 77 0.30 -29.39 -3.34
C HIS A 77 0.37 -28.48 -4.56
N MET B 1 2.42 -13.77 12.30
CA MET B 1 0.98 -13.70 12.65
C MET B 1 0.22 -12.93 11.57
N GLU B 2 -1.02 -12.62 11.81
CA GLU B 2 -1.83 -11.87 10.81
C GLU B 2 -1.34 -10.42 10.71
N LEU B 3 -1.29 -9.89 9.51
CA LEU B 3 -0.84 -8.49 9.32
C LEU B 3 -1.81 -7.53 10.01
N SER B 4 -3.09 -7.77 9.90
CA SER B 4 -4.07 -6.87 10.55
C SER B 4 -3.80 -6.82 12.05
N ASN B 5 -3.53 -7.94 12.66
CA ASN B 5 -3.26 -7.95 14.12
C ASN B 5 -2.00 -7.12 14.44
N GLU B 6 -0.97 -7.29 13.66
CA GLU B 6 0.28 -6.52 13.92
C GLU B 6 0.04 -5.04 13.57
N LEU B 7 -0.78 -4.77 12.59
CA LEU B 7 -1.05 -3.36 12.21
C LEU B 7 -1.66 -2.63 13.41
N LYS B 8 -2.62 -3.23 14.05
CA LYS B 8 -3.26 -2.57 15.23
C LYS B 8 -2.23 -2.41 16.35
N VAL B 9 -1.36 -3.37 16.52
CA VAL B 9 -0.34 -3.28 17.60
C VAL B 9 0.55 -2.04 17.37
N GLU B 10 0.98 -1.81 16.16
CA GLU B 10 1.84 -0.62 15.90
C GLU B 10 1.06 0.64 16.23
N ARG B 11 -0.23 0.65 15.98
CA ARG B 11 -1.04 1.86 16.28
C ARG B 11 -0.94 2.17 17.79
N ILE B 12 -1.07 1.16 18.61
CA ILE B 12 -0.98 1.35 20.08
C ILE B 12 0.45 1.78 20.45
N ARG B 13 1.43 1.14 19.88
CA ARG B 13 2.86 1.50 20.19
C ARG B 13 3.11 2.93 19.73
N LEU B 14 2.52 3.30 18.62
CA LEU B 14 2.73 4.69 18.12
C LEU B 14 1.82 5.62 18.92
N SER B 15 1.01 5.06 19.79
CA SER B 15 0.07 5.88 20.62
C SER B 15 -0.49 7.04 19.80
N LEU B 16 -1.13 6.75 18.69
CA LEU B 16 -1.68 7.84 17.83
C LEU B 16 -3.21 7.90 17.97
N THR B 17 -3.79 9.05 17.80
CA THR B 17 -5.28 9.19 17.94
C THR B 17 -5.97 9.04 16.58
N ALA B 18 -7.06 8.32 16.54
CA ALA B 18 -7.79 8.14 15.27
C ALA B 18 -8.35 9.48 14.78
N LYS B 19 -8.78 10.33 15.68
CA LYS B 19 -9.33 11.64 15.26
C LYS B 19 -8.27 12.45 14.52
N SER B 20 -7.06 12.47 15.02
CA SER B 20 -5.99 13.24 14.33
C SER B 20 -5.76 12.65 12.94
N VAL B 21 -5.70 11.35 12.84
CA VAL B 21 -5.48 10.71 11.52
C VAL B 21 -6.66 11.00 10.59
N ALA B 22 -7.86 10.89 11.09
CA ALA B 22 -9.05 11.15 10.23
C ALA B 22 -8.99 12.57 9.69
N GLU B 23 -8.73 13.55 10.51
CA GLU B 23 -8.67 14.96 10.01
C GLU B 23 -7.48 15.14 9.07
N GLU B 24 -6.33 14.66 9.45
CA GLU B 24 -5.13 14.83 8.58
C GLU B 24 -5.31 14.05 7.27
N MET B 25 -5.74 12.82 7.35
CA MET B 25 -5.93 12.03 6.11
C MET B 25 -7.06 12.65 5.28
N GLY B 26 -8.10 13.10 5.94
CA GLY B 26 -9.25 13.71 5.20
C GLY B 26 -10.35 12.67 5.02
N ILE B 27 -10.49 11.76 5.95
CA ILE B 27 -11.55 10.70 5.85
C ILE B 27 -12.41 10.70 7.13
N SER B 28 -13.55 10.09 7.07
CA SER B 28 -14.46 10.06 8.25
C SER B 28 -13.99 8.98 9.23
N ARG B 29 -14.38 9.12 10.48
CA ARG B 29 -13.99 8.11 11.50
C ARG B 29 -14.58 6.74 11.11
N GLN B 30 -15.75 6.73 10.54
CA GLN B 30 -16.35 5.43 10.14
C GLN B 30 -15.46 4.73 9.13
N GLN B 31 -14.90 5.45 8.20
CA GLN B 31 -14.02 4.81 7.18
C GLN B 31 -12.80 4.20 7.88
N LEU B 32 -12.20 4.92 8.77
CA LEU B 32 -11.01 4.38 9.49
C LEU B 32 -11.44 3.17 10.34
N CYS B 33 -12.58 3.26 10.97
CA CYS B 33 -13.06 2.12 11.82
C CYS B 33 -13.20 0.87 10.95
N ASN B 34 -13.62 1.02 9.73
CA ASN B 34 -13.78 -0.17 8.85
C ASN B 34 -12.42 -0.83 8.67
N ILE B 35 -11.40 -0.04 8.49
CA ILE B 35 -10.03 -0.61 8.30
C ILE B 35 -9.62 -1.39 9.55
N GLU B 36 -9.87 -0.85 10.72
CA GLU B 36 -9.47 -1.56 11.97
C GLU B 36 -10.20 -2.90 12.05
N GLN B 37 -11.43 -2.94 11.61
CA GLN B 37 -12.20 -4.22 11.67
C GLN B 37 -11.80 -5.13 10.50
N SER B 38 -10.89 -4.66 9.68
CA SER B 38 -10.45 -5.48 8.53
C SER B 38 -9.60 -6.66 9.01
N GLU B 39 -9.78 -7.82 8.44
CA GLU B 39 -8.99 -9.01 8.86
C GLU B 39 -7.91 -9.29 7.81
N THR B 40 -8.31 -9.31 6.56
CA THR B 40 -7.35 -9.57 5.45
C THR B 40 -7.07 -8.26 4.71
N ALA B 41 -6.00 -8.20 3.95
CA ALA B 41 -5.67 -6.96 3.19
C ALA B 41 -6.04 -7.17 1.71
N PRO B 42 -6.54 -6.14 1.03
CA PRO B 42 -6.90 -6.25 -0.42
C PRO B 42 -5.68 -6.46 -1.33
N VAL B 43 -5.89 -6.96 -2.52
CA VAL B 43 -4.75 -7.22 -3.46
C VAL B 43 -4.04 -5.91 -3.82
N VAL B 44 -4.75 -4.81 -3.85
CA VAL B 44 -4.10 -3.52 -4.22
C VAL B 44 -2.80 -3.37 -3.42
N VAL B 45 -2.80 -3.81 -2.19
CA VAL B 45 -1.56 -3.72 -1.37
C VAL B 45 -0.51 -4.64 -2.01
N LYS B 46 -0.91 -5.80 -2.40
CA LYS B 46 0.04 -6.74 -3.04
C LYS B 46 0.54 -6.11 -4.35
N TYR B 47 -0.30 -5.35 -4.99
CA TYR B 47 0.10 -4.71 -6.27
C TYR B 47 1.34 -3.85 -6.01
N ILE B 48 1.32 -3.06 -4.96
CA ILE B 48 2.50 -2.21 -4.65
C ILE B 48 3.71 -3.09 -4.34
N ALA B 49 3.52 -4.13 -3.57
CA ALA B 49 4.66 -5.02 -3.22
C ALA B 49 5.23 -5.68 -4.48
N PHE B 50 4.40 -6.06 -5.41
CA PHE B 50 4.91 -6.72 -6.64
C PHE B 50 5.82 -5.75 -7.41
N LEU B 51 5.38 -4.53 -7.59
CA LEU B 51 6.22 -3.55 -8.32
C LEU B 51 7.50 -3.30 -7.54
N ARG B 52 7.41 -3.19 -6.24
CA ARG B 52 8.64 -2.98 -5.42
C ARG B 52 9.58 -4.17 -5.58
N SER B 53 9.04 -5.35 -5.68
CA SER B 53 9.91 -6.55 -5.82
C SER B 53 10.76 -6.37 -7.08
N LYS B 54 10.36 -5.51 -7.97
CA LYS B 54 11.15 -5.30 -9.23
C LYS B 54 12.05 -4.07 -9.05
N GLY B 55 11.98 -3.43 -7.91
CA GLY B 55 12.84 -2.25 -7.66
C GLY B 55 12.21 -0.97 -8.24
N VAL B 56 10.92 -0.95 -8.41
CA VAL B 56 10.27 0.28 -8.97
C VAL B 56 10.34 1.43 -7.95
N ASP B 57 10.02 1.16 -6.71
CA ASP B 57 10.06 2.23 -5.67
C ASP B 57 8.99 3.29 -5.97
N LEU B 58 7.74 2.90 -5.98
CA LEU B 58 6.64 3.89 -6.26
C LEU B 58 6.20 4.53 -4.95
N ASN B 59 6.78 4.11 -3.87
CA ASN B 59 6.40 4.69 -2.56
C ASN B 59 6.61 6.20 -2.62
N ALA B 60 7.76 6.64 -3.04
CA ALA B 60 8.00 8.11 -3.11
C ALA B 60 7.33 8.70 -4.35
N LEU B 61 7.05 7.89 -5.33
CA LEU B 61 6.41 8.41 -6.56
C LEU B 61 5.10 9.14 -6.21
N PHE B 62 4.22 8.49 -5.50
CA PHE B 62 2.94 9.17 -5.14
C PHE B 62 3.11 10.01 -3.87
N ASP B 63 4.07 9.68 -3.05
CA ASP B 63 4.26 10.49 -1.81
C ASP B 63 4.38 11.97 -2.18
N ARG B 64 4.98 12.26 -3.30
CA ARG B 64 5.12 13.70 -3.69
C ARG B 64 3.72 14.33 -3.80
N ILE B 65 2.75 13.56 -4.20
CA ILE B 65 1.37 14.10 -4.33
C ILE B 65 0.84 14.54 -2.96
N ILE B 66 1.06 13.73 -1.95
CA ILE B 66 0.56 14.10 -0.60
C ILE B 66 1.46 15.20 -0.01
N VAL B 67 0.87 16.28 0.45
CA VAL B 67 1.67 17.39 1.03
C VAL B 67 1.97 17.12 2.51
N ASN B 68 3.20 17.23 2.92
CA ASN B 68 3.58 16.97 4.34
C ASN B 68 3.32 18.22 5.20
N LYS B 69 2.76 18.03 6.37
CA LYS B 69 2.49 19.18 7.29
C LYS B 69 1.61 20.22 6.58
N LEU B 70 0.39 20.35 7.00
CA LEU B 70 -0.53 21.34 6.36
C LEU B 70 -0.40 22.70 7.05
N GLU B 71 -0.37 23.77 6.30
CA GLU B 71 -0.24 25.13 6.89
C GLU B 71 -1.09 26.12 6.08
N HIS B 72 -0.46 27.07 5.44
CA HIS B 72 -1.22 28.06 4.61
C HIS B 72 -2.22 28.84 5.48
N HIS B 73 -2.29 30.13 5.29
CA HIS B 73 -3.22 30.97 6.10
C HIS B 73 -4.67 30.45 5.96
N HIS B 74 -5.32 30.77 4.88
CA HIS B 74 -6.73 30.34 4.69
C HIS B 74 -6.89 28.86 5.10
N HIS B 75 -6.80 27.96 4.16
CA HIS B 75 -6.94 26.51 4.46
C HIS B 75 -6.98 25.79 3.11
N HIS B 76 -7.00 26.54 2.05
CA HIS B 76 -7.04 25.96 0.69
C HIS B 76 -8.16 24.91 0.61
N HIS B 77 -9.04 24.89 1.57
CA HIS B 77 -10.15 23.90 1.54
C HIS B 77 -11.27 24.36 2.48
N MET A 1 -5.08 9.42 -15.15
CA MET A 1 -3.62 9.58 -15.42
C MET A 1 -2.90 9.89 -14.10
N GLU A 2 -1.83 10.63 -14.16
CA GLU A 2 -1.09 10.98 -12.91
C GLU A 2 -0.75 9.72 -12.11
N LEU A 3 -1.44 9.50 -11.03
CA LEU A 3 -1.14 8.31 -10.18
C LEU A 3 -1.33 7.02 -11.01
N SER A 4 -2.42 6.94 -11.73
CA SER A 4 -2.66 5.73 -12.57
C SER A 4 -1.58 5.64 -13.65
N ASN A 5 -1.23 6.75 -14.24
CA ASN A 5 -0.19 6.75 -15.30
C ASN A 5 1.15 6.27 -14.72
N GLU A 6 1.49 6.70 -13.54
CA GLU A 6 2.79 6.28 -12.94
C GLU A 6 2.85 4.75 -12.80
N LEU A 7 1.85 4.15 -12.22
CA LEU A 7 1.86 2.66 -12.07
C LEU A 7 1.84 2.02 -13.46
N LYS A 8 1.06 2.55 -14.35
CA LYS A 8 0.98 1.97 -15.71
C LYS A 8 2.36 2.07 -16.40
N VAL A 9 3.03 3.20 -16.24
CA VAL A 9 4.36 3.37 -16.88
C VAL A 9 5.35 2.35 -16.30
N GLU A 10 5.37 2.16 -15.01
CA GLU A 10 6.34 1.18 -14.43
C GLU A 10 6.02 -0.22 -14.94
N ARG A 11 4.77 -0.55 -15.07
CA ARG A 11 4.41 -1.89 -15.60
C ARG A 11 5.01 -2.05 -17.00
N ILE A 12 4.93 -1.02 -17.80
CA ILE A 12 5.51 -1.06 -19.17
C ILE A 12 7.03 -1.20 -19.09
N ARG A 13 7.66 -0.45 -18.21
CA ARG A 13 9.15 -0.53 -18.11
C ARG A 13 9.58 -1.98 -17.91
N LEU A 14 8.93 -2.69 -17.04
CA LEU A 14 9.31 -4.11 -16.81
C LEU A 14 8.57 -4.99 -17.81
N SER A 15 7.69 -4.40 -18.58
CA SER A 15 6.93 -5.18 -19.60
C SER A 15 6.29 -6.42 -18.96
N LEU A 16 5.22 -6.25 -18.23
CA LEU A 16 4.53 -7.42 -17.59
C LEU A 16 3.18 -7.65 -18.25
N THR A 17 2.85 -8.88 -18.51
CA THR A 17 1.53 -9.20 -19.15
C THR A 17 0.46 -9.35 -18.07
N ALA A 18 -0.77 -9.20 -18.43
CA ALA A 18 -1.86 -9.35 -17.42
C ALA A 18 -1.93 -10.80 -16.96
N LYS A 19 -1.74 -11.73 -17.86
CA LYS A 19 -1.80 -13.17 -17.48
C LYS A 19 -0.71 -13.50 -16.46
N SER A 20 0.50 -13.05 -16.70
CA SER A 20 1.59 -13.36 -15.74
C SER A 20 1.25 -12.78 -14.36
N VAL A 21 0.80 -11.54 -14.32
CA VAL A 21 0.45 -10.93 -13.01
C VAL A 21 -0.77 -11.65 -12.42
N ALA A 22 -1.77 -11.90 -13.22
CA ALA A 22 -2.99 -12.59 -12.71
C ALA A 22 -2.61 -14.00 -12.26
N GLU A 23 -1.74 -14.65 -12.98
CA GLU A 23 -1.33 -16.03 -12.58
C GLU A 23 -0.55 -15.97 -11.26
N GLU A 24 0.30 -14.99 -11.12
CA GLU A 24 1.07 -14.86 -9.86
C GLU A 24 0.13 -14.41 -8.74
N MET A 25 -0.59 -13.34 -8.95
CA MET A 25 -1.53 -12.84 -7.90
C MET A 25 -2.65 -13.86 -7.69
N GLY A 26 -3.13 -14.46 -8.75
CA GLY A 26 -4.23 -15.46 -8.61
C GLY A 26 -5.59 -14.74 -8.65
N ILE A 27 -5.73 -13.77 -9.51
CA ILE A 27 -7.02 -13.01 -9.62
C ILE A 27 -7.50 -13.00 -11.07
N SER A 28 -8.75 -12.66 -11.29
CA SER A 28 -9.30 -12.64 -12.67
C SER A 28 -8.65 -11.53 -13.49
N ARG A 29 -8.62 -11.69 -14.79
CA ARG A 29 -8.01 -10.64 -15.65
C ARG A 29 -8.82 -9.35 -15.54
N GLN A 30 -10.11 -9.46 -15.43
CA GLN A 30 -10.96 -8.24 -15.33
C GLN A 30 -10.57 -7.46 -14.08
N GLN A 31 -10.33 -8.12 -12.98
CA GLN A 31 -9.95 -7.40 -11.74
C GLN A 31 -8.63 -6.67 -11.97
N LEU A 32 -7.72 -7.30 -12.65
CA LEU A 32 -6.41 -6.64 -12.90
C LEU A 32 -6.63 -5.40 -13.77
N CYS A 33 -7.51 -5.48 -14.74
CA CYS A 33 -7.76 -4.30 -15.62
C CYS A 33 -8.18 -3.12 -14.75
N ASN A 34 -9.03 -3.34 -13.79
CA ASN A 34 -9.47 -2.22 -12.91
C ASN A 34 -8.26 -1.70 -12.12
N ILE A 35 -7.44 -2.58 -11.63
CA ILE A 35 -6.24 -2.12 -10.84
C ILE A 35 -5.30 -1.33 -11.75
N GLU A 36 -5.08 -1.79 -12.95
CA GLU A 36 -4.16 -1.06 -13.87
C GLU A 36 -4.63 0.38 -14.01
N GLN A 37 -5.91 0.58 -14.21
CA GLN A 37 -6.44 1.98 -14.35
C GLN A 37 -6.91 2.47 -12.99
N SER A 38 -6.42 1.87 -11.92
CA SER A 38 -6.85 2.28 -10.55
C SER A 38 -6.93 3.80 -10.47
N GLU A 39 -8.11 4.35 -10.50
CA GLU A 39 -8.27 5.83 -10.44
C GLU A 39 -7.69 6.35 -9.13
N THR A 40 -8.43 6.27 -8.06
CA THR A 40 -7.94 6.77 -6.74
C THR A 40 -7.50 5.59 -5.86
N ALA A 41 -6.72 5.85 -4.84
CA ALA A 41 -6.26 4.74 -3.95
C ALA A 41 -7.28 4.53 -2.83
N PRO A 42 -7.43 3.31 -2.35
CA PRO A 42 -8.40 3.00 -1.25
C PRO A 42 -7.97 3.60 0.09
N VAL A 43 -8.87 3.65 1.04
CA VAL A 43 -8.54 4.23 2.37
C VAL A 43 -7.37 3.45 2.99
N VAL A 44 -7.24 2.19 2.67
CA VAL A 44 -6.13 1.39 3.26
C VAL A 44 -4.78 1.96 2.83
N VAL A 45 -4.62 2.27 1.57
CA VAL A 45 -3.32 2.85 1.11
C VAL A 45 -3.09 4.20 1.77
N LYS A 46 -4.09 5.03 1.83
CA LYS A 46 -3.92 6.36 2.46
C LYS A 46 -3.50 6.18 3.93
N TYR A 47 -4.12 5.26 4.61
CA TYR A 47 -3.75 5.02 6.04
C TYR A 47 -2.28 4.58 6.11
N ILE A 48 -1.86 3.71 5.22
CA ILE A 48 -0.45 3.24 5.25
C ILE A 48 0.47 4.43 4.99
N ALA A 49 0.14 5.27 4.04
CA ALA A 49 0.98 6.45 3.75
C ALA A 49 1.04 7.33 4.99
N PHE A 50 -0.04 7.40 5.72
CA PHE A 50 -0.06 8.23 6.95
C PHE A 50 1.01 7.72 7.92
N LEU A 51 1.07 6.44 8.12
CA LEU A 51 2.09 5.86 9.04
C LEU A 51 3.49 6.15 8.50
N ARG A 52 3.67 6.03 7.22
CA ARG A 52 5.02 6.32 6.63
C ARG A 52 5.38 7.78 6.87
N SER A 53 4.42 8.66 6.81
CA SER A 53 4.71 10.10 7.03
C SER A 53 5.25 10.29 8.45
N LYS A 54 5.01 9.33 9.33
CA LYS A 54 5.50 9.46 10.72
C LYS A 54 6.84 8.73 10.86
N GLY A 55 7.33 8.15 9.79
CA GLY A 55 8.64 7.44 9.85
C GLY A 55 8.48 6.03 10.42
N VAL A 56 7.33 5.43 10.26
CA VAL A 56 7.14 4.04 10.82
C VAL A 56 8.04 3.08 10.03
N ASP A 57 8.43 3.45 8.85
CA ASP A 57 9.31 2.56 8.02
C ASP A 57 8.57 1.26 7.68
N LEU A 58 7.55 1.35 6.86
CA LEU A 58 6.78 0.14 6.47
C LEU A 58 7.69 -0.83 5.71
N ASN A 59 8.57 -0.32 4.89
CA ASN A 59 9.49 -1.19 4.09
C ASN A 59 9.88 -2.45 4.87
N ALA A 60 10.40 -2.28 6.07
CA ALA A 60 10.79 -3.44 6.89
C ALA A 60 9.56 -4.23 7.33
N LEU A 61 8.48 -3.56 7.63
CA LEU A 61 7.25 -4.27 8.10
C LEU A 61 6.75 -5.24 7.02
N PHE A 62 6.64 -4.80 5.80
CA PHE A 62 6.15 -5.71 4.72
C PHE A 62 7.26 -6.70 4.35
N ASP A 63 8.48 -6.26 4.30
CA ASP A 63 9.59 -7.18 3.93
C ASP A 63 9.67 -8.27 4.98
N ARG A 64 9.08 -8.05 6.12
CA ARG A 64 9.10 -9.09 7.18
C ARG A 64 8.17 -10.23 6.75
N ILE A 65 7.29 -9.97 5.82
CA ILE A 65 6.35 -11.04 5.34
C ILE A 65 6.90 -11.71 4.08
N ILE A 66 7.12 -10.96 3.04
CA ILE A 66 7.66 -11.55 1.79
C ILE A 66 9.12 -11.96 1.99
N VAL A 67 9.77 -11.36 2.96
CA VAL A 67 11.20 -11.69 3.24
C VAL A 67 12.05 -11.47 1.99
N ASN A 68 13.06 -10.64 2.10
CA ASN A 68 13.97 -10.35 0.96
C ASN A 68 14.18 -11.60 0.10
N LYS A 69 14.06 -11.46 -1.21
CA LYS A 69 14.24 -12.62 -2.12
C LYS A 69 15.69 -12.69 -2.59
N LEU A 70 16.42 -13.69 -2.17
CA LEU A 70 17.84 -13.82 -2.58
C LEU A 70 18.24 -15.30 -2.57
N GLU A 71 19.08 -15.70 -1.65
CA GLU A 71 19.53 -17.12 -1.55
C GLU A 71 20.64 -17.41 -2.57
N HIS A 72 21.86 -17.15 -2.21
CA HIS A 72 23.02 -17.43 -3.12
C HIS A 72 23.79 -18.63 -2.56
N HIS A 73 23.64 -19.78 -3.15
CA HIS A 73 24.35 -20.99 -2.63
C HIS A 73 25.79 -21.04 -3.14
N HIS A 74 26.55 -19.99 -2.95
CA HIS A 74 27.99 -19.94 -3.44
C HIS A 74 28.59 -21.35 -3.52
N HIS A 75 29.32 -21.76 -2.53
CA HIS A 75 29.92 -23.13 -2.56
C HIS A 75 30.22 -23.57 -1.13
N HIS A 76 30.89 -22.73 -0.37
CA HIS A 76 31.22 -23.08 1.04
C HIS A 76 30.23 -22.39 1.98
N HIS A 77 29.41 -21.51 1.47
CA HIS A 77 28.42 -20.81 2.34
C HIS A 77 27.38 -20.10 1.46
N MET B 1 3.87 -11.73 11.20
CA MET B 1 3.05 -12.27 12.32
C MET B 1 1.68 -11.57 12.33
N GLU B 2 0.78 -11.99 11.48
CA GLU B 2 -0.58 -11.37 11.44
C GLU B 2 -0.44 -9.87 11.15
N LEU B 3 -0.85 -9.44 9.99
CA LEU B 3 -0.76 -7.99 9.64
C LEU B 3 -1.66 -7.17 10.58
N SER B 4 -2.81 -7.69 10.92
CA SER B 4 -3.73 -6.93 11.81
C SER B 4 -3.02 -6.57 13.12
N ASN B 5 -2.33 -7.51 13.70
CA ASN B 5 -1.62 -7.22 14.99
C ASN B 5 -0.50 -6.20 14.74
N GLU B 6 0.20 -6.31 13.64
CA GLU B 6 1.31 -5.35 13.38
C GLU B 6 0.79 -3.90 13.39
N LEU B 7 -0.24 -3.61 12.64
CA LEU B 7 -0.77 -2.22 12.62
C LEU B 7 -1.27 -1.85 14.02
N LYS B 8 -1.91 -2.77 14.68
CA LYS B 8 -2.43 -2.48 16.04
C LYS B 8 -1.28 -2.09 16.97
N VAL B 9 -0.19 -2.79 16.90
CA VAL B 9 0.97 -2.46 17.78
C VAL B 9 1.49 -1.05 17.43
N GLU B 10 1.62 -0.75 16.16
CA GLU B 10 2.14 0.59 15.77
C GLU B 10 1.16 1.69 16.21
N ARG B 11 -0.12 1.47 16.02
CA ARG B 11 -1.11 2.51 16.40
C ARG B 11 -1.01 2.77 17.90
N ILE B 12 -0.96 1.73 18.68
CA ILE B 12 -0.84 1.89 20.16
C ILE B 12 0.52 2.49 20.52
N ARG B 13 1.57 2.03 19.90
CA ARG B 13 2.93 2.58 20.21
C ARG B 13 2.93 4.08 19.97
N LEU B 14 2.37 4.52 18.88
CA LEU B 14 2.34 5.98 18.57
C LEU B 14 1.03 6.55 19.10
N SER B 15 0.21 5.71 19.67
CA SER B 15 -1.10 6.16 20.23
C SER B 15 -1.76 7.19 19.31
N LEU B 16 -2.44 6.74 18.29
CA LEU B 16 -3.14 7.69 17.36
C LEU B 16 -4.63 7.72 17.70
N THR B 17 -5.23 8.88 17.65
CA THR B 17 -6.68 8.99 17.97
C THR B 17 -7.50 8.75 16.70
N ALA B 18 -8.53 7.97 16.79
CA ALA B 18 -9.36 7.70 15.59
C ALA B 18 -10.01 9.01 15.13
N LYS B 19 -10.41 9.84 16.05
CA LYS B 19 -11.05 11.13 15.65
C LYS B 19 -10.07 11.98 14.85
N SER B 20 -8.86 12.11 15.31
CA SER B 20 -7.87 12.93 14.55
C SER B 20 -7.58 12.29 13.20
N VAL B 21 -7.34 11.01 13.19
CA VAL B 21 -7.05 10.31 11.91
C VAL B 21 -8.29 10.33 11.00
N ALA B 22 -9.43 10.03 11.54
CA ALA B 22 -10.67 10.03 10.71
C ALA B 22 -10.99 11.44 10.23
N GLU B 23 -10.83 12.43 11.07
CA GLU B 23 -11.14 13.82 10.65
C GLU B 23 -10.16 14.24 9.54
N GLU B 24 -8.90 13.97 9.72
CA GLU B 24 -7.90 14.34 8.67
C GLU B 24 -8.10 13.45 7.44
N MET B 25 -8.32 12.18 7.66
CA MET B 25 -8.52 11.24 6.53
C MET B 25 -9.82 11.59 5.80
N GLY B 26 -10.85 11.95 6.53
CA GLY B 26 -12.16 12.31 5.90
C GLY B 26 -13.03 11.06 5.77
N ILE B 27 -12.92 10.14 6.70
CA ILE B 27 -13.74 8.88 6.66
C ILE B 27 -14.40 8.63 8.02
N SER B 28 -15.33 7.72 8.06
CA SER B 28 -16.04 7.41 9.34
C SER B 28 -15.09 6.69 10.30
N ARG B 29 -15.33 6.81 11.58
CA ARG B 29 -14.44 6.12 12.56
C ARG B 29 -14.58 4.61 12.39
N GLN B 30 -15.76 4.14 12.10
CA GLN B 30 -15.98 2.69 11.92
C GLN B 30 -15.13 2.17 10.76
N GLN B 31 -15.06 2.90 9.68
CA GLN B 31 -14.25 2.43 8.52
C GLN B 31 -12.78 2.38 8.91
N LEU B 32 -12.30 3.37 9.61
CA LEU B 32 -10.88 3.37 10.03
C LEU B 32 -10.63 2.17 10.97
N CYS B 33 -11.53 1.93 11.88
CA CYS B 33 -11.36 0.79 12.83
C CYS B 33 -11.42 -0.54 12.06
N ASN B 34 -12.17 -0.60 11.00
CA ASN B 34 -12.29 -1.88 10.23
C ASN B 34 -10.92 -2.28 9.66
N ILE B 35 -10.19 -1.34 9.14
CA ILE B 35 -8.86 -1.64 8.53
C ILE B 35 -7.89 -2.23 9.55
N GLU B 36 -7.44 -1.43 10.47
CA GLU B 36 -6.45 -1.92 11.48
C GLU B 36 -6.94 -3.21 12.16
N GLN B 37 -8.23 -3.41 12.28
CA GLN B 37 -8.73 -4.66 12.96
C GLN B 37 -9.08 -5.73 11.92
N SER B 38 -8.95 -5.45 10.66
CA SER B 38 -9.29 -6.49 9.63
C SER B 38 -9.10 -5.89 8.22
N GLU B 39 -8.85 -6.72 7.25
CA GLU B 39 -8.66 -6.21 5.85
C GLU B 39 -7.66 -5.05 5.86
N THR B 40 -6.40 -5.34 5.61
CA THR B 40 -5.36 -4.27 5.58
C THR B 40 -4.51 -4.43 4.32
N ALA B 41 -4.62 -5.54 3.66
CA ALA B 41 -3.82 -5.79 2.42
C ALA B 41 -4.73 -6.29 1.30
N PRO B 42 -5.43 -5.41 0.63
CA PRO B 42 -6.34 -5.79 -0.49
C PRO B 42 -5.57 -6.11 -1.79
N VAL B 43 -6.28 -6.46 -2.82
CA VAL B 43 -5.60 -6.79 -4.12
C VAL B 43 -4.86 -5.55 -4.66
N VAL B 44 -5.39 -4.38 -4.42
CA VAL B 44 -4.71 -3.15 -4.93
C VAL B 44 -3.32 -3.03 -4.31
N VAL B 45 -3.20 -3.22 -3.03
CA VAL B 45 -1.86 -3.13 -2.38
C VAL B 45 -0.95 -4.24 -2.91
N LYS B 46 -1.47 -5.43 -3.04
CA LYS B 46 -0.63 -6.55 -3.55
C LYS B 46 -0.06 -6.18 -4.92
N TYR B 47 -0.86 -5.56 -5.74
CA TYR B 47 -0.37 -5.17 -7.10
C TYR B 47 0.82 -4.21 -6.97
N ILE B 48 0.68 -3.19 -6.15
CA ILE B 48 1.81 -2.22 -5.99
C ILE B 48 3.00 -2.96 -5.37
N ALA B 49 2.76 -3.74 -4.34
CA ALA B 49 3.88 -4.50 -3.69
C ALA B 49 4.48 -5.48 -4.69
N PHE B 50 3.66 -6.01 -5.56
CA PHE B 50 4.18 -6.98 -6.56
C PHE B 50 5.28 -6.28 -7.37
N LEU B 51 5.04 -5.06 -7.76
CA LEU B 51 6.07 -4.29 -8.52
C LEU B 51 7.30 -4.10 -7.62
N ARG B 52 7.11 -3.85 -6.36
CA ARG B 52 8.27 -3.67 -5.44
C ARG B 52 9.14 -4.92 -5.43
N SER B 53 8.53 -6.07 -5.42
CA SER B 53 9.33 -7.32 -5.40
C SER B 53 10.20 -7.39 -6.66
N LYS B 54 9.90 -6.59 -7.65
CA LYS B 54 10.69 -6.61 -8.91
C LYS B 54 11.81 -5.55 -8.85
N GLY B 55 11.91 -4.84 -7.75
CA GLY B 55 12.97 -3.79 -7.63
C GLY B 55 12.39 -2.40 -7.93
N VAL B 56 11.12 -2.32 -8.21
CA VAL B 56 10.50 -1.00 -8.51
C VAL B 56 10.57 -0.12 -7.26
N ASP B 57 10.32 -0.68 -6.11
CA ASP B 57 10.36 0.10 -4.83
C ASP B 57 9.34 1.23 -4.86
N LEU B 58 8.13 0.94 -4.47
CA LEU B 58 7.05 1.99 -4.47
C LEU B 58 7.33 3.03 -3.39
N ASN B 59 7.84 2.62 -2.25
CA ASN B 59 8.10 3.59 -1.14
C ASN B 59 8.69 4.88 -1.69
N ALA B 60 9.75 4.81 -2.44
CA ALA B 60 10.38 6.05 -2.99
C ALA B 60 9.42 6.72 -3.99
N LEU B 61 8.82 5.95 -4.86
CA LEU B 61 7.90 6.56 -5.86
C LEU B 61 6.76 7.26 -5.11
N PHE B 62 6.17 6.60 -4.15
CA PHE B 62 5.09 7.24 -3.36
C PHE B 62 5.67 8.35 -2.49
N ASP B 63 6.89 8.19 -2.03
CA ASP B 63 7.50 9.26 -1.18
C ASP B 63 7.31 10.60 -1.90
N ARG B 64 7.35 10.58 -3.19
CA ARG B 64 7.13 11.83 -3.95
C ARG B 64 5.74 12.38 -3.59
N ILE B 65 4.77 11.50 -3.48
CA ILE B 65 3.38 11.95 -3.13
C ILE B 65 3.38 12.57 -1.72
N ILE B 66 4.03 11.95 -0.78
CA ILE B 66 4.07 12.51 0.61
C ILE B 66 5.00 13.73 0.65
N VAL B 67 4.89 14.55 1.67
CA VAL B 67 5.76 15.77 1.73
C VAL B 67 5.54 16.49 3.08
N ASN B 68 6.54 17.17 3.57
CA ASN B 68 6.39 17.91 4.87
C ASN B 68 5.28 18.95 4.70
N LYS B 69 4.78 19.49 5.81
CA LYS B 69 3.69 20.52 5.72
C LYS B 69 4.19 21.85 6.29
N LEU B 70 5.10 22.49 5.60
CA LEU B 70 5.63 23.81 6.05
C LEU B 70 6.03 23.73 7.54
N GLU B 71 6.23 24.87 8.15
CA GLU B 71 6.64 24.93 9.59
C GLU B 71 8.15 24.70 9.69
N HIS B 72 8.85 24.82 8.60
CA HIS B 72 10.33 24.59 8.63
C HIS B 72 11.03 25.86 9.14
N HIS B 73 11.64 25.80 10.30
CA HIS B 73 12.38 26.98 10.82
C HIS B 73 13.82 26.87 10.34
N HIS B 74 14.03 26.04 9.34
CA HIS B 74 15.40 25.81 8.77
C HIS B 74 16.24 27.08 8.85
N HIS B 75 17.54 26.94 8.94
CA HIS B 75 18.43 28.13 9.03
C HIS B 75 19.76 27.80 8.30
N HIS B 76 20.62 28.76 8.16
CA HIS B 76 21.91 28.51 7.46
C HIS B 76 21.65 28.00 6.04
N HIS B 77 21.33 26.74 5.90
CA HIS B 77 21.06 26.20 4.54
C HIS B 77 22.16 26.63 3.57
N MET A 1 -0.72 14.93 -10.39
CA MET A 1 -0.93 14.00 -11.53
C MET A 1 -1.87 12.88 -11.11
N GLU A 2 -2.56 12.28 -12.05
CA GLU A 2 -3.50 11.19 -11.70
C GLU A 2 -2.72 9.94 -11.25
N LEU A 3 -3.23 9.25 -10.27
CA LEU A 3 -2.53 8.04 -9.75
C LEU A 3 -2.44 6.97 -10.86
N SER A 4 -3.50 6.75 -11.57
CA SER A 4 -3.47 5.72 -12.64
C SER A 4 -2.42 6.10 -13.68
N ASN A 5 -2.28 7.37 -13.96
CA ASN A 5 -1.29 7.81 -14.97
C ASN A 5 0.12 7.42 -14.52
N GLU A 6 0.43 7.65 -13.28
CA GLU A 6 1.79 7.30 -12.79
C GLU A 6 1.92 5.77 -12.68
N LEU A 7 0.89 5.13 -12.19
CA LEU A 7 0.94 3.64 -12.03
C LEU A 7 1.11 2.96 -13.40
N LYS A 8 0.37 3.39 -14.38
CA LYS A 8 0.47 2.75 -15.72
C LYS A 8 1.87 3.02 -16.30
N VAL A 9 2.42 4.17 -16.01
CA VAL A 9 3.76 4.52 -16.56
C VAL A 9 4.77 3.46 -16.12
N GLU A 10 4.78 3.09 -14.87
CA GLU A 10 5.75 2.06 -14.41
C GLU A 10 5.44 0.72 -15.10
N ARG A 11 4.19 0.34 -15.15
CA ARG A 11 3.84 -0.96 -15.82
C ARG A 11 4.28 -0.92 -17.28
N ILE A 12 4.02 0.17 -17.97
CA ILE A 12 4.43 0.27 -19.40
C ILE A 12 5.96 0.28 -19.49
N ARG A 13 6.61 1.02 -18.62
CA ARG A 13 8.10 1.09 -18.67
C ARG A 13 8.68 -0.31 -18.51
N LEU A 14 8.18 -1.08 -17.59
CA LEU A 14 8.71 -2.44 -17.36
C LEU A 14 7.95 -3.43 -18.26
N SER A 15 6.98 -2.94 -18.99
CA SER A 15 6.18 -3.83 -19.89
C SER A 15 5.86 -5.14 -19.18
N LEU A 16 4.97 -5.11 -18.24
CA LEU A 16 4.61 -6.36 -17.48
C LEU A 16 3.34 -6.98 -18.05
N THR A 17 3.33 -8.27 -18.22
CA THR A 17 2.14 -8.95 -18.79
C THR A 17 1.18 -9.34 -17.65
N ALA A 18 -0.08 -9.08 -17.83
CA ALA A 18 -1.07 -9.43 -16.77
C ALA A 18 -1.11 -10.94 -16.58
N LYS A 19 -0.97 -11.68 -17.65
CA LYS A 19 -1.01 -13.17 -17.55
C LYS A 19 0.15 -13.66 -16.67
N SER A 20 1.32 -13.16 -16.90
CA SER A 20 2.49 -13.61 -16.09
C SER A 20 2.25 -13.28 -14.61
N VAL A 21 1.78 -12.11 -14.33
CA VAL A 21 1.51 -11.72 -12.91
C VAL A 21 0.38 -12.57 -12.36
N ALA A 22 -0.67 -12.76 -13.12
CA ALA A 22 -1.83 -13.57 -12.66
C ALA A 22 -1.37 -14.98 -12.30
N GLU A 23 -0.59 -15.60 -13.13
CA GLU A 23 -0.13 -16.98 -12.83
C GLU A 23 0.77 -16.96 -11.60
N GLU A 24 1.59 -15.95 -11.47
CA GLU A 24 2.51 -15.87 -10.29
C GLU A 24 1.71 -15.56 -9.03
N MET A 25 0.90 -14.54 -9.07
CA MET A 25 0.10 -14.17 -7.88
C MET A 25 -0.88 -15.29 -7.54
N GLY A 26 -1.47 -15.90 -8.55
CA GLY A 26 -2.45 -17.00 -8.30
C GLY A 26 -3.88 -16.45 -8.37
N ILE A 27 -4.09 -15.43 -9.18
CA ILE A 27 -5.46 -14.82 -9.30
C ILE A 27 -5.87 -14.77 -10.78
N SER A 28 -7.12 -14.51 -11.04
CA SER A 28 -7.59 -14.46 -12.45
C SER A 28 -7.13 -13.16 -13.12
N ARG A 29 -7.00 -13.18 -14.42
CA ARG A 29 -6.56 -11.98 -15.16
C ARG A 29 -7.63 -10.88 -15.02
N GLN A 30 -8.88 -11.25 -15.06
CA GLN A 30 -9.97 -10.23 -14.92
C GLN A 30 -9.79 -9.48 -13.61
N GLN A 31 -9.46 -10.17 -12.55
CA GLN A 31 -9.27 -9.49 -11.23
C GLN A 31 -8.10 -8.52 -11.34
N LEU A 32 -7.05 -8.91 -12.02
CA LEU A 32 -5.88 -8.02 -12.15
C LEU A 32 -6.29 -6.75 -12.89
N CYS A 33 -7.07 -6.88 -13.92
CA CYS A 33 -7.50 -5.68 -14.70
C CYS A 33 -8.29 -4.74 -13.79
N ASN A 34 -9.06 -5.28 -12.88
CA ASN A 34 -9.84 -4.42 -11.95
C ASN A 34 -8.89 -3.61 -11.07
N ILE A 35 -7.79 -4.19 -10.67
CA ILE A 35 -6.83 -3.47 -9.79
C ILE A 35 -6.29 -2.24 -10.52
N GLU A 36 -5.92 -2.37 -11.75
CA GLU A 36 -5.37 -1.21 -12.50
C GLU A 36 -6.50 -0.19 -12.74
N GLN A 37 -7.70 -0.68 -12.92
CA GLN A 37 -8.87 0.24 -13.14
C GLN A 37 -9.37 0.76 -11.80
N SER A 38 -8.55 0.69 -10.78
CA SER A 38 -8.98 1.19 -9.45
C SER A 38 -9.01 2.73 -9.47
N GLU A 39 -8.54 3.32 -10.54
CA GLU A 39 -8.54 4.80 -10.65
C GLU A 39 -7.97 5.44 -9.38
N THR A 40 -8.79 5.64 -8.37
CA THR A 40 -8.30 6.26 -7.11
C THR A 40 -7.99 5.17 -6.09
N ALA A 41 -6.89 5.28 -5.40
CA ALA A 41 -6.51 4.24 -4.40
C ALA A 41 -7.44 4.33 -3.18
N PRO A 42 -7.65 3.23 -2.49
CA PRO A 42 -8.53 3.19 -1.27
C PRO A 42 -7.91 3.88 -0.06
N VAL A 43 -8.71 4.24 0.91
CA VAL A 43 -8.19 4.93 2.12
C VAL A 43 -7.17 4.00 2.81
N VAL A 44 -7.24 2.73 2.53
CA VAL A 44 -6.28 1.78 3.16
C VAL A 44 -4.85 2.16 2.75
N VAL A 45 -4.65 2.43 1.48
CA VAL A 45 -3.29 2.83 1.02
C VAL A 45 -2.89 4.13 1.70
N LYS A 46 -3.78 5.08 1.74
CA LYS A 46 -3.47 6.38 2.39
C LYS A 46 -3.18 6.14 3.87
N TYR A 47 -3.92 5.26 4.50
CA TYR A 47 -3.70 4.98 5.94
C TYR A 47 -2.27 4.47 6.14
N ILE A 48 -1.81 3.63 5.26
CA ILE A 48 -0.43 3.08 5.37
C ILE A 48 0.57 4.24 5.28
N ALA A 49 0.35 5.14 4.36
CA ALA A 49 1.29 6.28 4.21
C ALA A 49 1.35 7.06 5.54
N PHE A 50 0.25 7.13 6.24
CA PHE A 50 0.23 7.86 7.53
C PHE A 50 1.22 7.20 8.50
N LEU A 51 1.15 5.90 8.62
CA LEU A 51 2.07 5.19 9.55
C LEU A 51 3.51 5.38 9.05
N ARG A 52 3.71 5.28 7.77
CA ARG A 52 5.08 5.44 7.21
C ARG A 52 5.58 6.85 7.60
N SER A 53 4.73 7.82 7.47
CA SER A 53 5.11 9.22 7.86
C SER A 53 5.48 9.25 9.34
N LYS A 54 4.84 8.44 10.14
CA LYS A 54 5.14 8.42 11.59
C LYS A 54 6.47 7.71 11.81
N GLY A 55 7.13 7.32 10.75
CA GLY A 55 8.45 6.63 10.89
C GLY A 55 8.24 5.18 11.30
N VAL A 56 7.06 4.66 11.12
CA VAL A 56 6.80 3.24 11.50
C VAL A 56 7.64 2.32 10.61
N ASP A 57 8.30 1.35 11.18
CA ASP A 57 9.15 0.43 10.37
C ASP A 57 8.25 -0.47 9.51
N LEU A 58 7.54 0.12 8.59
CA LEU A 58 6.66 -0.66 7.67
C LEU A 58 7.53 -1.55 6.77
N ASN A 59 8.70 -1.08 6.43
CA ASN A 59 9.60 -1.87 5.54
C ASN A 59 9.84 -3.23 6.18
N ALA A 60 10.09 -3.25 7.46
CA ALA A 60 10.34 -4.55 8.14
C ALA A 60 9.08 -5.40 8.06
N LEU A 61 7.93 -4.84 8.30
CA LEU A 61 6.68 -5.64 8.24
C LEU A 61 6.50 -6.20 6.82
N PHE A 62 6.68 -5.38 5.83
CA PHE A 62 6.51 -5.86 4.42
C PHE A 62 7.65 -6.81 4.05
N ASP A 63 8.84 -6.50 4.47
CA ASP A 63 10.01 -7.36 4.12
C ASP A 63 9.68 -8.82 4.44
N ARG A 64 9.16 -9.10 5.59
CA ARG A 64 8.85 -10.52 5.92
C ARG A 64 7.70 -11.01 5.04
N ILE A 65 6.75 -10.18 4.77
CA ILE A 65 5.61 -10.61 3.92
C ILE A 65 6.12 -10.96 2.52
N ILE A 66 6.98 -10.14 1.97
CA ILE A 66 7.51 -10.42 0.61
C ILE A 66 8.75 -11.31 0.72
N VAL A 67 8.70 -12.50 0.16
CA VAL A 67 9.87 -13.43 0.23
C VAL A 67 10.50 -13.58 -1.16
N ASN A 68 11.79 -13.39 -1.25
CA ASN A 68 12.48 -13.52 -2.56
C ASN A 68 12.94 -14.96 -2.77
N LYS A 69 13.77 -15.18 -3.75
CA LYS A 69 14.26 -16.57 -4.00
C LYS A 69 15.39 -16.90 -3.03
N LEU A 70 15.10 -17.62 -2.00
CA LEU A 70 16.16 -17.99 -1.02
C LEU A 70 15.66 -19.15 -0.15
N GLU A 71 16.37 -20.22 -0.11
CA GLU A 71 15.96 -21.40 0.69
C GLU A 71 16.90 -21.53 1.89
N HIS A 72 17.88 -20.65 1.99
CA HIS A 72 18.85 -20.75 3.12
C HIS A 72 19.50 -19.38 3.40
N HIS A 73 20.69 -19.43 3.95
CA HIS A 73 21.46 -18.20 4.26
C HIS A 73 20.55 -17.13 4.84
N HIS A 74 20.39 -17.12 6.13
CA HIS A 74 19.53 -16.09 6.79
C HIS A 74 20.37 -14.84 7.01
N HIS A 75 19.75 -13.69 7.13
CA HIS A 75 20.52 -12.43 7.34
C HIS A 75 20.64 -12.15 8.83
N HIS A 76 21.32 -12.99 9.57
CA HIS A 76 21.51 -12.79 11.04
C HIS A 76 20.14 -12.69 11.73
N HIS A 77 19.93 -13.47 12.76
CA HIS A 77 18.63 -13.42 13.49
C HIS A 77 18.85 -13.92 14.93
N MET B 1 1.66 -14.22 8.63
CA MET B 1 1.05 -13.53 9.81
C MET B 1 -0.08 -12.62 9.34
N GLU B 2 -1.08 -12.45 10.15
CA GLU B 2 -2.23 -11.59 9.75
C GLU B 2 -1.80 -10.12 9.68
N LEU B 3 -2.19 -9.43 8.64
CA LEU B 3 -1.81 -7.99 8.50
C LEU B 3 -2.44 -7.18 9.63
N SER B 4 -3.68 -7.44 9.94
CA SER B 4 -4.36 -6.68 11.01
C SER B 4 -3.62 -6.88 12.34
N ASN B 5 -3.19 -8.08 12.62
CA ASN B 5 -2.47 -8.34 13.90
C ASN B 5 -1.21 -7.49 13.97
N GLU B 6 -0.43 -7.47 12.93
CA GLU B 6 0.82 -6.68 12.93
C GLU B 6 0.47 -5.19 12.90
N LEU B 7 -0.50 -4.83 12.10
CA LEU B 7 -0.91 -3.40 12.00
C LEU B 7 -1.43 -2.92 13.35
N LYS B 8 -2.22 -3.73 14.02
CA LYS B 8 -2.79 -3.32 15.33
C LYS B 8 -1.65 -3.12 16.34
N VAL B 9 -0.63 -3.95 16.28
CA VAL B 9 0.50 -3.81 17.24
C VAL B 9 1.16 -2.44 17.07
N GLU B 10 1.43 -2.05 15.85
CA GLU B 10 2.07 -0.73 15.61
C GLU B 10 1.11 0.39 15.99
N ARG B 11 -0.15 0.24 15.69
CA ARG B 11 -1.12 1.30 16.04
C ARG B 11 -1.06 1.56 17.54
N ILE B 12 -1.03 0.51 18.32
CA ILE B 12 -0.96 0.66 19.80
C ILE B 12 0.38 1.29 20.18
N ARG B 13 1.45 0.82 19.60
CA ARG B 13 2.79 1.38 19.94
C ARG B 13 2.83 2.87 19.63
N LEU B 14 2.36 3.27 18.49
CA LEU B 14 2.37 4.72 18.15
C LEU B 14 1.17 5.38 18.83
N SER B 15 0.36 4.59 19.50
CA SER B 15 -0.84 5.15 20.21
C SER B 15 -1.46 6.28 19.39
N LEU B 16 -1.82 6.01 18.16
CA LEU B 16 -2.40 7.09 17.31
C LEU B 16 -3.85 7.35 17.68
N THR B 17 -4.30 8.57 17.56
CA THR B 17 -5.70 8.92 17.92
C THR B 17 -6.57 8.94 16.66
N ALA B 18 -7.77 8.43 16.76
CA ALA B 18 -8.68 8.41 15.58
C ALA B 18 -9.04 9.84 15.18
N LYS B 19 -9.21 10.72 16.13
CA LYS B 19 -9.57 12.12 15.79
C LYS B 19 -8.44 12.77 14.97
N SER B 20 -7.23 12.62 15.40
CA SER B 20 -6.09 13.22 14.67
C SER B 20 -6.01 12.62 13.26
N VAL B 21 -6.14 11.32 13.16
CA VAL B 21 -6.09 10.66 11.83
C VAL B 21 -7.28 11.12 10.97
N ALA B 22 -8.44 11.19 11.56
CA ALA B 22 -9.64 11.61 10.79
C ALA B 22 -9.44 13.03 10.22
N GLU B 23 -8.91 13.93 11.00
CA GLU B 23 -8.71 15.31 10.47
C GLU B 23 -7.66 15.30 9.35
N GLU B 24 -6.62 14.53 9.50
CA GLU B 24 -5.57 14.47 8.44
C GLU B 24 -6.16 13.81 7.18
N MET B 25 -6.68 12.62 7.32
CA MET B 25 -7.28 11.93 6.16
C MET B 25 -8.53 12.69 5.69
N GLY B 26 -9.30 13.20 6.61
CA GLY B 26 -10.53 13.94 6.23
C GLY B 26 -11.71 12.97 6.17
N ILE B 27 -11.75 12.01 7.07
CA ILE B 27 -12.88 11.02 7.07
C ILE B 27 -13.52 10.95 8.47
N SER B 28 -14.66 10.34 8.56
CA SER B 28 -15.36 10.24 9.87
C SER B 28 -14.64 9.26 10.79
N ARG B 29 -14.91 9.33 12.07
CA ARG B 29 -14.26 8.42 13.04
C ARG B 29 -14.72 6.98 12.77
N GLN B 30 -15.97 6.81 12.45
CA GLN B 30 -16.50 5.45 12.17
C GLN B 30 -15.83 4.90 10.90
N GLN B 31 -15.61 5.74 9.94
CA GLN B 31 -14.96 5.28 8.68
C GLN B 31 -13.56 4.76 9.00
N LEU B 32 -12.87 5.42 9.89
CA LEU B 32 -11.50 4.97 10.25
C LEU B 32 -11.57 3.57 10.86
N CYS B 33 -12.52 3.33 11.70
CA CYS B 33 -12.64 1.98 12.34
C CYS B 33 -12.85 0.92 11.25
N ASN B 34 -13.58 1.25 10.23
CA ASN B 34 -13.83 0.27 9.14
C ASN B 34 -12.51 -0.05 8.43
N ILE B 35 -11.66 0.92 8.28
CA ILE B 35 -10.36 0.68 7.59
C ILE B 35 -9.56 -0.36 8.40
N GLU B 36 -9.55 -0.21 9.70
CA GLU B 36 -8.80 -1.17 10.55
C GLU B 36 -9.42 -2.55 10.43
N GLN B 37 -10.72 -2.61 10.32
CA GLN B 37 -11.40 -3.93 10.20
C GLN B 37 -11.17 -4.49 8.81
N SER B 38 -10.00 -4.28 8.26
CA SER B 38 -9.71 -4.78 6.89
C SER B 38 -9.61 -6.31 6.92
N GLU B 39 -10.64 -6.99 6.51
CA GLU B 39 -10.60 -8.48 6.52
C GLU B 39 -9.59 -8.94 5.46
N THR B 40 -8.41 -9.29 5.90
CA THR B 40 -7.34 -9.75 4.96
C THR B 40 -7.03 -8.64 3.94
N ALA B 41 -5.79 -8.50 3.58
CA ALA B 41 -5.42 -7.40 2.62
C ALA B 41 -5.97 -7.73 1.20
N PRO B 42 -6.42 -6.73 0.48
CA PRO B 42 -6.96 -6.91 -0.91
C PRO B 42 -5.86 -7.22 -1.95
N VAL B 43 -6.24 -7.76 -3.08
CA VAL B 43 -5.25 -8.08 -4.14
C VAL B 43 -4.55 -6.79 -4.59
N VAL B 44 -5.15 -5.66 -4.34
CA VAL B 44 -4.53 -4.37 -4.74
C VAL B 44 -3.19 -4.20 -4.03
N VAL B 45 -3.15 -4.47 -2.75
CA VAL B 45 -1.88 -4.34 -1.98
C VAL B 45 -0.86 -5.33 -2.55
N LYS B 46 -1.27 -6.53 -2.83
CA LYS B 46 -0.34 -7.54 -3.38
C LYS B 46 0.22 -7.04 -4.72
N TYR B 47 -0.58 -6.38 -5.51
CA TYR B 47 -0.08 -5.87 -6.81
C TYR B 47 1.09 -4.92 -6.56
N ILE B 48 0.97 -4.07 -5.58
CA ILE B 48 2.09 -3.14 -5.28
C ILE B 48 3.31 -3.96 -4.89
N ALA B 49 3.11 -4.99 -4.10
CA ALA B 49 4.25 -5.84 -3.69
C ALA B 49 4.97 -6.35 -4.94
N PHE B 50 4.25 -6.62 -6.00
CA PHE B 50 4.92 -7.09 -7.24
C PHE B 50 5.86 -5.99 -7.72
N LEU B 51 5.38 -4.78 -7.79
CA LEU B 51 6.25 -3.65 -8.25
C LEU B 51 7.37 -3.44 -7.23
N ARG B 52 7.05 -3.50 -5.96
CA ARG B 52 8.08 -3.29 -4.91
C ARG B 52 9.09 -4.45 -4.96
N SER B 53 8.62 -5.64 -5.20
CA SER B 53 9.51 -6.83 -5.26
C SER B 53 10.63 -6.58 -6.28
N LYS B 54 10.33 -5.88 -7.33
CA LYS B 54 11.37 -5.61 -8.36
C LYS B 54 12.21 -4.40 -7.94
N GLY B 55 11.94 -3.86 -6.78
CA GLY B 55 12.74 -2.70 -6.30
C GLY B 55 12.36 -1.44 -7.08
N VAL B 56 11.16 -1.37 -7.59
CA VAL B 56 10.75 -0.16 -8.36
C VAL B 56 10.64 1.04 -7.42
N ASP B 57 11.17 2.16 -7.82
CA ASP B 57 11.13 3.38 -6.96
C ASP B 57 9.72 3.60 -6.40
N LEU B 58 9.40 2.94 -5.32
CA LEU B 58 8.03 3.11 -4.71
C LEU B 58 8.07 4.22 -3.66
N ASN B 59 9.10 4.24 -2.85
CA ASN B 59 9.19 5.29 -1.79
C ASN B 59 9.00 6.67 -2.41
N ALA B 60 9.77 7.01 -3.40
CA ALA B 60 9.60 8.34 -4.03
C ALA B 60 8.23 8.44 -4.67
N LEU B 61 7.79 7.39 -5.31
CA LEU B 61 6.45 7.40 -5.98
C LEU B 61 5.42 8.12 -5.10
N PHE B 62 5.22 7.64 -3.90
CA PHE B 62 4.25 8.30 -2.99
C PHE B 62 4.71 9.72 -2.67
N ASP B 63 5.97 9.88 -2.38
CA ASP B 63 6.51 11.23 -2.04
C ASP B 63 5.96 12.26 -3.04
N ARG B 64 5.76 11.88 -4.26
CA ARG B 64 5.23 12.84 -5.26
C ARG B 64 3.81 13.25 -4.87
N ILE B 65 3.02 12.31 -4.44
CA ILE B 65 1.62 12.63 -4.04
C ILE B 65 1.61 13.52 -2.80
N ILE B 66 2.42 13.21 -1.82
CA ILE B 66 2.44 14.02 -0.57
C ILE B 66 3.45 15.17 -0.67
N VAL B 67 3.05 16.35 -0.28
CA VAL B 67 3.97 17.52 -0.33
C VAL B 67 4.92 17.47 0.87
N ASN B 68 4.53 16.76 1.90
CA ASN B 68 5.38 16.67 3.12
C ASN B 68 5.57 18.06 3.71
N LYS B 69 4.57 18.91 3.61
CA LYS B 69 4.67 20.30 4.16
C LYS B 69 6.07 20.85 3.92
N LEU B 70 6.74 20.36 2.91
CA LEU B 70 8.12 20.85 2.61
C LEU B 70 8.06 22.30 2.18
N GLU B 71 8.46 23.21 3.04
CA GLU B 71 8.44 24.66 2.69
C GLU B 71 9.85 25.14 2.34
N HIS B 72 10.01 25.72 1.18
CA HIS B 72 11.34 26.26 0.75
C HIS B 72 12.31 25.14 0.38
N HIS B 73 13.43 25.52 -0.20
CA HIS B 73 14.48 24.52 -0.61
C HIS B 73 13.82 23.25 -1.14
N HIS B 74 13.53 23.21 -2.41
CA HIS B 74 12.90 22.00 -2.99
C HIS B 74 13.94 20.88 -3.11
N HIS B 75 13.64 19.71 -2.60
CA HIS B 75 14.62 18.60 -2.67
C HIS B 75 14.64 17.99 -4.07
N HIS B 76 15.47 18.51 -4.94
CA HIS B 76 15.57 17.95 -6.32
C HIS B 76 16.70 18.66 -7.06
N HIS B 77 17.92 18.21 -6.88
CA HIS B 77 19.07 18.87 -7.57
C HIS B 77 20.32 18.01 -7.37
N MET A 1 -1.23 14.79 -11.06
CA MET A 1 -0.78 13.46 -11.55
C MET A 1 -1.41 12.37 -10.68
N GLU A 2 -2.46 11.74 -11.18
CA GLU A 2 -3.13 10.67 -10.39
C GLU A 2 -2.22 9.44 -10.33
N LEU A 3 -2.32 8.68 -9.28
CA LEU A 3 -1.47 7.47 -9.12
C LEU A 3 -1.81 6.44 -10.20
N SER A 4 -3.07 6.29 -10.53
CA SER A 4 -3.47 5.28 -11.56
C SER A 4 -2.73 5.55 -12.88
N ASN A 5 -2.69 6.78 -13.29
CA ASN A 5 -1.97 7.11 -14.56
C ASN A 5 -0.48 6.82 -14.38
N GLU A 6 0.05 7.15 -13.24
CA GLU A 6 1.51 6.91 -13.00
C GLU A 6 1.77 5.40 -12.98
N LEU A 7 0.87 4.65 -12.39
CA LEU A 7 1.04 3.17 -12.35
C LEU A 7 1.03 2.61 -13.78
N LYS A 8 0.18 3.14 -14.61
CA LYS A 8 0.10 2.65 -16.01
C LYS A 8 1.44 2.87 -16.72
N VAL A 9 2.05 4.00 -16.52
CA VAL A 9 3.37 4.26 -17.20
C VAL A 9 4.41 3.24 -16.74
N GLU A 10 4.48 2.97 -15.46
CA GLU A 10 5.48 2.00 -14.96
C GLU A 10 5.21 0.62 -15.56
N ARG A 11 3.97 0.32 -15.80
CA ARG A 11 3.62 -1.01 -16.37
C ARG A 11 4.02 -1.06 -17.86
N ILE A 12 3.78 0.00 -18.59
CA ILE A 12 4.13 0.04 -20.05
C ILE A 12 5.64 -0.10 -20.26
N ARG A 13 6.42 0.69 -19.59
CA ARG A 13 7.90 0.63 -19.76
C ARG A 13 8.39 -0.75 -19.31
N LEU A 14 7.80 -1.31 -18.29
CA LEU A 14 8.22 -2.67 -17.82
C LEU A 14 7.53 -3.72 -18.69
N SER A 15 6.65 -3.29 -19.56
CA SER A 15 5.93 -4.25 -20.45
C SER A 15 5.51 -5.48 -19.65
N LEU A 16 4.53 -5.33 -18.80
CA LEU A 16 4.05 -6.48 -17.97
C LEU A 16 2.68 -6.95 -18.47
N THR A 17 2.55 -8.21 -18.74
CA THR A 17 1.25 -8.75 -19.24
C THR A 17 0.35 -9.12 -18.07
N ALA A 18 -0.94 -9.18 -18.31
CA ALA A 18 -1.89 -9.53 -17.23
C ALA A 18 -1.70 -11.01 -16.85
N LYS A 19 -1.50 -11.84 -17.83
CA LYS A 19 -1.32 -13.29 -17.55
C LYS A 19 -0.03 -13.53 -16.75
N SER A 20 1.04 -12.88 -17.14
CA SER A 20 2.33 -13.07 -16.43
C SER A 20 2.20 -12.63 -14.97
N VAL A 21 1.59 -11.51 -14.72
CA VAL A 21 1.43 -11.05 -13.32
C VAL A 21 0.52 -12.02 -12.55
N ALA A 22 -0.56 -12.42 -13.15
CA ALA A 22 -1.49 -13.37 -12.47
C ALA A 22 -0.77 -14.69 -12.19
N GLU A 23 0.08 -15.13 -13.09
CA GLU A 23 0.81 -16.41 -12.87
C GLU A 23 1.68 -16.28 -11.62
N GLU A 24 2.50 -15.27 -11.54
CA GLU A 24 3.36 -15.10 -10.35
C GLU A 24 2.53 -14.72 -9.13
N MET A 25 1.60 -13.82 -9.31
CA MET A 25 0.73 -13.41 -8.17
C MET A 25 -0.11 -14.60 -7.71
N GLY A 26 -0.60 -15.38 -8.65
CA GLY A 26 -1.44 -16.56 -8.27
C GLY A 26 -2.88 -16.11 -8.07
N ILE A 27 -3.32 -15.11 -8.81
CA ILE A 27 -4.73 -14.61 -8.67
C ILE A 27 -5.44 -14.68 -10.03
N SER A 28 -6.73 -14.50 -10.03
CA SER A 28 -7.50 -14.55 -11.30
C SER A 28 -7.20 -13.32 -12.15
N ARG A 29 -7.33 -13.46 -13.44
CA ARG A 29 -7.07 -12.32 -14.37
C ARG A 29 -8.11 -11.21 -14.11
N GLN A 30 -9.32 -11.59 -13.83
CA GLN A 30 -10.39 -10.57 -13.57
C GLN A 30 -9.99 -9.73 -12.36
N GLN A 31 -9.48 -10.35 -11.33
CA GLN A 31 -9.07 -9.58 -10.12
C GLN A 31 -7.98 -8.59 -10.53
N LEU A 32 -7.03 -9.05 -11.29
CA LEU A 32 -5.92 -8.16 -11.71
C LEU A 32 -6.48 -7.00 -12.54
N CYS A 33 -7.39 -7.28 -13.42
CA CYS A 33 -7.99 -6.19 -14.25
C CYS A 33 -8.72 -5.21 -13.33
N ASN A 34 -9.27 -5.70 -12.25
CA ASN A 34 -10.01 -4.80 -11.32
C ASN A 34 -9.06 -3.73 -10.77
N ILE A 35 -7.88 -4.12 -10.35
CA ILE A 35 -6.91 -3.12 -9.82
C ILE A 35 -6.46 -2.18 -10.93
N GLU A 36 -6.18 -2.72 -12.09
CA GLU A 36 -5.71 -1.88 -13.22
C GLU A 36 -6.84 -0.96 -13.70
N GLN A 37 -8.05 -1.44 -13.68
CA GLN A 37 -9.20 -0.61 -14.14
C GLN A 37 -9.59 0.38 -13.04
N SER A 38 -8.77 0.53 -12.04
CA SER A 38 -9.10 1.48 -10.94
C SER A 38 -8.38 2.81 -11.19
N GLU A 39 -9.12 3.88 -11.33
CA GLU A 39 -8.49 5.21 -11.58
C GLU A 39 -8.23 5.92 -10.25
N THR A 40 -8.79 5.41 -9.17
CA THR A 40 -8.60 6.05 -7.83
C THR A 40 -8.03 5.01 -6.86
N ALA A 41 -7.00 5.38 -6.14
CA ALA A 41 -6.38 4.41 -5.19
C ALA A 41 -7.22 4.34 -3.90
N PRO A 42 -7.29 3.19 -3.26
CA PRO A 42 -8.07 3.00 -2.00
C PRO A 42 -7.41 3.68 -0.79
N VAL A 43 -8.18 3.96 0.24
CA VAL A 43 -7.63 4.61 1.46
C VAL A 43 -6.67 3.65 2.18
N VAL A 44 -6.97 2.38 2.18
CA VAL A 44 -6.11 1.40 2.88
C VAL A 44 -4.64 1.66 2.49
N VAL A 45 -4.39 1.92 1.25
CA VAL A 45 -3.00 2.20 0.81
C VAL A 45 -2.52 3.51 1.45
N LYS A 46 -3.36 4.50 1.46
CA LYS A 46 -2.99 5.80 2.08
C LYS A 46 -2.70 5.58 3.57
N TYR A 47 -3.47 4.75 4.19
CA TYR A 47 -3.26 4.50 5.65
C TYR A 47 -1.86 3.93 5.88
N ILE A 48 -1.41 3.05 5.04
CA ILE A 48 -0.05 2.48 5.21
C ILE A 48 0.98 3.61 5.09
N ALA A 49 0.80 4.47 4.13
CA ALA A 49 1.75 5.60 3.95
C ALA A 49 1.73 6.49 5.20
N PHE A 50 0.59 6.63 5.81
CA PHE A 50 0.49 7.49 7.03
C PHE A 50 1.42 6.93 8.12
N LEU A 51 1.35 5.66 8.38
CA LEU A 51 2.24 5.05 9.41
C LEU A 51 3.70 5.15 8.97
N ARG A 52 3.95 4.89 7.72
CA ARG A 52 5.35 4.98 7.20
C ARG A 52 5.82 6.43 7.29
N SER A 53 4.93 7.36 7.09
CA SER A 53 5.32 8.80 7.16
C SER A 53 5.88 9.10 8.54
N LYS A 54 5.55 8.29 9.52
CA LYS A 54 6.08 8.52 10.90
C LYS A 54 7.37 7.70 11.08
N GLY A 55 7.78 7.01 10.04
CA GLY A 55 9.03 6.21 10.14
C GLY A 55 8.75 4.86 10.81
N VAL A 56 7.53 4.40 10.75
CA VAL A 56 7.20 3.08 11.39
C VAL A 56 7.98 1.97 10.69
N ASP A 57 8.57 1.10 11.46
CA ASP A 57 9.35 -0.03 10.87
C ASP A 57 8.41 -1.05 10.24
N LEU A 58 7.54 -0.61 9.37
CA LEU A 58 6.59 -1.54 8.71
C LEU A 58 7.33 -2.29 7.60
N ASN A 59 8.51 -1.85 7.28
CA ASN A 59 9.29 -2.54 6.22
C ASN A 59 9.63 -3.95 6.68
N ALA A 60 9.81 -4.16 7.96
CA ALA A 60 10.13 -5.52 8.46
C ALA A 60 8.97 -6.48 8.13
N LEU A 61 7.77 -6.06 8.40
CA LEU A 61 6.59 -6.94 8.10
C LEU A 61 6.50 -7.14 6.58
N PHE A 62 6.76 -6.11 5.83
CA PHE A 62 6.70 -6.23 4.35
C PHE A 62 7.85 -7.11 3.85
N ASP A 63 9.05 -6.82 4.26
CA ASP A 63 10.21 -7.63 3.80
C ASP A 63 9.87 -9.10 4.05
N ARG A 64 9.26 -9.38 5.17
CA ARG A 64 8.84 -10.77 5.47
C ARG A 64 7.86 -11.26 4.41
N ILE A 65 6.85 -10.49 4.12
CA ILE A 65 5.83 -10.92 3.12
C ILE A 65 6.43 -10.95 1.71
N ILE A 66 7.18 -9.94 1.36
CA ILE A 66 7.78 -9.89 -0.01
C ILE A 66 8.62 -11.13 -0.31
N VAL A 67 9.88 -11.09 0.05
CA VAL A 67 10.77 -12.25 -0.25
C VAL A 67 10.53 -13.40 0.73
N ASN A 68 10.30 -14.56 0.21
CA ASN A 68 10.06 -15.77 1.06
C ASN A 68 10.81 -16.94 0.45
N LYS A 69 10.51 -17.25 -0.79
CA LYS A 69 11.20 -18.37 -1.49
C LYS A 69 11.40 -17.98 -2.95
N LEU A 70 12.26 -17.03 -3.21
CA LEU A 70 12.50 -16.59 -4.62
C LEU A 70 13.21 -17.70 -5.40
N GLU A 71 14.06 -17.34 -6.32
CA GLU A 71 14.78 -18.37 -7.14
C GLU A 71 16.11 -18.73 -6.45
N HIS A 72 16.11 -19.76 -5.66
CA HIS A 72 17.35 -20.19 -4.96
C HIS A 72 17.14 -21.59 -4.41
N HIS A 73 18.19 -22.33 -4.17
CA HIS A 73 18.03 -23.70 -3.63
C HIS A 73 19.41 -24.31 -3.38
N HIS A 74 19.62 -24.86 -2.22
CA HIS A 74 20.95 -25.48 -1.89
C HIS A 74 20.95 -26.93 -2.37
N HIS A 75 22.10 -27.52 -2.50
CA HIS A 75 22.18 -28.94 -2.96
C HIS A 75 21.85 -29.88 -1.80
N HIS A 76 20.94 -30.81 -2.02
CA HIS A 76 20.57 -31.78 -0.93
C HIS A 76 20.62 -33.21 -1.48
N HIS A 77 21.24 -34.11 -0.76
CA HIS A 77 21.34 -35.53 -1.20
C HIS A 77 21.62 -35.59 -2.71
N MET B 1 0.33 -14.97 13.96
CA MET B 1 0.42 -13.48 13.93
C MET B 1 -0.06 -12.97 12.58
N GLU B 2 -1.28 -12.51 12.51
CA GLU B 2 -1.83 -12.01 11.22
C GLU B 2 -1.26 -10.62 10.88
N LEU B 3 -1.41 -10.22 9.65
CA LEU B 3 -0.89 -8.88 9.23
C LEU B 3 -1.61 -7.79 10.02
N SER B 4 -2.90 -7.90 10.15
CA SER B 4 -3.66 -6.87 10.91
C SER B 4 -3.26 -6.91 12.38
N ASN B 5 -2.81 -8.03 12.86
CA ASN B 5 -2.41 -8.14 14.30
C ASN B 5 -1.23 -7.20 14.57
N GLU B 6 -0.24 -7.20 13.72
CA GLU B 6 0.93 -6.31 13.93
C GLU B 6 0.50 -4.86 13.69
N LEU B 7 -0.36 -4.64 12.75
CA LEU B 7 -0.82 -3.25 12.45
C LEU B 7 -1.54 -2.70 13.68
N LYS B 8 -2.36 -3.51 14.30
CA LYS B 8 -3.09 -3.04 15.52
C LYS B 8 -2.09 -2.68 16.61
N VAL B 9 -1.07 -3.47 16.77
CA VAL B 9 -0.04 -3.18 17.81
C VAL B 9 0.61 -1.83 17.54
N GLU B 10 0.96 -1.57 16.31
CA GLU B 10 1.61 -0.27 15.98
C GLU B 10 0.72 0.88 16.46
N ARG B 11 -0.55 0.80 16.20
CA ARG B 11 -1.47 1.90 16.64
C ARG B 11 -1.37 2.06 18.16
N ILE B 12 -1.38 0.97 18.89
CA ILE B 12 -1.27 1.06 20.37
C ILE B 12 0.11 1.59 20.75
N ARG B 13 1.13 1.11 20.09
CA ARG B 13 2.52 1.56 20.41
C ARG B 13 2.60 3.07 20.25
N LEU B 14 2.05 3.60 19.20
CA LEU B 14 2.08 5.07 18.99
C LEU B 14 0.78 5.67 19.56
N SER B 15 -0.09 4.82 20.04
CA SER B 15 -1.38 5.29 20.63
C SER B 15 -1.96 6.43 19.78
N LEU B 16 -2.58 6.09 18.67
CA LEU B 16 -3.17 7.14 17.77
C LEU B 16 -4.69 7.12 17.90
N THR B 17 -5.28 8.27 18.05
CA THR B 17 -6.77 8.35 18.19
C THR B 17 -7.42 8.36 16.80
N ALA B 18 -8.67 8.01 16.74
CA ALA B 18 -9.39 8.01 15.44
C ALA B 18 -9.58 9.44 14.95
N LYS B 19 -9.85 10.35 15.84
CA LYS B 19 -10.05 11.76 15.44
C LYS B 19 -8.73 12.35 14.94
N SER B 20 -7.65 12.09 15.62
CA SER B 20 -6.34 12.65 15.18
C SER B 20 -5.95 12.07 13.82
N VAL B 21 -6.07 10.77 13.67
CA VAL B 21 -5.71 10.13 12.38
C VAL B 21 -6.73 10.52 11.31
N ALA B 22 -7.99 10.48 11.64
CA ALA B 22 -9.05 10.82 10.64
C ALA B 22 -8.90 12.28 10.20
N GLU B 23 -8.62 13.17 11.10
CA GLU B 23 -8.48 14.60 10.72
C GLU B 23 -7.26 14.79 9.81
N GLU B 24 -6.15 14.20 10.16
CA GLU B 24 -4.93 14.33 9.31
C GLU B 24 -5.14 13.54 8.01
N MET B 25 -5.74 12.39 8.10
CA MET B 25 -5.99 11.57 6.88
C MET B 25 -6.95 12.33 5.94
N GLY B 26 -7.92 13.00 6.49
CA GLY B 26 -8.90 13.76 5.64
C GLY B 26 -10.14 12.89 5.42
N ILE B 27 -10.40 11.96 6.31
CA ILE B 27 -11.59 11.07 6.17
C ILE B 27 -12.46 11.15 7.44
N SER B 28 -13.67 10.68 7.36
CA SER B 28 -14.58 10.74 8.54
C SER B 28 -14.20 9.68 9.57
N ARG B 29 -14.65 9.84 10.78
CA ARG B 29 -14.33 8.87 11.86
C ARG B 29 -14.99 7.53 11.52
N GLN B 30 -16.17 7.56 10.98
CA GLN B 30 -16.88 6.30 10.61
C GLN B 30 -16.10 5.58 9.51
N GLN B 31 -15.56 6.32 8.59
CA GLN B 31 -14.79 5.69 7.48
C GLN B 31 -13.59 4.95 8.06
N LEU B 32 -12.94 5.54 9.02
CA LEU B 32 -11.76 4.88 9.65
C LEU B 32 -12.20 3.59 10.34
N CYS B 33 -13.30 3.63 11.03
CA CYS B 33 -13.80 2.40 11.74
C CYS B 33 -14.07 1.30 10.72
N ASN B 34 -14.52 1.67 9.56
CA ASN B 34 -14.81 0.64 8.51
C ASN B 34 -13.50 -0.08 8.14
N ILE B 35 -12.43 0.66 8.05
CA ILE B 35 -11.12 0.04 7.70
C ILE B 35 -10.71 -0.96 8.79
N GLU B 36 -10.86 -0.56 10.03
CA GLU B 36 -10.48 -1.47 11.15
C GLU B 36 -11.45 -2.65 11.23
N GLN B 37 -12.60 -2.52 10.64
CA GLN B 37 -13.59 -3.62 10.67
C GLN B 37 -13.29 -4.62 9.54
N SER B 38 -12.31 -4.32 8.75
CA SER B 38 -11.94 -5.23 7.62
C SER B 38 -11.29 -6.50 8.15
N GLU B 39 -11.54 -7.61 7.51
CA GLU B 39 -10.94 -8.91 7.94
C GLU B 39 -9.51 -8.98 7.39
N THR B 40 -9.37 -9.33 6.14
CA THR B 40 -8.02 -9.43 5.52
C THR B 40 -7.72 -8.18 4.70
N ALA B 41 -6.51 -8.06 4.21
CA ALA B 41 -6.13 -6.86 3.40
C ALA B 41 -6.42 -7.13 1.91
N PRO B 42 -6.75 -6.10 1.16
CA PRO B 42 -7.04 -6.24 -0.30
C PRO B 42 -5.79 -6.58 -1.13
N VAL B 43 -5.99 -7.21 -2.26
CA VAL B 43 -4.84 -7.58 -3.14
C VAL B 43 -4.16 -6.33 -3.69
N VAL B 44 -4.91 -5.27 -3.87
CA VAL B 44 -4.31 -4.00 -4.42
C VAL B 44 -2.98 -3.72 -3.72
N VAL B 45 -2.90 -4.04 -2.45
CA VAL B 45 -1.62 -3.81 -1.71
C VAL B 45 -0.54 -4.75 -2.26
N LYS B 46 -0.89 -5.98 -2.50
CA LYS B 46 0.10 -6.96 -3.03
C LYS B 46 0.60 -6.48 -4.40
N TYR B 47 -0.28 -5.98 -5.22
CA TYR B 47 0.15 -5.50 -6.57
C TYR B 47 1.18 -4.37 -6.43
N ILE B 48 0.93 -3.44 -5.55
CA ILE B 48 1.89 -2.33 -5.36
C ILE B 48 3.23 -2.90 -4.89
N ALA B 49 3.19 -3.83 -3.97
CA ALA B 49 4.44 -4.44 -3.46
C ALA B 49 5.19 -5.12 -4.62
N PHE B 50 4.46 -5.69 -5.54
CA PHE B 50 5.14 -6.37 -6.69
C PHE B 50 5.98 -5.36 -7.47
N LEU B 51 5.42 -4.21 -7.77
CA LEU B 51 6.19 -3.17 -8.52
C LEU B 51 7.40 -2.74 -7.68
N ARG B 52 7.19 -2.57 -6.41
CA ARG B 52 8.29 -2.16 -5.50
C ARG B 52 9.38 -3.23 -5.48
N SER B 53 8.99 -4.48 -5.46
CA SER B 53 10.00 -5.58 -5.44
C SER B 53 10.92 -5.46 -6.66
N LYS B 54 10.47 -4.81 -7.70
CA LYS B 54 11.32 -4.65 -8.91
C LYS B 54 12.21 -3.42 -8.73
N GLY B 55 12.14 -2.79 -7.59
CA GLY B 55 12.98 -1.58 -7.34
C GLY B 55 12.33 -0.36 -7.99
N VAL B 56 11.06 -0.43 -8.27
CA VAL B 56 10.37 0.72 -8.90
C VAL B 56 10.44 1.95 -7.99
N ASP B 57 10.52 3.12 -8.58
CA ASP B 57 10.59 4.37 -7.77
C ASP B 57 9.26 4.60 -7.04
N LEU B 58 8.65 3.55 -6.57
CA LEU B 58 7.36 3.68 -5.84
C LEU B 58 7.58 4.50 -4.56
N ASN B 59 8.68 4.28 -3.90
CA ASN B 59 8.94 5.02 -2.63
C ASN B 59 8.98 6.52 -2.93
N ALA B 60 9.61 6.90 -4.01
CA ALA B 60 9.69 8.34 -4.37
C ALA B 60 8.31 8.88 -4.73
N LEU B 61 7.51 8.11 -5.42
CA LEU B 61 6.16 8.60 -5.83
C LEU B 61 5.34 8.94 -4.59
N PHE B 62 5.39 8.12 -3.58
CA PHE B 62 4.61 8.42 -2.34
C PHE B 62 5.15 9.70 -1.69
N ASP B 63 6.44 9.84 -1.62
CA ASP B 63 7.01 11.06 -0.99
C ASP B 63 6.35 12.30 -1.59
N ARG B 64 6.12 12.29 -2.88
CA ARG B 64 5.47 13.47 -3.52
C ARG B 64 4.04 13.62 -2.98
N ILE B 65 3.30 12.54 -2.97
CA ILE B 65 1.88 12.58 -2.48
C ILE B 65 1.85 12.87 -0.97
N ILE B 66 2.70 12.24 -0.22
CA ILE B 66 2.69 12.44 1.27
C ILE B 66 2.73 13.93 1.61
N VAL B 67 1.91 14.32 2.55
CA VAL B 67 1.84 15.74 2.98
C VAL B 67 3.23 16.30 3.30
N ASN B 68 3.81 17.03 2.39
CA ASN B 68 5.14 17.63 2.64
C ASN B 68 4.99 18.84 3.58
N LYS B 69 4.01 19.67 3.32
CA LYS B 69 3.81 20.88 4.16
C LYS B 69 3.05 20.52 5.44
N LEU B 70 3.43 21.12 6.54
CA LEU B 70 2.74 20.85 7.83
C LEU B 70 3.27 21.82 8.88
N GLU B 71 4.48 21.60 9.33
CA GLU B 71 5.06 22.49 10.37
C GLU B 71 5.90 23.59 9.70
N HIS B 72 7.12 23.78 10.14
CA HIS B 72 7.99 24.84 9.55
C HIS B 72 7.17 26.14 9.39
N HIS B 73 7.07 26.90 10.45
CA HIS B 73 6.30 28.18 10.38
C HIS B 73 6.93 29.12 9.37
N HIS B 74 6.14 30.00 8.78
CA HIS B 74 6.68 30.97 7.78
C HIS B 74 6.25 32.39 8.20
N HIS B 75 7.06 33.06 8.97
CA HIS B 75 6.72 34.45 9.41
C HIS B 75 7.43 35.44 8.47
N HIS B 76 7.54 35.09 7.22
CA HIS B 76 8.23 35.98 6.25
C HIS B 76 7.65 37.40 6.30
N HIS B 77 8.28 38.32 5.63
CA HIS B 77 7.79 39.72 5.61
C HIS B 77 6.38 39.75 5.01
N MET A 1 -7.93 9.70 -10.72
CA MET A 1 -6.92 8.73 -10.20
C MET A 1 -5.71 9.49 -9.65
N GLU A 2 -4.79 8.79 -9.04
CA GLU A 2 -3.58 9.47 -8.49
C GLU A 2 -2.46 8.43 -8.37
N LEU A 3 -2.42 7.72 -7.29
CA LEU A 3 -1.35 6.69 -7.10
C LEU A 3 -1.50 5.62 -8.18
N SER A 4 -2.71 5.18 -8.42
CA SER A 4 -2.92 4.12 -9.46
C SER A 4 -2.72 4.71 -10.85
N ASN A 5 -2.81 6.01 -10.99
CA ASN A 5 -2.63 6.62 -12.33
C ASN A 5 -1.23 6.35 -12.84
N GLU A 6 -0.23 6.63 -12.04
CA GLU A 6 1.17 6.39 -12.47
C GLU A 6 1.43 4.88 -12.48
N LEU A 7 0.81 4.18 -11.60
CA LEU A 7 1.01 2.70 -11.54
C LEU A 7 0.63 2.09 -12.89
N LYS A 8 -0.50 2.45 -13.42
CA LYS A 8 -0.90 1.89 -14.75
C LYS A 8 0.11 2.35 -15.80
N VAL A 9 0.52 3.58 -15.71
CA VAL A 9 1.50 4.10 -16.70
C VAL A 9 2.80 3.30 -16.63
N GLU A 10 3.30 3.04 -15.44
CA GLU A 10 4.57 2.27 -15.34
C GLU A 10 4.41 0.91 -16.01
N ARG A 11 3.30 0.26 -15.81
CA ARG A 11 3.11 -1.08 -16.43
C ARG A 11 3.17 -0.93 -17.96
N ILE A 12 2.53 0.08 -18.48
CA ILE A 12 2.52 0.31 -19.95
C ILE A 12 3.94 0.61 -20.45
N ARG A 13 4.66 1.45 -19.75
CA ARG A 13 6.05 1.79 -20.19
C ARG A 13 6.89 0.51 -20.15
N LEU A 14 6.75 -0.28 -19.12
CA LEU A 14 7.54 -1.53 -19.02
C LEU A 14 6.78 -2.65 -19.74
N SER A 15 5.58 -2.38 -20.19
CA SER A 15 4.77 -3.41 -20.91
C SER A 15 4.95 -4.77 -20.25
N LEU A 16 4.49 -4.92 -19.05
CA LEU A 16 4.66 -6.22 -18.34
C LEU A 16 3.62 -7.23 -18.85
N THR A 17 3.93 -8.50 -18.74
CA THR A 17 2.98 -9.54 -19.23
C THR A 17 1.87 -9.76 -18.19
N ALA A 18 0.64 -9.75 -18.63
CA ALA A 18 -0.50 -9.96 -17.70
C ALA A 18 -0.49 -11.40 -17.18
N LYS A 19 -0.15 -12.33 -18.01
CA LYS A 19 -0.12 -13.76 -17.56
C LYS A 19 0.91 -13.93 -16.44
N SER A 20 2.07 -13.38 -16.60
CA SER A 20 3.11 -13.52 -15.54
C SER A 20 2.60 -12.93 -14.23
N VAL A 21 2.02 -11.77 -14.28
CA VAL A 21 1.50 -11.14 -13.04
C VAL A 21 0.34 -11.96 -12.46
N ALA A 22 -0.61 -12.32 -13.30
CA ALA A 22 -1.79 -13.10 -12.81
C ALA A 22 -1.37 -14.50 -12.35
N GLU A 23 -0.48 -15.14 -13.05
CA GLU A 23 -0.07 -16.51 -12.65
C GLU A 23 0.69 -16.48 -11.32
N GLU A 24 1.65 -15.60 -11.19
CA GLU A 24 2.43 -15.53 -9.92
C GLU A 24 1.53 -14.98 -8.80
N MET A 25 0.69 -14.03 -9.11
CA MET A 25 -0.21 -13.45 -8.07
C MET A 25 -1.13 -14.54 -7.53
N GLY A 26 -1.61 -15.41 -8.38
CA GLY A 26 -2.53 -16.49 -7.92
C GLY A 26 -3.98 -16.04 -8.09
N ILE A 27 -4.22 -15.14 -9.02
CA ILE A 27 -5.60 -14.64 -9.27
C ILE A 27 -5.96 -14.83 -10.76
N SER A 28 -7.22 -14.79 -11.08
CA SER A 28 -7.67 -14.98 -12.49
C SER A 28 -7.41 -13.71 -13.30
N ARG A 29 -7.35 -13.84 -14.59
CA ARG A 29 -7.11 -12.64 -15.46
C ARG A 29 -8.28 -11.67 -15.28
N GLN A 30 -9.46 -12.16 -15.07
CA GLN A 30 -10.63 -11.26 -14.88
C GLN A 30 -10.33 -10.28 -13.74
N GLN A 31 -9.80 -10.78 -12.65
CA GLN A 31 -9.49 -9.88 -11.51
C GLN A 31 -8.36 -8.93 -11.92
N LEU A 32 -7.41 -9.42 -12.68
CA LEU A 32 -6.28 -8.55 -13.13
C LEU A 32 -6.84 -7.41 -13.97
N CYS A 33 -7.77 -7.68 -14.85
CA CYS A 33 -8.35 -6.61 -15.70
C CYS A 33 -9.04 -5.58 -14.81
N ASN A 34 -9.65 -6.03 -13.74
CA ASN A 34 -10.34 -5.09 -12.82
C ASN A 34 -9.32 -4.14 -12.21
N ILE A 35 -8.13 -4.62 -11.92
CA ILE A 35 -7.10 -3.73 -11.33
C ILE A 35 -6.79 -2.60 -12.33
N GLU A 36 -6.66 -2.93 -13.59
CA GLU A 36 -6.39 -1.86 -14.60
C GLU A 36 -7.51 -0.83 -14.49
N GLN A 37 -8.69 -1.30 -14.19
CA GLN A 37 -9.86 -0.39 -14.03
C GLN A 37 -9.79 0.25 -12.65
N SER A 38 -8.60 0.61 -12.21
CA SER A 38 -8.42 1.23 -10.86
C SER A 38 -9.59 2.16 -10.51
N GLU A 39 -9.97 2.18 -9.27
CA GLU A 39 -11.09 3.07 -8.83
C GLU A 39 -10.75 3.69 -7.47
N THR A 40 -10.04 4.79 -7.48
CA THR A 40 -9.66 5.47 -6.21
C THR A 40 -8.81 4.51 -5.35
N ALA A 41 -7.69 4.98 -4.86
CA ALA A 41 -6.81 4.11 -4.03
C ALA A 41 -7.47 3.87 -2.66
N PRO A 42 -7.20 2.73 -2.04
CA PRO A 42 -7.78 2.39 -0.71
C PRO A 42 -7.18 3.24 0.42
N VAL A 43 -7.96 3.49 1.45
CA VAL A 43 -7.47 4.31 2.59
C VAL A 43 -6.41 3.53 3.38
N VAL A 44 -6.33 2.24 3.20
CA VAL A 44 -5.32 1.44 3.94
C VAL A 44 -3.91 1.95 3.60
N VAL A 45 -3.68 2.27 2.36
CA VAL A 45 -2.34 2.79 1.95
C VAL A 45 -2.07 4.10 2.69
N LYS A 46 -3.04 4.95 2.75
CA LYS A 46 -2.86 6.27 3.43
C LYS A 46 -2.53 6.01 4.90
N TYR A 47 -3.18 5.06 5.51
CA TYR A 47 -2.92 4.76 6.95
C TYR A 47 -1.45 4.35 7.12
N ILE A 48 -0.93 3.57 6.21
CA ILE A 48 0.48 3.13 6.32
C ILE A 48 1.40 4.36 6.25
N ALA A 49 1.12 5.25 5.34
CA ALA A 49 1.97 6.47 5.22
C ALA A 49 1.85 7.30 6.51
N PHE A 50 0.68 7.31 7.10
CA PHE A 50 0.48 8.09 8.35
C PHE A 50 1.42 7.56 9.44
N LEU A 51 1.49 6.27 9.59
CA LEU A 51 2.36 5.69 10.65
C LEU A 51 3.82 6.07 10.36
N ARG A 52 4.23 6.00 9.13
CA ARG A 52 5.64 6.38 8.79
C ARG A 52 5.79 7.88 9.07
N SER A 53 4.69 8.58 9.14
CA SER A 53 4.78 10.04 9.43
C SER A 53 5.37 10.24 10.82
N LYS A 54 5.05 9.35 11.75
CA LYS A 54 5.60 9.47 13.13
C LYS A 54 6.86 8.61 13.26
N GLY A 55 7.18 7.83 12.26
CA GLY A 55 8.40 6.98 12.32
C GLY A 55 8.12 5.65 13.05
N VAL A 56 7.04 4.99 12.69
CA VAL A 56 6.73 3.69 13.35
C VAL A 56 7.70 2.63 12.82
N ASP A 57 8.28 2.88 11.68
CA ASP A 57 9.25 1.92 11.06
C ASP A 57 8.49 0.77 10.41
N LEU A 58 7.80 1.05 9.34
CA LEU A 58 7.03 -0.02 8.63
C LEU A 58 8.00 -0.85 7.78
N ASN A 59 9.23 -0.44 7.70
CA ASN A 59 10.22 -1.18 6.87
C ASN A 59 10.36 -2.61 7.40
N ALA A 60 10.48 -2.76 8.68
CA ALA A 60 10.62 -4.12 9.27
C ALA A 60 9.32 -4.90 9.10
N LEU A 61 8.20 -4.24 9.24
CA LEU A 61 6.89 -4.96 9.10
C LEU A 61 6.76 -5.55 7.69
N PHE A 62 7.05 -4.76 6.69
CA PHE A 62 6.96 -5.28 5.29
C PHE A 62 8.10 -6.27 5.03
N ASP A 63 9.25 -6.03 5.60
CA ASP A 63 10.41 -6.94 5.37
C ASP A 63 10.04 -8.38 5.72
N ARG A 64 9.39 -8.60 6.84
CA ARG A 64 9.02 -9.99 7.20
C ARG A 64 8.10 -10.57 6.13
N ILE A 65 7.15 -9.79 5.68
CA ILE A 65 6.21 -10.29 4.63
C ILE A 65 6.95 -10.45 3.30
N ILE A 66 7.31 -9.36 2.67
CA ILE A 66 8.03 -9.44 1.37
C ILE A 66 9.53 -9.61 1.61
N VAL A 67 10.15 -10.52 0.90
CA VAL A 67 11.63 -10.75 1.06
C VAL A 67 12.34 -10.49 -0.27
N ASN A 68 13.35 -9.67 -0.26
CA ASN A 68 14.08 -9.36 -1.53
C ASN A 68 15.49 -8.88 -1.18
N LYS A 69 16.49 -9.67 -1.47
CA LYS A 69 17.88 -9.27 -1.16
C LYS A 69 18.36 -8.19 -2.13
N LEU A 70 19.18 -7.29 -1.64
CA LEU A 70 19.70 -6.20 -2.51
C LEU A 70 21.02 -6.65 -3.13
N GLU A 71 21.45 -7.85 -2.84
CA GLU A 71 22.73 -8.35 -3.41
C GLU A 71 22.44 -9.11 -4.71
N HIS A 72 21.23 -9.61 -4.85
CA HIS A 72 20.82 -10.38 -6.08
C HIS A 72 22.03 -10.96 -6.82
N HIS A 73 22.95 -11.53 -6.08
CA HIS A 73 24.17 -12.10 -6.71
C HIS A 73 23.98 -13.59 -6.95
N HIS A 74 24.15 -14.04 -8.16
CA HIS A 74 23.97 -15.50 -8.47
C HIS A 74 22.71 -16.02 -7.77
N HIS A 75 21.66 -15.25 -7.78
CA HIS A 75 20.39 -15.68 -7.13
C HIS A 75 20.68 -16.22 -5.72
N HIS A 76 20.56 -17.51 -5.53
CA HIS A 76 20.82 -18.11 -4.19
C HIS A 76 21.31 -19.55 -4.36
N HIS A 77 21.92 -20.09 -3.34
CA HIS A 77 22.43 -21.51 -3.42
C HIS A 77 21.72 -22.36 -2.36
N MET B 1 -5.25 -13.07 9.79
CA MET B 1 -4.83 -12.40 11.05
C MET B 1 -3.30 -12.24 11.05
N GLU B 2 -2.80 -11.29 10.30
CA GLU B 2 -1.32 -11.08 10.26
C GLU B 2 -1.03 -9.59 10.02
N LEU B 3 -1.01 -9.19 8.78
CA LEU B 3 -0.71 -7.76 8.47
C LEU B 3 -1.78 -6.85 9.09
N SER B 4 -3.03 -7.16 8.89
CA SER B 4 -4.10 -6.31 9.47
C SER B 4 -4.08 -6.43 11.00
N ASN B 5 -3.90 -7.62 11.50
CA ASN B 5 -3.88 -7.83 12.98
C ASN B 5 -2.69 -7.11 13.61
N GLU B 6 -1.52 -7.23 13.03
CA GLU B 6 -0.33 -6.56 13.62
C GLU B 6 -0.49 -5.04 13.50
N LEU B 7 -1.13 -4.60 12.45
CA LEU B 7 -1.33 -3.14 12.25
C LEU B 7 -2.14 -2.57 13.42
N LYS B 8 -3.19 -3.25 13.80
CA LYS B 8 -4.02 -2.77 14.94
C LYS B 8 -3.17 -2.75 16.21
N VAL B 9 -2.29 -3.71 16.36
CA VAL B 9 -1.42 -3.75 17.57
C VAL B 9 -0.57 -2.47 17.64
N GLU B 10 0.02 -2.08 16.54
CA GLU B 10 0.86 -0.84 16.55
C GLU B 10 0.00 0.34 17.01
N ARG B 11 -1.22 0.41 16.56
CA ARG B 11 -2.10 1.55 16.97
C ARG B 11 -2.23 1.56 18.49
N ILE B 12 -2.45 0.41 19.07
CA ILE B 12 -2.59 0.31 20.55
C ILE B 12 -1.27 0.66 21.23
N ARG B 13 -0.18 0.19 20.71
CA ARG B 13 1.14 0.49 21.35
C ARG B 13 1.35 1.99 21.41
N LEU B 14 1.08 2.68 20.33
CA LEU B 14 1.25 4.16 20.33
C LEU B 14 -0.09 4.82 20.65
N SER B 15 -1.12 4.02 20.80
CA SER B 15 -2.47 4.57 21.12
C SER B 15 -2.74 5.83 20.31
N LEU B 16 -3.06 5.69 19.05
CA LEU B 16 -3.33 6.89 18.21
C LEU B 16 -4.77 7.36 18.41
N THR B 17 -5.03 8.61 18.08
CA THR B 17 -6.41 9.18 18.26
C THR B 17 -7.13 9.16 16.90
N ALA B 18 -8.36 8.69 16.90
CA ALA B 18 -9.13 8.65 15.63
C ALA B 18 -9.40 10.07 15.13
N LYS B 19 -9.66 10.99 16.03
CA LYS B 19 -9.94 12.38 15.62
C LYS B 19 -8.71 12.98 14.93
N SER B 20 -7.55 12.80 15.51
CA SER B 20 -6.33 13.37 14.88
C SER B 20 -6.08 12.71 13.52
N VAL B 21 -6.11 11.42 13.47
CA VAL B 21 -5.86 10.71 12.17
C VAL B 21 -7.00 11.00 11.19
N ALA B 22 -8.22 10.92 11.64
CA ALA B 22 -9.37 11.16 10.73
C ALA B 22 -9.34 12.60 10.21
N GLU B 23 -9.15 13.55 11.09
CA GLU B 23 -9.13 14.97 10.63
C GLU B 23 -7.89 15.22 9.76
N GLU B 24 -6.76 14.70 10.14
CA GLU B 24 -5.53 14.94 9.35
C GLU B 24 -5.59 14.15 8.03
N MET B 25 -6.04 12.91 8.06
CA MET B 25 -6.13 12.12 6.80
C MET B 25 -7.18 12.74 5.88
N GLY B 26 -8.28 13.21 6.43
CA GLY B 26 -9.35 13.83 5.59
C GLY B 26 -10.48 12.82 5.35
N ILE B 27 -10.67 11.90 6.26
CA ILE B 27 -11.76 10.88 6.11
C ILE B 27 -12.63 10.88 7.36
N SER B 28 -13.82 10.34 7.26
CA SER B 28 -14.74 10.31 8.43
C SER B 28 -14.26 9.27 9.45
N ARG B 29 -14.65 9.43 10.69
CA ARG B 29 -14.23 8.45 11.74
C ARG B 29 -14.80 7.08 11.42
N GLN B 30 -16.01 7.05 10.92
CA GLN B 30 -16.64 5.74 10.59
C GLN B 30 -15.73 4.98 9.61
N GLN B 31 -15.19 5.67 8.64
CA GLN B 31 -14.29 5.00 7.65
C GLN B 31 -13.01 4.55 8.36
N LEU B 32 -12.50 5.35 9.27
CA LEU B 32 -11.25 4.97 9.98
C LEU B 32 -11.50 3.68 10.78
N CYS B 33 -12.61 3.61 11.46
CA CYS B 33 -12.92 2.39 12.25
C CYS B 33 -13.11 1.21 11.28
N ASN B 34 -13.64 1.49 10.12
CA ASN B 34 -13.86 0.41 9.12
C ASN B 34 -12.51 -0.19 8.74
N ILE B 35 -11.49 0.64 8.63
CA ILE B 35 -10.15 0.12 8.27
C ILE B 35 -9.68 -0.85 9.36
N GLU B 36 -9.88 -0.49 10.59
CA GLU B 36 -9.46 -1.39 11.71
C GLU B 36 -10.30 -2.67 11.66
N GLN B 37 -11.47 -2.60 11.06
CA GLN B 37 -12.35 -3.80 10.96
C GLN B 37 -12.02 -4.55 9.67
N SER B 38 -11.07 -4.05 8.91
CA SER B 38 -10.69 -4.73 7.64
C SER B 38 -10.29 -6.18 7.93
N GLU B 39 -10.66 -7.08 7.04
CA GLU B 39 -10.31 -8.52 7.24
C GLU B 39 -9.27 -8.96 6.20
N THR B 40 -9.53 -8.70 4.93
CA THR B 40 -8.58 -9.09 3.85
C THR B 40 -8.09 -7.84 3.12
N ALA B 41 -6.80 -7.72 2.92
CA ALA B 41 -6.25 -6.52 2.23
C ALA B 41 -6.46 -6.65 0.72
N PRO B 42 -6.57 -5.55 0.01
CA PRO B 42 -6.77 -5.55 -1.47
C PRO B 42 -5.53 -6.05 -2.23
N VAL B 43 -5.74 -6.62 -3.39
CA VAL B 43 -4.60 -7.14 -4.20
C VAL B 43 -3.71 -5.97 -4.65
N VAL B 44 -4.18 -4.76 -4.50
CA VAL B 44 -3.38 -3.58 -4.91
C VAL B 44 -2.05 -3.57 -4.16
N VAL B 45 -2.07 -3.85 -2.89
CA VAL B 45 -0.79 -3.85 -2.11
C VAL B 45 0.16 -4.87 -2.72
N LYS B 46 -0.32 -6.06 -3.00
CA LYS B 46 0.57 -7.09 -3.60
C LYS B 46 1.04 -6.60 -4.98
N TYR B 47 0.17 -5.97 -5.72
CA TYR B 47 0.54 -5.49 -7.07
C TYR B 47 1.72 -4.52 -6.95
N ILE B 48 1.67 -3.64 -5.99
CA ILE B 48 2.79 -2.67 -5.81
C ILE B 48 4.07 -3.45 -5.52
N ALA B 49 3.98 -4.44 -4.67
CA ALA B 49 5.18 -5.26 -4.34
C ALA B 49 5.73 -5.89 -5.63
N PHE B 50 4.87 -6.26 -6.53
CA PHE B 50 5.34 -6.90 -7.78
C PHE B 50 6.05 -5.85 -8.67
N LEU B 51 5.68 -4.60 -8.55
CA LEU B 51 6.34 -3.56 -9.39
C LEU B 51 7.76 -3.30 -8.89
N ARG B 52 7.92 -3.04 -7.61
CA ARG B 52 9.28 -2.78 -7.07
C ARG B 52 10.12 -4.06 -7.17
N SER B 53 9.45 -5.19 -7.26
CA SER B 53 10.19 -6.48 -7.35
C SER B 53 11.08 -6.46 -8.59
N LYS B 54 10.65 -5.80 -9.64
CA LYS B 54 11.46 -5.74 -10.90
C LYS B 54 12.37 -4.51 -10.86
N GLY B 55 12.42 -3.83 -9.74
CA GLY B 55 13.29 -2.62 -9.64
C GLY B 55 12.54 -1.39 -10.16
N VAL B 56 11.24 -1.45 -10.21
CA VAL B 56 10.46 -0.27 -10.69
C VAL B 56 10.74 0.93 -9.79
N ASP B 57 10.71 2.11 -10.34
CA ASP B 57 10.97 3.33 -9.51
C ASP B 57 9.76 3.56 -8.60
N LEU B 58 9.33 2.52 -7.94
CA LEU B 58 8.15 2.63 -7.04
C LEU B 58 8.48 3.62 -5.90
N ASN B 59 9.67 3.56 -5.40
CA ASN B 59 10.07 4.49 -4.29
C ASN B 59 9.94 5.92 -4.79
N ALA B 60 10.33 6.15 -6.02
CA ALA B 60 10.22 7.53 -6.58
C ALA B 60 8.75 7.94 -6.66
N LEU B 61 7.88 7.02 -6.95
CA LEU B 61 6.43 7.36 -7.06
C LEU B 61 5.94 7.93 -5.73
N PHE B 62 6.23 7.26 -4.65
CA PHE B 62 5.79 7.77 -3.31
C PHE B 62 6.61 9.01 -2.94
N ASP B 63 7.86 9.05 -3.31
CA ASP B 63 8.71 10.22 -2.97
C ASP B 63 8.01 11.51 -3.38
N ARG B 64 7.42 11.54 -4.54
CA ARG B 64 6.73 12.78 -4.98
C ARG B 64 5.61 13.10 -3.98
N ILE B 65 4.97 12.08 -3.46
CA ILE B 65 3.87 12.32 -2.48
C ILE B 65 4.47 12.58 -1.09
N ILE B 66 5.02 11.57 -0.48
CA ILE B 66 5.62 11.75 0.89
C ILE B 66 7.03 12.34 0.77
N VAL B 67 7.36 13.25 1.64
CA VAL B 67 8.72 13.87 1.62
C VAL B 67 9.67 13.04 2.48
N ASN B 68 10.65 12.41 1.89
CA ASN B 68 11.62 11.59 2.68
C ASN B 68 12.90 12.41 2.94
N LYS B 69 13.07 12.90 4.13
CA LYS B 69 14.29 13.70 4.47
C LYS B 69 14.28 14.04 5.96
N LEU B 70 15.43 14.20 6.55
CA LEU B 70 15.50 14.53 8.00
C LEU B 70 14.56 15.70 8.31
N GLU B 71 14.94 16.87 7.90
CA GLU B 71 14.09 18.08 8.17
C GLU B 71 13.79 18.21 9.66
N HIS B 72 12.55 18.09 10.06
CA HIS B 72 12.17 18.24 11.51
C HIS B 72 12.43 19.68 11.97
N HIS B 73 13.44 20.31 11.42
CA HIS B 73 13.77 21.71 11.82
C HIS B 73 12.62 22.64 11.41
N HIS B 74 12.82 23.93 11.47
CA HIS B 74 11.74 24.93 11.12
C HIS B 74 10.86 24.40 9.98
N HIS B 75 9.57 24.41 10.20
CA HIS B 75 8.63 23.92 9.15
C HIS B 75 8.50 24.97 8.04
N HIS B 76 7.69 24.69 7.05
CA HIS B 76 7.52 25.65 5.93
C HIS B 76 6.71 26.85 6.40
N HIS B 77 7.08 27.44 7.51
CA HIS B 77 6.34 28.62 8.03
C HIS B 77 4.86 28.27 8.18
N MET A 1 1.10 12.07 -11.83
CA MET A 1 -0.26 12.21 -12.43
C MET A 1 -1.09 10.98 -12.07
N GLU A 2 -1.64 10.95 -10.88
CA GLU A 2 -2.48 9.79 -10.43
C GLU A 2 -1.67 8.50 -10.47
N LEU A 3 -1.89 7.64 -9.52
CA LEU A 3 -1.16 6.34 -9.47
C LEU A 3 -1.51 5.48 -10.70
N SER A 4 -2.76 5.48 -11.08
CA SER A 4 -3.19 4.65 -12.25
C SER A 4 -2.19 4.82 -13.40
N ASN A 5 -1.96 6.02 -13.82
CA ASN A 5 -1.00 6.25 -14.94
C ASN A 5 0.42 5.86 -14.52
N GLU A 6 0.78 6.18 -13.30
CA GLU A 6 2.17 5.85 -12.83
C GLU A 6 2.41 4.34 -12.94
N LEU A 7 1.50 3.54 -12.47
CA LEU A 7 1.69 2.06 -12.56
C LEU A 7 1.74 1.67 -14.04
N LYS A 8 0.89 2.26 -14.84
CA LYS A 8 0.88 1.94 -16.30
C LYS A 8 2.24 2.32 -16.91
N VAL A 9 2.79 3.42 -16.49
CA VAL A 9 4.11 3.84 -17.05
C VAL A 9 5.16 2.77 -16.74
N GLU A 10 5.21 2.29 -15.53
CA GLU A 10 6.21 1.25 -15.19
C GLU A 10 5.85 -0.03 -15.95
N ARG A 11 4.58 -0.31 -16.08
CA ARG A 11 4.15 -1.53 -16.82
C ARG A 11 4.64 -1.45 -18.27
N ILE A 12 4.45 -0.33 -18.90
CA ILE A 12 4.89 -0.18 -20.32
C ILE A 12 6.42 -0.27 -20.40
N ARG A 13 7.10 0.40 -19.52
CA ARG A 13 8.60 0.37 -19.55
C ARG A 13 9.08 -1.04 -19.23
N LEU A 14 8.49 -1.66 -18.25
CA LEU A 14 8.89 -3.05 -17.87
C LEU A 14 8.07 -4.05 -18.67
N SER A 15 7.20 -3.56 -19.52
CA SER A 15 6.33 -4.44 -20.37
C SER A 15 5.93 -5.71 -19.60
N LEU A 16 4.93 -5.60 -18.77
CA LEU A 16 4.48 -6.78 -17.97
C LEU A 16 3.13 -7.26 -18.49
N THR A 17 2.95 -8.55 -18.63
CA THR A 17 1.67 -9.09 -19.16
C THR A 17 0.67 -9.32 -18.02
N ALA A 18 -0.56 -8.98 -18.27
CA ALA A 18 -1.62 -9.16 -17.23
C ALA A 18 -1.79 -10.64 -16.91
N LYS A 19 -1.72 -11.48 -17.91
CA LYS A 19 -1.88 -12.94 -17.66
C LYS A 19 -0.76 -13.44 -16.75
N SER A 20 0.46 -13.06 -17.05
CA SER A 20 1.60 -13.52 -16.21
C SER A 20 1.46 -12.95 -14.79
N VAL A 21 1.18 -11.67 -14.69
CA VAL A 21 1.05 -11.03 -13.35
C VAL A 21 -0.18 -11.61 -12.64
N ALA A 22 -1.26 -11.76 -13.33
CA ALA A 22 -2.50 -12.30 -12.69
C ALA A 22 -2.21 -13.67 -12.07
N GLU A 23 -1.60 -14.55 -12.81
CA GLU A 23 -1.32 -15.91 -12.25
C GLU A 23 -0.25 -15.80 -11.15
N GLU A 24 0.71 -14.93 -11.30
CA GLU A 24 1.77 -14.79 -10.25
C GLU A 24 1.14 -14.21 -8.98
N MET A 25 0.36 -13.17 -9.13
CA MET A 25 -0.28 -12.54 -7.93
C MET A 25 -1.23 -13.55 -7.29
N GLY A 26 -1.95 -14.31 -8.08
CA GLY A 26 -2.90 -15.31 -7.52
C GLY A 26 -4.33 -14.78 -7.64
N ILE A 27 -4.58 -13.92 -8.60
CA ILE A 27 -5.96 -13.37 -8.80
C ILE A 27 -6.40 -13.60 -10.24
N SER A 28 -7.68 -13.50 -10.50
CA SER A 28 -8.19 -13.71 -11.87
C SER A 28 -7.78 -12.55 -12.78
N ARG A 29 -7.64 -12.82 -14.05
CA ARG A 29 -7.24 -11.74 -15.00
C ARG A 29 -8.30 -10.64 -15.00
N GLN A 30 -9.55 -10.99 -14.95
CA GLN A 30 -10.61 -9.94 -14.95
C GLN A 30 -10.36 -8.98 -13.78
N GLN A 31 -9.97 -9.49 -12.65
CA GLN A 31 -9.69 -8.62 -11.47
C GLN A 31 -8.48 -7.73 -11.78
N LEU A 32 -7.44 -8.30 -12.31
CA LEU A 32 -6.23 -7.49 -12.64
C LEU A 32 -6.55 -6.49 -13.74
N CYS A 33 -7.34 -6.89 -14.69
CA CYS A 33 -7.69 -5.97 -15.81
C CYS A 33 -8.34 -4.71 -15.27
N ASN A 34 -9.20 -4.85 -14.31
CA ASN A 34 -9.88 -3.64 -13.73
C ASN A 34 -8.83 -2.74 -13.08
N ILE A 35 -7.91 -3.31 -12.35
CA ILE A 35 -6.87 -2.49 -11.68
C ILE A 35 -5.97 -1.85 -12.74
N GLU A 36 -5.58 -2.62 -13.71
CA GLU A 36 -4.70 -2.10 -14.80
C GLU A 36 -5.43 -1.00 -15.59
N GLN A 37 -6.72 -1.11 -15.71
CA GLN A 37 -7.47 -0.07 -16.48
C GLN A 37 -7.81 1.11 -15.56
N SER A 38 -7.49 1.00 -14.30
CA SER A 38 -7.77 2.11 -13.33
C SER A 38 -7.69 1.55 -11.91
N GLU A 39 -6.73 2.01 -11.13
CA GLU A 39 -6.59 1.52 -9.71
C GLU A 39 -6.95 2.67 -8.76
N THR A 40 -7.94 2.46 -7.94
CA THR A 40 -8.35 3.52 -6.97
C THR A 40 -7.45 3.47 -5.73
N ALA A 41 -7.50 4.49 -4.91
CA ALA A 41 -6.66 4.53 -3.67
C ALA A 41 -7.56 4.35 -2.44
N PRO A 42 -7.50 3.22 -1.75
CA PRO A 42 -8.36 2.96 -0.56
C PRO A 42 -7.85 3.68 0.71
N VAL A 43 -8.69 3.80 1.70
CA VAL A 43 -8.29 4.49 2.96
C VAL A 43 -7.13 3.73 3.62
N VAL A 44 -6.93 2.49 3.26
CA VAL A 44 -5.82 1.70 3.86
C VAL A 44 -4.49 2.38 3.53
N VAL A 45 -4.33 2.82 2.32
CA VAL A 45 -3.06 3.49 1.92
C VAL A 45 -2.88 4.75 2.78
N LYS A 46 -3.93 5.49 2.99
CA LYS A 46 -3.80 6.73 3.82
C LYS A 46 -3.29 6.36 5.20
N TYR A 47 -3.80 5.29 5.77
CA TYR A 47 -3.32 4.88 7.12
C TYR A 47 -1.82 4.57 7.01
N ILE A 48 -1.44 3.81 6.02
CA ILE A 48 -0.01 3.47 5.84
C ILE A 48 0.80 4.75 5.59
N ALA A 49 0.31 5.61 4.76
CA ALA A 49 1.05 6.87 4.47
C ALA A 49 1.17 7.69 5.76
N PHE A 50 0.12 7.74 6.53
CA PHE A 50 0.16 8.53 7.80
C PHE A 50 1.23 7.94 8.74
N LEU A 51 1.23 6.64 8.89
CA LEU A 51 2.24 6.01 9.78
C LEU A 51 3.65 6.25 9.22
N ARG A 52 3.80 6.14 7.93
CA ARG A 52 5.14 6.36 7.30
C ARG A 52 5.56 7.83 7.50
N SER A 53 4.63 8.74 7.44
CA SER A 53 4.99 10.18 7.62
C SER A 53 5.63 10.37 9.00
N LYS A 54 5.39 9.49 9.91
CA LYS A 54 5.99 9.61 11.27
C LYS A 54 7.30 8.82 11.33
N GLY A 55 7.65 8.17 10.25
CA GLY A 55 8.92 7.40 10.23
C GLY A 55 8.74 6.05 10.92
N VAL A 56 7.53 5.55 10.97
CA VAL A 56 7.30 4.23 11.63
C VAL A 56 8.06 3.15 10.86
N ASP A 57 8.41 3.44 9.63
CA ASP A 57 9.17 2.48 8.78
C ASP A 57 8.33 1.23 8.52
N LEU A 58 7.47 1.29 7.55
CA LEU A 58 6.63 0.12 7.21
C LEU A 58 7.43 -0.80 6.28
N ASN A 59 8.59 -0.37 5.90
CA ASN A 59 9.44 -1.19 4.99
C ASN A 59 9.77 -2.51 5.68
N ALA A 60 10.14 -2.47 6.93
CA ALA A 60 10.47 -3.73 7.66
C ALA A 60 9.20 -4.58 7.83
N LEU A 61 8.11 -3.96 8.20
CA LEU A 61 6.86 -4.73 8.40
C LEU A 61 6.41 -5.34 7.06
N PHE A 62 6.43 -4.57 6.02
CA PHE A 62 6.01 -5.08 4.68
C PHE A 62 7.08 -6.06 4.17
N ASP A 63 8.32 -5.83 4.51
CA ASP A 63 9.40 -6.74 4.05
C ASP A 63 9.12 -8.17 4.54
N ARG A 64 8.61 -8.29 5.73
CA ARG A 64 8.29 -9.64 6.27
C ARG A 64 7.22 -10.30 5.39
N ILE A 65 6.29 -9.55 4.88
CA ILE A 65 5.24 -10.16 4.01
C ILE A 65 5.88 -10.70 2.74
N ILE A 66 6.76 -9.94 2.14
CA ILE A 66 7.43 -10.40 0.89
C ILE A 66 8.74 -11.11 1.24
N VAL A 67 8.71 -12.43 1.30
CA VAL A 67 9.95 -13.19 1.64
C VAL A 67 9.90 -14.55 0.93
N ASN A 68 9.33 -15.54 1.56
CA ASN A 68 9.23 -16.91 0.94
C ASN A 68 7.77 -17.35 0.86
N LYS A 69 7.11 -17.50 1.98
CA LYS A 69 5.68 -17.93 1.97
C LYS A 69 4.77 -16.72 1.73
N LEU A 70 3.67 -16.94 1.06
CA LEU A 70 2.71 -15.82 0.79
C LEU A 70 1.30 -16.39 0.78
N GLU A 71 0.84 -16.83 1.93
CA GLU A 71 -0.54 -17.43 2.00
C GLU A 71 -1.60 -16.34 1.83
N HIS A 72 -2.54 -16.58 0.95
CA HIS A 72 -3.63 -15.58 0.73
C HIS A 72 -4.71 -16.26 -0.12
N HIS A 73 -4.38 -16.59 -1.34
CA HIS A 73 -5.35 -17.27 -2.26
C HIS A 73 -6.76 -16.71 -2.06
N HIS A 74 -7.66 -17.52 -1.55
CA HIS A 74 -9.07 -17.05 -1.33
C HIS A 74 -9.61 -17.68 -0.05
N HIS A 75 -10.52 -16.99 0.60
CA HIS A 75 -11.11 -17.51 1.85
C HIS A 75 -12.43 -16.79 2.10
N HIS A 76 -12.47 -15.52 1.78
CA HIS A 76 -13.70 -14.72 1.98
C HIS A 76 -14.22 -14.91 3.40
N HIS A 77 -13.65 -14.19 4.33
CA HIS A 77 -14.09 -14.30 5.75
C HIS A 77 -15.60 -14.07 5.82
N MET B 1 2.89 -11.49 13.02
CA MET B 1 1.58 -12.13 12.71
C MET B 1 0.97 -11.48 11.47
N GLU B 2 -0.32 -11.33 11.46
CA GLU B 2 -1.00 -10.71 10.28
C GLU B 2 -0.80 -9.19 10.30
N LEU B 3 -1.00 -8.56 9.18
CA LEU B 3 -0.84 -7.08 9.11
C LEU B 3 -1.85 -6.40 10.02
N SER B 4 -3.05 -6.90 10.05
CA SER B 4 -4.09 -6.27 10.92
C SER B 4 -3.63 -6.28 12.39
N ASN B 5 -3.16 -7.40 12.86
CA ASN B 5 -2.70 -7.48 14.27
C ASN B 5 -1.43 -6.64 14.46
N GLU B 6 -0.52 -6.72 13.52
CA GLU B 6 0.74 -5.93 13.62
C GLU B 6 0.43 -4.44 13.54
N LEU B 7 -0.44 -4.07 12.64
CA LEU B 7 -0.80 -2.63 12.49
C LEU B 7 -1.44 -2.13 13.79
N LYS B 8 -2.29 -2.92 14.39
CA LYS B 8 -2.94 -2.51 15.65
C LYS B 8 -1.88 -2.30 16.74
N VAL B 9 -0.87 -3.11 16.75
CA VAL B 9 0.20 -2.96 17.79
C VAL B 9 0.86 -1.58 17.67
N GLU B 10 1.21 -1.18 16.48
CA GLU B 10 1.85 0.15 16.31
C GLU B 10 0.84 1.24 16.71
N ARG B 11 -0.40 1.03 16.36
CA ARG B 11 -1.45 2.04 16.70
C ARG B 11 -1.56 2.16 18.23
N ILE B 12 -1.66 1.04 18.91
CA ILE B 12 -1.76 1.06 20.39
C ILE B 12 -0.44 1.53 20.99
N ARG B 13 0.66 1.04 20.48
CA ARG B 13 1.99 1.44 21.02
C ARG B 13 2.15 2.95 20.84
N LEU B 14 1.78 3.45 19.69
CA LEU B 14 1.89 4.91 19.43
C LEU B 14 0.65 5.61 19.98
N SER B 15 -0.29 4.84 20.49
CA SER B 15 -1.54 5.43 21.08
C SER B 15 -2.01 6.62 20.25
N LEU B 16 -2.57 6.38 19.09
CA LEU B 16 -3.05 7.50 18.23
C LEU B 16 -4.56 7.65 18.35
N THR B 17 -5.02 8.86 18.52
CA THR B 17 -6.49 9.09 18.68
C THR B 17 -7.21 8.84 17.35
N ALA B 18 -8.33 8.17 17.42
CA ALA B 18 -9.10 7.88 16.18
C ALA B 18 -9.64 9.19 15.59
N LYS B 19 -10.04 10.10 16.43
CA LYS B 19 -10.58 11.39 15.92
C LYS B 19 -9.51 12.13 15.12
N SER B 20 -8.31 12.20 15.63
CA SER B 20 -7.23 12.90 14.89
C SER B 20 -6.96 12.20 13.56
N VAL B 21 -6.88 10.90 13.58
CA VAL B 21 -6.61 10.14 12.32
C VAL B 21 -7.77 10.33 11.34
N ALA B 22 -8.93 10.67 11.82
CA ALA B 22 -10.09 10.88 10.90
C ALA B 22 -10.03 12.29 10.32
N GLU B 23 -9.50 13.23 11.06
CA GLU B 23 -9.41 14.63 10.55
C GLU B 23 -8.40 14.69 9.41
N GLU B 24 -7.26 14.06 9.57
CA GLU B 24 -6.23 14.08 8.49
C GLU B 24 -6.71 13.24 7.30
N MET B 25 -7.25 12.07 7.57
CA MET B 25 -7.72 11.20 6.45
C MET B 25 -8.94 11.85 5.79
N GLY B 26 -9.78 12.48 6.57
CA GLY B 26 -11.00 13.13 6.00
C GLY B 26 -12.16 12.14 5.95
N ILE B 27 -12.09 11.09 6.74
CA ILE B 27 -13.17 10.06 6.76
C ILE B 27 -13.83 10.03 8.13
N SER B 28 -14.72 9.11 8.36
CA SER B 28 -15.41 9.01 9.68
C SER B 28 -14.72 7.97 10.56
N ARG B 29 -15.02 7.99 11.83
CA ARG B 29 -14.42 7.00 12.77
C ARG B 29 -14.88 5.60 12.39
N GLN B 30 -16.11 5.47 11.97
CA GLN B 30 -16.64 4.12 11.59
C GLN B 30 -15.75 3.52 10.49
N GLN B 31 -15.40 4.32 9.52
CA GLN B 31 -14.54 3.79 8.42
C GLN B 31 -13.17 3.42 8.99
N LEU B 32 -12.62 4.26 9.82
CA LEU B 32 -11.29 3.97 10.42
C LEU B 32 -11.40 2.72 11.30
N CYS B 33 -12.45 2.63 12.06
CA CYS B 33 -12.63 1.45 12.97
C CYS B 33 -12.77 0.17 12.12
N ASN B 34 -13.36 0.27 10.97
CA ASN B 34 -13.53 -0.93 10.10
C ASN B 34 -12.15 -1.51 9.75
N ILE B 35 -11.20 -0.67 9.46
CA ILE B 35 -9.84 -1.16 9.11
C ILE B 35 -9.23 -1.87 10.33
N GLU B 36 -9.38 -1.30 11.48
CA GLU B 36 -8.82 -1.94 12.72
C GLU B 36 -9.52 -3.27 12.98
N GLN B 37 -10.76 -3.40 12.60
CA GLN B 37 -11.48 -4.68 12.83
C GLN B 37 -10.96 -5.75 11.86
N SER B 38 -9.71 -5.67 11.52
CA SER B 38 -9.09 -6.67 10.60
C SER B 38 -9.84 -6.72 9.25
N GLU B 39 -9.55 -5.80 8.37
CA GLU B 39 -10.21 -5.78 7.03
C GLU B 39 -9.24 -6.39 6.02
N THR B 40 -7.99 -6.53 6.39
CA THR B 40 -6.94 -7.11 5.49
C THR B 40 -6.45 -6.05 4.49
N ALA B 41 -5.40 -6.37 3.77
CA ALA B 41 -4.85 -5.38 2.79
C ALA B 41 -5.52 -5.59 1.42
N PRO B 42 -5.68 -4.53 0.64
CA PRO B 42 -6.30 -4.60 -0.72
C PRO B 42 -5.38 -5.23 -1.77
N VAL B 43 -5.94 -5.69 -2.86
CA VAL B 43 -5.11 -6.33 -3.93
C VAL B 43 -4.17 -5.28 -4.54
N VAL B 44 -4.48 -4.02 -4.36
CA VAL B 44 -3.60 -2.95 -4.93
C VAL B 44 -2.21 -3.09 -4.32
N VAL B 45 -2.13 -3.34 -3.04
CA VAL B 45 -0.79 -3.51 -2.38
C VAL B 45 -0.05 -4.65 -3.05
N LYS B 46 -0.72 -5.73 -3.32
CA LYS B 46 -0.06 -6.89 -3.98
C LYS B 46 0.44 -6.48 -5.37
N TYR B 47 -0.29 -5.66 -6.07
CA TYR B 47 0.15 -5.25 -7.44
C TYR B 47 1.51 -4.54 -7.38
N ILE B 48 1.62 -3.54 -6.55
CA ILE B 48 2.91 -2.81 -6.45
C ILE B 48 3.97 -3.78 -5.93
N ALA B 49 3.55 -4.76 -5.18
CA ALA B 49 4.51 -5.76 -4.64
C ALA B 49 5.12 -6.52 -5.83
N PHE B 50 4.32 -6.84 -6.81
CA PHE B 50 4.85 -7.55 -8.01
C PHE B 50 5.94 -6.69 -8.61
N LEU B 51 5.68 -5.42 -8.74
CA LEU B 51 6.70 -4.49 -9.30
C LEU B 51 7.92 -4.48 -8.37
N ARG B 52 7.70 -4.53 -7.09
CA ARG B 52 8.84 -4.52 -6.13
C ARG B 52 9.69 -5.77 -6.36
N SER B 53 9.13 -6.78 -6.97
CA SER B 53 9.91 -8.02 -7.24
C SER B 53 11.14 -7.65 -8.07
N LYS B 54 10.98 -6.68 -8.93
CA LYS B 54 12.13 -6.24 -9.79
C LYS B 54 12.88 -5.12 -9.06
N GLY B 55 12.41 -4.76 -7.90
CA GLY B 55 13.09 -3.67 -7.13
C GLY B 55 12.64 -2.30 -7.62
N VAL B 56 11.43 -2.20 -8.12
CA VAL B 56 10.96 -0.87 -8.61
C VAL B 56 10.90 0.11 -7.43
N ASP B 57 11.59 1.22 -7.56
CA ASP B 57 11.62 2.23 -6.46
C ASP B 57 10.23 2.82 -6.23
N LEU B 58 9.32 2.03 -5.74
CA LEU B 58 7.95 2.56 -5.48
C LEU B 58 8.03 3.61 -4.38
N ASN B 59 8.86 3.37 -3.40
CA ASN B 59 9.01 4.33 -2.26
C ASN B 59 9.11 5.75 -2.80
N ALA B 60 9.84 5.92 -3.87
CA ALA B 60 10.01 7.27 -4.46
C ALA B 60 8.65 7.83 -4.86
N LEU B 61 7.86 7.06 -5.56
CA LEU B 61 6.53 7.56 -5.99
C LEU B 61 5.67 7.85 -4.76
N PHE B 62 5.69 6.98 -3.79
CA PHE B 62 4.89 7.19 -2.56
C PHE B 62 5.45 8.38 -1.77
N ASP B 63 6.75 8.49 -1.70
CA ASP B 63 7.36 9.62 -0.94
C ASP B 63 7.06 10.94 -1.64
N ARG B 64 6.70 10.89 -2.90
CA ARG B 64 6.38 12.14 -3.64
C ARG B 64 4.90 12.48 -3.49
N ILE B 65 4.08 11.49 -3.20
CA ILE B 65 2.60 11.75 -3.05
C ILE B 65 2.30 12.28 -1.65
N ILE B 66 3.16 12.04 -0.70
CA ILE B 66 2.90 12.53 0.69
C ILE B 66 3.20 14.03 0.77
N VAL B 67 3.78 14.59 -0.26
CA VAL B 67 4.11 16.06 -0.24
C VAL B 67 2.94 16.86 0.33
N ASN B 68 3.19 18.11 0.66
CA ASN B 68 2.13 18.96 1.26
C ASN B 68 0.89 19.00 0.34
N LYS B 69 -0.27 19.13 0.93
CA LYS B 69 -1.54 19.18 0.14
C LYS B 69 -1.67 17.93 -0.72
N LEU B 70 -2.47 17.00 -0.29
CA LEU B 70 -2.67 15.74 -1.07
C LEU B 70 -3.76 15.98 -2.11
N GLU B 71 -4.42 17.12 -2.04
CA GLU B 71 -5.50 17.44 -3.02
C GLU B 71 -6.60 16.39 -2.90
N HIS B 72 -6.43 15.43 -2.03
CA HIS B 72 -7.46 14.37 -1.86
C HIS B 72 -8.59 14.87 -0.95
N HIS B 73 -9.80 14.51 -1.26
CA HIS B 73 -10.96 14.94 -0.41
C HIS B 73 -12.10 13.95 -0.59
N HIS B 74 -13.18 14.12 0.12
CA HIS B 74 -14.32 13.16 0.01
C HIS B 74 -14.75 13.02 -1.47
N HIS B 75 -14.79 11.80 -1.95
CA HIS B 75 -15.20 11.58 -3.37
C HIS B 75 -15.63 10.12 -3.54
N HIS B 76 -16.27 9.82 -4.63
CA HIS B 76 -16.71 8.41 -4.90
C HIS B 76 -17.10 8.27 -6.37
N HIS B 77 -16.22 7.72 -7.16
CA HIS B 77 -16.52 7.54 -8.63
C HIS B 77 -17.97 7.12 -8.84
N MET A 1 0.24 13.96 -11.84
CA MET A 1 -0.70 13.03 -12.54
C MET A 1 -1.32 12.07 -11.53
N GLU A 2 -2.22 11.23 -11.98
CA GLU A 2 -2.88 10.27 -11.06
C GLU A 2 -2.02 9.02 -10.88
N LEU A 3 -2.40 8.16 -9.97
CA LEU A 3 -1.63 6.91 -9.72
C LEU A 3 -1.65 6.02 -10.97
N SER A 4 -2.77 5.94 -11.64
CA SER A 4 -2.85 5.07 -12.85
C SER A 4 -1.80 5.49 -13.87
N ASN A 5 -1.60 6.77 -14.07
CA ASN A 5 -0.61 7.23 -15.07
C ASN A 5 0.80 6.80 -14.62
N GLU A 6 1.12 7.02 -13.38
CA GLU A 6 2.47 6.64 -12.88
C GLU A 6 2.57 5.11 -12.83
N LEU A 7 1.50 4.45 -12.48
CA LEU A 7 1.52 2.96 -12.40
C LEU A 7 1.78 2.38 -13.80
N LYS A 8 1.16 2.94 -14.79
CA LYS A 8 1.36 2.44 -16.19
C LYS A 8 2.83 2.60 -16.60
N VAL A 9 3.42 3.72 -16.27
CA VAL A 9 4.84 3.96 -16.64
C VAL A 9 5.73 2.89 -16.00
N GLU A 10 5.51 2.60 -14.74
CA GLU A 10 6.34 1.58 -14.05
C GLU A 10 6.24 0.24 -14.79
N ARG A 11 5.04 -0.11 -15.21
CA ARG A 11 4.87 -1.40 -15.93
C ARG A 11 5.79 -1.41 -17.16
N ILE A 12 5.79 -0.33 -17.89
CA ILE A 12 6.67 -0.23 -19.09
C ILE A 12 8.14 -0.23 -18.65
N ARG A 13 8.45 0.51 -17.61
CA ARG A 13 9.86 0.57 -17.14
C ARG A 13 10.39 -0.83 -16.86
N LEU A 14 9.62 -1.65 -16.20
CA LEU A 14 10.07 -3.04 -15.91
C LEU A 14 9.38 -4.00 -16.87
N SER A 15 8.59 -3.48 -17.78
CA SER A 15 7.87 -4.34 -18.78
C SER A 15 7.30 -5.59 -18.10
N LEU A 16 6.16 -5.46 -17.48
CA LEU A 16 5.51 -6.63 -16.78
C LEU A 16 4.33 -7.13 -17.60
N THR A 17 4.00 -8.39 -17.46
CA THR A 17 2.86 -8.98 -18.21
C THR A 17 1.74 -9.35 -17.24
N ALA A 18 0.51 -9.20 -17.66
CA ALA A 18 -0.64 -9.54 -16.79
C ALA A 18 -0.63 -11.04 -16.49
N LYS A 19 -0.28 -11.84 -17.45
CA LYS A 19 -0.26 -13.30 -17.22
C LYS A 19 0.78 -13.64 -16.15
N SER A 20 1.94 -13.06 -16.22
CA SER A 20 3.00 -13.35 -15.20
C SER A 20 2.51 -12.92 -13.82
N VAL A 21 1.98 -11.73 -13.71
CA VAL A 21 1.48 -11.24 -12.40
C VAL A 21 0.24 -12.04 -11.98
N ALA A 22 -0.66 -12.26 -12.90
CA ALA A 22 -1.91 -13.00 -12.56
C ALA A 22 -1.58 -14.44 -12.13
N GLU A 23 -0.64 -15.07 -12.77
CA GLU A 23 -0.29 -16.46 -12.39
C GLU A 23 0.36 -16.47 -11.00
N GLU A 24 1.20 -15.50 -10.72
CA GLU A 24 1.87 -15.45 -9.40
C GLU A 24 0.87 -15.00 -8.32
N MET A 25 0.07 -14.02 -8.63
CA MET A 25 -0.92 -13.51 -7.64
C MET A 25 -1.96 -14.60 -7.35
N GLY A 26 -2.38 -15.34 -8.35
CA GLY A 26 -3.39 -16.40 -8.13
C GLY A 26 -4.77 -15.87 -8.51
N ILE A 27 -4.83 -14.87 -9.35
CA ILE A 27 -6.16 -14.29 -9.78
C ILE A 27 -6.26 -14.30 -11.30
N SER A 28 -7.45 -14.16 -11.81
CA SER A 28 -7.64 -14.17 -13.29
C SER A 28 -7.26 -12.81 -13.88
N ARG A 29 -7.10 -12.74 -15.17
CA ARG A 29 -6.75 -11.46 -15.83
C ARG A 29 -7.88 -10.45 -15.61
N GLN A 30 -9.09 -10.91 -15.60
CA GLN A 30 -10.24 -10.00 -15.39
C GLN A 30 -10.05 -9.23 -14.08
N GLN A 31 -9.68 -9.91 -13.04
CA GLN A 31 -9.46 -9.23 -11.73
C GLN A 31 -8.30 -8.24 -11.87
N LEU A 32 -7.26 -8.64 -12.51
CA LEU A 32 -6.09 -7.73 -12.69
C LEU A 32 -6.53 -6.53 -13.52
N CYS A 33 -7.33 -6.76 -14.52
CA CYS A 33 -7.79 -5.65 -15.40
C CYS A 33 -8.56 -4.62 -14.56
N ASN A 34 -9.28 -5.07 -13.58
CA ASN A 34 -10.06 -4.13 -12.72
C ASN A 34 -9.08 -3.18 -12.02
N ILE A 35 -7.98 -3.69 -11.55
CA ILE A 35 -6.99 -2.82 -10.85
C ILE A 35 -6.46 -1.77 -11.85
N GLU A 36 -6.14 -2.18 -13.05
CA GLU A 36 -5.63 -1.22 -14.05
C GLU A 36 -6.78 -0.30 -14.47
N GLN A 37 -7.98 -0.64 -14.12
CA GLN A 37 -9.13 0.20 -14.51
C GLN A 37 -9.13 1.49 -13.68
N SER A 38 -7.96 2.04 -13.44
CA SER A 38 -7.86 3.30 -12.66
C SER A 38 -8.69 3.22 -11.37
N GLU A 39 -9.82 3.90 -11.35
CA GLU A 39 -10.68 3.89 -10.13
C GLU A 39 -9.91 4.44 -8.93
N THR A 40 -10.59 5.19 -8.10
CA THR A 40 -9.93 5.79 -6.91
C THR A 40 -9.40 4.69 -5.99
N ALA A 41 -8.23 4.89 -5.45
CA ALA A 41 -7.64 3.86 -4.55
C ALA A 41 -8.40 3.83 -3.20
N PRO A 42 -8.41 2.70 -2.54
CA PRO A 42 -9.11 2.53 -1.21
C PRO A 42 -8.47 3.37 -0.09
N VAL A 43 -9.25 3.70 0.91
CA VAL A 43 -8.73 4.51 2.06
C VAL A 43 -7.64 3.73 2.81
N VAL A 44 -7.65 2.43 2.72
CA VAL A 44 -6.61 1.63 3.44
C VAL A 44 -5.22 2.08 2.97
N VAL A 45 -5.07 2.32 1.69
CA VAL A 45 -3.74 2.76 1.17
C VAL A 45 -3.39 4.11 1.78
N LYS A 46 -4.33 5.01 1.84
CA LYS A 46 -4.06 6.35 2.42
C LYS A 46 -3.65 6.17 3.89
N TYR A 47 -4.33 5.31 4.59
CA TYR A 47 -4.00 5.07 6.02
C TYR A 47 -2.55 4.58 6.11
N ILE A 48 -2.17 3.68 5.25
CA ILE A 48 -0.77 3.17 5.25
C ILE A 48 0.18 4.32 4.94
N ALA A 49 -0.16 5.14 3.99
CA ALA A 49 0.73 6.28 3.64
C ALA A 49 0.99 7.12 4.88
N PHE A 50 0.01 7.29 5.73
CA PHE A 50 0.21 8.10 6.95
C PHE A 50 1.28 7.44 7.82
N LEU A 51 1.20 6.15 8.00
CA LEU A 51 2.22 5.44 8.83
C LEU A 51 3.59 5.60 8.17
N ARG A 52 3.65 5.60 6.88
CA ARG A 52 4.96 5.76 6.19
C ARG A 52 5.54 7.11 6.59
N SER A 53 4.73 8.12 6.67
CA SER A 53 5.23 9.46 7.07
C SER A 53 5.96 9.36 8.41
N LYS A 54 5.56 8.44 9.25
CA LYS A 54 6.22 8.30 10.56
C LYS A 54 7.49 7.44 10.40
N GLY A 55 7.79 7.04 9.19
CA GLY A 55 9.03 6.22 8.96
C GLY A 55 8.78 4.77 9.34
N VAL A 56 7.55 4.31 9.32
CA VAL A 56 7.30 2.89 9.68
C VAL A 56 7.92 1.96 8.65
N ASP A 57 8.58 0.92 9.09
CA ASP A 57 9.22 -0.02 8.13
C ASP A 57 8.18 -0.94 7.50
N LEU A 58 7.66 -0.57 6.36
CA LEU A 58 6.63 -1.40 5.68
C LEU A 58 7.36 -2.46 4.84
N ASN A 59 8.64 -2.31 4.65
CA ASN A 59 9.40 -3.29 3.83
C ASN A 59 9.38 -4.66 4.51
N ALA A 60 9.61 -4.71 5.79
CA ALA A 60 9.60 -6.02 6.49
C ALA A 60 8.17 -6.56 6.58
N LEU A 61 7.21 -5.71 6.85
CA LEU A 61 5.81 -6.20 6.95
C LEU A 61 5.36 -6.80 5.62
N PHE A 62 5.58 -6.10 4.55
CA PHE A 62 5.16 -6.61 3.21
C PHE A 62 6.03 -7.80 2.79
N ASP A 63 7.30 -7.79 3.13
CA ASP A 63 8.20 -8.91 2.72
C ASP A 63 7.69 -10.26 3.24
N ARG A 64 7.36 -10.37 4.50
CA ARG A 64 6.88 -11.68 5.03
C ARG A 64 5.59 -12.08 4.32
N ILE A 65 4.69 -11.16 4.11
CA ILE A 65 3.41 -11.50 3.46
C ILE A 65 3.66 -12.01 2.02
N ILE A 66 4.53 -11.36 1.30
CA ILE A 66 4.81 -11.80 -0.10
C ILE A 66 5.38 -13.22 -0.12
N VAL A 67 6.60 -13.39 0.29
CA VAL A 67 7.23 -14.73 0.25
C VAL A 67 6.71 -15.61 1.39
N ASN A 68 6.28 -16.81 1.06
CA ASN A 68 5.78 -17.76 2.09
C ASN A 68 6.89 -18.76 2.39
N LYS A 69 7.84 -18.86 1.52
CA LYS A 69 8.97 -19.82 1.72
C LYS A 69 9.85 -19.37 2.89
N LEU A 70 10.71 -20.24 3.34
CA LEU A 70 11.63 -19.92 4.47
C LEU A 70 10.87 -20.08 5.79
N GLU A 71 10.03 -21.08 5.89
CA GLU A 71 9.25 -21.30 7.15
C GLU A 71 9.37 -22.76 7.59
N HIS A 72 8.50 -23.19 8.47
CA HIS A 72 8.56 -24.60 8.97
C HIS A 72 8.87 -25.57 7.83
N HIS A 73 7.87 -25.90 7.05
CA HIS A 73 8.09 -26.86 5.93
C HIS A 73 6.81 -26.92 5.09
N HIS A 74 6.34 -25.79 4.64
CA HIS A 74 5.09 -25.77 3.82
C HIS A 74 4.02 -26.66 4.47
N HIS A 75 3.01 -27.03 3.71
CA HIS A 75 1.91 -27.89 4.27
C HIS A 75 1.63 -29.03 3.28
N HIS A 76 1.50 -30.23 3.80
CA HIS A 76 1.21 -31.39 2.91
C HIS A 76 -0.29 -31.48 2.65
N HIS A 77 -0.66 -32.18 1.61
CA HIS A 77 -2.11 -32.32 1.27
C HIS A 77 -2.91 -32.67 2.53
N MET B 1 1.76 -13.34 11.61
CA MET B 1 0.80 -12.43 12.31
C MET B 1 -0.22 -11.90 11.30
N GLU B 2 -1.39 -11.57 11.77
CA GLU B 2 -2.44 -11.05 10.85
C GLU B 2 -2.18 -9.57 10.54
N LEU B 3 -2.83 -9.04 9.53
CA LEU B 3 -2.62 -7.62 9.14
C LEU B 3 -3.01 -6.70 10.30
N SER B 4 -4.12 -6.96 10.93
CA SER B 4 -4.55 -6.10 12.06
C SER B 4 -3.52 -6.14 13.19
N ASN B 5 -2.89 -7.26 13.39
CA ASN B 5 -1.89 -7.37 14.50
C ASN B 5 -0.72 -6.40 14.30
N GLU B 6 -0.20 -6.27 13.10
CA GLU B 6 0.94 -5.34 12.90
C GLU B 6 0.47 -3.89 13.03
N LEU B 7 -0.65 -3.55 12.46
CA LEU B 7 -1.13 -2.15 12.57
C LEU B 7 -1.39 -1.81 14.05
N LYS B 8 -1.92 -2.74 14.79
CA LYS B 8 -2.18 -2.47 16.23
C LYS B 8 -0.86 -2.19 16.95
N VAL B 9 0.15 -2.97 16.70
CA VAL B 9 1.46 -2.75 17.39
C VAL B 9 2.05 -1.39 16.97
N GLU B 10 2.04 -1.09 15.70
CA GLU B 10 2.61 0.21 15.24
C GLU B 10 1.81 1.35 15.86
N ARG B 11 0.52 1.20 15.97
CA ARG B 11 -0.32 2.27 16.55
C ARG B 11 0.11 2.55 17.99
N ILE B 12 0.39 1.53 18.76
CA ILE B 12 0.82 1.73 20.16
C ILE B 12 2.15 2.48 20.19
N ARG B 13 3.08 2.08 19.36
CA ARG B 13 4.40 2.77 19.34
C ARG B 13 4.21 4.21 18.88
N LEU B 14 3.38 4.42 17.90
CA LEU B 14 3.15 5.81 17.40
C LEU B 14 2.01 6.44 18.20
N SER B 15 1.37 5.66 19.05
CA SER B 15 0.24 6.18 19.87
C SER B 15 -0.62 7.13 19.04
N LEU B 16 -1.20 6.63 17.96
CA LEU B 16 -2.04 7.50 17.08
C LEU B 16 -3.52 7.19 17.32
N THR B 17 -4.29 8.20 17.64
CA THR B 17 -5.74 7.98 17.91
C THR B 17 -6.55 8.05 16.61
N ALA B 18 -7.75 7.55 16.64
CA ALA B 18 -8.62 7.58 15.43
C ALA B 18 -9.00 9.03 15.12
N LYS B 19 -9.23 9.82 16.14
CA LYS B 19 -9.63 11.24 15.92
C LYS B 19 -8.51 11.99 15.17
N SER B 20 -7.28 11.80 15.58
CA SER B 20 -6.16 12.51 14.90
C SER B 20 -6.08 12.08 13.43
N VAL B 21 -6.13 10.81 13.18
CA VAL B 21 -6.06 10.33 11.77
C VAL B 21 -7.28 10.83 11.00
N ALA B 22 -8.43 10.74 11.60
CA ALA B 22 -9.67 11.21 10.92
C ALA B 22 -9.57 12.70 10.63
N GLU B 23 -8.87 13.44 11.45
CA GLU B 23 -8.75 14.90 11.22
C GLU B 23 -8.00 15.13 9.89
N GLU B 24 -6.94 14.40 9.67
CA GLU B 24 -6.16 14.58 8.41
C GLU B 24 -6.87 13.83 7.27
N MET B 25 -7.26 12.62 7.52
CA MET B 25 -7.95 11.81 6.47
C MET B 25 -9.29 12.47 6.14
N GLY B 26 -9.99 12.96 7.12
CA GLY B 26 -11.31 13.59 6.84
C GLY B 26 -12.39 12.50 6.77
N ILE B 27 -12.23 11.44 7.53
CA ILE B 27 -13.24 10.33 7.51
C ILE B 27 -13.81 10.11 8.91
N SER B 28 -14.85 9.34 9.02
CA SER B 28 -15.46 9.09 10.35
C SER B 28 -14.53 8.24 11.20
N ARG B 29 -14.62 8.38 12.49
CA ARG B 29 -13.77 7.58 13.43
C ARG B 29 -14.12 6.10 13.26
N GLN B 30 -15.37 5.80 13.10
CA GLN B 30 -15.80 4.37 12.93
C GLN B 30 -15.25 3.83 11.61
N GLN B 31 -15.27 4.62 10.57
CA GLN B 31 -14.76 4.14 9.26
C GLN B 31 -13.31 3.73 9.41
N LEU B 32 -12.53 4.49 10.13
CA LEU B 32 -11.10 4.12 10.31
C LEU B 32 -11.02 2.79 11.05
N CYS B 33 -11.84 2.61 12.04
CA CYS B 33 -11.82 1.33 12.81
C CYS B 33 -12.17 0.17 11.86
N ASN B 34 -13.00 0.42 10.90
CA ASN B 34 -13.39 -0.64 9.94
C ASN B 34 -12.14 -1.09 9.17
N ILE B 35 -11.29 -0.17 8.82
CA ILE B 35 -10.06 -0.56 8.06
C ILE B 35 -9.21 -1.50 8.93
N GLU B 36 -9.06 -1.17 10.18
CA GLU B 36 -8.25 -2.03 11.09
C GLU B 36 -9.01 -3.32 11.41
N GLN B 37 -10.31 -3.27 11.42
CA GLN B 37 -11.12 -4.49 11.74
C GLN B 37 -11.51 -5.18 10.44
N SER B 38 -10.91 -4.81 9.34
CA SER B 38 -11.27 -5.43 8.03
C SER B 38 -10.80 -6.89 7.99
N GLU B 39 -11.43 -7.70 7.19
CA GLU B 39 -11.03 -9.13 7.08
C GLU B 39 -9.67 -9.24 6.41
N THR B 40 -9.39 -8.42 5.43
CA THR B 40 -8.08 -8.50 4.74
C THR B 40 -7.86 -7.24 3.89
N ALA B 41 -6.67 -7.02 3.42
CA ALA B 41 -6.40 -5.82 2.58
C ALA B 41 -6.75 -6.12 1.12
N PRO B 42 -7.10 -5.12 0.35
CA PRO B 42 -7.47 -5.28 -1.10
C PRO B 42 -6.29 -5.79 -1.95
N VAL B 43 -6.59 -6.43 -3.05
CA VAL B 43 -5.53 -6.96 -3.94
C VAL B 43 -4.67 -5.82 -4.50
N VAL B 44 -5.23 -4.65 -4.62
CA VAL B 44 -4.44 -3.51 -5.18
C VAL B 44 -3.15 -3.36 -4.37
N VAL B 45 -3.21 -3.58 -3.08
CA VAL B 45 -1.99 -3.46 -2.24
C VAL B 45 -0.98 -4.52 -2.68
N LYS B 46 -1.44 -5.72 -2.89
CA LYS B 46 -0.51 -6.81 -3.33
C LYS B 46 0.08 -6.45 -4.69
N TYR B 47 -0.70 -5.85 -5.55
CA TYR B 47 -0.18 -5.47 -6.90
C TYR B 47 1.01 -4.52 -6.71
N ILE B 48 0.84 -3.51 -5.89
CA ILE B 48 1.95 -2.56 -5.64
C ILE B 48 3.09 -3.32 -4.96
N ALA B 49 2.76 -4.17 -4.03
CA ALA B 49 3.81 -4.94 -3.32
C ALA B 49 4.65 -5.70 -4.35
N PHE B 50 4.03 -6.19 -5.38
CA PHE B 50 4.81 -6.92 -6.42
C PHE B 50 5.84 -5.95 -7.00
N LEU B 51 5.41 -4.75 -7.29
CA LEU B 51 6.36 -3.73 -7.86
C LEU B 51 7.44 -3.43 -6.82
N ARG B 52 7.07 -3.31 -5.57
CA ARG B 52 8.09 -3.02 -4.52
C ARG B 52 9.02 -4.22 -4.38
N SER B 53 8.55 -5.39 -4.72
CA SER B 53 9.42 -6.59 -4.60
C SER B 53 10.60 -6.44 -5.57
N LYS B 54 10.45 -5.65 -6.59
CA LYS B 54 11.57 -5.44 -7.56
C LYS B 54 12.36 -4.21 -7.14
N GLY B 55 12.00 -3.60 -6.04
CA GLY B 55 12.74 -2.39 -5.56
C GLY B 55 12.21 -1.12 -6.23
N VAL B 56 10.97 -1.11 -6.65
CA VAL B 56 10.44 0.11 -7.30
C VAL B 56 10.32 1.23 -6.25
N ASP B 57 10.85 2.39 -6.54
CA ASP B 57 10.80 3.52 -5.57
C ASP B 57 9.38 3.86 -5.18
N LEU B 58 8.94 3.39 -4.04
CA LEU B 58 7.55 3.70 -3.58
C LEU B 58 7.61 4.98 -2.72
N ASN B 59 8.79 5.35 -2.30
CA ASN B 59 8.93 6.56 -1.45
C ASN B 59 8.57 7.82 -2.24
N ALA B 60 8.96 7.88 -3.49
CA ALA B 60 8.64 9.08 -4.30
C ALA B 60 7.23 8.96 -4.87
N LEU B 61 6.78 7.76 -5.14
CA LEU B 61 5.41 7.59 -5.70
C LEU B 61 4.38 8.09 -4.70
N PHE B 62 4.54 7.75 -3.45
CA PHE B 62 3.56 8.19 -2.40
C PHE B 62 3.89 9.61 -1.90
N ASP B 63 5.14 9.97 -1.86
CA ASP B 63 5.49 11.34 -1.36
C ASP B 63 4.88 12.41 -2.27
N ARG B 64 4.93 12.22 -3.56
CA ARG B 64 4.36 13.23 -4.49
C ARG B 64 2.85 13.37 -4.25
N ILE B 65 2.18 12.27 -4.04
CA ILE B 65 0.71 12.33 -3.82
C ILE B 65 0.39 13.12 -2.54
N ILE B 66 1.12 12.91 -1.49
CA ILE B 66 0.83 13.65 -0.22
C ILE B 66 1.17 15.14 -0.40
N VAL B 67 2.32 15.56 0.07
CA VAL B 67 2.74 16.99 -0.04
C VAL B 67 1.69 17.91 0.59
N ASN B 68 2.09 18.69 1.56
CA ASN B 68 1.13 19.60 2.25
C ASN B 68 0.94 20.89 1.43
N LYS B 69 0.58 21.95 2.09
CA LYS B 69 0.37 23.24 1.36
C LYS B 69 1.70 23.93 1.12
N LEU B 70 2.25 23.80 -0.07
CA LEU B 70 3.55 24.44 -0.39
C LEU B 70 3.43 25.15 -1.74
N GLU B 71 3.24 24.39 -2.79
CA GLU B 71 3.09 24.99 -4.16
C GLU B 71 1.63 24.87 -4.60
N HIS B 72 0.71 25.24 -3.74
CA HIS B 72 -0.74 25.14 -4.11
C HIS B 72 -1.54 26.24 -3.40
N HIS B 73 -2.78 26.37 -3.76
CA HIS B 73 -3.64 27.40 -3.13
C HIS B 73 -5.11 26.96 -3.32
N HIS B 74 -5.44 25.80 -2.80
CA HIS B 74 -6.82 25.27 -2.94
C HIS B 74 -7.29 25.39 -4.39
N HIS B 75 -8.29 26.19 -4.64
CA HIS B 75 -8.82 26.35 -6.03
C HIS B 75 -9.09 27.83 -6.29
N HIS B 76 -10.32 28.25 -6.13
CA HIS B 76 -10.65 29.68 -6.36
C HIS B 76 -11.91 30.03 -5.56
N HIS B 77 -12.17 29.30 -4.51
CA HIS B 77 -13.37 29.59 -3.67
C HIS B 77 -13.06 29.26 -2.22
N MET A 1 1.98 14.55 -11.62
CA MET A 1 2.43 13.33 -12.36
C MET A 1 1.32 12.28 -12.30
N GLU A 2 0.37 12.47 -11.43
CA GLU A 2 -0.77 11.52 -11.30
C GLU A 2 -0.24 10.13 -10.92
N LEU A 3 -0.71 9.60 -9.83
CA LEU A 3 -0.24 8.26 -9.37
C LEU A 3 -0.65 7.19 -10.38
N SER A 4 -1.83 7.28 -10.89
CA SER A 4 -2.32 6.26 -11.88
C SER A 4 -1.41 6.24 -13.12
N ASN A 5 -1.00 7.39 -13.56
CA ASN A 5 -0.13 7.48 -14.77
C ASN A 5 1.21 6.77 -14.52
N GLU A 6 1.76 6.95 -13.34
CA GLU A 6 3.07 6.30 -13.02
C GLU A 6 2.89 4.78 -12.96
N LEU A 7 1.77 4.34 -12.47
CA LEU A 7 1.54 2.86 -12.35
C LEU A 7 1.58 2.21 -13.74
N LYS A 8 0.95 2.83 -14.70
CA LYS A 8 0.93 2.26 -16.08
C LYS A 8 2.34 2.29 -16.67
N VAL A 9 3.07 3.35 -16.43
CA VAL A 9 4.45 3.47 -16.98
C VAL A 9 5.34 2.36 -16.40
N GLU A 10 5.25 2.12 -15.11
CA GLU A 10 6.08 1.07 -14.48
C GLU A 10 5.74 -0.28 -15.11
N ARG A 11 4.47 -0.52 -15.33
CA ARG A 11 4.05 -1.82 -15.93
C ARG A 11 4.59 -1.95 -17.36
N ILE A 12 4.43 -0.91 -18.14
CA ILE A 12 4.92 -0.94 -19.56
C ILE A 12 6.46 -0.97 -19.56
N ARG A 13 7.07 -0.18 -18.73
CA ARG A 13 8.56 -0.16 -18.68
C ARG A 13 9.08 -1.53 -18.28
N LEU A 14 8.42 -2.16 -17.35
CA LEU A 14 8.86 -3.51 -16.89
C LEU A 14 8.24 -4.56 -17.82
N SER A 15 7.38 -4.14 -18.70
CA SER A 15 6.72 -5.06 -19.66
C SER A 15 6.30 -6.35 -18.95
N LEU A 16 5.30 -6.25 -18.11
CA LEU A 16 4.81 -7.46 -17.35
C LEU A 16 3.45 -7.90 -17.90
N THR A 17 3.30 -9.18 -18.11
CA THR A 17 2.02 -9.71 -18.66
C THR A 17 0.98 -9.82 -17.53
N ALA A 18 -0.27 -9.63 -17.88
CA ALA A 18 -1.35 -9.71 -16.87
C ALA A 18 -1.59 -11.16 -16.48
N LYS A 19 -1.45 -12.06 -17.42
CA LYS A 19 -1.67 -13.50 -17.14
C LYS A 19 -0.66 -13.98 -16.09
N SER A 20 0.58 -13.65 -16.28
CA SER A 20 1.63 -14.09 -15.30
C SER A 20 1.37 -13.45 -13.94
N VAL A 21 1.12 -12.16 -13.92
CA VAL A 21 0.86 -11.46 -12.63
C VAL A 21 -0.44 -11.97 -12.01
N ALA A 22 -1.45 -12.13 -12.81
CA ALA A 22 -2.77 -12.61 -12.29
C ALA A 22 -2.58 -14.01 -11.69
N GLU A 23 -1.73 -14.81 -12.28
CA GLU A 23 -1.51 -16.19 -11.78
C GLU A 23 -0.90 -16.16 -10.37
N GLU A 24 0.11 -15.36 -10.17
CA GLU A 24 0.76 -15.28 -8.82
C GLU A 24 -0.11 -14.47 -7.87
N MET A 25 -0.71 -13.44 -8.38
CA MET A 25 -1.59 -12.58 -7.54
C MET A 25 -2.80 -13.39 -7.08
N GLY A 26 -3.34 -14.19 -7.97
CA GLY A 26 -4.54 -15.02 -7.61
C GLY A 26 -5.81 -14.26 -7.95
N ILE A 27 -5.76 -13.43 -8.96
CA ILE A 27 -6.96 -12.64 -9.37
C ILE A 27 -7.20 -12.77 -10.87
N SER A 28 -8.35 -12.34 -11.32
CA SER A 28 -8.68 -12.43 -12.77
C SER A 28 -7.90 -11.37 -13.55
N ARG A 29 -7.75 -11.59 -14.83
CA ARG A 29 -7.02 -10.63 -15.69
C ARG A 29 -7.79 -9.31 -15.71
N GLN A 30 -9.10 -9.40 -15.70
CA GLN A 30 -9.95 -8.17 -15.72
C GLN A 30 -9.71 -7.38 -14.43
N GLN A 31 -9.60 -8.07 -13.33
CA GLN A 31 -9.37 -7.38 -12.02
C GLN A 31 -8.10 -6.54 -12.12
N LEU A 32 -7.07 -7.11 -12.68
CA LEU A 32 -5.79 -6.37 -12.83
C LEU A 32 -6.00 -5.17 -13.75
N CYS A 33 -6.70 -5.39 -14.84
CA CYS A 33 -6.96 -4.28 -15.80
C CYS A 33 -7.82 -3.21 -15.13
N ASN A 34 -8.70 -3.63 -14.27
CA ASN A 34 -9.59 -2.67 -13.56
C ASN A 34 -8.73 -1.76 -12.67
N ILE A 35 -7.70 -2.31 -12.09
CA ILE A 35 -6.81 -1.50 -11.21
C ILE A 35 -6.14 -0.40 -12.04
N GLU A 36 -5.69 -0.73 -13.22
CA GLU A 36 -5.03 0.29 -14.10
C GLU A 36 -6.03 1.41 -14.43
N GLN A 37 -7.28 1.08 -14.58
CA GLN A 37 -8.31 2.11 -14.91
C GLN A 37 -8.84 2.73 -13.61
N SER A 38 -8.29 2.32 -12.49
CA SER A 38 -8.75 2.87 -11.18
C SER A 38 -8.42 4.36 -11.08
N GLU A 39 -9.28 5.10 -10.45
CA GLU A 39 -9.06 6.57 -10.28
C GLU A 39 -8.33 6.83 -8.95
N THR A 40 -9.06 7.09 -7.92
CA THR A 40 -8.43 7.37 -6.60
C THR A 40 -8.05 6.07 -5.90
N ALA A 41 -7.22 6.16 -4.90
CA ALA A 41 -6.78 4.94 -4.16
C ALA A 41 -7.72 4.70 -2.97
N PRO A 42 -7.77 3.49 -2.48
CA PRO A 42 -8.64 3.12 -1.33
C PRO A 42 -8.19 3.77 -0.01
N VAL A 43 -9.08 3.82 0.95
CA VAL A 43 -8.75 4.42 2.26
C VAL A 43 -7.60 3.65 2.92
N VAL A 44 -7.40 2.43 2.49
CA VAL A 44 -6.30 1.61 3.07
C VAL A 44 -4.94 2.29 2.79
N VAL A 45 -4.77 2.74 1.59
CA VAL A 45 -3.49 3.43 1.22
C VAL A 45 -3.36 4.73 2.02
N LYS A 46 -4.44 5.45 2.14
CA LYS A 46 -4.38 6.75 2.90
C LYS A 46 -3.97 6.48 4.35
N TYR A 47 -4.52 5.46 4.94
CA TYR A 47 -4.17 5.13 6.36
C TYR A 47 -2.69 4.79 6.44
N ILE A 48 -2.21 4.02 5.49
CA ILE A 48 -0.77 3.64 5.48
C ILE A 48 0.08 4.90 5.34
N ALA A 49 -0.34 5.80 4.50
CA ALA A 49 0.42 7.07 4.28
C ALA A 49 0.52 7.81 5.62
N PHE A 50 -0.50 7.71 6.43
CA PHE A 50 -0.47 8.42 7.75
C PHE A 50 0.71 7.88 8.57
N LEU A 51 0.84 6.58 8.62
CA LEU A 51 1.96 5.97 9.40
C LEU A 51 3.29 6.34 8.74
N ARG A 52 3.31 6.36 7.44
CA ARG A 52 4.56 6.70 6.72
C ARG A 52 5.03 8.12 7.05
N SER A 53 4.11 9.05 7.05
CA SER A 53 4.47 10.47 7.34
C SER A 53 5.15 10.57 8.71
N LYS A 54 5.01 9.56 9.52
CA LYS A 54 5.63 9.59 10.89
C LYS A 54 6.94 8.78 10.86
N GLY A 55 7.40 8.43 9.70
CA GLY A 55 8.67 7.65 9.58
C GLY A 55 8.52 6.25 10.17
N VAL A 56 7.37 5.66 10.05
CA VAL A 56 7.17 4.28 10.60
C VAL A 56 7.97 3.28 9.76
N ASP A 57 8.29 3.66 8.55
CA ASP A 57 9.07 2.77 7.64
C ASP A 57 8.33 1.44 7.45
N LEU A 58 7.72 1.29 6.30
CA LEU A 58 6.97 0.04 5.99
C LEU A 58 7.92 -0.94 5.28
N ASN A 59 9.13 -0.52 5.04
CA ASN A 59 10.11 -1.40 4.33
C ASN A 59 10.35 -2.67 5.15
N ALA A 60 10.53 -2.52 6.44
CA ALA A 60 10.77 -3.70 7.30
C ALA A 60 9.46 -4.49 7.47
N LEU A 61 8.36 -3.80 7.55
CA LEU A 61 7.05 -4.49 7.76
C LEU A 61 6.74 -5.42 6.57
N PHE A 62 6.75 -4.88 5.39
CA PHE A 62 6.45 -5.71 4.18
C PHE A 62 7.59 -6.68 3.91
N ASP A 63 8.80 -6.27 4.13
CA ASP A 63 9.96 -7.17 3.86
C ASP A 63 9.74 -8.46 4.64
N ARG A 64 9.15 -8.35 5.80
CA ARG A 64 8.90 -9.57 6.63
C ARG A 64 7.97 -10.53 5.89
N ILE A 65 6.86 -10.04 5.41
CA ILE A 65 5.90 -10.92 4.68
C ILE A 65 6.51 -11.36 3.35
N ILE A 66 7.13 -10.45 2.65
CA ILE A 66 7.73 -10.81 1.32
C ILE A 66 8.75 -11.94 1.49
N VAL A 67 8.59 -12.98 0.73
CA VAL A 67 9.53 -14.14 0.80
C VAL A 67 10.60 -13.99 -0.28
N ASN A 68 10.43 -13.07 -1.18
CA ASN A 68 11.44 -12.86 -2.23
C ASN A 68 12.78 -12.52 -1.55
N LYS A 69 12.75 -11.66 -0.58
CA LYS A 69 14.01 -11.28 0.14
C LYS A 69 15.08 -10.82 -0.86
N LEU A 70 15.47 -9.57 -0.76
CA LEU A 70 16.52 -9.03 -1.67
C LEU A 70 17.83 -9.75 -1.45
N GLU A 71 18.11 -10.09 -0.22
CA GLU A 71 19.38 -10.81 0.10
C GLU A 71 20.57 -9.90 -0.19
N HIS A 72 20.31 -8.74 -0.72
CA HIS A 72 21.41 -7.79 -1.02
C HIS A 72 21.83 -7.07 0.27
N HIS A 73 23.10 -6.82 0.42
CA HIS A 73 23.59 -6.11 1.63
C HIS A 73 24.94 -5.46 1.32
N HIS A 74 25.37 -4.57 2.17
CA HIS A 74 26.69 -3.89 1.97
C HIS A 74 27.63 -4.32 3.09
N HIS A 75 28.67 -5.03 2.74
CA HIS A 75 29.65 -5.51 3.74
C HIS A 75 28.95 -5.96 5.02
N HIS A 76 29.52 -5.67 6.15
CA HIS A 76 28.91 -6.08 7.45
C HIS A 76 28.92 -4.90 8.41
N HIS A 77 28.07 -4.93 9.40
CA HIS A 77 28.01 -3.82 10.40
C HIS A 77 29.41 -3.32 10.75
N MET B 1 2.25 -12.71 13.58
CA MET B 1 2.65 -11.32 13.21
C MET B 1 1.91 -10.91 11.94
N GLU B 2 0.61 -10.96 11.97
CA GLU B 2 -0.20 -10.58 10.77
C GLU B 2 -0.26 -9.05 10.64
N LEU B 3 -0.79 -8.60 9.54
CA LEU B 3 -0.89 -7.14 9.28
C LEU B 3 -1.80 -6.49 10.33
N SER B 4 -2.89 -7.13 10.64
CA SER B 4 -3.84 -6.56 11.65
C SER B 4 -3.14 -6.44 13.01
N ASN B 5 -2.42 -7.45 13.40
CA ASN B 5 -1.71 -7.40 14.71
C ASN B 5 -0.51 -6.45 14.65
N GLU B 6 0.27 -6.54 13.61
CA GLU B 6 1.46 -5.66 13.49
C GLU B 6 1.03 -4.21 13.29
N LEU B 7 0.06 -3.99 12.47
CA LEU B 7 -0.42 -2.60 12.21
C LEU B 7 -0.95 -1.98 13.51
N LYS B 8 -1.67 -2.74 14.27
CA LYS B 8 -2.23 -2.21 15.54
C LYS B 8 -1.09 -1.86 16.50
N VAL B 9 -0.09 -2.69 16.54
CA VAL B 9 1.07 -2.45 17.45
C VAL B 9 1.73 -1.11 17.12
N GLU B 10 1.92 -0.83 15.86
CA GLU B 10 2.56 0.46 15.47
C GLU B 10 1.69 1.63 15.91
N ARG B 11 0.40 1.47 15.84
CA ARG B 11 -0.51 2.57 16.26
C ARG B 11 -0.25 2.93 17.74
N ILE B 12 -0.07 1.94 18.57
CA ILE B 12 0.18 2.19 20.02
C ILE B 12 1.54 2.88 20.18
N ARG B 13 2.52 2.43 19.45
CA ARG B 13 3.87 3.06 19.57
C ARG B 13 3.72 4.58 19.43
N LEU B 14 2.96 4.99 18.47
CA LEU B 14 2.74 6.46 18.25
C LEU B 14 1.41 6.86 18.90
N SER B 15 0.73 5.92 19.50
CA SER B 15 -0.58 6.20 20.16
C SER B 15 -1.40 7.19 19.33
N LEU B 16 -2.04 6.70 18.29
CA LEU B 16 -2.87 7.60 17.42
C LEU B 16 -4.35 7.29 17.63
N THR B 17 -5.13 8.30 17.81
CA THR B 17 -6.60 8.11 18.04
C THR B 17 -7.32 7.97 16.69
N ALA B 18 -8.43 7.29 16.71
CA ALA B 18 -9.22 7.09 15.46
C ALA B 18 -9.81 8.43 15.02
N LYS B 19 -10.22 9.23 15.96
CA LYS B 19 -10.81 10.56 15.62
C LYS B 19 -9.76 11.42 14.93
N SER B 20 -8.55 11.40 15.41
CA SER B 20 -7.48 12.22 14.78
C SER B 20 -7.30 11.79 13.32
N VAL B 21 -7.22 10.51 13.08
CA VAL B 21 -7.05 10.00 11.68
C VAL B 21 -8.28 10.35 10.85
N ALA B 22 -9.45 10.13 11.40
CA ALA B 22 -10.70 10.43 10.65
C ALA B 22 -10.80 11.94 10.41
N GLU B 23 -10.16 12.72 11.23
CA GLU B 23 -10.21 14.20 11.06
C GLU B 23 -9.49 14.59 9.76
N GLU B 24 -8.35 14.01 9.53
CA GLU B 24 -7.58 14.34 8.29
C GLU B 24 -8.22 13.66 7.07
N MET B 25 -8.38 12.36 7.14
CA MET B 25 -8.97 11.61 6.00
C MET B 25 -10.44 12.04 5.80
N GLY B 26 -11.14 12.23 6.88
CA GLY B 26 -12.57 12.64 6.78
C GLY B 26 -13.45 11.40 6.60
N ILE B 27 -13.22 10.38 7.39
CA ILE B 27 -14.03 9.13 7.29
C ILE B 27 -14.69 8.81 8.64
N SER B 28 -15.67 7.97 8.61
CA SER B 28 -16.38 7.61 9.87
C SER B 28 -15.46 6.81 10.80
N ARG B 29 -15.68 6.94 12.08
CA ARG B 29 -14.83 6.23 13.07
C ARG B 29 -15.01 4.72 12.89
N GLN B 30 -16.21 4.30 12.60
CA GLN B 30 -16.48 2.84 12.40
C GLN B 30 -15.71 2.34 11.18
N GLN B 31 -15.62 3.17 10.17
CA GLN B 31 -14.88 2.77 8.94
C GLN B 31 -13.42 2.48 9.31
N LEU B 32 -12.86 3.27 10.18
CA LEU B 32 -11.45 3.04 10.58
C LEU B 32 -11.32 1.70 11.29
N CYS B 33 -12.28 1.39 12.13
CA CYS B 33 -12.24 0.09 12.88
C CYS B 33 -12.32 -1.08 11.90
N ASN B 34 -13.06 -0.91 10.84
CA ASN B 34 -13.19 -2.01 9.82
C ASN B 34 -11.81 -2.31 9.23
N ILE B 35 -11.04 -1.29 8.97
CA ILE B 35 -9.68 -1.50 8.38
C ILE B 35 -8.81 -2.27 9.38
N GLU B 36 -8.88 -1.92 10.63
CA GLU B 36 -8.07 -2.61 11.67
C GLU B 36 -8.59 -4.05 11.85
N GLN B 37 -9.86 -4.27 11.65
CA GLN B 37 -10.44 -5.63 11.81
C GLN B 37 -10.25 -6.43 10.52
N SER B 38 -9.66 -5.83 9.52
CA SER B 38 -9.46 -6.55 8.23
C SER B 38 -8.13 -7.33 8.26
N GLU B 39 -8.21 -8.62 8.15
CA GLU B 39 -6.99 -9.47 8.16
C GLU B 39 -6.56 -9.75 6.73
N THR B 40 -7.39 -9.40 5.77
CA THR B 40 -7.04 -9.65 4.33
C THR B 40 -6.69 -8.33 3.65
N ALA B 41 -5.65 -8.34 2.88
CA ALA B 41 -5.21 -7.09 2.19
C ALA B 41 -5.85 -7.02 0.79
N PRO B 42 -6.10 -5.83 0.30
CA PRO B 42 -6.72 -5.61 -1.04
C PRO B 42 -5.78 -5.95 -2.21
N VAL B 43 -6.34 -6.18 -3.36
CA VAL B 43 -5.53 -6.53 -4.56
C VAL B 43 -4.62 -5.35 -4.95
N VAL B 44 -5.07 -4.15 -4.72
CA VAL B 44 -4.24 -2.96 -5.09
C VAL B 44 -2.94 -2.97 -4.27
N VAL B 45 -3.05 -3.16 -2.98
CA VAL B 45 -1.83 -3.18 -2.12
C VAL B 45 -0.99 -4.41 -2.46
N LYS B 46 -1.62 -5.53 -2.62
CA LYS B 46 -0.87 -6.79 -2.95
C LYS B 46 -0.15 -6.60 -4.29
N TYR B 47 -0.81 -5.98 -5.22
CA TYR B 47 -0.19 -5.75 -6.56
C TYR B 47 1.07 -4.89 -6.41
N ILE B 48 1.00 -3.89 -5.59
CA ILE B 48 2.19 -3.00 -5.39
C ILE B 48 3.33 -3.82 -4.80
N ALA B 49 3.02 -4.66 -3.85
CA ALA B 49 4.07 -5.52 -3.22
C ALA B 49 4.73 -6.39 -4.28
N PHE B 50 3.97 -6.83 -5.24
CA PHE B 50 4.54 -7.70 -6.32
C PHE B 50 5.60 -6.90 -7.08
N LEU B 51 5.34 -5.64 -7.33
CA LEU B 51 6.35 -4.81 -8.07
C LEU B 51 7.66 -4.79 -7.27
N ARG B 52 7.56 -4.68 -5.98
CA ARG B 52 8.79 -4.68 -5.15
C ARG B 52 9.54 -6.00 -5.36
N SER B 53 8.81 -7.06 -5.52
CA SER B 53 9.45 -8.39 -5.73
C SER B 53 10.40 -8.30 -6.93
N LYS B 54 10.18 -7.34 -7.79
CA LYS B 54 11.06 -7.18 -8.99
C LYS B 54 12.08 -6.07 -8.70
N GLY B 55 11.96 -5.44 -7.56
CA GLY B 55 12.92 -4.35 -7.18
C GLY B 55 12.55 -3.06 -7.90
N VAL B 56 11.28 -2.78 -8.04
CA VAL B 56 10.85 -1.52 -8.72
C VAL B 56 11.17 -0.33 -7.81
N ASP B 57 11.34 -0.58 -6.54
CA ASP B 57 11.67 0.52 -5.57
C ASP B 57 10.55 1.57 -5.60
N LEU B 58 9.39 1.21 -5.15
CA LEU B 58 8.26 2.20 -5.12
C LEU B 58 8.43 3.12 -3.91
N ASN B 59 9.53 2.99 -3.21
CA ASN B 59 9.78 3.84 -2.01
C ASN B 59 9.85 5.31 -2.46
N ALA B 60 10.50 5.56 -3.55
CA ALA B 60 10.63 6.96 -4.06
C ALA B 60 9.34 7.35 -4.77
N LEU B 61 8.58 6.39 -5.22
CA LEU B 61 7.32 6.70 -5.93
C LEU B 61 6.35 7.42 -4.99
N PHE B 62 6.15 6.88 -3.82
CA PHE B 62 5.21 7.52 -2.85
C PHE B 62 5.86 8.79 -2.29
N ASP B 63 7.12 8.74 -1.95
CA ASP B 63 7.79 9.98 -1.42
C ASP B 63 7.70 11.08 -2.47
N ARG B 64 7.46 10.69 -3.69
CA ARG B 64 7.34 11.69 -4.80
C ARG B 64 6.09 12.54 -4.56
N ILE B 65 5.03 11.91 -4.18
CA ILE B 65 3.74 12.63 -3.96
C ILE B 65 3.68 13.17 -2.52
N ILE B 66 3.98 12.35 -1.55
CA ILE B 66 3.91 12.79 -0.12
C ILE B 66 4.43 14.22 0.03
N VAL B 67 3.61 15.08 0.57
CA VAL B 67 4.00 16.51 0.74
C VAL B 67 5.05 16.66 1.83
N ASN B 68 5.59 17.86 1.93
CA ASN B 68 6.64 18.20 2.93
C ASN B 68 7.86 17.30 2.78
N LYS B 69 9.02 17.90 2.85
CA LYS B 69 10.28 17.11 2.71
C LYS B 69 10.77 16.65 4.09
N LEU B 70 10.80 15.37 4.29
CA LEU B 70 11.23 14.80 5.60
C LEU B 70 12.75 14.93 5.75
N GLU B 71 13.19 15.15 6.96
CA GLU B 71 14.64 15.30 7.21
C GLU B 71 15.37 14.06 6.68
N HIS B 72 16.22 14.26 5.70
CA HIS B 72 16.96 13.09 5.14
C HIS B 72 18.22 13.60 4.42
N HIS B 73 19.30 13.71 5.15
CA HIS B 73 20.57 14.20 4.54
C HIS B 73 21.76 13.68 5.37
N HIS B 74 22.93 14.23 5.10
CA HIS B 74 24.13 13.80 5.85
C HIS B 74 25.31 14.73 5.49
N HIS B 75 25.36 15.87 6.12
CA HIS B 75 26.46 16.85 5.85
C HIS B 75 26.70 16.97 4.34
N HIS B 76 26.01 17.89 3.71
CA HIS B 76 26.16 18.08 2.24
C HIS B 76 27.63 17.98 1.83
N HIS B 77 28.06 16.81 1.47
CA HIS B 77 29.49 16.62 1.06
C HIS B 77 29.55 15.49 0.00
N MET A 1 -2.47 11.96 -15.96
CA MET A 1 -1.33 11.64 -15.05
C MET A 1 -1.89 11.38 -13.65
N GLU A 2 -2.93 10.61 -13.57
CA GLU A 2 -3.55 10.28 -12.25
C GLU A 2 -2.81 9.12 -11.59
N LEU A 3 -3.34 8.62 -10.52
CA LEU A 3 -2.67 7.49 -9.80
C LEU A 3 -2.56 6.26 -10.71
N SER A 4 -3.64 5.87 -11.30
CA SER A 4 -3.62 4.68 -12.20
C SER A 4 -2.82 4.99 -13.46
N ASN A 5 -2.87 6.23 -13.90
CA ASN A 5 -2.13 6.62 -15.14
C ASN A 5 -0.62 6.45 -14.93
N GLU A 6 -0.13 6.85 -13.80
CA GLU A 6 1.33 6.72 -13.52
C GLU A 6 1.68 5.23 -13.44
N LEU A 7 0.80 4.47 -12.87
CA LEU A 7 1.03 3.01 -12.72
C LEU A 7 1.13 2.35 -14.10
N LYS A 8 0.29 2.76 -15.01
CA LYS A 8 0.31 2.18 -16.38
C LYS A 8 1.64 2.51 -17.05
N VAL A 9 2.14 3.69 -16.81
CA VAL A 9 3.43 4.12 -17.45
C VAL A 9 4.55 3.16 -17.01
N GLU A 10 4.61 2.85 -15.76
CA GLU A 10 5.67 1.94 -15.25
C GLU A 10 5.45 0.54 -15.82
N ARG A 11 4.22 0.13 -15.91
CA ARG A 11 3.91 -1.20 -16.47
C ARG A 11 4.46 -1.24 -17.90
N ILE A 12 4.22 -0.18 -18.62
CA ILE A 12 4.71 -0.08 -20.03
C ILE A 12 6.24 0.04 -20.03
N ARG A 13 6.77 0.83 -19.13
CA ARG A 13 8.25 1.02 -19.06
C ARG A 13 8.93 -0.34 -18.86
N LEU A 14 8.40 -1.14 -17.98
CA LEU A 14 9.00 -2.47 -17.71
C LEU A 14 8.33 -3.51 -18.61
N SER A 15 7.35 -3.10 -19.37
CA SER A 15 6.62 -4.03 -20.29
C SER A 15 6.43 -5.38 -19.62
N LEU A 16 5.56 -5.42 -18.65
CA LEU A 16 5.29 -6.69 -17.91
C LEU A 16 3.96 -7.28 -18.35
N THR A 17 3.97 -8.56 -18.59
CA THR A 17 2.73 -9.26 -19.03
C THR A 17 1.76 -9.42 -17.86
N ALA A 18 0.51 -9.19 -18.10
CA ALA A 18 -0.52 -9.31 -17.04
C ALA A 18 -0.61 -10.75 -16.56
N LYS A 19 -0.47 -11.68 -17.47
CA LYS A 19 -0.54 -13.12 -17.11
C LYS A 19 0.60 -13.46 -16.14
N SER A 20 1.78 -12.98 -16.42
CA SER A 20 2.94 -13.28 -15.54
C SER A 20 2.69 -12.76 -14.12
N VAL A 21 2.28 -11.54 -13.99
CA VAL A 21 2.00 -10.97 -12.63
C VAL A 21 0.75 -11.62 -12.05
N ALA A 22 -0.27 -11.78 -12.86
CA ALA A 22 -1.54 -12.39 -12.38
C ALA A 22 -1.28 -13.80 -11.83
N GLU A 23 -0.56 -14.59 -12.57
CA GLU A 23 -0.28 -15.98 -12.12
C GLU A 23 0.63 -15.97 -10.89
N GLU A 24 1.59 -15.08 -10.87
CA GLU A 24 2.53 -14.99 -9.71
C GLU A 24 1.77 -14.51 -8.47
N MET A 25 0.90 -13.55 -8.64
CA MET A 25 0.11 -13.02 -7.49
C MET A 25 -0.84 -14.11 -6.99
N GLY A 26 -1.40 -14.88 -7.88
CA GLY A 26 -2.34 -15.96 -7.47
C GLY A 26 -3.75 -15.59 -7.95
N ILE A 27 -3.87 -14.61 -8.80
CA ILE A 27 -5.20 -14.18 -9.33
C ILE A 27 -5.20 -14.18 -10.85
N SER A 28 -6.36 -14.11 -11.42
CA SER A 28 -6.47 -14.11 -12.91
C SER A 28 -6.38 -12.67 -13.44
N ARG A 29 -6.27 -12.54 -14.72
CA ARG A 29 -6.18 -11.20 -15.34
C ARG A 29 -7.45 -10.40 -15.04
N GLN A 30 -8.57 -11.05 -15.02
CA GLN A 30 -9.86 -10.35 -14.74
C GLN A 30 -9.68 -9.41 -13.54
N GLN A 31 -9.16 -9.92 -12.46
CA GLN A 31 -8.93 -9.10 -11.25
C GLN A 31 -7.79 -8.12 -11.49
N LEU A 32 -6.79 -8.54 -12.20
CA LEU A 32 -5.61 -7.67 -12.47
C LEU A 32 -6.05 -6.44 -13.26
N CYS A 33 -6.88 -6.65 -14.24
CA CYS A 33 -7.36 -5.52 -15.08
C CYS A 33 -8.30 -4.63 -14.25
N ASN A 34 -9.07 -5.22 -13.39
CA ASN A 34 -10.02 -4.43 -12.55
C ASN A 34 -9.24 -3.49 -11.63
N ILE A 35 -8.14 -3.96 -11.11
CA ILE A 35 -7.32 -3.11 -10.17
C ILE A 35 -6.82 -1.87 -10.92
N GLU A 36 -6.36 -2.04 -12.13
CA GLU A 36 -5.86 -0.88 -12.91
C GLU A 36 -7.00 0.12 -13.11
N GLN A 37 -8.19 -0.37 -13.28
CA GLN A 37 -9.37 0.54 -13.49
C GLN A 37 -9.85 1.06 -12.13
N SER A 38 -9.00 0.99 -11.13
CA SER A 38 -9.38 1.49 -9.78
C SER A 38 -9.22 3.02 -9.75
N GLU A 39 -8.71 3.59 -10.81
CA GLU A 39 -8.53 5.07 -10.91
C GLU A 39 -7.73 5.59 -9.71
N THR A 40 -8.37 5.72 -8.58
CA THR A 40 -7.68 6.23 -7.35
C THR A 40 -7.22 5.07 -6.49
N ALA A 41 -6.36 5.34 -5.54
CA ALA A 41 -5.83 4.26 -4.67
C ALA A 41 -6.72 4.15 -3.42
N PRO A 42 -6.64 3.03 -2.72
CA PRO A 42 -7.46 2.81 -1.49
C PRO A 42 -6.96 3.62 -0.29
N VAL A 43 -7.86 3.97 0.59
CA VAL A 43 -7.48 4.76 1.80
C VAL A 43 -6.60 3.88 2.71
N VAL A 44 -6.67 2.59 2.56
CA VAL A 44 -5.86 1.68 3.40
C VAL A 44 -4.37 1.91 3.10
N VAL A 45 -4.03 2.07 1.85
CA VAL A 45 -2.62 2.29 1.46
C VAL A 45 -2.12 3.58 2.12
N LYS A 46 -2.90 4.61 2.08
CA LYS A 46 -2.50 5.90 2.72
C LYS A 46 -2.44 5.71 4.24
N TYR A 47 -3.34 4.92 4.78
CA TYR A 47 -3.35 4.70 6.25
C TYR A 47 -2.02 4.08 6.68
N ILE A 48 -1.64 2.99 6.08
CA ILE A 48 -0.35 2.33 6.44
C ILE A 48 0.81 3.24 6.05
N ALA A 49 0.62 4.04 5.02
CA ALA A 49 1.71 4.97 4.59
C ALA A 49 1.93 6.01 5.69
N PHE A 50 0.88 6.43 6.34
CA PHE A 50 1.00 7.44 7.43
C PHE A 50 1.86 6.83 8.54
N LEU A 51 1.59 5.60 8.89
CA LEU A 51 2.38 4.93 9.95
C LEU A 51 3.83 4.80 9.45
N ARG A 52 4.00 4.52 8.19
CA ARG A 52 5.36 4.38 7.61
C ARG A 52 6.10 5.71 7.75
N SER A 53 5.42 6.80 7.52
CA SER A 53 6.08 8.14 7.62
C SER A 53 6.55 8.36 9.05
N LYS A 54 5.97 7.64 9.98
CA LYS A 54 6.37 7.78 11.40
C LYS A 54 7.59 6.91 11.68
N GLY A 55 8.12 6.33 10.64
CA GLY A 55 9.33 5.48 10.79
C GLY A 55 8.92 4.06 11.21
N VAL A 56 7.66 3.74 11.12
CA VAL A 56 7.20 2.37 11.52
C VAL A 56 7.74 1.34 10.55
N ASP A 57 8.27 0.26 11.07
CA ASP A 57 8.85 -0.81 10.22
C ASP A 57 7.73 -1.53 9.47
N LEU A 58 7.27 -0.94 8.41
CA LEU A 58 6.19 -1.54 7.59
C LEU A 58 6.80 -2.37 6.46
N ASN A 59 7.94 -1.95 5.96
CA ASN A 59 8.60 -2.69 4.85
C ASN A 59 8.98 -4.10 5.30
N ALA A 60 9.58 -4.20 6.45
CA ALA A 60 9.98 -5.53 6.98
C ALA A 60 8.73 -6.33 7.36
N LEU A 61 7.73 -5.66 7.85
CA LEU A 61 6.49 -6.36 8.26
C LEU A 61 5.91 -7.10 7.07
N PHE A 62 5.86 -6.48 5.94
CA PHE A 62 5.32 -7.15 4.72
C PHE A 62 6.31 -8.20 4.21
N ASP A 63 7.54 -7.81 4.05
CA ASP A 63 8.58 -8.75 3.53
C ASP A 63 8.42 -10.15 4.15
N ARG A 64 8.07 -10.24 5.40
CA ARG A 64 7.89 -11.58 6.03
C ARG A 64 6.52 -12.14 5.70
N ILE A 65 5.58 -11.28 5.43
CA ILE A 65 4.20 -11.73 5.10
C ILE A 65 4.21 -12.45 3.75
N ILE A 66 4.92 -11.92 2.80
CA ILE A 66 4.97 -12.55 1.45
C ILE A 66 5.78 -13.84 1.51
N VAL A 67 6.45 -14.07 2.61
CA VAL A 67 7.28 -15.29 2.75
C VAL A 67 6.48 -16.53 2.34
N ASN A 68 7.11 -17.41 1.63
CA ASN A 68 6.45 -18.66 1.17
C ASN A 68 5.12 -18.34 0.50
N LYS A 69 4.37 -19.35 0.16
CA LYS A 69 3.06 -19.14 -0.51
C LYS A 69 2.01 -20.04 0.15
N LEU A 70 1.83 -21.23 -0.37
CA LEU A 70 0.82 -22.17 0.19
C LEU A 70 -0.53 -21.47 0.29
N GLU A 71 -0.62 -20.26 -0.19
CA GLU A 71 -1.90 -19.49 -0.13
C GLU A 71 -2.59 -19.51 -1.50
N HIS A 72 -3.88 -19.69 -1.48
CA HIS A 72 -4.68 -19.71 -2.73
C HIS A 72 -6.10 -19.20 -2.42
N HIS A 73 -6.64 -18.39 -3.29
CA HIS A 73 -8.01 -17.83 -3.06
C HIS A 73 -9.05 -18.94 -3.11
N HIS A 74 -10.21 -18.69 -2.55
CA HIS A 74 -11.30 -19.72 -2.54
C HIS A 74 -12.29 -19.42 -3.67
N HIS A 75 -11.78 -19.15 -4.85
CA HIS A 75 -12.67 -18.86 -6.02
C HIS A 75 -13.66 -17.75 -5.64
N HIS A 76 -13.16 -16.56 -5.49
CA HIS A 76 -14.04 -15.39 -5.13
C HIS A 76 -13.50 -14.12 -5.80
N HIS A 77 -14.39 -13.23 -6.15
CA HIS A 77 -13.98 -11.96 -6.80
C HIS A 77 -12.95 -11.24 -5.93
N MET B 1 1.98 -13.11 13.28
CA MET B 1 0.53 -12.87 13.59
C MET B 1 -0.19 -12.36 12.34
N GLU B 2 -1.43 -11.99 12.49
CA GLU B 2 -2.22 -11.47 11.34
C GLU B 2 -1.87 -10.02 11.06
N LEU B 3 -2.16 -9.56 9.88
CA LEU B 3 -1.85 -8.14 9.51
C LEU B 3 -2.64 -7.18 10.40
N SER B 4 -3.90 -7.46 10.58
CA SER B 4 -4.75 -6.57 11.44
C SER B 4 -4.26 -6.66 12.87
N ASN B 5 -3.86 -7.82 13.30
CA ASN B 5 -3.36 -7.99 14.70
C ASN B 5 -2.09 -7.17 14.88
N GLU B 6 -1.18 -7.26 13.94
CA GLU B 6 0.09 -6.49 14.04
C GLU B 6 -0.19 -5.00 13.83
N LEU B 7 -1.08 -4.70 12.93
CA LEU B 7 -1.43 -3.27 12.65
C LEU B 7 -2.05 -2.65 13.90
N LYS B 8 -2.90 -3.36 14.56
CA LYS B 8 -3.56 -2.83 15.78
C LYS B 8 -2.49 -2.56 16.84
N VAL B 9 -1.53 -3.43 16.95
CA VAL B 9 -0.45 -3.24 17.95
C VAL B 9 0.32 -1.96 17.64
N GLU B 10 0.66 -1.75 16.39
CA GLU B 10 1.42 -0.54 16.00
C GLU B 10 0.68 0.69 16.51
N ARG B 11 -0.62 0.70 16.38
CA ARG B 11 -1.42 1.87 16.86
C ARG B 11 -1.23 2.03 18.37
N ILE B 12 -1.24 0.95 19.08
CA ILE B 12 -1.06 1.02 20.57
C ILE B 12 0.35 1.51 20.90
N ARG B 13 1.33 1.03 20.19
CA ARG B 13 2.74 1.45 20.47
C ARG B 13 2.87 2.96 20.27
N LEU B 14 2.28 3.47 19.22
CA LEU B 14 2.35 4.93 18.95
C LEU B 14 1.12 5.60 19.58
N SER B 15 0.24 4.81 20.13
CA SER B 15 -0.99 5.35 20.79
C SER B 15 -1.56 6.50 19.96
N LEU B 16 -1.76 6.26 18.69
CA LEU B 16 -2.31 7.30 17.78
C LEU B 16 -3.82 7.41 17.96
N THR B 17 -4.32 8.61 17.86
CA THR B 17 -5.79 8.83 18.01
C THR B 17 -6.46 8.79 16.65
N ALA B 18 -7.61 8.17 16.59
CA ALA B 18 -8.37 8.07 15.30
C ALA B 18 -8.74 9.47 14.84
N LYS B 19 -9.03 10.34 15.78
CA LYS B 19 -9.41 11.74 15.43
C LYS B 19 -8.25 12.43 14.73
N SER B 20 -7.06 12.26 15.24
CA SER B 20 -5.87 12.91 14.63
C SER B 20 -5.67 12.40 13.19
N VAL B 21 -5.70 11.11 13.01
CA VAL B 21 -5.51 10.54 11.65
C VAL B 21 -6.66 10.97 10.73
N ALA B 22 -7.87 10.90 11.22
CA ALA B 22 -9.04 11.31 10.39
C ALA B 22 -8.92 12.79 10.06
N GLU B 23 -8.26 13.53 10.90
CA GLU B 23 -8.10 14.99 10.66
C GLU B 23 -7.28 15.21 9.39
N GLU B 24 -6.21 14.48 9.26
CA GLU B 24 -5.34 14.62 8.05
C GLU B 24 -6.03 13.97 6.85
N MET B 25 -6.53 12.78 7.04
CA MET B 25 -7.21 12.04 5.93
C MET B 25 -8.45 12.81 5.52
N GLY B 26 -9.16 13.35 6.47
CA GLY B 26 -10.40 14.11 6.15
C GLY B 26 -11.56 13.15 5.92
N ILE B 27 -11.56 12.03 6.60
CA ILE B 27 -12.66 11.02 6.43
C ILE B 27 -13.37 10.82 7.76
N SER B 28 -14.53 10.24 7.71
CA SER B 28 -15.32 10.00 8.95
C SER B 28 -14.61 8.97 9.84
N ARG B 29 -14.78 9.10 11.12
CA ARG B 29 -14.14 8.16 12.08
C ARG B 29 -14.64 6.74 11.83
N GLN B 30 -15.88 6.61 11.44
CA GLN B 30 -16.46 5.27 11.18
C GLN B 30 -15.63 4.55 10.10
N GLN B 31 -15.30 5.25 9.05
CA GLN B 31 -14.50 4.62 7.96
C GLN B 31 -13.11 4.26 8.47
N LEU B 32 -12.50 5.14 9.22
CA LEU B 32 -11.14 4.86 9.76
C LEU B 32 -11.19 3.67 10.72
N CYS B 33 -12.21 3.62 11.53
CA CYS B 33 -12.34 2.49 12.52
C CYS B 33 -12.40 1.15 11.77
N ASN B 34 -13.04 1.15 10.63
CA ASN B 34 -13.16 -0.11 9.84
C ASN B 34 -11.78 -0.59 9.39
N ILE B 35 -10.94 0.33 8.99
CA ILE B 35 -9.57 -0.05 8.50
C ILE B 35 -8.79 -0.74 9.62
N GLU B 36 -8.87 -0.22 10.80
CA GLU B 36 -8.13 -0.84 11.95
C GLU B 36 -8.76 -2.20 12.27
N GLN B 37 -10.04 -2.34 12.05
CA GLN B 37 -10.72 -3.64 12.34
C GLN B 37 -10.81 -4.47 11.05
N SER B 38 -10.45 -3.88 9.95
CA SER B 38 -10.52 -4.61 8.65
C SER B 38 -9.61 -5.84 8.68
N GLU B 39 -9.98 -6.85 7.95
CA GLU B 39 -9.16 -8.10 7.91
C GLU B 39 -7.84 -7.85 7.19
N THR B 40 -7.62 -8.54 6.10
CA THR B 40 -6.34 -8.38 5.34
C THR B 40 -6.44 -7.25 4.34
N ALA B 41 -5.33 -6.87 3.78
CA ALA B 41 -5.30 -5.77 2.78
C ALA B 41 -5.79 -6.31 1.43
N PRO B 42 -6.29 -5.44 0.58
CA PRO B 42 -6.81 -5.83 -0.76
C PRO B 42 -5.71 -6.28 -1.72
N VAL B 43 -6.07 -7.01 -2.73
CA VAL B 43 -5.07 -7.49 -3.73
C VAL B 43 -4.35 -6.30 -4.34
N VAL B 44 -4.90 -5.13 -4.18
CA VAL B 44 -4.28 -3.90 -4.75
C VAL B 44 -2.89 -3.70 -4.12
N VAL B 45 -2.80 -3.89 -2.84
CA VAL B 45 -1.49 -3.71 -2.14
C VAL B 45 -0.47 -4.72 -2.67
N LYS B 46 -0.90 -5.93 -2.88
CA LYS B 46 0.02 -7.00 -3.39
C LYS B 46 0.61 -6.55 -4.72
N TYR B 47 -0.20 -5.95 -5.56
CA TYR B 47 0.28 -5.49 -6.89
C TYR B 47 1.38 -4.43 -6.68
N ILE B 48 1.17 -3.53 -5.76
CA ILE B 48 2.17 -2.46 -5.48
C ILE B 48 3.47 -3.11 -4.96
N ALA B 49 3.33 -4.06 -4.08
CA ALA B 49 4.53 -4.73 -3.50
C ALA B 49 5.34 -5.38 -4.62
N PHE B 50 4.68 -5.88 -5.63
CA PHE B 50 5.43 -6.53 -6.75
C PHE B 50 6.33 -5.48 -7.41
N LEU B 51 5.79 -4.32 -7.69
CA LEU B 51 6.61 -3.24 -8.31
C LEU B 51 7.69 -2.81 -7.32
N ARG B 52 7.33 -2.75 -6.06
CA ARG B 52 8.30 -2.33 -5.02
C ARG B 52 9.48 -3.32 -5.00
N SER B 53 9.19 -4.58 -5.14
CA SER B 53 10.28 -5.59 -5.13
C SER B 53 11.27 -5.27 -6.25
N LYS B 54 10.78 -4.74 -7.34
CA LYS B 54 11.67 -4.38 -8.48
C LYS B 54 12.37 -3.06 -8.17
N GLY B 55 12.11 -2.52 -7.01
CA GLY B 55 12.76 -1.24 -6.61
C GLY B 55 12.34 -0.10 -7.53
N VAL B 56 11.12 -0.15 -8.01
CA VAL B 56 10.62 0.92 -8.92
C VAL B 56 10.59 2.25 -8.15
N ASP B 57 10.56 2.17 -6.85
CA ASP B 57 10.52 3.39 -6.01
C ASP B 57 9.11 3.97 -6.04
N LEU B 58 8.13 3.11 -5.94
CA LEU B 58 6.71 3.57 -5.95
C LEU B 58 6.44 4.46 -4.75
N ASN B 59 6.96 4.09 -3.61
CA ASN B 59 6.72 4.91 -2.38
C ASN B 59 6.90 6.39 -2.70
N ALA B 60 7.88 6.71 -3.50
CA ALA B 60 8.12 8.13 -3.90
C ALA B 60 7.05 8.54 -4.91
N LEU B 61 6.64 7.63 -5.74
CA LEU B 61 5.62 7.93 -6.77
C LEU B 61 4.33 8.40 -6.10
N PHE B 62 3.96 7.75 -5.03
CA PHE B 62 2.71 8.13 -4.30
C PHE B 62 2.91 9.47 -3.55
N ASP B 63 4.04 9.64 -2.93
CA ASP B 63 4.28 10.88 -2.14
C ASP B 63 3.97 12.11 -2.98
N ARG B 64 4.40 12.12 -4.20
CA ARG B 64 4.15 13.29 -5.09
C ARG B 64 2.64 13.46 -5.32
N ILE B 65 1.84 12.54 -4.83
CA ILE B 65 0.35 12.65 -5.01
C ILE B 65 -0.25 13.32 -3.79
N ILE B 66 0.02 12.81 -2.63
CA ILE B 66 -0.55 13.39 -1.38
C ILE B 66 0.07 14.76 -1.11
N VAL B 67 -0.76 15.69 -0.74
CA VAL B 67 -0.28 17.08 -0.45
C VAL B 67 -1.23 17.76 0.54
N ASN B 68 -1.72 18.92 0.20
CA ASN B 68 -2.66 19.65 1.10
C ASN B 68 -4.08 19.16 0.85
N LYS B 69 -4.25 18.25 -0.06
CA LYS B 69 -5.60 17.70 -0.39
C LYS B 69 -6.55 18.84 -0.78
N LEU B 70 -6.53 19.21 -2.03
CA LEU B 70 -7.41 20.31 -2.52
C LEU B 70 -8.82 19.78 -2.79
N GLU B 71 -9.31 18.94 -1.93
CA GLU B 71 -10.68 18.40 -2.12
C GLU B 71 -11.13 17.67 -0.85
N HIS B 72 -12.30 18.00 -0.36
CA HIS B 72 -12.83 17.35 0.88
C HIS B 72 -13.71 16.17 0.49
N HIS B 73 -13.17 15.26 -0.28
CA HIS B 73 -13.93 14.06 -0.72
C HIS B 73 -15.36 14.45 -1.10
N HIS B 74 -16.23 13.47 -1.21
CA HIS B 74 -17.65 13.76 -1.58
C HIS B 74 -18.59 13.14 -0.54
N HIS B 75 -19.36 12.17 -0.95
CA HIS B 75 -20.31 11.49 -0.04
C HIS B 75 -20.58 10.08 -0.55
N HIS B 76 -19.67 9.17 -0.29
CA HIS B 76 -19.83 7.77 -0.76
C HIS B 76 -20.76 6.99 0.17
N HIS B 77 -21.07 5.77 -0.22
CA HIS B 77 -21.98 4.90 0.58
C HIS B 77 -23.23 5.67 1.01
N MET A 1 1.36 13.73 -15.06
CA MET A 1 1.87 12.54 -14.34
C MET A 1 0.97 12.24 -13.15
N GLU A 2 -0.21 11.74 -13.39
CA GLU A 2 -1.16 11.43 -12.28
C GLU A 2 -0.81 10.08 -11.67
N LEU A 3 -1.52 9.68 -10.65
CA LEU A 3 -1.24 8.38 -9.98
C LEU A 3 -1.45 7.23 -10.98
N SER A 4 -2.52 7.26 -11.71
CA SER A 4 -2.79 6.16 -12.68
C SER A 4 -1.79 6.21 -13.83
N ASN A 5 -1.45 7.38 -14.29
CA ASN A 5 -0.48 7.49 -15.42
C ASN A 5 0.88 6.96 -14.99
N GLU A 6 1.31 7.29 -13.81
CA GLU A 6 2.64 6.80 -13.33
C GLU A 6 2.57 5.28 -13.10
N LEU A 7 1.45 4.80 -12.59
CA LEU A 7 1.30 3.35 -12.34
C LEU A 7 1.40 2.59 -13.66
N LYS A 8 0.81 3.09 -14.69
CA LYS A 8 0.88 2.40 -16.00
C LYS A 8 2.30 2.49 -16.56
N VAL A 9 2.94 3.62 -16.44
CA VAL A 9 4.32 3.77 -16.97
C VAL A 9 5.20 2.60 -16.52
N GLU A 10 5.43 2.48 -15.24
CA GLU A 10 6.29 1.38 -14.73
C GLU A 10 5.75 0.04 -15.21
N ARG A 11 4.48 -0.16 -15.12
CA ARG A 11 3.89 -1.45 -15.58
C ARG A 11 4.21 -1.63 -17.07
N ILE A 12 4.08 -0.59 -17.85
CA ILE A 12 4.36 -0.67 -19.31
C ILE A 12 5.87 -0.88 -19.52
N ARG A 13 6.69 -0.17 -18.80
CA ARG A 13 8.16 -0.31 -18.97
C ARG A 13 8.56 -1.78 -18.80
N LEU A 14 8.01 -2.45 -17.83
CA LEU A 14 8.35 -3.88 -17.62
C LEU A 14 7.40 -4.73 -18.46
N SER A 15 6.49 -4.09 -19.17
CA SER A 15 5.50 -4.82 -20.02
C SER A 15 5.09 -6.13 -19.34
N LEU A 16 4.40 -6.03 -18.24
CA LEU A 16 3.97 -7.27 -17.52
C LEU A 16 2.70 -7.81 -18.17
N THR A 17 2.67 -9.10 -18.43
CA THR A 17 1.47 -9.70 -19.08
C THR A 17 0.38 -9.96 -18.05
N ALA A 18 -0.86 -9.85 -18.45
CA ALA A 18 -1.99 -10.08 -17.51
C ALA A 18 -2.00 -11.55 -17.08
N LYS A 19 -1.71 -12.44 -17.98
CA LYS A 19 -1.71 -13.88 -17.61
C LYS A 19 -0.60 -14.15 -16.59
N SER A 20 0.57 -13.63 -16.83
CA SER A 20 1.69 -13.87 -15.88
C SER A 20 1.38 -13.22 -14.54
N VAL A 21 0.93 -11.99 -14.56
CA VAL A 21 0.62 -11.29 -13.28
C VAL A 21 -0.59 -11.95 -12.61
N ALA A 22 -1.63 -12.21 -13.34
CA ALA A 22 -2.83 -12.85 -12.75
C ALA A 22 -2.50 -14.26 -12.28
N GLU A 23 -1.74 -14.98 -13.05
CA GLU A 23 -1.38 -16.38 -12.65
C GLU A 23 -0.47 -16.35 -11.42
N GLU A 24 0.54 -15.53 -11.43
CA GLU A 24 1.47 -15.47 -10.28
C GLU A 24 0.76 -14.91 -9.05
N MET A 25 0.07 -13.80 -9.21
CA MET A 25 -0.65 -13.20 -8.05
C MET A 25 -1.80 -14.12 -7.65
N GLY A 26 -2.46 -14.71 -8.62
CA GLY A 26 -3.60 -15.60 -8.29
C GLY A 26 -4.90 -14.78 -8.26
N ILE A 27 -5.09 -13.91 -9.22
CA ILE A 27 -6.33 -13.06 -9.24
C ILE A 27 -7.01 -13.17 -10.61
N SER A 28 -8.25 -12.79 -10.68
CA SER A 28 -8.99 -12.87 -11.97
C SER A 28 -8.52 -11.76 -12.92
N ARG A 29 -8.59 -12.01 -14.19
CA ARG A 29 -8.18 -10.97 -15.19
C ARG A 29 -9.10 -9.76 -15.06
N GLN A 30 -10.36 -9.99 -14.78
CA GLN A 30 -11.30 -8.85 -14.64
C GLN A 30 -10.80 -7.91 -13.53
N GLN A 31 -10.31 -8.46 -12.46
CA GLN A 31 -9.79 -7.61 -11.36
C GLN A 31 -8.58 -6.82 -11.85
N LEU A 32 -7.74 -7.46 -12.63
CA LEU A 32 -6.54 -6.76 -13.16
C LEU A 32 -6.96 -5.58 -14.04
N CYS A 33 -7.89 -5.79 -14.92
CA CYS A 33 -8.33 -4.69 -15.82
C CYS A 33 -8.93 -3.56 -14.98
N ASN A 34 -9.63 -3.88 -13.94
CA ASN A 34 -10.23 -2.82 -13.08
C ASN A 34 -9.11 -1.97 -12.46
N ILE A 35 -8.07 -2.61 -11.99
CA ILE A 35 -6.94 -1.85 -11.39
C ILE A 35 -6.27 -0.99 -12.46
N GLU A 36 -6.06 -1.55 -13.62
CA GLU A 36 -5.39 -0.79 -14.71
C GLU A 36 -6.15 0.52 -14.99
N GLN A 37 -7.44 0.49 -14.94
CA GLN A 37 -8.23 1.74 -15.20
C GLN A 37 -8.55 2.43 -13.87
N SER A 38 -8.19 1.82 -12.77
CA SER A 38 -8.48 2.44 -11.44
C SER A 38 -7.57 3.63 -11.21
N GLU A 39 -8.06 4.62 -10.50
CA GLU A 39 -7.26 5.85 -10.22
C GLU A 39 -7.55 6.32 -8.80
N THR A 40 -7.87 5.41 -7.90
CA THR A 40 -8.16 5.81 -6.49
C THR A 40 -7.52 4.81 -5.55
N ALA A 41 -6.48 5.21 -4.87
CA ALA A 41 -5.79 4.29 -3.93
C ALA A 41 -6.67 4.06 -2.70
N PRO A 42 -6.57 2.91 -2.07
CA PRO A 42 -7.39 2.59 -0.85
C PRO A 42 -6.97 3.40 0.39
N VAL A 43 -7.88 3.57 1.30
CA VAL A 43 -7.57 4.35 2.55
C VAL A 43 -6.45 3.64 3.31
N VAL A 44 -6.26 2.37 3.08
CA VAL A 44 -5.19 1.62 3.78
C VAL A 44 -3.84 2.27 3.50
N VAL A 45 -3.58 2.63 2.27
CA VAL A 45 -2.28 3.26 1.93
C VAL A 45 -2.17 4.59 2.71
N LYS A 46 -3.21 5.37 2.73
CA LYS A 46 -3.15 6.66 3.46
C LYS A 46 -2.93 6.38 4.94
N TYR A 47 -3.59 5.38 5.46
CA TYR A 47 -3.41 5.04 6.90
C TYR A 47 -1.93 4.70 7.11
N ILE A 48 -1.39 3.92 6.23
CA ILE A 48 0.05 3.55 6.32
C ILE A 48 0.92 4.79 6.12
N ALA A 49 0.58 5.62 5.16
CA ALA A 49 1.39 6.84 4.92
C ALA A 49 1.45 7.67 6.20
N PHE A 50 0.37 7.73 6.92
CA PHE A 50 0.35 8.52 8.17
C PHE A 50 1.38 7.93 9.15
N LEU A 51 1.38 6.63 9.31
CA LEU A 51 2.35 5.99 10.23
C LEU A 51 3.77 6.17 9.68
N ARG A 52 3.94 6.04 8.39
CA ARG A 52 5.29 6.21 7.80
C ARG A 52 5.77 7.65 8.01
N SER A 53 4.87 8.59 7.92
CA SER A 53 5.29 10.01 8.11
C SER A 53 5.89 10.19 9.50
N LYS A 54 5.59 9.31 10.41
CA LYS A 54 6.16 9.41 11.78
C LYS A 54 7.48 8.63 11.82
N GLY A 55 7.90 8.09 10.71
CA GLY A 55 9.17 7.32 10.67
C GLY A 55 8.96 5.90 11.21
N VAL A 56 7.76 5.41 11.16
CA VAL A 56 7.51 4.03 11.68
C VAL A 56 8.18 3.00 10.76
N ASP A 57 8.90 2.07 11.33
CA ASP A 57 9.60 1.04 10.51
C ASP A 57 8.59 0.00 10.03
N LEU A 58 7.55 0.44 9.38
CA LEU A 58 6.54 -0.51 8.87
C LEU A 58 7.06 -1.18 7.60
N ASN A 59 7.95 -0.52 6.92
CA ASN A 59 8.51 -1.09 5.67
C ASN A 59 9.23 -2.40 5.99
N ALA A 60 9.87 -2.45 7.13
CA ALA A 60 10.60 -3.69 7.52
C ALA A 60 9.61 -4.86 7.60
N LEU A 61 8.49 -4.65 8.24
CA LEU A 61 7.49 -5.74 8.37
C LEU A 61 6.99 -6.13 6.97
N PHE A 62 6.75 -5.16 6.13
CA PHE A 62 6.25 -5.46 4.75
C PHE A 62 7.27 -6.30 4.00
N ASP A 63 8.53 -5.99 4.13
CA ASP A 63 9.56 -6.78 3.40
C ASP A 63 9.56 -8.24 3.85
N ARG A 64 9.34 -8.50 5.12
CA ARG A 64 9.31 -9.92 5.58
C ARG A 64 8.19 -10.68 4.87
N ILE A 65 7.11 -10.02 4.57
CA ILE A 65 5.97 -10.70 3.89
C ILE A 65 6.41 -11.22 2.51
N ILE A 66 7.14 -10.44 1.76
CA ILE A 66 7.57 -10.89 0.40
C ILE A 66 8.01 -12.36 0.43
N VAL A 67 7.35 -13.19 -0.33
CA VAL A 67 7.69 -14.65 -0.34
C VAL A 67 8.98 -14.90 -1.11
N ASN A 68 9.86 -15.67 -0.56
CA ASN A 68 11.15 -15.98 -1.24
C ASN A 68 10.96 -17.20 -2.16
N LYS A 69 11.06 -17.01 -3.44
CA LYS A 69 10.87 -18.16 -4.38
C LYS A 69 12.03 -19.14 -4.26
N LEU A 70 12.14 -19.79 -3.13
CA LEU A 70 13.24 -20.79 -2.91
C LEU A 70 14.57 -20.27 -3.46
N GLU A 71 15.53 -21.14 -3.59
CA GLU A 71 16.87 -20.72 -4.09
C GLU A 71 16.88 -20.68 -5.63
N HIS A 72 17.24 -19.55 -6.18
CA HIS A 72 17.29 -19.40 -7.66
C HIS A 72 18.17 -18.19 -7.99
N HIS A 73 17.80 -17.04 -7.49
CA HIS A 73 18.61 -15.82 -7.75
C HIS A 73 19.97 -15.96 -7.06
N HIS A 74 19.97 -16.52 -5.88
CA HIS A 74 21.24 -16.71 -5.10
C HIS A 74 22.23 -15.55 -5.34
N HIS A 75 23.01 -15.63 -6.37
CA HIS A 75 24.00 -14.55 -6.67
C HIS A 75 23.33 -13.17 -6.59
N HIS A 76 24.12 -12.14 -6.78
CA HIS A 76 23.59 -10.74 -6.74
C HIS A 76 22.55 -10.59 -5.64
N HIS A 77 22.97 -10.11 -4.49
CA HIS A 77 22.01 -9.93 -3.35
C HIS A 77 21.27 -8.60 -3.51
N MET B 1 1.92 -13.32 12.11
CA MET B 1 0.75 -13.37 13.04
C MET B 1 -0.29 -12.36 12.57
N GLU B 2 -0.76 -12.51 11.36
CA GLU B 2 -1.78 -11.57 10.80
C GLU B 2 -1.20 -10.15 10.73
N LEU B 3 -1.45 -9.47 9.64
CA LEU B 3 -0.92 -8.08 9.48
C LEU B 3 -1.54 -7.17 10.55
N SER B 4 -2.81 -7.30 10.78
CA SER B 4 -3.47 -6.43 11.78
C SER B 4 -2.78 -6.54 13.14
N ASN B 5 -2.36 -7.71 13.51
CA ASN B 5 -1.71 -7.88 14.84
C ASN B 5 -0.45 -7.00 14.96
N GLU B 6 0.39 -6.99 13.96
CA GLU B 6 1.63 -6.16 14.04
C GLU B 6 1.26 -4.68 13.98
N LEU B 7 0.44 -4.32 13.04
CA LEU B 7 0.03 -2.89 12.93
C LEU B 7 -0.71 -2.48 14.20
N LYS B 8 -1.59 -3.32 14.69
CA LYS B 8 -2.35 -2.97 15.92
C LYS B 8 -1.39 -2.62 17.06
N VAL B 9 -0.34 -3.36 17.21
CA VAL B 9 0.63 -3.07 18.29
C VAL B 9 1.20 -1.65 18.11
N GLU B 10 1.63 -1.33 16.91
CA GLU B 10 2.19 0.04 16.69
C GLU B 10 1.05 1.06 16.70
N ARG B 11 -0.12 0.65 16.29
CA ARG B 11 -1.30 1.56 16.27
C ARG B 11 -1.58 2.00 17.71
N ILE B 12 -1.41 1.11 18.65
CA ILE B 12 -1.66 1.45 20.09
C ILE B 12 -0.40 2.09 20.69
N ARG B 13 0.75 1.56 20.40
CA ARG B 13 2.01 2.15 20.95
C ARG B 13 2.11 3.60 20.50
N LEU B 14 1.79 3.85 19.26
CA LEU B 14 1.86 5.24 18.72
C LEU B 14 0.58 5.98 19.13
N SER B 15 -0.32 5.28 19.78
CA SER B 15 -1.60 5.91 20.22
C SER B 15 -2.15 6.85 19.14
N LEU B 16 -2.84 6.29 18.18
CA LEU B 16 -3.43 7.13 17.08
C LEU B 16 -4.87 7.47 17.41
N THR B 17 -5.25 8.70 17.17
CA THR B 17 -6.65 9.14 17.45
C THR B 17 -7.49 9.01 16.19
N ALA B 18 -8.55 8.27 16.26
CA ALA B 18 -9.43 8.09 15.08
C ALA B 18 -10.10 9.42 14.72
N LYS B 19 -10.46 10.20 15.68
CA LYS B 19 -11.12 11.49 15.39
C LYS B 19 -10.19 12.42 14.62
N SER B 20 -8.97 12.54 15.06
CA SER B 20 -8.00 13.43 14.36
C SER B 20 -7.70 12.88 12.96
N VAL B 21 -7.43 11.60 12.87
CA VAL B 21 -7.11 11.00 11.55
C VAL B 21 -8.36 11.03 10.67
N ALA B 22 -9.49 10.66 11.21
CA ALA B 22 -10.75 10.65 10.41
C ALA B 22 -11.10 12.07 9.97
N GLU B 23 -10.95 13.04 10.85
CA GLU B 23 -11.29 14.44 10.48
C GLU B 23 -10.37 14.91 9.35
N GLU B 24 -9.08 14.73 9.52
CA GLU B 24 -8.13 15.16 8.46
C GLU B 24 -8.32 14.30 7.21
N MET B 25 -8.49 13.02 7.40
CA MET B 25 -8.69 12.10 6.24
C MET B 25 -10.02 12.43 5.54
N GLY B 26 -11.04 12.73 6.31
CA GLY B 26 -12.36 13.05 5.70
C GLY B 26 -13.17 11.76 5.52
N ILE B 27 -13.01 10.80 6.41
CA ILE B 27 -13.76 9.51 6.30
C ILE B 27 -14.48 9.20 7.61
N SER B 28 -15.39 8.28 7.59
CA SER B 28 -16.15 7.93 8.82
C SER B 28 -15.28 7.12 9.79
N ARG B 29 -15.57 7.22 11.05
CA ARG B 29 -14.80 6.45 12.08
C ARG B 29 -14.96 4.95 11.83
N GLN B 30 -16.12 4.52 11.42
CA GLN B 30 -16.35 3.07 11.18
C GLN B 30 -15.38 2.58 10.09
N GLN B 31 -15.20 3.35 9.05
CA GLN B 31 -14.28 2.93 7.98
C GLN B 31 -12.86 2.83 8.54
N LEU B 32 -12.49 3.77 9.35
CA LEU B 32 -11.13 3.75 9.95
C LEU B 32 -10.98 2.50 10.82
N CYS B 33 -11.99 2.19 11.58
CA CYS B 33 -11.93 0.99 12.46
C CYS B 33 -11.66 -0.26 11.61
N ASN B 34 -12.23 -0.31 10.44
CA ASN B 34 -12.02 -1.48 9.56
C ASN B 34 -10.53 -1.59 9.23
N ILE B 35 -9.88 -0.48 9.01
CA ILE B 35 -8.44 -0.51 8.67
C ILE B 35 -7.66 -1.15 9.83
N GLU B 36 -7.97 -0.78 11.04
CA GLU B 36 -7.26 -1.34 12.21
C GLU B 36 -7.38 -2.87 12.21
N GLN B 37 -8.56 -3.39 11.94
CA GLN B 37 -8.74 -4.86 11.95
C GLN B 37 -8.65 -5.39 10.50
N SER B 38 -7.78 -4.80 9.71
CA SER B 38 -7.63 -5.26 8.31
C SER B 38 -6.71 -6.47 8.25
N GLU B 39 -7.27 -7.65 8.17
CA GLU B 39 -6.44 -8.89 8.09
C GLU B 39 -6.40 -9.38 6.65
N THR B 40 -7.22 -8.79 5.80
CA THR B 40 -7.25 -9.20 4.35
C THR B 40 -7.04 -7.95 3.49
N ALA B 41 -5.82 -7.69 3.12
CA ALA B 41 -5.54 -6.48 2.28
C ALA B 41 -6.01 -6.72 0.84
N PRO B 42 -6.34 -5.66 0.12
CA PRO B 42 -6.81 -5.76 -1.29
C PRO B 42 -5.70 -6.18 -2.28
N VAL B 43 -6.08 -6.63 -3.45
CA VAL B 43 -5.07 -7.06 -4.46
C VAL B 43 -4.15 -5.89 -4.80
N VAL B 44 -4.56 -4.69 -4.50
CA VAL B 44 -3.71 -3.50 -4.81
C VAL B 44 -2.39 -3.60 -4.03
N VAL B 45 -2.45 -3.97 -2.78
CA VAL B 45 -1.21 -4.08 -1.97
C VAL B 45 -0.27 -5.11 -2.61
N LYS B 46 -0.80 -6.22 -3.02
CA LYS B 46 0.05 -7.26 -3.66
C LYS B 46 0.69 -6.65 -4.93
N TYR B 47 -0.07 -5.87 -5.65
CA TYR B 47 0.48 -5.26 -6.90
C TYR B 47 1.70 -4.41 -6.54
N ILE B 48 1.59 -3.59 -5.54
CA ILE B 48 2.73 -2.72 -5.15
C ILE B 48 3.90 -3.59 -4.68
N ALA B 49 3.62 -4.59 -3.88
CA ALA B 49 4.70 -5.48 -3.38
C ALA B 49 5.31 -6.25 -4.54
N PHE B 50 4.51 -6.66 -5.49
CA PHE B 50 5.04 -7.42 -6.65
C PHE B 50 6.02 -6.53 -7.42
N LEU B 51 5.65 -5.31 -7.68
CA LEU B 51 6.56 -4.39 -8.41
C LEU B 51 7.81 -4.15 -7.58
N ARG B 52 7.67 -3.95 -6.30
CA ARG B 52 8.85 -3.72 -5.44
C ARG B 52 9.72 -4.98 -5.44
N SER B 53 9.11 -6.13 -5.38
CA SER B 53 9.88 -7.40 -5.37
C SER B 53 10.70 -7.51 -6.65
N LYS B 54 10.35 -6.76 -7.65
CA LYS B 54 11.10 -6.81 -8.93
C LYS B 54 12.21 -5.75 -8.90
N GLY B 55 12.35 -5.06 -7.79
CA GLY B 55 13.41 -4.02 -7.67
C GLY B 55 12.84 -2.64 -8.05
N VAL B 56 11.58 -2.58 -8.37
CA VAL B 56 10.99 -1.26 -8.75
C VAL B 56 11.05 -0.31 -7.55
N ASP B 57 11.41 0.92 -7.78
CA ASP B 57 11.52 1.89 -6.66
C ASP B 57 10.16 2.51 -6.33
N LEU B 58 9.43 1.89 -5.43
CA LEU B 58 8.10 2.42 -5.04
C LEU B 58 8.30 3.45 -3.92
N ASN B 59 9.48 3.48 -3.35
CA ASN B 59 9.74 4.46 -2.26
C ASN B 59 9.73 5.87 -2.84
N ALA B 60 10.45 6.09 -3.91
CA ALA B 60 10.48 7.45 -4.52
C ALA B 60 9.10 7.83 -5.06
N LEU B 61 8.41 6.88 -5.64
CA LEU B 61 7.07 7.20 -6.19
C LEU B 61 6.15 7.66 -5.06
N PHE B 62 6.13 6.95 -3.97
CA PHE B 62 5.26 7.32 -2.82
C PHE B 62 5.70 8.68 -2.26
N ASP B 63 6.97 8.93 -2.22
CA ASP B 63 7.45 10.22 -1.67
C ASP B 63 6.78 11.37 -2.41
N ARG B 64 6.64 11.27 -3.69
CA ARG B 64 6.00 12.36 -4.46
C ARG B 64 4.51 12.47 -4.14
N ILE B 65 3.83 11.37 -3.92
CA ILE B 65 2.37 11.43 -3.63
C ILE B 65 2.11 12.20 -2.32
N ILE B 66 2.84 11.91 -1.27
CA ILE B 66 2.59 12.62 0.02
C ILE B 66 2.77 14.13 -0.15
N VAL B 67 1.82 14.90 0.33
CA VAL B 67 1.90 16.38 0.21
C VAL B 67 2.85 16.95 1.27
N ASN B 68 3.75 17.81 0.87
CA ASN B 68 4.71 18.40 1.84
C ASN B 68 4.05 19.60 2.55
N LYS B 69 3.85 19.51 3.84
CA LYS B 69 3.21 20.61 4.57
C LYS B 69 3.85 21.95 4.19
N LEU B 70 3.07 22.86 3.67
CA LEU B 70 3.63 24.18 3.26
C LEU B 70 3.57 25.15 4.45
N GLU B 71 4.58 25.14 5.26
CA GLU B 71 4.62 26.06 6.45
C GLU B 71 6.00 25.94 7.10
N HIS B 72 6.31 26.77 8.07
CA HIS B 72 7.66 26.70 8.70
C HIS B 72 7.93 25.32 9.31
N HIS B 73 8.15 24.33 8.47
CA HIS B 73 8.46 22.96 8.95
C HIS B 73 9.67 22.44 8.19
N HIS B 74 10.35 23.32 7.50
CA HIS B 74 11.56 22.91 6.74
C HIS B 74 12.69 22.66 7.73
N HIS B 75 12.37 22.44 8.98
CA HIS B 75 13.43 22.21 9.99
C HIS B 75 13.96 20.77 9.88
N HIS B 76 15.18 20.55 10.28
CA HIS B 76 15.77 19.18 10.19
C HIS B 76 14.79 18.12 10.71
N HIS B 77 13.77 18.54 11.42
CA HIS B 77 12.76 17.58 11.95
C HIS B 77 13.45 16.57 12.90
N MET A 1 -2.05 13.62 -11.07
CA MET A 1 -2.35 12.76 -12.24
C MET A 1 -3.10 11.51 -11.78
N GLU A 2 -3.79 10.86 -12.69
CA GLU A 2 -4.56 9.65 -12.32
C GLU A 2 -3.59 8.54 -11.89
N LEU A 3 -3.93 7.84 -10.84
CA LEU A 3 -3.06 6.74 -10.33
C LEU A 3 -2.96 5.61 -11.37
N SER A 4 -4.06 5.28 -11.99
CA SER A 4 -4.07 4.18 -13.00
C SER A 4 -3.06 4.50 -14.12
N ASN A 5 -2.91 5.75 -14.45
CA ASN A 5 -1.96 6.13 -15.54
C ASN A 5 -0.53 5.74 -15.15
N GLU A 6 -0.17 5.93 -13.92
CA GLU A 6 1.20 5.57 -13.48
C GLU A 6 1.39 4.05 -13.58
N LEU A 7 0.39 3.30 -13.19
CA LEU A 7 0.52 1.82 -13.25
C LEU A 7 0.71 1.39 -14.70
N LYS A 8 -0.02 1.99 -15.60
CA LYS A 8 0.11 1.64 -17.02
C LYS A 8 1.50 2.00 -17.53
N VAL A 9 1.98 3.18 -17.19
CA VAL A 9 3.33 3.59 -17.65
C VAL A 9 4.39 2.67 -17.06
N GLU A 10 4.33 2.40 -15.78
CA GLU A 10 5.35 1.53 -15.14
C GLU A 10 5.27 0.12 -15.74
N ARG A 11 4.09 -0.40 -15.92
CA ARG A 11 3.96 -1.76 -16.50
C ARG A 11 4.58 -1.75 -17.90
N ILE A 12 4.29 -0.74 -18.67
CA ILE A 12 4.89 -0.64 -20.04
C ILE A 12 6.41 -0.46 -19.92
N ARG A 13 6.83 0.38 -19.02
CA ARG A 13 8.29 0.64 -18.85
C ARG A 13 9.00 -0.65 -18.45
N LEU A 14 8.43 -1.40 -17.54
CA LEU A 14 9.07 -2.66 -17.11
C LEU A 14 8.66 -3.79 -18.07
N SER A 15 7.80 -3.47 -19.02
CA SER A 15 7.34 -4.50 -20.01
C SER A 15 7.07 -5.83 -19.30
N LEU A 16 6.17 -5.83 -18.34
CA LEU A 16 5.85 -7.09 -17.60
C LEU A 16 4.59 -7.72 -18.19
N THR A 17 4.56 -9.02 -18.27
CA THR A 17 3.38 -9.72 -18.84
C THR A 17 2.28 -9.86 -17.79
N ALA A 18 1.06 -9.61 -18.18
CA ALA A 18 -0.07 -9.73 -17.23
C ALA A 18 -0.24 -11.20 -16.81
N LYS A 19 -0.01 -12.11 -17.72
CA LYS A 19 -0.15 -13.55 -17.38
C LYS A 19 0.85 -13.94 -16.29
N SER A 20 2.09 -13.54 -16.44
CA SER A 20 3.11 -13.88 -15.41
C SER A 20 2.72 -13.26 -14.06
N VAL A 21 2.32 -12.02 -14.08
CA VAL A 21 1.91 -11.35 -12.81
C VAL A 21 0.63 -11.99 -12.27
N ALA A 22 -0.31 -12.26 -13.14
CA ALA A 22 -1.60 -12.86 -12.69
C ALA A 22 -1.35 -14.19 -11.99
N GLU A 23 -0.51 -15.02 -12.54
CA GLU A 23 -0.24 -16.33 -11.91
C GLU A 23 0.46 -16.11 -10.56
N GLU A 24 1.33 -15.15 -10.47
CA GLU A 24 2.03 -14.89 -9.18
C GLU A 24 1.05 -14.23 -8.20
N MET A 25 0.30 -13.28 -8.66
CA MET A 25 -0.68 -12.57 -7.79
C MET A 25 -1.76 -13.55 -7.34
N GLY A 26 -2.20 -14.42 -8.22
CA GLY A 26 -3.27 -15.40 -7.85
C GLY A 26 -4.63 -14.88 -8.32
N ILE A 27 -4.65 -14.07 -9.36
CA ILE A 27 -5.94 -13.53 -9.87
C ILE A 27 -6.06 -13.78 -11.38
N SER A 28 -7.23 -13.57 -11.91
CA SER A 28 -7.44 -13.81 -13.37
C SER A 28 -6.72 -12.73 -14.19
N ARG A 29 -6.38 -13.03 -15.41
CA ARG A 29 -5.68 -12.04 -16.28
C ARG A 29 -6.58 -10.83 -16.49
N GLN A 30 -7.85 -11.05 -16.73
CA GLN A 30 -8.77 -9.90 -16.94
C GLN A 30 -8.87 -9.11 -15.64
N GLN A 31 -8.85 -9.78 -14.52
CA GLN A 31 -8.92 -9.06 -13.23
C GLN A 31 -7.69 -8.16 -13.09
N LEU A 32 -6.56 -8.62 -13.55
CA LEU A 32 -5.32 -7.79 -13.44
C LEU A 32 -5.54 -6.49 -14.22
N CYS A 33 -6.09 -6.60 -15.40
CA CYS A 33 -6.36 -5.38 -16.21
C CYS A 33 -7.45 -4.55 -15.53
N ASN A 34 -8.37 -5.23 -14.90
CA ASN A 34 -9.49 -4.53 -14.20
C ASN A 34 -8.96 -3.69 -13.03
N ILE A 35 -7.94 -4.18 -12.36
CA ILE A 35 -7.38 -3.41 -11.21
C ILE A 35 -6.84 -2.07 -11.70
N GLU A 36 -6.16 -2.08 -12.81
CA GLU A 36 -5.59 -0.82 -13.35
C GLU A 36 -6.74 0.11 -13.74
N GLN A 37 -7.80 -0.44 -14.26
CA GLN A 37 -8.98 0.39 -14.65
C GLN A 37 -10.11 0.15 -13.65
N SER A 38 -9.78 0.03 -12.39
CA SER A 38 -10.81 -0.21 -11.34
C SER A 38 -11.45 1.11 -10.93
N GLU A 39 -10.91 1.74 -9.92
CA GLU A 39 -11.49 3.03 -9.47
C GLU A 39 -10.52 3.74 -8.51
N THR A 40 -11.04 4.40 -7.52
CA THR A 40 -10.16 5.12 -6.55
C THR A 40 -9.43 4.14 -5.65
N ALA A 41 -8.44 4.61 -4.94
CA ALA A 41 -7.65 3.73 -4.04
C ALA A 41 -8.29 3.70 -2.65
N PRO A 42 -8.14 2.62 -1.93
CA PRO A 42 -8.71 2.48 -0.55
C PRO A 42 -8.00 3.36 0.48
N VAL A 43 -8.72 3.78 1.49
CA VAL A 43 -8.12 4.63 2.56
C VAL A 43 -7.03 3.85 3.30
N VAL A 44 -7.02 2.55 3.16
CA VAL A 44 -6.01 1.71 3.85
C VAL A 44 -4.60 2.13 3.40
N VAL A 45 -4.43 2.37 2.13
CA VAL A 45 -3.09 2.78 1.62
C VAL A 45 -2.66 4.10 2.29
N LYS A 46 -3.56 5.03 2.43
CA LYS A 46 -3.19 6.32 3.07
C LYS A 46 -2.74 6.06 4.51
N TYR A 47 -3.43 5.19 5.21
CA TYR A 47 -3.03 4.90 6.61
C TYR A 47 -1.61 4.33 6.59
N ILE A 48 -1.39 3.29 5.84
CA ILE A 48 -0.03 2.69 5.77
C ILE A 48 1.00 3.80 5.57
N ALA A 49 0.66 4.81 4.82
CA ALA A 49 1.61 5.94 4.60
C ALA A 49 1.86 6.67 5.92
N PHE A 50 0.83 6.86 6.71
CA PHE A 50 0.99 7.58 8.01
C PHE A 50 1.91 6.76 8.92
N LEU A 51 1.69 5.48 9.00
CA LEU A 51 2.54 4.62 9.87
C LEU A 51 3.99 4.64 9.37
N ARG A 52 4.17 4.56 8.07
CA ARG A 52 5.55 4.59 7.50
C ARG A 52 6.18 5.96 7.77
N SER A 53 5.40 7.00 7.67
CA SER A 53 5.95 8.36 7.91
C SER A 53 6.52 8.43 9.33
N LYS A 54 6.09 7.54 10.19
CA LYS A 54 6.59 7.54 11.58
C LYS A 54 7.82 6.63 11.65
N GLY A 55 8.25 6.10 10.54
CA GLY A 55 9.44 5.21 10.52
C GLY A 55 9.06 3.81 11.00
N VAL A 56 7.81 3.43 10.84
CA VAL A 56 7.38 2.08 11.29
C VAL A 56 8.03 1.01 10.41
N ASP A 57 8.49 -0.06 11.01
CA ASP A 57 9.14 -1.15 10.23
C ASP A 57 8.09 -1.82 9.33
N LEU A 58 7.55 -1.08 8.41
CA LEU A 58 6.52 -1.63 7.48
C LEU A 58 7.17 -2.70 6.60
N ASN A 59 8.37 -2.44 6.13
CA ASN A 59 9.06 -3.41 5.25
C ASN A 59 9.24 -4.73 5.97
N ALA A 60 9.66 -4.70 7.21
CA ALA A 60 9.86 -5.96 7.96
C ALA A 60 8.51 -6.67 8.16
N LEU A 61 7.47 -5.92 8.40
CA LEU A 61 6.14 -6.54 8.61
C LEU A 61 5.69 -7.28 7.34
N PHE A 62 5.72 -6.61 6.22
CA PHE A 62 5.31 -7.26 4.94
C PHE A 62 6.34 -8.30 4.51
N ASP A 63 7.59 -8.00 4.65
CA ASP A 63 8.64 -8.96 4.24
C ASP A 63 8.32 -10.33 4.85
N ARG A 64 7.92 -10.34 6.08
CA ARG A 64 7.57 -11.62 6.75
C ARG A 64 6.30 -12.20 6.13
N ILE A 65 5.29 -11.39 5.94
CA ILE A 65 4.01 -11.90 5.36
C ILE A 65 4.22 -12.37 3.91
N ILE A 66 4.95 -11.62 3.14
CA ILE A 66 5.17 -12.02 1.72
C ILE A 66 5.76 -13.43 1.66
N VAL A 67 4.90 -14.42 1.58
CA VAL A 67 5.37 -15.84 1.51
C VAL A 67 5.04 -16.44 0.15
N ASN A 68 6.00 -17.07 -0.47
CA ASN A 68 5.79 -17.68 -1.82
C ASN A 68 4.90 -18.92 -1.68
N LYS A 69 4.83 -19.71 -2.72
CA LYS A 69 3.99 -20.94 -2.70
C LYS A 69 2.55 -20.56 -2.36
N LEU A 70 2.24 -19.29 -2.46
CA LEU A 70 0.86 -18.81 -2.15
C LEU A 70 0.27 -19.57 -0.96
N GLU A 71 0.63 -19.18 0.22
CA GLU A 71 0.11 -19.84 1.46
C GLU A 71 -0.99 -18.96 2.06
N HIS A 72 -0.80 -17.68 2.05
CA HIS A 72 -1.82 -16.76 2.60
C HIS A 72 -3.04 -16.72 1.68
N HIS A 73 -2.82 -16.76 0.39
CA HIS A 73 -3.96 -16.70 -0.56
C HIS A 73 -4.63 -18.09 -0.64
N HIS A 74 -5.90 -18.15 -0.32
CA HIS A 74 -6.63 -19.46 -0.37
C HIS A 74 -8.11 -19.20 -0.06
N HIS A 75 -8.98 -19.37 -1.02
CA HIS A 75 -10.44 -19.16 -0.78
C HIS A 75 -11.23 -20.14 -1.65
N HIS A 76 -11.03 -20.08 -2.93
CA HIS A 76 -11.77 -20.98 -3.84
C HIS A 76 -11.14 -22.38 -3.82
N HIS A 77 -11.90 -23.38 -4.18
CA HIS A 77 -11.38 -24.78 -4.19
C HIS A 77 -9.97 -24.80 -4.77
N MET B 1 -0.88 -14.56 13.49
CA MET B 1 -0.75 -13.08 13.61
C MET B 1 -1.40 -12.42 12.38
N GLU B 2 -2.53 -11.79 12.57
CA GLU B 2 -3.23 -11.16 11.43
C GLU B 2 -2.61 -9.80 11.12
N LEU B 3 -2.79 -9.32 9.92
CA LEU B 3 -2.23 -8.00 9.54
C LEU B 3 -2.87 -6.90 10.39
N SER B 4 -4.16 -6.96 10.57
CA SER B 4 -4.85 -5.92 11.39
C SER B 4 -4.43 -6.07 12.85
N ASN B 5 -4.24 -7.27 13.30
CA ASN B 5 -3.83 -7.46 14.72
C ASN B 5 -2.45 -6.81 14.93
N GLU B 6 -1.57 -6.99 14.00
CA GLU B 6 -0.22 -6.37 14.11
C GLU B 6 -0.36 -4.85 13.92
N LEU B 7 -1.14 -4.44 12.96
CA LEU B 7 -1.33 -2.99 12.70
C LEU B 7 -1.85 -2.30 13.97
N LYS B 8 -2.76 -2.92 14.65
CA LYS B 8 -3.31 -2.32 15.89
C LYS B 8 -2.18 -2.16 16.91
N VAL B 9 -1.30 -3.13 17.00
CA VAL B 9 -0.17 -3.04 17.99
C VAL B 9 0.72 -1.85 17.66
N GLU B 10 1.08 -1.68 16.41
CA GLU B 10 1.96 -0.54 16.05
C GLU B 10 1.21 0.78 16.25
N ARG B 11 -0.05 0.81 15.94
CA ARG B 11 -0.83 2.06 16.14
C ARG B 11 -0.78 2.47 17.61
N ILE B 12 -1.00 1.53 18.49
CA ILE B 12 -0.95 1.82 19.95
C ILE B 12 0.49 2.13 20.36
N ARG B 13 1.43 1.39 19.83
CA ARG B 13 2.85 1.62 20.19
C ARG B 13 3.21 3.08 19.97
N LEU B 14 2.76 3.66 18.88
CA LEU B 14 3.07 5.09 18.62
C LEU B 14 2.06 5.96 19.38
N SER B 15 1.06 5.34 19.96
CA SER B 15 0.01 6.08 20.72
C SER B 15 -0.68 7.12 19.83
N LEU B 16 -1.33 6.67 18.79
CA LEU B 16 -2.05 7.62 17.87
C LEU B 16 -3.56 7.44 18.02
N THR B 17 -4.26 8.53 18.15
CA THR B 17 -5.74 8.46 18.32
C THR B 17 -6.40 8.41 16.95
N ALA B 18 -7.58 7.86 16.88
CA ALA B 18 -8.29 7.79 15.58
C ALA B 18 -8.66 9.20 15.13
N LYS B 19 -8.99 10.05 16.06
CA LYS B 19 -9.36 11.45 15.71
C LYS B 19 -8.17 12.16 15.06
N SER B 20 -6.99 11.96 15.60
CA SER B 20 -5.79 12.64 15.02
C SER B 20 -5.60 12.19 13.57
N VAL B 21 -5.59 10.91 13.32
CA VAL B 21 -5.40 10.41 11.92
C VAL B 21 -6.58 10.87 11.04
N ALA B 22 -7.77 10.75 11.55
CA ALA B 22 -8.96 11.17 10.75
C ALA B 22 -8.88 12.66 10.44
N GLU B 23 -8.26 13.42 11.30
CA GLU B 23 -8.14 14.89 11.05
C GLU B 23 -7.22 15.12 9.84
N GLU B 24 -6.22 14.29 9.69
CA GLU B 24 -5.28 14.46 8.55
C GLU B 24 -6.05 14.26 7.24
N MET B 25 -6.49 13.06 7.00
CA MET B 25 -7.25 12.78 5.74
C MET B 25 -8.59 13.50 5.77
N GLY B 26 -9.22 13.53 6.92
CA GLY B 26 -10.55 14.20 7.03
C GLY B 26 -11.65 13.17 6.76
N ILE B 27 -11.63 12.07 7.48
CA ILE B 27 -12.66 10.99 7.28
C ILE B 27 -13.38 10.74 8.60
N SER B 28 -14.51 10.09 8.54
CA SER B 28 -15.29 9.80 9.78
C SER B 28 -14.52 8.83 10.68
N ARG B 29 -14.67 8.97 11.96
CA ARG B 29 -13.97 8.06 12.91
C ARG B 29 -14.43 6.63 12.67
N GLN B 30 -15.66 6.45 12.27
CA GLN B 30 -16.17 5.08 12.01
C GLN B 30 -15.40 4.46 10.85
N GLN B 31 -15.12 5.23 9.83
CA GLN B 31 -14.38 4.71 8.66
C GLN B 31 -12.98 4.29 9.08
N LEU B 32 -12.31 5.11 9.84
CA LEU B 32 -10.93 4.76 10.28
C LEU B 32 -10.99 3.52 11.18
N CYS B 33 -11.95 3.47 12.04
CA CYS B 33 -12.07 2.29 12.95
C CYS B 33 -12.29 1.03 12.11
N ASN B 34 -12.96 1.16 11.02
CA ASN B 34 -13.22 -0.01 10.14
C ASN B 34 -11.89 -0.51 9.53
N ILE B 35 -10.98 0.38 9.25
CA ILE B 35 -9.69 -0.05 8.64
C ILE B 35 -8.93 -0.98 9.60
N GLU B 36 -8.85 -0.62 10.83
CA GLU B 36 -8.12 -1.47 11.82
C GLU B 36 -8.91 -2.76 12.08
N GLN B 37 -10.20 -2.73 11.83
CA GLN B 37 -11.05 -3.93 12.06
C GLN B 37 -11.47 -4.53 10.71
N SER B 38 -11.00 -3.97 9.64
CA SER B 38 -11.35 -4.49 8.28
C SER B 38 -10.84 -5.93 8.11
N GLU B 39 -11.23 -6.57 7.05
CA GLU B 39 -10.79 -7.97 6.79
C GLU B 39 -9.30 -8.01 6.41
N THR B 40 -9.01 -8.52 5.25
CA THR B 40 -7.58 -8.61 4.80
C THR B 40 -7.19 -7.39 3.99
N ALA B 41 -6.00 -7.39 3.44
CA ALA B 41 -5.54 -6.22 2.64
C ALA B 41 -6.05 -6.34 1.20
N PRO B 42 -6.26 -5.22 0.53
CA PRO B 42 -6.75 -5.19 -0.88
C PRO B 42 -5.70 -5.70 -1.90
N VAL B 43 -6.15 -6.14 -3.04
CA VAL B 43 -5.22 -6.65 -4.10
C VAL B 43 -4.32 -5.52 -4.59
N VAL B 44 -4.73 -4.29 -4.42
CA VAL B 44 -3.89 -3.15 -4.88
C VAL B 44 -2.54 -3.17 -4.16
N VAL B 45 -2.53 -3.42 -2.89
CA VAL B 45 -1.25 -3.47 -2.13
C VAL B 45 -0.38 -4.59 -2.69
N LYS B 46 -0.95 -5.73 -2.95
CA LYS B 46 -0.15 -6.86 -3.50
C LYS B 46 0.41 -6.44 -4.86
N TYR B 47 -0.38 -5.77 -5.65
CA TYR B 47 0.11 -5.31 -6.98
C TYR B 47 1.30 -4.35 -6.77
N ILE B 48 1.15 -3.43 -5.86
CA ILE B 48 2.24 -2.46 -5.58
C ILE B 48 3.46 -3.22 -5.08
N ALA B 49 3.24 -4.18 -4.23
CA ALA B 49 4.38 -4.98 -3.68
C ALA B 49 5.21 -5.56 -4.82
N PHE B 50 4.58 -6.02 -5.86
CA PHE B 50 5.35 -6.60 -6.99
C PHE B 50 6.24 -5.50 -7.59
N LEU B 51 5.67 -4.36 -7.87
CA LEU B 51 6.47 -3.24 -8.44
C LEU B 51 7.51 -2.76 -7.41
N ARG B 52 7.11 -2.70 -6.16
CA ARG B 52 8.05 -2.25 -5.09
C ARG B 52 9.24 -3.21 -4.99
N SER B 53 9.00 -4.49 -5.08
CA SER B 53 10.11 -5.47 -4.98
C SER B 53 11.12 -5.20 -6.09
N LYS B 54 10.74 -4.47 -7.11
CA LYS B 54 11.68 -4.16 -8.22
C LYS B 54 12.35 -2.82 -7.94
N GLY B 55 12.00 -2.18 -6.86
CA GLY B 55 12.61 -0.86 -6.52
C GLY B 55 11.98 0.25 -7.36
N VAL B 56 10.77 0.07 -7.81
CA VAL B 56 10.12 1.12 -8.64
C VAL B 56 9.86 2.36 -7.78
N ASP B 57 10.13 3.52 -8.31
CA ASP B 57 9.92 4.78 -7.53
C ASP B 57 8.49 4.81 -6.97
N LEU B 58 8.29 4.15 -5.86
CA LEU B 58 6.94 4.09 -5.24
C LEU B 58 6.77 5.24 -4.23
N ASN B 59 7.71 5.38 -3.33
CA ASN B 59 7.59 6.46 -2.31
C ASN B 59 7.54 7.83 -2.99
N ALA B 60 8.34 8.03 -4.00
CA ALA B 60 8.32 9.35 -4.70
C ALA B 60 6.97 9.53 -5.40
N LEU B 61 6.46 8.48 -5.98
CA LEU B 61 5.15 8.59 -6.68
C LEU B 61 4.09 9.03 -5.68
N PHE B 62 4.04 8.40 -4.55
CA PHE B 62 3.04 8.79 -3.51
C PHE B 62 3.39 10.16 -2.94
N ASP B 63 4.65 10.39 -2.69
CA ASP B 63 5.08 11.70 -2.10
C ASP B 63 4.29 12.84 -2.74
N ARG B 64 4.17 12.82 -4.03
CA ARG B 64 3.42 13.90 -4.72
C ARG B 64 1.93 13.76 -4.41
N ILE B 65 1.41 12.56 -4.42
CA ILE B 65 -0.03 12.35 -4.11
C ILE B 65 -0.32 12.73 -2.65
N ILE B 66 0.55 12.33 -1.76
CA ILE B 66 0.33 12.62 -0.30
C ILE B 66 -0.27 14.01 -0.12
N VAL B 67 -1.44 14.06 0.46
CA VAL B 67 -2.12 15.37 0.68
C VAL B 67 -1.82 15.86 2.09
N ASN B 68 -1.34 17.06 2.21
CA ASN B 68 -1.01 17.64 3.55
C ASN B 68 -1.89 18.88 3.77
N LYS B 69 -2.44 19.42 2.71
CA LYS B 69 -3.30 20.64 2.82
C LYS B 69 -4.75 20.33 2.41
N LEU B 70 -5.24 21.01 1.41
CA LEU B 70 -6.64 20.79 0.96
C LEU B 70 -6.75 19.51 0.15
N GLU B 71 -7.85 19.34 -0.53
CA GLU B 71 -8.07 18.10 -1.34
C GLU B 71 -8.48 16.98 -0.39
N HIS B 72 -9.35 17.27 0.54
CA HIS B 72 -9.80 16.22 1.51
C HIS B 72 -10.67 15.19 0.77
N HIS B 73 -10.30 14.84 -0.42
CA HIS B 73 -11.08 13.84 -1.21
C HIS B 73 -12.57 14.18 -1.15
N HIS B 74 -13.08 14.81 -2.17
CA HIS B 74 -14.52 15.18 -2.19
C HIS B 74 -15.37 13.93 -2.38
N HIS B 75 -16.33 13.75 -1.52
CA HIS B 75 -17.24 12.58 -1.59
C HIS B 75 -18.69 13.08 -1.50
N HIS B 76 -18.92 14.07 -0.67
CA HIS B 76 -20.31 14.61 -0.52
C HIS B 76 -20.56 15.66 -1.59
N HIS B 77 -21.57 15.46 -2.39
CA HIS B 77 -21.89 16.43 -3.47
C HIS B 77 -22.54 17.68 -2.86
N MET A 1 -0.57 13.24 -13.81
CA MET A 1 0.26 12.06 -13.44
C MET A 1 -0.28 11.45 -12.15
N GLU A 2 -1.42 10.81 -12.23
CA GLU A 2 -2.03 10.20 -11.02
C GLU A 2 -1.30 8.91 -10.64
N LEU A 3 -1.74 8.26 -9.59
CA LEU A 3 -1.09 6.99 -9.15
C LEU A 3 -1.23 5.94 -10.23
N SER A 4 -2.38 5.86 -10.85
CA SER A 4 -2.58 4.85 -11.92
C SER A 4 -1.54 5.07 -13.03
N ASN A 5 -1.23 6.30 -13.30
CA ASN A 5 -0.23 6.60 -14.35
C ASN A 5 1.14 6.02 -13.95
N GLU A 6 1.48 6.12 -12.71
CA GLU A 6 2.79 5.57 -12.25
C GLU A 6 2.82 4.05 -12.46
N LEU A 7 1.77 3.36 -12.11
CA LEU A 7 1.74 1.89 -12.30
C LEU A 7 1.84 1.58 -13.80
N LYS A 8 1.13 2.31 -14.61
CA LYS A 8 1.18 2.06 -16.07
C LYS A 8 2.60 2.33 -16.60
N VAL A 9 3.19 3.41 -16.19
CA VAL A 9 4.57 3.72 -16.66
C VAL A 9 5.54 2.64 -16.16
N GLU A 10 5.44 2.27 -14.92
CA GLU A 10 6.35 1.22 -14.38
C GLU A 10 6.06 -0.10 -15.09
N ARG A 11 4.82 -0.34 -15.43
CA ARG A 11 4.49 -1.61 -16.15
C ARG A 11 5.25 -1.62 -17.48
N ILE A 12 5.19 -0.53 -18.18
CA ILE A 12 5.90 -0.41 -19.48
C ILE A 12 7.42 -0.44 -19.24
N ARG A 13 7.88 0.25 -18.23
CA ARG A 13 9.34 0.29 -17.94
C ARG A 13 9.87 -1.14 -17.81
N LEU A 14 9.18 -1.98 -17.08
CA LEU A 14 9.63 -3.39 -16.92
C LEU A 14 8.81 -4.28 -17.87
N SER A 15 7.91 -3.68 -18.61
CA SER A 15 7.08 -4.46 -19.56
C SER A 15 6.56 -5.73 -18.88
N LEU A 16 5.52 -5.61 -18.10
CA LEU A 16 4.95 -6.80 -17.38
C LEU A 16 3.65 -7.23 -18.07
N THR A 17 3.51 -8.50 -18.33
CA THR A 17 2.28 -8.99 -19.00
C THR A 17 1.13 -9.11 -17.99
N ALA A 18 -0.03 -8.65 -18.36
CA ALA A 18 -1.20 -8.72 -17.44
C ALA A 18 -1.59 -10.19 -17.23
N LYS A 19 -1.50 -10.99 -18.26
CA LYS A 19 -1.87 -12.44 -18.12
C LYS A 19 -0.95 -13.11 -17.09
N SER A 20 0.33 -12.86 -17.18
CA SER A 20 1.27 -13.49 -16.21
C SER A 20 0.94 -13.04 -14.78
N VAL A 21 0.72 -11.77 -14.58
CA VAL A 21 0.39 -11.28 -13.21
C VAL A 21 -0.98 -11.80 -12.78
N ALA A 22 -1.95 -11.71 -13.63
CA ALA A 22 -3.31 -12.18 -13.26
C ALA A 22 -3.29 -13.69 -12.96
N GLU A 23 -2.55 -14.44 -13.72
CA GLU A 23 -2.49 -15.90 -13.49
C GLU A 23 -1.73 -16.22 -12.20
N GLU A 24 -0.59 -15.60 -12.00
CA GLU A 24 0.21 -15.87 -10.77
C GLU A 24 -0.49 -15.26 -9.54
N MET A 25 -1.11 -14.13 -9.70
CA MET A 25 -1.81 -13.49 -8.56
C MET A 25 -2.93 -14.41 -8.07
N GLY A 26 -3.61 -15.07 -8.98
CA GLY A 26 -4.73 -15.97 -8.58
C GLY A 26 -6.06 -15.26 -8.82
N ILE A 27 -6.09 -14.29 -9.70
CA ILE A 27 -7.36 -13.53 -9.98
C ILE A 27 -7.65 -13.55 -11.48
N SER A 28 -8.87 -13.26 -11.84
CA SER A 28 -9.25 -13.27 -13.28
C SER A 28 -8.49 -12.17 -14.03
N ARG A 29 -8.30 -12.35 -15.30
CA ARG A 29 -7.59 -11.34 -16.12
C ARG A 29 -8.40 -10.03 -16.11
N GLN A 30 -9.70 -10.13 -16.17
CA GLN A 30 -10.55 -8.91 -16.15
C GLN A 30 -10.35 -8.18 -14.82
N GLN A 31 -10.27 -8.91 -13.74
CA GLN A 31 -10.08 -8.26 -12.41
C GLN A 31 -8.77 -7.50 -12.40
N LEU A 32 -7.74 -8.07 -12.98
CA LEU A 32 -6.43 -7.37 -13.01
C LEU A 32 -6.58 -6.08 -13.81
N CYS A 33 -7.30 -6.12 -14.89
CA CYS A 33 -7.47 -4.90 -15.73
C CYS A 33 -8.03 -3.77 -14.86
N ASN A 34 -8.93 -4.08 -13.97
CA ASN A 34 -9.50 -3.01 -13.09
C ASN A 34 -8.38 -2.40 -12.25
N ILE A 35 -7.50 -3.22 -11.74
CA ILE A 35 -6.39 -2.68 -10.90
C ILE A 35 -5.48 -1.78 -11.75
N GLU A 36 -5.18 -2.19 -12.95
CA GLU A 36 -4.28 -1.37 -13.82
C GLU A 36 -4.92 -0.01 -14.15
N GLN A 37 -6.20 0.03 -14.40
CA GLN A 37 -6.85 1.33 -14.75
C GLN A 37 -7.46 1.93 -13.48
N SER A 38 -7.20 1.32 -12.34
CA SER A 38 -7.78 1.86 -11.08
C SER A 38 -7.25 3.26 -10.82
N GLU A 39 -8.13 4.21 -10.68
CA GLU A 39 -7.71 5.63 -10.40
C GLU A 39 -8.11 5.98 -8.97
N THR A 40 -8.83 5.11 -8.32
CA THR A 40 -9.27 5.37 -6.91
C THR A 40 -8.60 4.35 -5.99
N ALA A 41 -7.87 4.82 -5.01
CA ALA A 41 -7.17 3.89 -4.07
C ALA A 41 -7.99 3.75 -2.77
N PRO A 42 -7.87 2.64 -2.09
CA PRO A 42 -8.62 2.39 -0.81
C PRO A 42 -8.08 3.23 0.36
N VAL A 43 -8.88 3.40 1.38
CA VAL A 43 -8.45 4.19 2.57
C VAL A 43 -7.21 3.53 3.20
N VAL A 44 -6.98 2.29 2.87
CA VAL A 44 -5.80 1.57 3.43
C VAL A 44 -4.51 2.29 3.04
N VAL A 45 -4.39 2.68 1.80
CA VAL A 45 -3.15 3.38 1.35
C VAL A 45 -3.01 4.69 2.12
N LYS A 46 -4.08 5.43 2.26
CA LYS A 46 -4.02 6.71 3.00
C LYS A 46 -3.61 6.45 4.45
N TYR A 47 -4.14 5.41 5.04
CA TYR A 47 -3.77 5.09 6.45
C TYR A 47 -2.28 4.84 6.51
N ILE A 48 -1.76 4.08 5.58
CA ILE A 48 -0.31 3.79 5.55
C ILE A 48 0.48 5.08 5.32
N ALA A 49 0.02 5.91 4.42
CA ALA A 49 0.75 7.19 4.15
C ALA A 49 0.88 7.98 5.45
N PHE A 50 -0.16 8.01 6.23
CA PHE A 50 -0.09 8.76 7.51
C PHE A 50 1.00 8.15 8.39
N LEU A 51 1.05 6.85 8.47
CA LEU A 51 2.09 6.18 9.31
C LEU A 51 3.47 6.51 8.73
N ARG A 52 3.58 6.50 7.43
CA ARG A 52 4.88 6.81 6.78
C ARG A 52 5.31 8.23 7.14
N SER A 53 4.39 9.16 7.17
CA SER A 53 4.76 10.56 7.51
C SER A 53 5.36 10.61 8.91
N LYS A 54 5.10 9.62 9.73
CA LYS A 54 5.68 9.60 11.11
C LYS A 54 6.98 8.80 11.07
N GLY A 55 7.33 8.26 9.94
CA GLY A 55 8.60 7.48 9.84
C GLY A 55 8.45 6.12 10.53
N VAL A 56 7.32 5.48 10.39
CA VAL A 56 7.14 4.15 11.04
C VAL A 56 8.07 3.13 10.38
N ASP A 57 8.54 3.44 9.20
CA ASP A 57 9.45 2.51 8.46
C ASP A 57 8.71 1.21 8.13
N LEU A 58 7.59 1.32 7.47
CA LEU A 58 6.81 0.10 7.09
C LEU A 58 7.62 -0.75 6.12
N ASN A 59 8.32 -0.12 5.20
CA ASN A 59 9.14 -0.88 4.20
C ASN A 59 9.83 -2.08 4.87
N ALA A 60 10.30 -1.90 6.07
CA ALA A 60 10.95 -3.03 6.77
C ALA A 60 9.93 -4.14 7.03
N LEU A 61 8.73 -3.78 7.39
CA LEU A 61 7.69 -4.80 7.66
C LEU A 61 7.38 -5.55 6.36
N PHE A 62 7.26 -4.85 5.27
CA PHE A 62 6.97 -5.52 3.98
C PHE A 62 8.14 -6.43 3.60
N ASP A 63 9.34 -5.98 3.83
CA ASP A 63 10.53 -6.81 3.49
C ASP A 63 10.49 -8.10 4.29
N ARG A 64 10.00 -8.04 5.50
CA ARG A 64 9.92 -9.25 6.34
C ARG A 64 8.90 -10.24 5.76
N ILE A 65 8.00 -9.76 4.95
CA ILE A 65 6.99 -10.68 4.33
C ILE A 65 7.67 -11.56 3.28
N ILE A 66 8.53 -10.96 2.49
CA ILE A 66 9.23 -11.73 1.42
C ILE A 66 10.61 -12.16 1.92
N VAL A 67 11.31 -11.30 2.61
CA VAL A 67 12.67 -11.64 3.12
C VAL A 67 13.56 -12.08 1.94
N ASN A 68 13.01 -12.14 0.75
CA ASN A 68 13.82 -12.55 -0.42
C ASN A 68 14.57 -11.34 -0.99
N LYS A 69 15.11 -11.47 -2.17
CA LYS A 69 15.84 -10.33 -2.79
C LYS A 69 16.97 -9.86 -1.87
N LEU A 70 18.14 -10.42 -2.02
CA LEU A 70 19.28 -10.01 -1.15
C LEU A 70 20.58 -10.43 -1.81
N GLU A 71 21.67 -10.32 -1.10
CA GLU A 71 23.01 -10.70 -1.65
C GLU A 71 23.46 -9.66 -2.67
N HIS A 72 23.03 -8.43 -2.53
CA HIS A 72 23.46 -7.37 -3.50
C HIS A 72 23.47 -6.02 -2.79
N HIS A 73 24.13 -5.04 -3.34
CA HIS A 73 24.18 -3.69 -2.70
C HIS A 73 24.32 -2.61 -3.75
N HIS A 74 24.15 -1.37 -3.37
CA HIS A 74 24.26 -0.26 -4.36
C HIS A 74 25.74 0.15 -4.49
N HIS A 75 26.21 0.28 -5.70
CA HIS A 75 27.63 0.67 -5.91
C HIS A 75 27.85 2.11 -5.44
N HIS A 76 26.93 2.98 -5.74
CA HIS A 76 27.06 4.41 -5.33
C HIS A 76 25.66 4.97 -5.06
N HIS A 77 24.79 4.16 -4.52
CA HIS A 77 23.40 4.63 -4.24
C HIS A 77 22.77 5.20 -5.51
N MET B 1 0.15 -13.82 14.24
CA MET B 1 0.46 -12.37 14.17
C MET B 1 0.50 -11.94 12.71
N GLU B 2 -0.64 -11.93 12.06
CA GLU B 2 -0.70 -11.53 10.63
C GLU B 2 -0.22 -10.10 10.43
N LEU B 3 -0.11 -9.66 9.21
CA LEU B 3 0.36 -8.27 8.92
C LEU B 3 -0.65 -7.27 9.51
N SER B 4 -1.93 -7.53 9.38
CA SER B 4 -2.94 -6.60 9.94
C SER B 4 -2.74 -6.48 11.46
N ASN B 5 -2.33 -7.55 12.08
CA ASN B 5 -2.09 -7.52 13.55
C ASN B 5 -0.93 -6.59 13.86
N GLU B 6 0.10 -6.62 13.06
CA GLU B 6 1.26 -5.72 13.31
C GLU B 6 0.83 -4.27 13.10
N LEU B 7 -0.04 -4.03 12.16
CA LEU B 7 -0.51 -2.63 11.92
C LEU B 7 -1.23 -2.11 13.16
N LYS B 8 -2.06 -2.93 13.76
CA LYS B 8 -2.80 -2.48 14.97
C LYS B 8 -1.80 -2.16 16.09
N VAL B 9 -0.76 -2.93 16.20
CA VAL B 9 0.26 -2.66 17.25
C VAL B 9 0.89 -1.29 17.00
N GLU B 10 1.21 -0.99 15.77
CA GLU B 10 1.83 0.33 15.45
C GLU B 10 0.93 1.45 15.99
N ARG B 11 -0.35 1.32 15.81
CA ARG B 11 -1.28 2.37 16.31
C ARG B 11 -1.12 2.50 17.83
N ILE B 12 -1.11 1.40 18.52
CA ILE B 12 -0.95 1.42 20.01
C ILE B 12 0.46 1.92 20.37
N ARG B 13 1.44 1.46 19.65
CA ARG B 13 2.84 1.86 19.94
C ARG B 13 2.95 3.39 19.88
N LEU B 14 2.40 3.99 18.86
CA LEU B 14 2.44 5.47 18.73
C LEU B 14 1.13 6.05 19.25
N SER B 15 0.24 5.21 19.72
CA SER B 15 -1.07 5.66 20.26
C SER B 15 -1.62 6.84 19.45
N LEU B 16 -2.12 6.56 18.28
CA LEU B 16 -2.67 7.65 17.41
C LEU B 16 -4.10 7.97 17.82
N THR B 17 -4.57 9.14 17.45
CA THR B 17 -5.96 9.54 17.80
C THR B 17 -6.89 9.26 16.62
N ALA B 18 -7.94 8.54 16.85
CA ALA B 18 -8.89 8.20 15.77
C ALA B 18 -9.50 9.49 15.21
N LYS B 19 -9.76 10.44 16.06
CA LYS B 19 -10.35 11.72 15.59
C LYS B 19 -9.38 12.43 14.66
N SER B 20 -8.12 12.45 14.99
CA SER B 20 -7.12 13.14 14.12
C SER B 20 -7.06 12.47 12.76
N VAL B 21 -6.93 11.17 12.74
CA VAL B 21 -6.86 10.44 11.43
C VAL B 21 -8.22 10.50 10.72
N ALA B 22 -9.28 10.27 11.45
CA ALA B 22 -10.64 10.29 10.83
C ALA B 22 -10.97 11.70 10.32
N GLU B 23 -10.73 12.69 11.13
CA GLU B 23 -11.05 14.09 10.70
C GLU B 23 -10.16 14.49 9.53
N GLU B 24 -8.89 14.21 9.63
CA GLU B 24 -7.96 14.59 8.52
C GLU B 24 -8.22 13.75 7.28
N MET B 25 -8.43 12.47 7.43
CA MET B 25 -8.69 11.62 6.23
C MET B 25 -10.05 12.01 5.61
N GLY B 26 -11.03 12.29 6.44
CA GLY B 26 -12.37 12.67 5.90
C GLY B 26 -13.33 11.48 6.04
N ILE B 27 -13.16 10.69 7.07
CA ILE B 27 -14.05 9.50 7.28
C ILE B 27 -14.59 9.49 8.71
N SER B 28 -15.59 8.69 8.97
CA SER B 28 -16.18 8.64 10.34
C SER B 28 -15.32 7.78 11.26
N ARG B 29 -15.57 7.85 12.54
CA ARG B 29 -14.79 7.04 13.52
C ARG B 29 -15.04 5.55 13.26
N GLN B 30 -16.26 5.20 12.91
CA GLN B 30 -16.59 3.77 12.65
C GLN B 30 -15.79 3.24 11.46
N GLN B 31 -15.78 3.99 10.38
CA GLN B 31 -15.03 3.55 9.16
C GLN B 31 -13.56 3.38 9.53
N LEU B 32 -13.03 4.29 10.29
CA LEU B 32 -11.59 4.17 10.68
C LEU B 32 -11.40 2.92 11.53
N CYS B 33 -12.33 2.63 12.40
CA CYS B 33 -12.21 1.41 13.25
C CYS B 33 -12.11 0.17 12.35
N ASN B 34 -12.75 0.21 11.22
CA ASN B 34 -12.69 -0.95 10.28
C ASN B 34 -11.27 -1.11 9.75
N ILE B 35 -10.60 -0.02 9.47
CA ILE B 35 -9.21 -0.11 8.92
C ILE B 35 -8.27 -0.77 9.94
N GLU B 36 -8.34 -0.38 11.18
CA GLU B 36 -7.44 -1.00 12.20
C GLU B 36 -7.98 -2.39 12.58
N GLN B 37 -9.21 -2.65 12.23
CA GLN B 37 -9.81 -3.99 12.54
C GLN B 37 -9.73 -4.87 11.30
N SER B 38 -8.99 -4.44 10.31
CA SER B 38 -8.88 -5.24 9.06
C SER B 38 -8.33 -6.63 9.36
N GLU B 39 -8.83 -7.61 8.66
CA GLU B 39 -8.36 -9.01 8.84
C GLU B 39 -7.46 -9.39 7.66
N THR B 40 -7.79 -8.93 6.48
CA THR B 40 -6.97 -9.25 5.27
C THR B 40 -6.70 -7.96 4.49
N ALA B 41 -5.64 -7.95 3.71
CA ALA B 41 -5.30 -6.73 2.92
C ALA B 41 -5.89 -6.86 1.50
N PRO B 42 -6.19 -5.75 0.86
CA PRO B 42 -6.75 -5.74 -0.53
C PRO B 42 -5.73 -6.18 -1.59
N VAL B 43 -6.19 -6.59 -2.73
CA VAL B 43 -5.26 -7.02 -3.81
C VAL B 43 -4.34 -5.85 -4.18
N VAL B 44 -4.73 -4.65 -3.85
CA VAL B 44 -3.88 -3.47 -4.17
C VAL B 44 -2.53 -3.62 -3.46
N VAL B 45 -2.55 -4.00 -2.21
CA VAL B 45 -1.28 -4.16 -1.45
C VAL B 45 -0.45 -5.26 -2.12
N LYS B 46 -1.07 -6.35 -2.47
CA LYS B 46 -0.34 -7.47 -3.12
C LYS B 46 0.24 -6.97 -4.44
N TYR B 47 -0.51 -6.21 -5.18
CA TYR B 47 0.00 -5.69 -6.49
C TYR B 47 1.23 -4.81 -6.24
N ILE B 48 1.16 -3.96 -5.25
CA ILE B 48 2.32 -3.08 -4.93
C ILE B 48 3.50 -3.94 -4.52
N ALA B 49 3.26 -4.93 -3.70
CA ALA B 49 4.36 -5.83 -3.26
C ALA B 49 4.98 -6.53 -4.46
N PHE B 50 4.17 -6.85 -5.44
CA PHE B 50 4.71 -7.54 -6.64
C PHE B 50 5.77 -6.65 -7.29
N LEU B 51 5.44 -5.40 -7.50
CA LEU B 51 6.42 -4.47 -8.12
C LEU B 51 7.59 -4.25 -7.15
N ARG B 52 7.31 -4.17 -5.88
CA ARG B 52 8.40 -3.96 -4.88
C ARG B 52 9.36 -5.15 -4.92
N SER B 53 8.85 -6.34 -5.03
CA SER B 53 9.72 -7.54 -5.07
C SER B 53 10.61 -7.46 -6.32
N LYS B 54 10.24 -6.65 -7.27
CA LYS B 54 11.06 -6.52 -8.50
C LYS B 54 12.08 -5.39 -8.29
N GLY B 55 12.12 -4.82 -7.11
CA GLY B 55 13.07 -3.73 -6.82
C GLY B 55 12.57 -2.41 -7.42
N VAL B 56 11.31 -2.34 -7.75
CA VAL B 56 10.76 -1.09 -8.34
C VAL B 56 10.85 0.04 -7.32
N ASP B 57 11.09 1.25 -7.77
CA ASP B 57 11.19 2.41 -6.83
C ASP B 57 9.89 2.55 -6.04
N LEU B 58 9.67 1.66 -5.11
CA LEU B 58 8.43 1.69 -4.31
C LEU B 58 8.42 2.90 -3.36
N ASN B 59 9.53 3.18 -2.74
CA ASN B 59 9.60 4.33 -1.80
C ASN B 59 9.31 5.62 -2.57
N ALA B 60 9.84 5.73 -3.75
CA ALA B 60 9.60 6.96 -4.55
C ALA B 60 8.11 7.08 -4.88
N LEU B 61 7.44 5.98 -5.12
CA LEU B 61 6.00 6.07 -5.47
C LEU B 61 5.22 6.73 -4.34
N PHE B 62 5.39 6.25 -3.13
CA PHE B 62 4.64 6.85 -1.98
C PHE B 62 5.20 8.23 -1.63
N ASP B 63 6.50 8.37 -1.69
CA ASP B 63 7.12 9.67 -1.32
C ASP B 63 6.66 10.77 -2.28
N ARG B 64 6.51 10.47 -3.54
CA ARG B 64 6.07 11.51 -4.50
C ARG B 64 4.70 12.04 -4.04
N ILE B 65 4.04 11.33 -3.17
CA ILE B 65 2.71 11.79 -2.69
C ILE B 65 2.89 12.62 -1.42
N ILE B 66 3.48 12.04 -0.41
CA ILE B 66 3.68 12.79 0.86
C ILE B 66 4.66 13.94 0.63
N VAL B 67 5.73 13.68 -0.09
CA VAL B 67 6.76 14.73 -0.37
C VAL B 67 7.45 15.14 0.93
N ASN B 68 6.71 15.30 1.98
CA ASN B 68 7.31 15.71 3.28
C ASN B 68 8.17 14.57 3.85
N LYS B 69 9.42 14.84 4.08
CA LYS B 69 10.32 13.79 4.65
C LYS B 69 11.64 14.47 5.05
N LEU B 70 11.73 14.92 6.26
CA LEU B 70 12.97 15.61 6.72
C LEU B 70 14.07 14.59 7.00
N GLU B 71 15.31 14.99 6.79
CA GLU B 71 16.45 14.06 7.04
C GLU B 71 16.94 14.24 8.48
N HIS B 72 16.81 13.22 9.29
CA HIS B 72 17.27 13.30 10.71
C HIS B 72 18.00 12.02 11.07
N HIS B 73 19.13 11.78 10.45
CA HIS B 73 19.90 10.54 10.73
C HIS B 73 19.95 10.26 12.23
N HIS B 74 20.12 9.02 12.60
CA HIS B 74 20.18 8.66 14.05
C HIS B 74 21.64 8.67 14.51
N HIS B 75 22.48 9.36 13.78
CA HIS B 75 23.93 9.45 14.14
C HIS B 75 24.52 8.05 14.31
N HIS B 76 25.81 7.97 14.54
CA HIS B 76 26.48 6.65 14.72
C HIS B 76 25.96 5.65 13.69
N HIS B 77 25.02 4.82 14.07
CA HIS B 77 24.48 3.80 13.13
C HIS B 77 24.22 4.43 11.76
#